data_2AGM
#
_entry.id   2AGM
#
_cell.length_a   1.000
_cell.length_b   1.000
_cell.length_c   1.000
_cell.angle_alpha   90.00
_cell.angle_beta   90.00
_cell.angle_gamma   90.00
#
_symmetry.space_group_name_H-M   'P 1'
#
_entity_poly.entity_id   1
_entity_poly.type   'polypeptide(L)'
_entity_poly.pdbx_seq_one_letter_code
;GSDGEPLVGGDTDDQLQGGSGADRLDGGAGDDILDGGAGRDRLSGGAGADTFVFSAREDSYRTDTAVFNDLILDFEASED
RIDLSALGFSGLGDGYGGTLLLKTNAEGTRTYLKSFEADAEGRRFEVALDGDHTGDLSAANVVFAATGTTTELEVLGDSG
TQAGAIV
;
_entity_poly.pdbx_strand_id   A
#
# COMPACT_ATOMS: atom_id res chain seq x y z
N GLY A 1 -24.01 9.00 0.88
CA GLY A 1 -22.89 8.87 -0.07
C GLY A 1 -21.58 9.18 0.62
N SER A 2 -21.14 10.44 0.60
CA SER A 2 -19.92 10.90 1.23
C SER A 2 -20.38 11.24 2.65
N ASP A 3 -20.21 10.32 3.59
CA ASP A 3 -20.64 10.54 4.96
C ASP A 3 -19.62 9.89 5.90
N GLY A 4 -19.76 10.11 7.21
CA GLY A 4 -18.87 9.55 8.20
C GLY A 4 -17.99 10.60 8.86
N GLU A 5 -16.86 10.20 9.43
CA GLU A 5 -15.92 11.07 10.13
C GLU A 5 -14.55 11.20 9.45
N PRO A 6 -14.40 12.10 8.47
CA PRO A 6 -13.12 12.34 7.80
C PRO A 6 -12.24 13.11 8.78
N LEU A 7 -11.00 12.67 9.01
CA LEU A 7 -10.05 13.28 9.93
C LEU A 7 -8.95 13.93 9.12
N VAL A 8 -9.03 15.25 8.97
CA VAL A 8 -8.05 16.04 8.24
C VAL A 8 -7.24 16.75 9.33
N GLY A 9 -6.05 16.26 9.65
CA GLY A 9 -5.21 16.87 10.68
C GLY A 9 -4.13 15.91 11.16
N GLY A 10 -2.87 16.26 10.90
CA GLY A 10 -1.64 15.55 11.22
C GLY A 10 -0.50 16.44 10.74
N ASP A 11 -0.16 17.42 11.58
CA ASP A 11 0.91 18.43 11.36
C ASP A 11 2.14 18.24 12.24
N THR A 12 2.01 17.32 13.16
CA THR A 12 2.99 16.89 14.14
C THR A 12 2.90 15.36 14.18
N ASP A 13 4.05 14.71 14.00
CA ASP A 13 4.19 13.25 13.95
C ASP A 13 3.45 12.49 15.02
N ASP A 14 2.80 11.41 14.59
CA ASP A 14 2.01 10.53 15.45
C ASP A 14 1.52 9.37 14.59
N GLN A 15 0.53 8.65 15.07
CA GLN A 15 -0.11 7.52 14.43
C GLN A 15 -1.59 7.91 14.29
N LEU A 16 -2.16 7.77 13.10
CA LEU A 16 -3.55 8.13 12.79
C LEU A 16 -4.24 6.92 12.19
N GLN A 17 -5.43 6.56 12.66
CA GLN A 17 -6.19 5.44 12.17
C GLN A 17 -7.67 5.76 11.93
N GLY A 18 -8.25 5.14 10.91
CA GLY A 18 -9.65 5.28 10.54
C GLY A 18 -10.48 4.39 11.45
N GLY A 19 -9.99 3.17 11.70
CA GLY A 19 -10.65 2.18 12.53
C GLY A 19 -11.59 1.37 11.68
N SER A 20 -12.79 1.89 11.44
CA SER A 20 -13.80 1.26 10.60
C SER A 20 -14.92 2.25 10.32
N GLY A 21 -15.71 1.95 9.29
CA GLY A 21 -16.84 2.68 8.82
C GLY A 21 -16.48 3.49 7.59
N ALA A 22 -16.79 4.78 7.62
CA ALA A 22 -16.47 5.73 6.57
C ALA A 22 -15.65 6.81 7.28
N ASP A 23 -14.33 6.69 7.26
CA ASP A 23 -13.37 7.57 7.90
C ASP A 23 -12.26 7.86 6.90
N ARG A 24 -12.24 9.07 6.34
CA ARG A 24 -11.22 9.49 5.38
C ARG A 24 -10.17 10.19 6.20
N LEU A 25 -9.05 9.53 6.51
CA LEU A 25 -8.03 10.17 7.32
C LEU A 25 -6.97 10.73 6.39
N ASP A 26 -6.52 11.92 6.69
CA ASP A 26 -5.51 12.69 5.95
C ASP A 26 -4.71 13.51 6.94
N GLY A 27 -3.43 13.19 7.10
CA GLY A 27 -2.57 13.92 8.02
C GLY A 27 -2.35 15.32 7.48
N GLY A 28 -1.67 15.42 6.33
CA GLY A 28 -1.39 16.70 5.69
C GLY A 28 0.06 16.88 5.32
N ALA A 29 0.97 16.91 6.31
CA ALA A 29 2.40 17.07 6.05
C ALA A 29 3.19 16.43 7.18
N GLY A 30 4.03 15.43 6.87
CA GLY A 30 4.81 14.80 7.92
C GLY A 30 5.59 13.58 7.48
N ASP A 31 5.99 12.83 8.49
CA ASP A 31 6.74 11.58 8.54
C ASP A 31 5.98 10.73 9.56
N ASP A 32 4.66 10.81 9.41
CA ASP A 32 3.60 10.19 10.19
C ASP A 32 3.28 8.81 9.64
N ILE A 33 2.53 8.08 10.46
CA ILE A 33 2.08 6.74 10.15
C ILE A 33 0.55 6.74 10.15
N LEU A 34 -0.10 6.33 9.05
CA LEU A 34 -1.56 6.32 8.93
C LEU A 34 -2.09 4.92 8.57
N ASP A 35 -3.34 4.56 8.95
CA ASP A 35 -4.00 3.27 8.67
C ASP A 35 -5.48 3.49 8.37
N GLY A 36 -5.92 3.09 7.16
CA GLY A 36 -7.29 3.23 6.68
C GLY A 36 -8.36 2.41 7.42
N GLY A 37 -7.98 1.36 8.15
CA GLY A 37 -8.95 0.54 8.89
C GLY A 37 -9.89 -0.28 8.01
N ALA A 38 -10.87 -0.90 8.68
CA ALA A 38 -11.94 -1.75 8.14
C ALA A 38 -12.99 -0.93 7.41
N GLY A 39 -13.90 -1.64 6.73
CA GLY A 39 -14.95 -0.99 6.01
C GLY A 39 -14.44 -0.72 4.61
N ARG A 40 -15.00 0.31 4.00
CA ARG A 40 -14.65 0.75 2.68
C ARG A 40 -14.10 2.15 2.90
N ASP A 41 -12.79 2.37 2.98
CA ASP A 41 -12.23 3.69 3.26
C ASP A 41 -11.11 4.14 2.35
N ARG A 42 -10.84 5.44 2.37
CA ARG A 42 -9.83 6.12 1.57
C ARG A 42 -8.83 6.81 2.50
N LEU A 43 -7.57 6.87 2.09
CA LEU A 43 -6.48 7.48 2.82
C LEU A 43 -5.52 8.16 1.84
N SER A 44 -4.87 9.21 2.32
CA SER A 44 -3.87 10.07 1.68
C SER A 44 -3.02 10.49 2.88
N GLY A 45 -1.72 10.22 2.94
CA GLY A 45 -0.94 10.66 4.10
C GLY A 45 -0.87 12.18 4.11
N GLY A 46 -0.48 12.74 2.96
CA GLY A 46 -0.31 14.16 2.73
C GLY A 46 0.99 14.36 1.96
N ALA A 47 1.49 15.60 1.92
CA ALA A 47 2.75 15.87 1.25
C ALA A 47 3.84 15.54 2.27
N GLY A 48 4.52 14.40 2.13
CA GLY A 48 5.54 13.97 3.04
C GLY A 48 5.99 12.55 2.71
N ALA A 49 6.78 11.95 3.60
CA ALA A 49 7.30 10.60 3.47
C ALA A 49 6.52 9.79 4.50
N ASP A 50 5.23 9.62 4.25
CA ASP A 50 4.31 8.95 5.14
C ASP A 50 4.48 7.45 5.12
N THR A 51 3.89 6.81 6.12
CA THR A 51 3.96 5.37 6.30
C THR A 51 2.53 4.83 6.31
N PHE A 52 2.11 4.21 5.21
CA PHE A 52 0.78 3.65 5.05
C PHE A 52 0.82 2.30 5.74
N VAL A 53 0.38 2.25 6.99
CA VAL A 53 0.35 1.06 7.79
C VAL A 53 -0.90 0.27 7.41
N PHE A 54 -0.73 -1.04 7.21
CA PHE A 54 -1.79 -1.96 6.87
C PHE A 54 -1.41 -3.25 7.60
N SER A 55 -2.36 -3.88 8.27
CA SER A 55 -2.06 -5.11 9.01
C SER A 55 -3.14 -6.19 8.85
N ALA A 56 -4.14 -5.95 8.00
CA ALA A 56 -5.26 -6.84 7.71
C ALA A 56 -5.85 -7.58 8.90
N ARG A 57 -5.97 -6.82 9.98
CA ARG A 57 -6.59 -7.23 11.22
C ARG A 57 -8.06 -6.86 11.01
N GLU A 58 -8.28 -5.75 10.30
CA GLU A 58 -9.55 -5.15 9.92
C GLU A 58 -9.86 -5.38 8.46
N ASP A 59 -8.84 -5.32 7.60
CA ASP A 59 -9.00 -5.54 6.17
C ASP A 59 -8.99 -7.06 5.94
N SER A 60 -9.70 -7.57 4.93
CA SER A 60 -9.78 -8.97 4.60
C SER A 60 -9.90 -9.13 3.08
N TYR A 61 -11.07 -8.83 2.50
CA TYR A 61 -11.32 -8.95 1.07
C TYR A 61 -12.61 -8.24 0.70
N ARG A 62 -12.92 -8.25 -0.59
CA ARG A 62 -14.11 -7.67 -1.17
C ARG A 62 -14.90 -8.82 -1.76
N THR A 63 -16.21 -8.64 -1.81
CA THR A 63 -17.14 -9.61 -2.35
C THR A 63 -18.11 -8.87 -3.29
N ASP A 64 -18.96 -9.62 -4.00
CA ASP A 64 -19.91 -9.03 -4.93
C ASP A 64 -20.94 -8.13 -4.27
N THR A 65 -21.36 -8.46 -3.04
CA THR A 65 -22.36 -7.67 -2.33
C THR A 65 -21.75 -6.79 -1.24
N ALA A 66 -20.43 -6.87 -1.00
CA ALA A 66 -19.78 -6.07 0.03
C ALA A 66 -18.31 -5.84 -0.29
N VAL A 67 -18.00 -4.66 -0.84
CA VAL A 67 -16.63 -4.30 -1.16
C VAL A 67 -16.13 -3.53 0.05
N PHE A 68 -15.04 -4.02 0.62
CA PHE A 68 -14.36 -3.43 1.77
C PHE A 68 -12.92 -3.17 1.31
N ASN A 69 -12.72 -2.80 0.03
CA ASN A 69 -11.41 -2.53 -0.50
C ASN A 69 -10.88 -1.18 -0.08
N ASP A 70 -9.61 -1.16 0.29
CA ASP A 70 -8.90 0.04 0.69
C ASP A 70 -8.60 0.82 -0.59
N LEU A 71 -8.58 2.16 -0.50
CA LEU A 71 -8.27 3.03 -1.63
C LEU A 71 -7.20 4.06 -1.23
N ILE A 72 -5.96 3.85 -1.68
CA ILE A 72 -4.84 4.75 -1.41
C ILE A 72 -4.89 5.88 -2.43
N LEU A 73 -4.78 7.11 -1.98
CA LEU A 73 -4.78 8.33 -2.78
C LEU A 73 -3.40 8.98 -2.84
N ASP A 74 -3.20 9.79 -3.88
CA ASP A 74 -2.06 10.65 -4.25
C ASP A 74 -0.67 10.13 -3.85
N PHE A 75 -0.44 8.86 -4.12
CA PHE A 75 0.80 8.18 -3.80
C PHE A 75 2.05 8.74 -4.51
N GLU A 76 3.09 9.09 -3.76
CA GLU A 76 4.37 9.59 -4.26
C GLU A 76 5.43 8.54 -3.89
N ALA A 77 5.78 7.63 -4.81
CA ALA A 77 6.79 6.61 -4.54
C ALA A 77 8.16 7.20 -4.16
N SER A 78 8.40 8.48 -4.42
CA SER A 78 9.67 9.10 -4.05
C SER A 78 9.74 9.35 -2.54
N GLU A 79 8.61 9.44 -1.81
CA GLU A 79 8.60 9.69 -0.38
C GLU A 79 7.79 8.68 0.43
N ASP A 80 6.55 8.41 0.03
CA ASP A 80 5.61 7.50 0.69
C ASP A 80 6.16 6.09 0.83
N ARG A 81 5.85 5.45 1.95
CA ARG A 81 6.28 4.08 2.27
C ARG A 81 5.08 3.28 2.76
N ILE A 82 5.19 1.94 2.82
CA ILE A 82 4.07 1.09 3.24
C ILE A 82 4.50 -0.06 4.14
N ASP A 83 3.81 -0.25 5.27
CA ASP A 83 4.10 -1.37 6.18
C ASP A 83 3.34 -2.57 5.61
N LEU A 84 4.04 -3.38 4.81
CA LEU A 84 3.53 -4.56 4.13
C LEU A 84 4.50 -5.72 4.41
N SER A 85 4.76 -5.99 5.69
CA SER A 85 5.64 -7.08 6.09
C SER A 85 4.83 -8.37 6.23
N ALA A 86 3.65 -8.27 6.85
CA ALA A 86 2.74 -9.37 7.06
C ALA A 86 1.66 -9.42 6.01
N LEU A 87 1.63 -8.45 5.09
CA LEU A 87 0.69 -8.37 4.01
C LEU A 87 1.52 -8.42 2.75
N GLY A 88 1.28 -9.39 1.89
CA GLY A 88 2.00 -9.47 0.64
C GLY A 88 3.30 -10.27 0.74
N PHE A 89 3.26 -11.49 0.25
CA PHE A 89 4.39 -12.41 0.23
C PHE A 89 5.45 -11.91 -0.75
N SER A 90 6.54 -12.66 -0.84
CA SER A 90 7.68 -12.38 -1.70
C SER A 90 7.77 -13.34 -2.90
N GLY A 91 6.84 -14.27 -3.04
CA GLY A 91 6.80 -15.22 -4.13
C GLY A 91 5.57 -14.97 -4.99
N LEU A 92 5.77 -14.38 -6.17
CA LEU A 92 4.68 -14.08 -7.10
C LEU A 92 4.13 -15.38 -7.69
N GLY A 93 3.03 -15.28 -8.44
CA GLY A 93 2.37 -16.38 -9.11
C GLY A 93 1.01 -15.89 -9.60
N ASP A 94 -0.07 -16.23 -8.89
CA ASP A 94 -1.44 -15.84 -9.26
C ASP A 94 -2.33 -15.44 -8.08
N GLY A 95 -1.79 -15.26 -6.87
CA GLY A 95 -2.62 -14.88 -5.71
C GLY A 95 -3.38 -16.09 -5.16
N TYR A 96 -3.01 -17.31 -5.56
CA TYR A 96 -3.63 -18.55 -5.15
C TYR A 96 -2.91 -19.10 -3.91
N GLY A 97 -2.54 -20.39 -3.95
CA GLY A 97 -1.86 -21.22 -2.97
C GLY A 97 -0.47 -20.75 -2.58
N GLY A 98 -0.43 -19.60 -1.96
CA GLY A 98 0.79 -18.96 -1.47
C GLY A 98 1.53 -18.17 -2.54
N THR A 99 0.82 -17.55 -3.47
CA THR A 99 1.39 -16.74 -4.55
C THR A 99 0.82 -15.33 -4.49
N LEU A 100 1.33 -14.40 -5.30
CA LEU A 100 0.92 -13.00 -5.37
C LEU A 100 0.71 -12.61 -6.82
N LEU A 101 -0.24 -11.71 -7.10
CA LEU A 101 -0.54 -11.26 -8.46
C LEU A 101 -0.86 -9.77 -8.45
N LEU A 102 -0.19 -9.03 -9.33
CA LEU A 102 -0.32 -7.60 -9.54
C LEU A 102 -0.72 -7.35 -10.97
N LYS A 103 -1.38 -6.22 -11.14
CA LYS A 103 -1.89 -5.74 -12.42
C LYS A 103 -2.02 -4.24 -12.36
N THR A 104 -2.08 -3.59 -13.51
CA THR A 104 -2.20 -2.16 -13.63
C THR A 104 -3.41 -1.79 -14.48
N ASN A 105 -3.99 -0.62 -14.21
CA ASN A 105 -5.13 -0.14 -15.01
C ASN A 105 -4.60 0.28 -16.38
N ALA A 106 -5.50 0.72 -17.27
CA ALA A 106 -5.18 1.14 -18.62
C ALA A 106 -3.96 2.08 -18.70
N GLU A 107 -3.96 3.17 -17.93
CA GLU A 107 -2.85 4.14 -17.94
C GLU A 107 -1.70 3.75 -17.02
N GLY A 108 -1.88 2.75 -16.14
CA GLY A 108 -0.86 2.34 -15.20
C GLY A 108 -0.87 3.23 -13.94
N THR A 109 -1.73 4.25 -13.91
CA THR A 109 -1.90 5.19 -12.81
C THR A 109 -2.39 4.46 -11.57
N ARG A 110 -3.17 3.39 -11.76
CA ARG A 110 -3.71 2.60 -10.69
C ARG A 110 -3.17 1.18 -10.71
N THR A 111 -2.55 0.78 -9.62
CA THR A 111 -1.97 -0.54 -9.44
C THR A 111 -2.92 -1.31 -8.54
N TYR A 112 -3.45 -2.42 -9.07
CA TYR A 112 -4.38 -3.30 -8.36
C TYR A 112 -3.73 -4.67 -8.23
N LEU A 113 -3.51 -5.13 -7.01
CA LEU A 113 -2.92 -6.42 -6.70
C LEU A 113 -3.77 -7.14 -5.65
N LYS A 114 -3.55 -8.46 -5.51
CA LYS A 114 -4.27 -9.31 -4.59
C LYS A 114 -3.33 -10.21 -3.81
N SER A 115 -3.37 -10.12 -2.48
CA SER A 115 -2.54 -10.92 -1.61
C SER A 115 -3.46 -12.04 -1.14
N PHE A 116 -3.26 -13.24 -1.65
CA PHE A 116 -4.00 -14.44 -1.33
C PHE A 116 -5.52 -14.26 -1.47
N GLU A 117 -6.08 -14.62 -2.62
CA GLU A 117 -7.49 -14.54 -2.94
C GLU A 117 -8.09 -15.94 -3.10
N ALA A 118 -9.39 -16.00 -3.39
CA ALA A 118 -10.14 -17.23 -3.59
C ALA A 118 -11.03 -17.06 -4.84
N ASP A 119 -12.19 -17.70 -4.82
CA ASP A 119 -13.19 -17.74 -5.86
C ASP A 119 -14.04 -16.48 -5.81
N ALA A 120 -14.57 -16.11 -6.97
CA ALA A 120 -15.40 -14.94 -7.19
C ALA A 120 -16.69 -14.90 -6.38
N GLU A 121 -17.07 -15.99 -5.72
CA GLU A 121 -18.26 -16.10 -4.88
C GLU A 121 -17.87 -16.32 -3.43
N GLY A 122 -16.65 -16.81 -3.21
CA GLY A 122 -16.11 -17.07 -1.89
C GLY A 122 -15.69 -15.76 -1.27
N ARG A 123 -14.60 -15.18 -1.78
CA ARG A 123 -14.02 -13.92 -1.34
C ARG A 123 -12.77 -13.65 -2.14
N ARG A 124 -12.54 -12.41 -2.56
CA ARG A 124 -11.38 -12.06 -3.35
C ARG A 124 -10.76 -10.81 -2.75
N PHE A 125 -9.52 -10.91 -2.28
CA PHE A 125 -8.84 -9.78 -1.69
C PHE A 125 -8.28 -8.94 -2.82
N GLU A 126 -8.69 -7.68 -2.90
CA GLU A 126 -8.18 -6.77 -3.93
C GLU A 126 -8.18 -5.37 -3.33
N VAL A 127 -7.11 -4.63 -3.58
CA VAL A 127 -6.89 -3.26 -3.12
C VAL A 127 -6.82 -2.35 -4.34
N ALA A 128 -6.97 -1.03 -4.14
CA ALA A 128 -6.92 -0.04 -5.19
C ALA A 128 -5.95 1.07 -4.79
N LEU A 129 -4.91 1.30 -5.60
CA LEU A 129 -3.94 2.35 -5.36
C LEU A 129 -4.13 3.36 -6.46
N ASP A 130 -4.31 4.64 -6.13
CA ASP A 130 -4.47 5.72 -7.08
C ASP A 130 -3.17 6.52 -6.99
N GLY A 131 -2.33 6.41 -8.02
CA GLY A 131 -1.04 7.09 -8.08
C GLY A 131 -1.18 8.48 -8.66
N ASP A 132 -0.10 9.25 -8.58
CA ASP A 132 0.00 10.61 -9.08
C ASP A 132 1.41 10.80 -9.65
N HIS A 133 2.45 10.46 -8.88
CA HIS A 133 3.83 10.56 -9.32
C HIS A 133 4.21 9.20 -9.89
N THR A 134 5.11 8.48 -9.24
CA THR A 134 5.56 7.16 -9.66
C THR A 134 4.62 6.10 -9.11
N GLY A 135 4.02 5.27 -9.97
CA GLY A 135 3.10 4.21 -9.56
C GLY A 135 3.83 2.89 -9.33
N ASP A 136 5.13 2.93 -8.97
CA ASP A 136 5.94 1.74 -8.72
C ASP A 136 6.49 1.72 -7.31
N LEU A 137 6.60 0.53 -6.71
CA LEU A 137 7.09 0.29 -5.37
C LEU A 137 8.40 -0.50 -5.50
N SER A 138 9.25 -0.46 -4.48
CA SER A 138 10.52 -1.16 -4.40
C SER A 138 10.80 -1.40 -2.92
N ALA A 139 11.96 -2.00 -2.72
CA ALA A 139 12.54 -2.40 -1.44
C ALA A 139 12.64 -1.27 -0.42
N ALA A 140 12.65 0.00 -0.88
CA ALA A 140 12.72 1.18 -0.04
C ALA A 140 11.30 1.69 0.27
N ASN A 141 10.40 1.62 -0.72
CA ASN A 141 9.00 2.03 -0.64
C ASN A 141 8.16 1.14 0.26
N VAL A 142 8.69 0.01 0.69
CA VAL A 142 8.01 -0.94 1.54
C VAL A 142 8.92 -1.25 2.73
N VAL A 143 8.32 -1.66 3.83
CA VAL A 143 9.03 -2.03 5.05
C VAL A 143 10.03 -3.14 4.69
N PHE A 144 11.15 -3.19 5.40
CA PHE A 144 12.18 -4.19 5.19
C PHE A 144 11.68 -5.63 5.31
N ALA A 145 10.63 -5.84 6.10
CA ALA A 145 10.00 -7.14 6.34
C ALA A 145 11.07 -8.19 6.69
N ALA A 146 11.90 -7.83 7.67
CA ALA A 146 13.01 -8.59 8.22
C ALA A 146 14.00 -9.15 7.19
N THR A 147 14.16 -8.47 6.06
CA THR A 147 15.07 -8.85 4.98
C THR A 147 16.55 -8.82 5.44
N GLY A 148 17.46 -9.21 4.56
CA GLY A 148 18.89 -9.24 4.82
C GLY A 148 19.56 -7.88 4.63
N THR A 149 20.87 -7.86 4.86
CA THR A 149 21.75 -6.70 4.74
C THR A 149 21.92 -6.36 3.25
N THR A 150 22.72 -5.35 2.92
CA THR A 150 22.94 -4.97 1.53
C THR A 150 24.39 -4.50 1.37
N THR A 151 25.33 -5.29 1.87
CA THR A 151 26.76 -5.00 1.79
C THR A 151 27.27 -5.45 0.40
N GLU A 152 26.43 -5.29 -0.62
CA GLU A 152 26.67 -5.66 -2.01
C GLU A 152 27.34 -4.53 -2.77
N LEU A 153 28.11 -4.87 -3.79
CA LEU A 153 28.83 -3.95 -4.67
C LEU A 153 28.80 -4.59 -6.06
N GLU A 154 27.62 -4.61 -6.67
CA GLU A 154 27.40 -5.19 -7.99
C GLU A 154 26.74 -4.16 -8.92
N VAL A 155 27.37 -2.99 -9.05
CA VAL A 155 26.90 -1.88 -9.88
C VAL A 155 28.11 -1.30 -10.62
N LEU A 156 27.87 -0.71 -11.80
CA LEU A 156 28.88 -0.12 -12.66
C LEU A 156 28.62 1.38 -12.80
N GLY A 157 29.24 2.19 -11.93
CA GLY A 157 29.13 3.65 -11.93
C GLY A 157 28.47 4.17 -10.67
N ASP A 158 27.25 3.71 -10.40
CA ASP A 158 26.47 4.08 -9.22
C ASP A 158 26.56 2.91 -8.20
N SER A 159 25.72 2.92 -7.17
CA SER A 159 25.63 1.90 -6.12
C SER A 159 24.15 1.68 -5.81
N GLY A 160 23.79 0.59 -5.12
CA GLY A 160 22.40 0.31 -4.78
C GLY A 160 22.08 -1.17 -4.66
N THR A 161 21.02 -1.47 -3.92
CA THR A 161 20.48 -2.80 -3.64
C THR A 161 19.67 -3.37 -4.81
N GLN A 162 19.87 -2.89 -6.04
CA GLN A 162 19.14 -3.37 -7.21
C GLN A 162 20.03 -3.33 -8.43
N ALA A 163 20.47 -4.50 -8.91
CA ALA A 163 21.31 -4.59 -10.10
C ALA A 163 20.52 -4.04 -11.29
N GLY A 164 21.16 -3.25 -12.15
CA GLY A 164 20.59 -2.63 -13.33
C GLY A 164 21.63 -1.70 -13.97
N ALA A 165 21.40 -1.27 -15.20
CA ALA A 165 22.29 -0.38 -15.94
C ALA A 165 21.48 0.31 -17.05
N ILE A 166 22.02 1.36 -17.64
CA ILE A 166 21.40 2.12 -18.71
C ILE A 166 22.39 2.07 -19.87
N VAL A 167 21.93 1.57 -21.01
CA VAL A 167 22.67 1.40 -22.26
C VAL A 167 21.79 2.01 -23.33
N GLY A 1 -18.62 14.46 3.64
CA GLY A 1 -18.55 13.21 4.40
C GLY A 1 -19.93 12.59 4.57
N SER A 2 -19.97 11.35 5.05
CA SER A 2 -21.17 10.59 5.31
C SER A 2 -20.77 9.61 6.42
N ASP A 3 -20.13 8.51 6.02
CA ASP A 3 -19.65 7.49 6.92
C ASP A 3 -18.45 8.03 7.69
N GLY A 4 -18.33 7.66 8.96
CA GLY A 4 -17.23 8.08 9.81
C GLY A 4 -17.11 9.60 9.91
N GLU A 5 -15.91 10.07 10.25
CA GLU A 5 -15.58 11.50 10.40
C GLU A 5 -14.10 11.63 10.03
N PRO A 6 -13.70 12.64 9.23
CA PRO A 6 -12.31 12.82 8.82
C PRO A 6 -11.39 13.35 9.93
N LEU A 7 -10.10 13.04 9.81
CA LEU A 7 -8.98 13.43 10.66
C LEU A 7 -7.94 13.98 9.70
N VAL A 8 -7.27 15.06 10.07
CA VAL A 8 -6.23 15.72 9.29
C VAL A 8 -5.06 16.01 10.24
N GLY A 9 -3.85 15.54 9.91
CA GLY A 9 -2.64 15.74 10.70
C GLY A 9 -2.04 17.15 10.50
N GLY A 10 -0.89 17.41 11.10
CA GLY A 10 -0.19 18.68 11.04
C GLY A 10 1.12 18.54 10.29
N ASP A 11 2.22 18.42 11.03
CA ASP A 11 3.59 18.28 10.52
C ASP A 11 4.51 17.42 11.39
N THR A 12 4.11 17.16 12.63
CA THR A 12 4.80 16.37 13.62
C THR A 12 4.33 14.92 13.48
N ASP A 13 5.27 14.01 13.26
CA ASP A 13 5.06 12.58 13.09
C ASP A 13 4.25 11.94 14.21
N ASP A 14 3.45 10.95 13.87
CA ASP A 14 2.60 10.22 14.81
C ASP A 14 2.01 9.01 14.12
N GLN A 15 1.11 8.31 14.81
CA GLN A 15 0.40 7.15 14.34
C GLN A 15 -1.07 7.54 14.41
N LEU A 16 -1.76 7.51 13.27
CA LEU A 16 -3.15 7.88 13.11
C LEU A 16 -3.89 6.66 12.56
N GLN A 17 -5.04 6.33 13.15
CA GLN A 17 -5.80 5.17 12.74
C GLN A 17 -7.27 5.50 12.55
N GLY A 18 -7.93 4.79 11.64
CA GLY A 18 -9.34 4.98 11.34
C GLY A 18 -10.22 3.98 12.09
N GLY A 19 -9.78 2.73 12.16
CA GLY A 19 -10.48 1.63 12.82
C GLY A 19 -11.55 1.06 11.91
N SER A 20 -12.20 -0.04 12.34
CA SER A 20 -13.23 -0.67 11.53
C SER A 20 -14.36 0.31 11.23
N GLY A 21 -14.68 0.49 9.95
CA GLY A 21 -15.70 1.36 9.44
C GLY A 21 -15.16 1.96 8.15
N ALA A 22 -15.71 3.10 7.73
CA ALA A 22 -15.26 3.79 6.53
C ALA A 22 -14.85 5.19 7.03
N ASP A 23 -13.57 5.33 7.31
CA ASP A 23 -12.91 6.54 7.82
C ASP A 23 -12.09 7.20 6.71
N ARG A 24 -11.75 8.48 6.84
CA ARG A 24 -10.94 9.16 5.84
C ARG A 24 -9.98 10.08 6.59
N LEU A 25 -8.75 9.64 6.79
CA LEU A 25 -7.72 10.42 7.49
C LEU A 25 -6.73 10.96 6.44
N ASP A 26 -5.99 12.02 6.77
CA ASP A 26 -5.02 12.66 5.88
C ASP A 26 -3.79 13.04 6.69
N GLY A 27 -2.62 12.54 6.29
CA GLY A 27 -1.34 12.72 6.94
C GLY A 27 -0.95 14.17 7.18
N GLY A 28 -0.99 14.97 6.12
CA GLY A 28 -0.63 16.38 6.22
C GLY A 28 0.70 16.57 5.51
N ALA A 29 1.82 16.43 6.25
CA ALA A 29 3.19 16.56 5.75
C ALA A 29 4.19 16.12 6.83
N GLY A 30 4.46 14.82 6.92
CA GLY A 30 5.38 14.27 7.90
C GLY A 30 5.80 12.84 7.57
N ASP A 31 6.33 12.14 8.58
CA ASP A 31 6.79 10.76 8.62
C ASP A 31 5.82 9.98 9.49
N ASP A 32 4.54 10.20 9.20
CA ASP A 32 3.40 9.61 9.90
C ASP A 32 3.05 8.25 9.33
N ILE A 33 2.25 7.55 10.12
CA ILE A 33 1.74 6.22 9.83
C ILE A 33 0.21 6.29 9.88
N LEU A 34 -0.45 6.26 8.71
CA LEU A 34 -1.91 6.30 8.61
C LEU A 34 -2.41 4.89 8.30
N ASP A 35 -3.18 4.29 9.19
CA ASP A 35 -3.76 2.95 9.05
C ASP A 35 -5.27 3.10 9.10
N GLY A 36 -5.90 3.07 7.93
CA GLY A 36 -7.33 3.21 7.77
C GLY A 36 -8.09 2.19 8.62
N GLY A 37 -8.03 0.91 8.28
CA GLY A 37 -8.69 -0.14 9.01
C GLY A 37 -9.64 -0.99 8.18
N ALA A 38 -10.32 -1.91 8.86
CA ALA A 38 -11.26 -2.83 8.23
C ALA A 38 -12.49 -2.10 7.67
N GLY A 39 -12.55 -1.99 6.33
CA GLY A 39 -13.61 -1.37 5.57
C GLY A 39 -13.03 -0.61 4.39
N ARG A 40 -13.87 -0.17 3.42
CA ARG A 40 -13.38 0.58 2.28
C ARG A 40 -13.13 2.00 2.78
N ASP A 41 -11.89 2.28 3.09
CA ASP A 41 -11.29 3.49 3.60
C ASP A 41 -10.74 4.33 2.45
N ARG A 42 -10.50 5.62 2.72
CA ARG A 42 -9.95 6.54 1.74
C ARG A 42 -8.86 7.30 2.48
N LEU A 43 -7.60 6.92 2.30
CA LEU A 43 -6.46 7.56 2.95
C LEU A 43 -5.68 8.40 1.95
N SER A 44 -4.95 9.38 2.47
CA SER A 44 -4.12 10.29 1.69
C SER A 44 -2.95 10.72 2.57
N GLY A 45 -1.73 10.63 2.07
CA GLY A 45 -0.59 11.05 2.87
C GLY A 45 -0.46 12.55 2.72
N GLY A 46 -0.37 12.98 1.46
CA GLY A 46 -0.20 14.38 1.08
C GLY A 46 1.29 14.51 0.74
N ALA A 47 1.79 15.74 0.66
CA ALA A 47 3.21 15.88 0.37
C ALA A 47 3.92 15.63 1.70
N GLY A 48 4.49 14.44 1.86
CA GLY A 48 5.19 13.94 3.03
C GLY A 48 5.96 12.70 2.61
N ALA A 49 6.35 11.90 3.59
CA ALA A 49 7.07 10.64 3.48
C ALA A 49 6.29 9.68 4.40
N ASP A 50 5.04 9.37 4.01
CA ASP A 50 4.11 8.54 4.76
C ASP A 50 4.42 7.05 4.70
N THR A 51 3.76 6.34 5.59
CA THR A 51 3.87 4.90 5.78
C THR A 51 2.48 4.27 5.89
N PHE A 52 1.91 3.79 4.78
CA PHE A 52 0.58 3.19 4.77
C PHE A 52 0.71 1.73 5.22
N VAL A 53 0.21 1.40 6.41
CA VAL A 53 0.27 0.10 7.04
C VAL A 53 -1.09 -0.60 6.96
N PHE A 54 -1.22 -1.53 6.02
CA PHE A 54 -2.43 -2.31 5.83
C PHE A 54 -2.25 -3.57 6.67
N SER A 55 -3.16 -3.87 7.62
CA SER A 55 -3.02 -5.06 8.46
C SER A 55 -4.31 -5.71 8.98
N ALA A 56 -5.51 -5.18 8.72
CA ALA A 56 -6.66 -5.80 9.34
C ALA A 56 -7.06 -7.18 8.86
N ARG A 57 -7.72 -7.90 9.76
CA ARG A 57 -8.22 -9.25 9.53
C ARG A 57 -9.21 -9.26 8.37
N GLU A 58 -9.95 -8.18 8.22
CA GLU A 58 -10.95 -8.04 7.19
C GLU A 58 -10.46 -7.13 6.05
N ASP A 59 -9.45 -6.26 6.25
CA ASP A 59 -8.97 -5.39 5.18
C ASP A 59 -7.95 -6.15 4.34
N SER A 60 -8.32 -7.32 3.83
CA SER A 60 -7.41 -8.13 3.03
C SER A 60 -8.03 -8.52 1.69
N TYR A 61 -9.34 -8.41 1.55
CA TYR A 61 -10.05 -8.74 0.33
C TYR A 61 -11.48 -8.19 0.42
N ARG A 62 -12.21 -8.37 -0.68
CA ARG A 62 -13.59 -8.00 -0.83
C ARG A 62 -14.34 -9.30 -1.01
N THR A 63 -15.61 -9.28 -0.65
CA THR A 63 -16.48 -10.43 -0.76
C THR A 63 -17.83 -9.94 -1.25
N ASP A 64 -18.60 -10.85 -1.86
CA ASP A 64 -19.93 -10.50 -2.32
C ASP A 64 -20.84 -10.25 -1.09
N THR A 65 -20.36 -10.61 0.11
CA THR A 65 -21.02 -10.42 1.39
C THR A 65 -20.60 -9.06 1.97
N ALA A 66 -19.41 -8.52 1.64
CA ALA A 66 -18.91 -7.23 2.11
C ALA A 66 -17.67 -6.73 1.33
N VAL A 67 -17.81 -5.64 0.58
CA VAL A 67 -16.69 -5.08 -0.17
C VAL A 67 -15.87 -4.22 0.82
N PHE A 68 -14.54 -4.28 0.82
CA PHE A 68 -13.65 -3.51 1.70
C PHE A 68 -12.42 -2.98 0.94
N ASN A 69 -12.59 -2.65 -0.35
CA ASN A 69 -11.51 -2.14 -1.20
C ASN A 69 -10.91 -0.78 -0.76
N ASP A 70 -9.60 -0.76 -0.54
CA ASP A 70 -8.83 0.44 -0.15
C ASP A 70 -8.71 1.38 -1.36
N LEU A 71 -8.55 2.68 -1.08
CA LEU A 71 -8.36 3.70 -2.08
C LEU A 71 -7.38 4.72 -1.51
N ILE A 72 -6.14 4.68 -2.00
CA ILE A 72 -5.10 5.61 -1.55
C ILE A 72 -5.07 6.73 -2.57
N LEU A 73 -5.22 7.97 -2.12
CA LEU A 73 -5.18 9.18 -2.92
C LEU A 73 -3.87 9.92 -2.63
N ASP A 74 -3.30 10.61 -3.61
CA ASP A 74 -2.07 11.41 -3.50
C ASP A 74 -0.89 10.67 -2.85
N PHE A 75 -0.46 9.58 -3.48
CA PHE A 75 0.66 8.72 -3.06
C PHE A 75 1.92 9.13 -3.82
N GLU A 76 2.91 9.78 -3.21
CA GLU A 76 4.15 10.18 -3.89
C GLU A 76 5.27 9.19 -3.55
N ALA A 77 5.49 8.17 -4.41
CA ALA A 77 6.52 7.13 -4.23
C ALA A 77 7.95 7.65 -3.99
N SER A 78 8.22 8.89 -4.33
CA SER A 78 9.53 9.49 -4.13
C SER A 78 9.84 9.58 -2.63
N GLU A 79 8.83 9.59 -1.75
CA GLU A 79 8.91 9.67 -0.29
C GLU A 79 7.99 8.65 0.41
N ASP A 80 6.71 8.62 0.07
CA ASP A 80 5.69 7.74 0.66
C ASP A 80 6.00 6.26 0.44
N ARG A 81 5.56 5.42 1.38
CA ARG A 81 5.79 3.96 1.32
C ARG A 81 4.56 3.14 1.71
N ILE A 82 4.58 1.85 1.36
CA ILE A 82 3.49 0.91 1.66
C ILE A 82 4.05 -0.30 2.41
N ASP A 83 3.58 -0.53 3.64
CA ASP A 83 4.01 -1.69 4.43
C ASP A 83 3.07 -2.81 3.97
N LEU A 84 3.61 -3.85 3.36
CA LEU A 84 2.93 -5.02 2.81
C LEU A 84 3.78 -6.22 3.21
N SER A 85 3.74 -6.51 4.49
CA SER A 85 4.47 -7.59 5.12
C SER A 85 3.60 -8.63 5.82
N ALA A 86 2.37 -8.26 6.20
CA ALA A 86 1.40 -9.10 6.88
C ALA A 86 0.32 -9.54 5.90
N LEU A 87 -0.24 -8.61 5.15
CA LEU A 87 -1.31 -8.85 4.18
C LEU A 87 -0.69 -9.23 2.83
N GLY A 88 0.20 -10.21 2.84
CA GLY A 88 0.88 -10.66 1.69
C GLY A 88 2.27 -11.07 2.09
N PHE A 89 2.56 -12.31 1.76
CA PHE A 89 3.85 -12.93 1.99
C PHE A 89 4.85 -12.13 1.15
N SER A 90 6.14 -12.18 1.46
CA SER A 90 7.13 -11.45 0.67
C SER A 90 7.26 -12.08 -0.74
N GLY A 91 6.72 -13.29 -0.94
CA GLY A 91 6.76 -13.99 -2.21
C GLY A 91 5.82 -13.35 -3.23
N LEU A 92 6.39 -12.92 -4.35
CA LEU A 92 5.68 -12.32 -5.47
C LEU A 92 5.35 -13.44 -6.45
N GLY A 93 4.51 -13.17 -7.45
CA GLY A 93 4.14 -14.17 -8.44
C GLY A 93 2.93 -13.77 -9.24
N ASP A 94 1.71 -14.13 -8.82
CA ASP A 94 0.46 -13.82 -9.53
C ASP A 94 -0.70 -13.51 -8.60
N GLY A 95 -0.49 -13.44 -7.29
CA GLY A 95 -1.57 -13.19 -6.33
C GLY A 95 -2.33 -14.48 -6.05
N TYR A 96 -1.79 -15.62 -6.48
CA TYR A 96 -2.35 -16.94 -6.29
C TYR A 96 -1.80 -17.48 -4.96
N GLY A 97 -1.77 -18.80 -4.82
CA GLY A 97 -1.34 -19.69 -3.74
C GLY A 97 -0.03 -19.37 -3.01
N GLY A 98 0.08 -18.17 -2.48
CA GLY A 98 1.23 -17.67 -1.74
C GLY A 98 2.03 -16.66 -2.56
N THR A 99 1.39 -15.89 -3.46
CA THR A 99 2.07 -14.92 -4.29
C THR A 99 1.38 -13.54 -4.28
N LEU A 100 1.93 -12.56 -5.00
CA LEU A 100 1.44 -11.19 -5.11
C LEU A 100 1.90 -10.58 -6.44
N LEU A 101 1.03 -9.89 -7.18
CA LEU A 101 1.37 -9.21 -8.43
C LEU A 101 0.53 -7.93 -8.55
N LEU A 102 1.01 -6.95 -9.30
CA LEU A 102 0.36 -5.67 -9.56
C LEU A 102 0.27 -5.41 -11.06
N LYS A 103 -0.78 -4.71 -11.48
CA LYS A 103 -1.09 -4.33 -12.84
C LYS A 103 -1.67 -2.94 -12.84
N THR A 104 -1.74 -2.29 -13.99
CA THR A 104 -2.30 -0.97 -14.12
C THR A 104 -3.67 -1.03 -14.80
N ASN A 105 -4.43 0.05 -14.69
CA ASN A 105 -5.75 0.23 -15.31
C ASN A 105 -5.57 0.28 -16.83
N ALA A 106 -6.66 0.44 -17.58
CA ALA A 106 -6.62 0.49 -19.04
C ALA A 106 -5.61 1.51 -19.57
N GLU A 107 -5.72 2.76 -19.13
CA GLU A 107 -4.82 3.83 -19.55
C GLU A 107 -3.41 3.68 -18.98
N GLY A 108 -3.25 2.97 -17.86
CA GLY A 108 -1.98 2.74 -17.17
C GLY A 108 -1.67 3.78 -16.08
N THR A 109 -2.56 4.76 -15.89
CA THR A 109 -2.48 5.86 -14.94
C THR A 109 -2.85 5.49 -13.50
N ARG A 110 -3.52 4.37 -13.25
CA ARG A 110 -3.95 3.90 -11.91
C ARG A 110 -3.42 2.49 -11.69
N THR A 111 -3.19 2.07 -10.45
CA THR A 111 -2.65 0.74 -10.17
C THR A 111 -3.57 -0.13 -9.31
N TYR A 112 -3.71 -1.39 -9.73
CA TYR A 112 -4.48 -2.46 -9.11
C TYR A 112 -3.54 -3.63 -8.79
N LEU A 113 -3.39 -3.98 -7.52
CA LEU A 113 -2.54 -5.10 -7.09
C LEU A 113 -3.41 -6.13 -6.38
N LYS A 114 -2.94 -7.37 -6.30
CA LYS A 114 -3.63 -8.45 -5.65
C LYS A 114 -2.63 -9.35 -4.93
N SER A 115 -2.86 -9.48 -3.63
CA SER A 115 -2.07 -10.27 -2.72
C SER A 115 -2.95 -11.45 -2.33
N PHE A 116 -2.47 -12.67 -2.55
CA PHE A 116 -3.11 -13.96 -2.26
C PHE A 116 -4.65 -13.88 -2.24
N GLU A 117 -5.26 -13.99 -3.41
CA GLU A 117 -6.71 -13.96 -3.57
C GLU A 117 -7.27 -15.37 -3.81
N ALA A 118 -8.59 -15.50 -3.70
CA ALA A 118 -9.31 -16.73 -3.89
C ALA A 118 -10.38 -16.59 -4.98
N ASP A 119 -11.52 -17.22 -4.79
CA ASP A 119 -12.68 -17.26 -5.67
C ASP A 119 -13.67 -16.18 -5.25
N ALA A 120 -14.52 -15.75 -6.18
CA ALA A 120 -15.51 -14.71 -5.94
C ALA A 120 -16.54 -15.12 -4.88
N GLU A 121 -16.68 -16.40 -4.58
CA GLU A 121 -17.62 -16.92 -3.60
C GLU A 121 -17.00 -16.98 -2.19
N GLY A 122 -15.67 -16.92 -2.07
CA GLY A 122 -14.96 -17.00 -0.81
C GLY A 122 -14.18 -15.74 -0.41
N ARG A 123 -13.55 -15.01 -1.35
CA ARG A 123 -12.77 -13.77 -1.14
C ARG A 123 -11.80 -13.45 -2.27
N ARG A 124 -11.74 -12.18 -2.71
CA ARG A 124 -10.81 -11.78 -3.76
C ARG A 124 -10.18 -10.44 -3.41
N PHE A 125 -8.88 -10.26 -3.65
CA PHE A 125 -8.18 -9.01 -3.34
C PHE A 125 -8.42 -8.01 -4.47
N GLU A 126 -9.04 -6.87 -4.15
CA GLU A 126 -9.35 -5.81 -5.10
C GLU A 126 -9.17 -4.48 -4.38
N VAL A 127 -8.16 -3.70 -4.79
CA VAL A 127 -7.77 -2.41 -4.22
C VAL A 127 -7.41 -1.44 -5.36
N ALA A 128 -7.33 -0.13 -5.09
CA ALA A 128 -7.00 0.90 -6.07
C ALA A 128 -6.02 1.94 -5.49
N LEU A 129 -4.88 2.16 -6.15
CA LEU A 129 -3.85 3.14 -5.76
C LEU A 129 -3.79 4.23 -6.81
N ASP A 130 -3.81 5.49 -6.38
CA ASP A 130 -3.73 6.70 -7.21
C ASP A 130 -2.34 6.70 -7.83
N GLY A 131 -2.25 6.64 -9.16
CA GLY A 131 -0.98 6.62 -9.86
C GLY A 131 -0.50 8.00 -10.24
N ASP A 132 0.47 8.46 -9.47
CA ASP A 132 1.15 9.73 -9.57
C ASP A 132 2.60 9.45 -9.13
N HIS A 133 3.51 9.25 -10.09
CA HIS A 133 4.94 8.93 -9.91
C HIS A 133 5.18 7.56 -9.23
N THR A 134 4.15 6.92 -8.70
CA THR A 134 4.16 5.64 -8.02
C THR A 134 4.57 4.45 -8.91
N GLY A 135 4.77 4.64 -10.21
CA GLY A 135 5.16 3.58 -11.13
C GLY A 135 6.47 2.88 -10.74
N ASP A 136 7.33 3.52 -9.95
CA ASP A 136 8.61 2.96 -9.51
C ASP A 136 8.53 2.38 -8.09
N LEU A 137 8.64 1.06 -7.97
CA LEU A 137 8.59 0.37 -6.69
C LEU A 137 9.78 -0.57 -6.52
N SER A 138 10.45 -0.47 -5.38
CA SER A 138 11.59 -1.30 -5.02
C SER A 138 11.72 -1.29 -3.51
N ALA A 139 12.14 -0.16 -2.91
CA ALA A 139 12.31 -0.04 -1.45
C ALA A 139 11.87 1.32 -0.94
N ALA A 140 12.05 2.40 -1.74
CA ALA A 140 11.64 3.74 -1.35
C ALA A 140 10.12 3.92 -1.40
N ASN A 141 9.37 2.96 -1.96
CA ASN A 141 7.91 3.01 -2.09
C ASN A 141 7.21 1.79 -1.48
N VAL A 142 7.94 0.77 -1.03
CA VAL A 142 7.38 -0.44 -0.46
C VAL A 142 8.31 -0.93 0.66
N VAL A 143 7.77 -1.41 1.78
CA VAL A 143 8.59 -1.92 2.87
C VAL A 143 9.17 -3.27 2.42
N PHE A 144 10.39 -3.59 2.85
CA PHE A 144 11.08 -4.84 2.52
C PHE A 144 10.39 -6.09 3.03
N ALA A 145 9.60 -5.93 4.09
CA ALA A 145 8.87 -6.99 4.78
C ALA A 145 9.92 -7.90 5.38
N ALA A 146 10.79 -7.30 6.19
CA ALA A 146 11.90 -7.91 6.85
C ALA A 146 12.18 -7.25 8.18
N THR A 147 13.14 -7.80 8.89
CA THR A 147 13.64 -7.37 10.19
C THR A 147 15.17 -7.26 10.15
N GLY A 148 15.77 -7.50 8.98
CA GLY A 148 17.19 -7.46 8.72
C GLY A 148 17.69 -6.05 8.45
N THR A 149 18.74 -5.98 7.63
CA THR A 149 19.44 -4.78 7.21
C THR A 149 19.29 -4.58 5.70
N THR A 150 19.96 -3.57 5.13
CA THR A 150 19.95 -3.22 3.71
C THR A 150 21.41 -3.03 3.27
N THR A 151 21.62 -2.96 1.97
CA THR A 151 22.92 -2.76 1.37
C THR A 151 23.26 -1.26 1.38
N GLU A 152 24.43 -0.95 0.83
CA GLU A 152 25.00 0.36 0.66
C GLU A 152 24.59 0.89 -0.72
N LEU A 153 25.36 1.83 -1.23
CA LEU A 153 25.20 2.49 -2.53
C LEU A 153 25.57 1.55 -3.69
N GLU A 154 25.18 0.27 -3.62
CA GLU A 154 25.40 -0.84 -4.56
C GLU A 154 26.66 -0.63 -5.42
N VAL A 155 27.83 -0.79 -4.80
CA VAL A 155 29.10 -0.63 -5.51
C VAL A 155 29.22 -1.74 -6.57
N LEU A 156 30.17 -1.57 -7.48
CA LEU A 156 30.48 -2.49 -8.59
C LEU A 156 29.33 -2.72 -9.58
N GLY A 157 28.21 -2.03 -9.40
CA GLY A 157 27.03 -2.17 -10.25
C GLY A 157 26.37 -3.52 -9.99
N ASP A 158 26.49 -4.03 -8.77
CA ASP A 158 25.92 -5.30 -8.32
C ASP A 158 24.39 -5.27 -8.30
N SER A 159 23.81 -6.44 -8.06
CA SER A 159 22.37 -6.68 -7.96
C SER A 159 22.09 -7.05 -6.50
N GLY A 160 20.85 -6.78 -6.07
CA GLY A 160 20.38 -7.05 -4.73
C GLY A 160 19.17 -6.18 -4.49
N THR A 161 19.39 -4.86 -4.40
CA THR A 161 18.34 -3.87 -4.19
C THR A 161 18.26 -3.05 -5.49
N GLN A 162 17.08 -2.94 -6.09
CA GLN A 162 16.85 -2.20 -7.34
C GLN A 162 17.92 -2.60 -8.37
N ALA A 163 17.93 -3.88 -8.71
CA ALA A 163 18.88 -4.43 -9.68
C ALA A 163 18.57 -3.79 -11.03
N GLY A 164 19.61 -3.36 -11.74
CA GLY A 164 19.50 -2.72 -13.05
C GLY A 164 19.04 -3.67 -14.15
N ALA A 165 18.98 -3.12 -15.35
CA ALA A 165 18.60 -3.76 -16.59
C ALA A 165 19.27 -2.99 -17.74
N ILE A 166 19.17 -3.53 -18.94
CA ILE A 166 19.70 -2.97 -20.18
C ILE A 166 18.52 -2.97 -21.16
N VAL A 167 18.44 -1.97 -22.03
CA VAL A 167 17.36 -1.83 -23.00
C VAL A 167 17.94 -1.13 -24.23
N GLY A 1 -26.96 4.15 5.26
CA GLY A 1 -27.22 4.22 6.71
C GLY A 1 -25.93 4.55 7.43
N SER A 2 -25.08 3.54 7.64
CA SER A 2 -23.79 3.68 8.29
C SER A 2 -22.94 4.62 7.42
N ASP A 3 -22.27 5.59 8.06
CA ASP A 3 -21.41 6.60 7.45
C ASP A 3 -20.34 6.97 8.48
N GLY A 4 -19.24 7.57 8.04
CA GLY A 4 -18.09 8.00 8.85
C GLY A 4 -18.03 9.50 9.09
N GLU A 5 -16.92 9.95 9.65
CA GLU A 5 -16.65 11.35 9.98
C GLU A 5 -15.17 11.65 9.68
N PRO A 6 -14.83 12.74 8.96
CA PRO A 6 -13.44 13.07 8.62
C PRO A 6 -12.57 13.34 9.86
N LEU A 7 -11.57 12.49 10.12
CA LEU A 7 -10.66 12.61 11.24
C LEU A 7 -9.46 13.30 10.63
N VAL A 8 -9.34 14.59 10.87
CA VAL A 8 -8.26 15.42 10.36
C VAL A 8 -7.24 15.48 11.49
N GLY A 9 -6.04 14.97 11.24
CA GLY A 9 -4.92 14.92 12.15
C GLY A 9 -4.34 16.29 12.49
N GLY A 10 -3.21 16.26 13.19
CA GLY A 10 -2.50 17.45 13.63
C GLY A 10 -1.60 18.07 12.57
N ASP A 11 -0.79 19.01 13.06
CA ASP A 11 0.21 19.78 12.31
C ASP A 11 1.64 19.32 12.64
N THR A 12 1.71 18.39 13.58
CA THR A 12 2.85 17.70 14.14
C THR A 12 2.45 16.22 14.16
N ASP A 13 3.45 15.35 13.98
CA ASP A 13 3.38 13.89 13.92
C ASP A 13 2.27 13.28 14.75
N ASP A 14 1.40 12.52 14.10
CA ASP A 14 0.26 11.84 14.71
C ASP A 14 0.12 10.46 14.12
N GLN A 15 -0.73 9.69 14.77
CA GLN A 15 -1.08 8.32 14.43
C GLN A 15 -2.60 8.28 14.39
N LEU A 16 -3.14 8.41 13.19
CA LEU A 16 -4.55 8.44 12.89
C LEU A 16 -5.03 7.01 12.73
N GLN A 17 -6.04 6.64 13.50
CA GLN A 17 -6.61 5.31 13.45
C GLN A 17 -8.14 5.34 13.49
N GLY A 18 -8.77 4.26 13.05
CA GLY A 18 -10.22 4.11 13.03
C GLY A 18 -10.57 2.90 13.88
N GLY A 19 -10.75 1.73 13.28
CA GLY A 19 -11.09 0.50 13.95
C GLY A 19 -11.96 -0.34 13.02
N SER A 20 -13.08 0.20 12.56
CA SER A 20 -13.99 -0.50 11.65
C SER A 20 -15.02 0.44 11.02
N GLY A 21 -15.80 -0.06 10.06
CA GLY A 21 -16.84 0.65 9.35
C GLY A 21 -16.28 1.34 8.11
N ALA A 22 -16.80 2.53 7.78
CA ALA A 22 -16.34 3.31 6.66
C ALA A 22 -15.87 4.62 7.27
N ASP A 23 -14.58 4.71 7.54
CA ASP A 23 -13.90 5.85 8.14
C ASP A 23 -13.21 6.67 7.02
N ARG A 24 -12.79 7.89 7.34
CA ARG A 24 -12.09 8.80 6.45
C ARG A 24 -11.10 9.56 7.32
N LEU A 25 -9.82 9.22 7.28
CA LEU A 25 -8.80 9.92 8.04
C LEU A 25 -7.92 10.69 7.07
N ASP A 26 -7.40 11.83 7.52
CA ASP A 26 -6.50 12.70 6.74
C ASP A 26 -5.40 13.16 7.68
N GLY A 27 -4.16 12.78 7.38
CA GLY A 27 -2.94 13.03 8.10
C GLY A 27 -2.86 14.41 8.72
N GLY A 28 -3.11 15.43 7.91
CA GLY A 28 -3.07 16.81 8.35
C GLY A 28 -1.88 17.42 7.63
N ALA A 29 -0.69 17.48 8.24
CA ALA A 29 0.49 18.02 7.60
C ALA A 29 1.78 17.47 8.24
N GLY A 30 2.53 16.62 7.51
CA GLY A 30 3.77 16.04 7.96
C GLY A 30 3.82 14.54 7.71
N ASP A 31 4.81 13.92 8.34
CA ASP A 31 5.20 12.56 8.39
C ASP A 31 4.38 11.71 9.37
N ASP A 32 3.07 11.86 9.22
CA ASP A 32 2.05 11.19 10.01
C ASP A 32 1.85 9.75 9.56
N ILE A 33 1.17 8.97 10.39
CA ILE A 33 0.87 7.54 10.16
C ILE A 33 -0.66 7.36 10.18
N LEU A 34 -1.24 6.58 9.25
CA LEU A 34 -2.69 6.37 9.15
C LEU A 34 -3.11 4.88 8.97
N ASP A 35 -4.16 4.41 9.66
CA ASP A 35 -4.74 3.05 9.63
C ASP A 35 -6.27 3.08 9.85
N GLY A 36 -7.05 2.90 8.78
CA GLY A 36 -8.50 2.89 8.80
C GLY A 36 -9.08 1.77 9.66
N GLY A 37 -8.92 0.50 9.28
CA GLY A 37 -9.41 -0.65 10.02
C GLY A 37 -10.35 -1.55 9.21
N ALA A 38 -10.89 -2.61 9.85
CA ALA A 38 -11.78 -3.57 9.22
C ALA A 38 -13.04 -2.90 8.67
N GLY A 39 -13.12 -2.81 7.36
CA GLY A 39 -14.18 -2.18 6.64
C GLY A 39 -13.58 -1.60 5.39
N ARG A 40 -14.28 -0.63 4.82
CA ARG A 40 -13.92 0.10 3.65
C ARG A 40 -13.71 1.55 4.04
N ASP A 41 -12.48 1.97 4.25
CA ASP A 41 -12.14 3.33 4.64
C ASP A 41 -11.56 4.09 3.44
N ARG A 42 -11.61 5.43 3.49
CA ARG A 42 -11.08 6.26 2.44
C ARG A 42 -9.99 7.09 3.09
N LEU A 43 -8.77 6.66 2.88
CA LEU A 43 -7.59 7.27 3.42
C LEU A 43 -7.05 8.31 2.43
N SER A 44 -6.45 9.36 2.98
CA SER A 44 -5.88 10.49 2.25
C SER A 44 -4.70 10.94 3.12
N GLY A 45 -3.46 10.84 2.65
CA GLY A 45 -2.32 11.28 3.46
C GLY A 45 -2.40 12.78 3.67
N GLY A 46 -2.46 13.52 2.57
CA GLY A 46 -2.50 14.97 2.57
C GLY A 46 -1.09 15.47 2.28
N ALA A 47 -0.82 16.75 2.52
CA ALA A 47 0.50 17.34 2.30
C ALA A 47 1.45 16.73 3.35
N GLY A 48 2.32 15.80 2.97
CA GLY A 48 3.22 15.17 3.92
C GLY A 48 4.15 14.18 3.27
N ALA A 49 4.48 13.17 4.06
CA ALA A 49 5.33 12.02 3.79
C ALA A 49 4.73 10.96 4.72
N ASP A 50 3.56 10.45 4.36
CA ASP A 50 2.76 9.49 5.11
C ASP A 50 3.24 8.04 5.10
N THR A 51 2.64 7.25 5.98
CA THR A 51 2.85 5.83 6.14
C THR A 51 1.48 5.19 6.41
N PHE A 52 0.89 4.48 5.44
CA PHE A 52 -0.41 3.81 5.59
C PHE A 52 -0.11 2.42 6.14
N VAL A 53 -0.95 1.89 7.05
CA VAL A 53 -0.71 0.58 7.63
C VAL A 53 -1.99 -0.24 7.70
N PHE A 54 -2.21 -1.15 6.74
CA PHE A 54 -3.42 -1.99 6.79
C PHE A 54 -3.05 -3.26 7.55
N SER A 55 -3.92 -3.71 8.46
CA SER A 55 -3.62 -4.90 9.24
C SER A 55 -4.82 -5.58 9.89
N ALA A 56 -6.06 -5.14 9.65
CA ALA A 56 -7.18 -5.78 10.31
C ALA A 56 -7.47 -7.17 9.79
N ARG A 57 -8.09 -8.02 10.61
CA ARG A 57 -8.40 -9.39 10.20
C ARG A 57 -9.38 -9.42 9.03
N GLU A 58 -10.11 -8.33 8.80
CA GLU A 58 -11.04 -8.18 7.70
C GLU A 58 -10.50 -7.27 6.59
N ASP A 59 -9.73 -6.21 6.91
CA ASP A 59 -9.15 -5.24 5.97
C ASP A 59 -8.04 -5.88 5.15
N SER A 60 -8.37 -6.45 3.97
CA SER A 60 -7.41 -7.10 3.09
C SER A 60 -8.03 -7.46 1.73
N TYR A 61 -9.31 -7.84 1.71
CA TYR A 61 -10.01 -8.24 0.50
C TYR A 61 -11.51 -8.21 0.76
N ARG A 62 -12.30 -8.59 -0.25
CA ARG A 62 -13.74 -8.63 -0.18
C ARG A 62 -14.18 -10.08 -0.29
N THR A 63 -15.42 -10.33 0.11
CA THR A 63 -16.06 -11.62 0.09
C THR A 63 -17.46 -11.43 -0.48
N ASP A 64 -18.08 -12.53 -0.89
CA ASP A 64 -19.41 -12.70 -1.46
C ASP A 64 -20.41 -11.63 -0.99
N THR A 65 -20.77 -11.67 0.29
CA THR A 65 -21.72 -10.79 0.94
C THR A 65 -21.08 -9.67 1.78
N ALA A 66 -19.75 -9.59 1.90
CA ALA A 66 -19.09 -8.56 2.70
C ALA A 66 -17.84 -8.01 2.00
N VAL A 67 -17.95 -6.81 1.44
CA VAL A 67 -16.94 -6.09 0.74
C VAL A 67 -16.25 -5.14 1.73
N PHE A 68 -14.91 -5.18 1.77
CA PHE A 68 -14.06 -4.38 2.64
C PHE A 68 -12.92 -3.81 1.81
N ASN A 69 -13.24 -3.14 0.69
CA ASN A 69 -12.25 -2.56 -0.18
C ASN A 69 -11.70 -1.27 0.41
N ASP A 70 -10.40 -1.09 0.27
CA ASP A 70 -9.66 0.08 0.72
C ASP A 70 -9.66 1.06 -0.44
N LEU A 71 -9.52 2.35 -0.13
CA LEU A 71 -9.52 3.40 -1.15
C LEU A 71 -8.56 4.52 -0.77
N ILE A 72 -7.52 4.76 -1.55
CA ILE A 72 -6.56 5.81 -1.28
C ILE A 72 -6.85 6.95 -2.24
N LEU A 73 -7.01 8.14 -1.68
CA LEU A 73 -7.27 9.37 -2.39
C LEU A 73 -6.02 10.25 -2.35
N ASP A 74 -5.84 11.07 -3.38
CA ASP A 74 -4.73 12.01 -3.58
C ASP A 74 -3.36 11.48 -3.14
N PHE A 75 -2.91 10.42 -3.82
CA PHE A 75 -1.64 9.79 -3.53
C PHE A 75 -0.47 10.41 -4.29
N GLU A 76 0.64 10.65 -3.58
CA GLU A 76 1.89 11.19 -4.06
C GLU A 76 2.99 10.20 -3.68
N ALA A 77 3.35 9.24 -4.56
CA ALA A 77 4.41 8.29 -4.23
C ALA A 77 5.74 9.01 -4.00
N SER A 78 5.84 10.30 -4.36
CA SER A 78 7.02 11.10 -4.17
C SER A 78 7.38 11.18 -2.68
N GLU A 79 6.39 11.17 -1.76
CA GLU A 79 6.63 11.26 -0.32
C GLU A 79 5.89 10.20 0.50
N ASP A 80 4.67 9.85 0.09
CA ASP A 80 3.76 8.89 0.71
C ASP A 80 4.38 7.48 0.76
N ARG A 81 3.98 6.63 1.73
CA ARG A 81 4.50 5.26 1.90
C ARG A 81 3.40 4.34 2.40
N ILE A 82 3.53 3.03 2.17
CA ILE A 82 2.52 2.05 2.59
C ILE A 82 3.19 0.78 3.09
N ASP A 83 2.54 0.13 4.06
CA ASP A 83 2.97 -1.14 4.63
C ASP A 83 2.00 -2.18 4.11
N LEU A 84 2.51 -3.03 3.22
CA LEU A 84 1.76 -4.11 2.58
C LEU A 84 2.43 -5.47 2.78
N SER A 85 3.39 -5.59 3.70
CA SER A 85 4.04 -6.87 3.95
C SER A 85 3.31 -7.63 5.07
N ALA A 86 2.50 -6.94 5.86
CA ALA A 86 1.75 -7.49 6.97
C ALA A 86 0.66 -8.47 6.56
N LEU A 87 -0.18 -8.16 5.57
CA LEU A 87 -1.31 -8.98 5.08
C LEU A 87 -1.14 -9.29 3.59
N GLY A 88 -0.18 -10.13 3.22
CA GLY A 88 0.08 -10.48 1.84
C GLY A 88 1.32 -11.35 1.73
N PHE A 89 2.47 -10.73 1.48
CA PHE A 89 3.78 -11.39 1.33
C PHE A 89 4.86 -10.30 1.42
N SER A 90 6.15 -10.69 1.36
CA SER A 90 7.29 -9.76 1.44
C SER A 90 8.10 -9.71 0.12
N GLY A 91 7.62 -10.38 -0.93
CA GLY A 91 8.22 -10.44 -2.26
C GLY A 91 7.16 -10.18 -3.34
N LEU A 92 7.57 -10.16 -4.60
CA LEU A 92 6.70 -9.93 -5.75
C LEU A 92 6.58 -11.17 -6.62
N GLY A 93 5.70 -11.10 -7.62
CA GLY A 93 5.46 -12.20 -8.54
C GLY A 93 4.28 -11.94 -9.45
N ASP A 94 3.10 -12.49 -9.13
CA ASP A 94 1.88 -12.35 -9.94
C ASP A 94 0.59 -12.13 -9.14
N GLY A 95 0.68 -12.12 -7.81
CA GLY A 95 -0.47 -11.97 -6.92
C GLY A 95 -1.12 -13.32 -6.66
N TYR A 96 -0.43 -14.43 -6.92
CA TYR A 96 -0.86 -15.81 -6.74
C TYR A 96 0.24 -16.56 -6.00
N GLY A 97 -0.07 -17.72 -5.41
CA GLY A 97 0.88 -18.55 -4.67
C GLY A 97 1.74 -17.78 -3.65
N GLY A 98 1.24 -16.65 -3.13
CA GLY A 98 1.94 -15.81 -2.18
C GLY A 98 2.89 -14.87 -2.91
N THR A 99 2.35 -13.97 -3.73
CA THR A 99 3.13 -12.98 -4.48
C THR A 99 2.36 -11.64 -4.52
N LEU A 100 2.91 -10.63 -5.19
CA LEU A 100 2.38 -9.28 -5.36
C LEU A 100 2.51 -8.88 -6.83
N LEU A 101 1.47 -8.27 -7.40
CA LEU A 101 1.40 -7.77 -8.76
C LEU A 101 0.59 -6.49 -8.75
N LEU A 102 1.01 -5.51 -9.52
CA LEU A 102 0.36 -4.23 -9.67
C LEU A 102 0.30 -3.83 -11.14
N LYS A 103 -0.74 -3.10 -11.51
CA LYS A 103 -1.04 -2.61 -12.84
C LYS A 103 -1.89 -1.36 -12.71
N THR A 104 -2.14 -0.67 -13.81
CA THR A 104 -2.94 0.53 -13.83
C THR A 104 -4.22 0.27 -14.62
N ASN A 105 -5.19 1.17 -14.52
CA ASN A 105 -6.48 1.12 -15.21
C ASN A 105 -6.32 1.36 -16.72
N ALA A 106 -7.45 1.41 -17.45
CA ALA A 106 -7.53 1.62 -18.90
C ALA A 106 -6.82 2.88 -19.39
N GLU A 107 -6.69 3.90 -18.54
CA GLU A 107 -6.02 5.15 -18.87
C GLU A 107 -4.58 5.00 -18.39
N GLY A 108 -4.43 4.71 -17.10
CA GLY A 108 -3.17 4.51 -16.39
C GLY A 108 -3.06 5.33 -15.12
N THR A 109 -3.98 6.27 -14.85
CA THR A 109 -4.00 7.14 -13.68
C THR A 109 -4.31 6.39 -12.39
N ARG A 110 -5.29 5.48 -12.44
CA ARG A 110 -5.69 4.68 -11.28
C ARG A 110 -4.82 3.46 -11.28
N THR A 111 -4.26 3.22 -10.11
CA THR A 111 -3.35 2.15 -9.83
C THR A 111 -4.13 1.05 -9.09
N TYR A 112 -4.05 -0.19 -9.58
CA TYR A 112 -4.72 -1.39 -9.03
C TYR A 112 -3.70 -2.53 -8.83
N LEU A 113 -3.56 -3.05 -7.60
CA LEU A 113 -2.65 -4.15 -7.24
C LEU A 113 -3.42 -5.35 -6.72
N LYS A 114 -2.77 -6.50 -6.64
CA LYS A 114 -3.30 -7.76 -6.17
C LYS A 114 -2.27 -8.36 -5.23
N SER A 115 -2.67 -8.62 -4.00
CA SER A 115 -1.83 -9.21 -2.98
C SER A 115 -2.49 -10.55 -2.71
N PHE A 116 -1.84 -11.63 -3.17
CA PHE A 116 -2.25 -13.03 -3.04
C PHE A 116 -3.78 -13.18 -3.17
N GLU A 117 -4.32 -12.94 -4.36
CA GLU A 117 -5.76 -13.05 -4.62
C GLU A 117 -6.19 -14.51 -4.71
N ALA A 118 -7.46 -14.80 -4.38
CA ALA A 118 -8.03 -16.14 -4.42
C ALA A 118 -9.31 -16.18 -5.26
N ASP A 119 -10.28 -17.00 -4.87
CA ASP A 119 -11.54 -17.18 -5.58
C ASP A 119 -12.59 -16.14 -5.22
N ALA A 120 -13.52 -15.90 -6.14
CA ALA A 120 -14.63 -14.96 -6.00
C ALA A 120 -15.65 -15.41 -4.93
N GLU A 121 -15.47 -16.62 -4.39
CA GLU A 121 -16.29 -17.24 -3.37
C GLU A 121 -15.48 -17.41 -2.08
N GLY A 122 -14.15 -17.41 -2.16
CA GLY A 122 -13.26 -17.56 -1.02
C GLY A 122 -12.88 -16.21 -0.46
N ARG A 123 -12.09 -15.46 -1.21
CA ARG A 123 -11.58 -14.14 -0.83
C ARG A 123 -10.92 -13.52 -2.03
N ARG A 124 -11.27 -12.28 -2.41
CA ARG A 124 -10.64 -11.65 -3.55
C ARG A 124 -10.31 -10.20 -3.26
N PHE A 125 -9.05 -9.87 -3.51
CA PHE A 125 -8.43 -8.59 -3.32
C PHE A 125 -8.76 -7.63 -4.46
N GLU A 126 -9.23 -6.44 -4.09
CA GLU A 126 -9.53 -5.34 -5.00
C GLU A 126 -9.50 -4.11 -4.12
N VAL A 127 -8.55 -3.22 -4.37
CA VAL A 127 -8.33 -1.97 -3.67
C VAL A 127 -8.19 -0.93 -4.78
N ALA A 128 -8.29 0.35 -4.45
CA ALA A 128 -8.19 1.39 -5.47
C ALA A 128 -7.31 2.53 -4.97
N LEU A 129 -6.33 2.92 -5.78
CA LEU A 129 -5.40 4.00 -5.48
C LEU A 129 -5.56 5.02 -6.59
N ASP A 130 -6.08 6.20 -6.26
CA ASP A 130 -6.27 7.29 -7.21
C ASP A 130 -5.26 8.38 -6.91
N GLY A 131 -4.24 8.52 -7.75
CA GLY A 131 -3.20 9.52 -7.58
C GLY A 131 -2.96 10.24 -8.89
N ASP A 132 -2.31 11.40 -8.79
CA ASP A 132 -1.95 12.27 -9.90
C ASP A 132 -0.55 12.85 -9.69
N HIS A 133 0.21 12.29 -8.74
CA HIS A 133 1.55 12.69 -8.35
C HIS A 133 2.48 11.47 -8.33
N THR A 134 2.90 11.02 -9.51
CA THR A 134 3.79 9.90 -9.75
C THR A 134 3.43 8.71 -8.87
N GLY A 135 2.35 8.00 -9.19
CA GLY A 135 1.92 6.82 -8.41
C GLY A 135 2.87 5.63 -8.55
N ASP A 136 4.04 5.83 -9.16
CA ASP A 136 5.06 4.81 -9.39
C ASP A 136 5.68 4.35 -8.07
N LEU A 137 5.88 3.04 -7.89
CA LEU A 137 6.48 2.47 -6.71
C LEU A 137 8.01 2.55 -6.74
N SER A 138 8.60 2.61 -5.56
CA SER A 138 10.00 2.70 -5.30
C SER A 138 10.27 1.91 -4.02
N ALA A 139 11.50 2.06 -3.56
CA ALA A 139 11.99 1.44 -2.33
C ALA A 139 11.46 2.26 -1.13
N ALA A 140 10.98 3.48 -1.38
CA ALA A 140 10.42 4.40 -0.41
C ALA A 140 8.92 4.15 -0.28
N ASN A 141 8.18 4.17 -1.40
CA ASN A 141 6.73 3.97 -1.43
C ASN A 141 6.33 2.67 -0.72
N VAL A 142 7.09 1.63 -0.95
CA VAL A 142 6.87 0.31 -0.38
C VAL A 142 7.67 0.18 0.91
N VAL A 143 7.11 -0.56 1.88
CA VAL A 143 7.73 -0.86 3.17
C VAL A 143 9.02 -1.65 2.87
N PHE A 144 9.93 -1.73 3.85
CA PHE A 144 11.17 -2.47 3.69
C PHE A 144 10.92 -3.92 3.28
N ALA A 145 9.78 -4.48 3.68
CA ALA A 145 9.37 -5.85 3.38
C ALA A 145 10.49 -6.81 3.81
N ALA A 146 10.88 -6.66 5.08
CA ALA A 146 11.93 -7.39 5.76
C ALA A 146 13.26 -7.44 5.01
N THR A 147 13.57 -6.38 4.25
CA THR A 147 14.84 -6.32 3.53
C THR A 147 15.90 -5.95 4.57
N GLY A 148 17.14 -6.38 4.35
CA GLY A 148 18.25 -6.11 5.25
C GLY A 148 19.27 -5.30 4.47
N THR A 149 20.08 -6.00 3.69
CA THR A 149 21.13 -5.46 2.86
C THR A 149 21.21 -6.33 1.61
N THR A 150 20.85 -5.82 0.43
CA THR A 150 20.90 -6.56 -0.83
C THR A 150 21.20 -5.67 -2.06
N THR A 151 21.49 -4.38 -1.84
CA THR A 151 21.78 -3.42 -2.89
C THR A 151 23.21 -2.92 -2.69
N GLU A 152 23.95 -2.75 -3.79
CA GLU A 152 25.34 -2.32 -3.76
C GLU A 152 25.77 -1.76 -5.11
N LEU A 153 26.96 -1.18 -5.16
CA LEU A 153 27.58 -0.64 -6.34
C LEU A 153 28.42 -1.78 -6.93
N GLU A 154 27.79 -2.65 -7.70
CA GLU A 154 28.48 -3.77 -8.34
C GLU A 154 29.57 -3.17 -9.26
N VAL A 155 30.70 -3.86 -9.47
CA VAL A 155 31.80 -3.36 -10.30
C VAL A 155 32.24 -4.47 -11.26
N LEU A 156 32.79 -4.07 -12.40
CA LEU A 156 33.30 -4.96 -13.43
C LEU A 156 34.53 -5.64 -12.84
N GLY A 157 34.44 -6.93 -12.53
CA GLY A 157 35.53 -7.70 -11.96
C GLY A 157 35.30 -9.17 -12.24
N ASP A 158 34.73 -9.89 -11.27
CA ASP A 158 34.44 -11.32 -11.34
C ASP A 158 33.01 -11.65 -10.90
N SER A 159 32.38 -10.87 -10.02
CA SER A 159 31.02 -11.08 -9.54
C SER A 159 30.49 -9.86 -8.79
N GLY A 160 29.16 -9.82 -8.62
CA GLY A 160 28.39 -8.79 -7.93
C GLY A 160 27.54 -9.49 -6.86
N THR A 161 26.38 -8.95 -6.51
CA THR A 161 25.49 -9.55 -5.53
C THR A 161 24.78 -10.74 -6.20
N GLN A 162 24.33 -10.57 -7.45
CA GLN A 162 23.65 -11.63 -8.16
C GLN A 162 24.65 -12.72 -8.59
N ALA A 163 25.55 -12.41 -9.53
CA ALA A 163 26.57 -13.31 -10.06
C ALA A 163 27.56 -12.51 -10.91
N GLY A 164 28.37 -13.22 -11.69
CA GLY A 164 29.41 -12.84 -12.65
C GLY A 164 30.03 -14.16 -13.12
N ALA A 165 30.71 -14.20 -14.28
CA ALA A 165 31.34 -15.43 -14.78
C ALA A 165 32.17 -15.21 -16.05
N ILE A 166 31.70 -14.35 -16.95
CA ILE A 166 32.35 -14.01 -18.20
C ILE A 166 32.44 -12.49 -18.12
N VAL A 167 33.14 -12.06 -17.06
CA VAL A 167 33.33 -10.68 -16.65
C VAL A 167 31.93 -10.24 -16.17
N GLY A 1 -8.55 7.88 20.33
CA GLY A 1 -8.06 8.42 19.06
C GLY A 1 -9.24 8.80 18.17
N SER A 2 -9.02 9.72 17.23
CA SER A 2 -10.07 10.16 16.32
C SER A 2 -10.27 9.07 15.26
N ASP A 3 -11.32 9.19 14.44
CA ASP A 3 -11.56 8.22 13.37
C ASP A 3 -10.39 8.30 12.38
N GLY A 4 -9.80 9.48 12.23
CA GLY A 4 -8.66 9.73 11.36
C GLY A 4 -8.35 11.20 11.27
N GLU A 5 -7.14 11.51 10.80
CA GLU A 5 -6.54 12.83 10.58
C GLU A 5 -5.82 12.77 9.23
N PRO A 6 -5.71 13.86 8.45
CA PRO A 6 -4.98 13.82 7.19
C PRO A 6 -3.49 13.82 7.54
N LEU A 7 -2.62 13.14 6.77
CA LEU A 7 -1.20 13.10 7.03
C LEU A 7 -0.53 13.55 5.75
N VAL A 8 0.44 14.41 5.95
CA VAL A 8 1.25 15.03 4.92
C VAL A 8 2.72 15.00 5.42
N GLY A 9 3.52 14.04 4.94
CA GLY A 9 4.94 13.89 5.28
C GLY A 9 5.63 15.22 4.94
N GLY A 10 6.63 15.63 5.72
CA GLY A 10 7.31 16.91 5.54
C GLY A 10 8.65 16.93 4.83
N ASP A 11 8.77 16.39 3.61
CA ASP A 11 10.03 16.43 2.82
C ASP A 11 11.19 15.79 3.57
N THR A 12 10.83 14.82 4.39
CA THR A 12 11.74 14.05 5.23
C THR A 12 11.23 12.62 5.39
N ASP A 13 12.16 11.66 5.35
CA ASP A 13 11.91 10.24 5.49
C ASP A 13 11.29 9.88 6.84
N ASP A 14 10.18 9.15 6.78
CA ASP A 14 9.41 8.64 7.88
C ASP A 14 8.56 7.47 7.38
N GLN A 15 7.89 6.84 8.32
CA GLN A 15 7.02 5.69 8.11
C GLN A 15 5.62 6.12 8.54
N LEU A 16 4.83 6.54 7.56
CA LEU A 16 3.46 7.01 7.74
C LEU A 16 2.52 5.82 7.89
N GLN A 17 2.08 5.46 9.09
CA GLN A 17 1.16 4.34 9.30
C GLN A 17 -0.31 4.77 9.41
N GLY A 18 -1.24 3.89 9.04
CA GLY A 18 -2.68 4.15 9.07
C GLY A 18 -3.25 4.00 10.49
N GLY A 19 -2.66 3.11 11.29
CA GLY A 19 -3.06 2.88 12.67
C GLY A 19 -4.41 2.23 12.90
N SER A 20 -5.07 1.68 11.86
CA SER A 20 -6.38 1.00 11.87
C SER A 20 -7.55 1.97 11.71
N GLY A 21 -7.29 3.27 11.83
CA GLY A 21 -8.25 4.32 11.65
C GLY A 21 -8.47 4.50 10.15
N ALA A 22 -9.17 5.55 9.73
CA ALA A 22 -9.38 5.84 8.33
C ALA A 22 -8.54 7.09 8.11
N ASP A 23 -7.31 6.89 7.68
CA ASP A 23 -6.32 7.92 7.44
C ASP A 23 -6.20 8.18 5.93
N ARG A 24 -5.58 9.29 5.57
CA ARG A 24 -5.32 9.68 4.19
C ARG A 24 -3.95 10.28 4.37
N LEU A 25 -2.95 9.47 4.04
CA LEU A 25 -1.55 9.82 4.18
C LEU A 25 -0.88 9.98 2.84
N ASP A 26 0.02 10.96 2.80
CA ASP A 26 0.79 11.29 1.62
C ASP A 26 2.23 11.58 2.04
N GLY A 27 3.18 10.96 1.34
CA GLY A 27 4.62 11.10 1.59
C GLY A 27 5.05 12.54 1.37
N GLY A 28 4.78 13.09 0.19
CA GLY A 28 5.13 14.46 -0.17
C GLY A 28 6.20 14.52 -1.25
N ALA A 29 7.45 14.78 -0.88
CA ALA A 29 8.57 14.88 -1.79
C ALA A 29 9.80 14.32 -1.07
N GLY A 30 10.10 13.04 -1.26
CA GLY A 30 11.24 12.41 -0.63
C GLY A 30 11.19 10.92 -0.90
N ASP A 31 12.06 10.16 -0.21
CA ASP A 31 12.26 8.75 -0.21
C ASP A 31 11.70 8.43 1.18
N ASP A 32 10.38 8.30 1.29
CA ASP A 32 9.61 8.06 2.51
C ASP A 32 8.73 6.82 2.28
N ILE A 33 8.16 6.21 3.32
CA ILE A 33 7.33 5.01 3.17
C ILE A 33 6.01 5.17 3.95
N LEU A 34 4.94 4.45 3.56
CA LEU A 34 3.63 4.55 4.19
C LEU A 34 2.99 3.16 4.37
N ASP A 35 1.95 3.07 5.20
CA ASP A 35 1.17 1.87 5.54
C ASP A 35 -0.31 2.22 5.63
N GLY A 36 -1.16 1.45 4.96
CA GLY A 36 -2.59 1.68 4.95
C GLY A 36 -3.30 1.27 6.25
N GLY A 37 -2.73 0.35 7.01
CA GLY A 37 -3.30 -0.15 8.26
C GLY A 37 -4.61 -0.92 8.02
N ALA A 38 -5.13 -1.60 9.05
CA ALA A 38 -6.38 -2.35 8.90
C ALA A 38 -7.53 -1.35 8.80
N GLY A 39 -8.05 -1.18 7.60
CA GLY A 39 -9.11 -0.29 7.24
C GLY A 39 -9.07 0.00 5.74
N ARG A 40 -9.86 0.97 5.30
CA ARG A 40 -10.00 1.45 3.93
C ARG A 40 -9.52 2.90 3.93
N ASP A 41 -8.28 3.07 3.50
CA ASP A 41 -7.59 4.36 3.49
C ASP A 41 -7.35 4.84 2.06
N ARG A 42 -7.04 6.14 1.90
CA ARG A 42 -6.78 6.78 0.62
C ARG A 42 -5.36 7.35 0.62
N LEU A 43 -4.41 6.69 -0.04
CA LEU A 43 -3.02 7.10 -0.12
C LEU A 43 -2.60 7.71 -1.46
N SER A 44 -1.64 8.64 -1.41
CA SER A 44 -1.05 9.37 -2.53
C SER A 44 0.39 9.67 -2.11
N GLY A 45 1.38 8.91 -2.59
CA GLY A 45 2.78 9.08 -2.20
C GLY A 45 3.41 10.40 -2.57
N GLY A 46 3.23 10.83 -3.82
CA GLY A 46 3.84 12.06 -4.30
C GLY A 46 5.17 11.71 -4.98
N ALA A 47 5.93 12.71 -5.41
CA ALA A 47 7.21 12.50 -6.08
C ALA A 47 8.17 11.75 -5.14
N GLY A 48 8.67 10.59 -5.56
CA GLY A 48 9.57 9.76 -4.78
C GLY A 48 9.47 8.30 -5.20
N ALA A 49 10.23 7.43 -4.53
CA ALA A 49 10.23 5.99 -4.77
C ALA A 49 9.59 5.51 -3.46
N ASP A 50 8.28 5.66 -3.35
CA ASP A 50 7.47 5.37 -2.18
C ASP A 50 7.16 3.90 -2.08
N THR A 51 6.89 3.45 -0.86
CA THR A 51 6.58 2.05 -0.58
C THR A 51 5.26 1.93 0.18
N PHE A 52 4.31 1.13 -0.33
CA PHE A 52 3.03 0.88 0.31
C PHE A 52 3.23 -0.39 1.10
N VAL A 53 2.98 -0.35 2.40
CA VAL A 53 3.12 -1.50 3.28
C VAL A 53 1.72 -1.88 3.75
N PHE A 54 1.15 -2.92 3.13
CA PHE A 54 -0.18 -3.42 3.45
C PHE A 54 0.05 -4.85 3.94
N SER A 55 -0.22 -5.16 5.22
CA SER A 55 -0.01 -6.51 5.73
C SER A 55 -0.79 -6.87 7.00
N ALA A 56 -2.06 -6.45 7.14
CA ALA A 56 -2.87 -6.78 8.32
C ALA A 56 -3.98 -7.77 7.97
N ARG A 57 -4.72 -8.24 8.97
CA ARG A 57 -5.82 -9.19 8.76
C ARG A 57 -6.91 -8.59 7.89
N GLU A 58 -7.32 -7.36 8.20
CA GLU A 58 -8.34 -6.65 7.46
C GLU A 58 -7.72 -6.00 6.22
N ASP A 59 -6.48 -5.50 6.36
CA ASP A 59 -5.72 -4.87 5.28
C ASP A 59 -5.16 -6.00 4.39
N SER A 60 -6.06 -6.71 3.73
CA SER A 60 -5.74 -7.84 2.88
C SER A 60 -6.85 -8.13 1.87
N TYR A 61 -8.11 -7.97 2.27
CA TYR A 61 -9.25 -8.26 1.41
C TYR A 61 -10.52 -7.63 1.99
N ARG A 62 -11.64 -7.81 1.29
CA ARG A 62 -12.95 -7.33 1.70
C ARG A 62 -13.77 -8.58 1.96
N THR A 63 -14.78 -8.41 2.80
CA THR A 63 -15.68 -9.49 3.17
C THR A 63 -17.09 -8.93 3.11
N ASP A 64 -18.08 -9.82 3.03
CA ASP A 64 -19.47 -9.42 2.97
C ASP A 64 -19.89 -8.57 4.18
N THR A 65 -19.19 -8.71 5.31
CA THR A 65 -19.47 -7.95 6.52
C THR A 65 -18.63 -6.66 6.63
N ALA A 66 -17.50 -6.53 5.91
CA ALA A 66 -16.66 -5.34 5.98
C ALA A 66 -15.71 -5.20 4.78
N VAL A 67 -15.82 -4.09 4.05
CA VAL A 67 -14.99 -3.77 2.89
C VAL A 67 -13.77 -2.98 3.39
N PHE A 68 -12.58 -3.33 2.90
CA PHE A 68 -11.33 -2.65 3.27
C PHE A 68 -10.55 -2.23 2.02
N ASN A 69 -11.26 -2.04 0.90
CA ASN A 69 -10.74 -1.67 -0.40
C ASN A 69 -9.95 -0.36 -0.34
N ASP A 70 -8.63 -0.43 -0.39
CA ASP A 70 -7.72 0.72 -0.37
C ASP A 70 -7.83 1.43 -1.74
N LEU A 71 -7.51 2.72 -1.79
CA LEU A 71 -7.54 3.55 -2.98
C LEU A 71 -6.20 4.27 -3.09
N ILE A 72 -5.41 3.89 -4.09
CA ILE A 72 -4.10 4.47 -4.35
C ILE A 72 -4.29 5.49 -5.46
N LEU A 73 -3.71 6.66 -5.30
CA LEU A 73 -3.72 7.75 -6.28
C LEU A 73 -2.29 7.83 -6.83
N ASP A 74 -2.12 8.49 -7.98
CA ASP A 74 -0.88 8.75 -8.71
C ASP A 74 0.21 7.68 -8.59
N PHE A 75 -0.08 6.45 -9.01
CA PHE A 75 0.90 5.36 -8.97
C PHE A 75 2.06 5.75 -9.90
N GLU A 76 3.30 5.39 -9.59
CA GLU A 76 4.46 5.71 -10.40
C GLU A 76 5.33 4.46 -10.49
N ALA A 77 4.89 3.46 -11.25
CA ALA A 77 5.56 2.17 -11.48
C ALA A 77 7.05 2.26 -11.80
N SER A 78 7.55 3.43 -12.20
CA SER A 78 8.96 3.66 -12.49
C SER A 78 9.78 3.78 -11.19
N GLU A 79 9.21 4.24 -10.06
CA GLU A 79 9.90 4.44 -8.78
C GLU A 79 9.16 3.83 -7.59
N ASP A 80 7.82 3.83 -7.59
CA ASP A 80 7.03 3.28 -6.49
C ASP A 80 7.24 1.79 -6.31
N ARG A 81 6.87 1.35 -5.12
CA ARG A 81 6.95 -0.05 -4.72
C ARG A 81 5.88 -0.44 -3.72
N ILE A 82 5.67 -1.76 -3.55
CA ILE A 82 4.69 -2.31 -2.63
C ILE A 82 5.34 -3.47 -1.88
N ASP A 83 4.95 -3.66 -0.63
CA ASP A 83 5.42 -4.72 0.25
C ASP A 83 4.20 -5.61 0.50
N LEU A 84 4.26 -6.86 0.05
CA LEU A 84 3.17 -7.83 0.21
C LEU A 84 3.67 -9.24 0.54
N SER A 85 4.94 -9.41 0.91
CA SER A 85 5.54 -10.71 1.23
C SER A 85 4.67 -11.53 2.20
N ALA A 86 3.98 -10.88 3.14
CA ALA A 86 3.12 -11.57 4.09
C ALA A 86 1.80 -12.06 3.51
N LEU A 87 1.19 -11.34 2.56
CA LEU A 87 -0.08 -11.68 1.95
C LEU A 87 -0.13 -11.30 0.47
N GLY A 88 0.21 -12.23 -0.42
CA GLY A 88 0.21 -11.99 -1.85
C GLY A 88 1.39 -12.67 -2.51
N PHE A 89 1.12 -13.74 -3.27
CA PHE A 89 2.21 -14.42 -3.97
C PHE A 89 2.78 -13.49 -5.04
N SER A 90 3.89 -13.87 -5.65
CA SER A 90 4.57 -13.09 -6.69
C SER A 90 4.52 -13.77 -8.06
N GLY A 91 4.13 -15.03 -8.12
CA GLY A 91 4.01 -15.80 -9.34
C GLY A 91 2.57 -15.67 -9.80
N LEU A 92 2.35 -14.85 -10.84
CA LEU A 92 1.01 -14.67 -11.37
C LEU A 92 0.56 -15.94 -12.07
N GLY A 93 -0.74 -16.17 -12.09
CA GLY A 93 -1.38 -17.34 -12.70
C GLY A 93 -2.81 -16.97 -13.01
N ASP A 94 -3.73 -17.10 -12.05
CA ASP A 94 -5.15 -16.75 -12.27
C ASP A 94 -5.84 -16.17 -11.03
N GLY A 95 -5.16 -15.99 -9.91
CA GLY A 95 -5.79 -15.44 -8.70
C GLY A 95 -6.65 -16.50 -8.00
N TYR A 96 -6.30 -17.78 -8.21
CA TYR A 96 -7.06 -18.88 -7.63
C TYR A 96 -6.67 -19.23 -6.22
N GLY A 97 -5.51 -19.83 -6.14
CA GLY A 97 -4.84 -20.29 -4.94
C GLY A 97 -3.54 -19.57 -4.73
N GLY A 98 -2.43 -20.26 -5.01
CA GLY A 98 -1.09 -19.73 -4.88
C GLY A 98 -0.77 -18.77 -6.03
N THR A 99 -1.78 -18.16 -6.68
CA THR A 99 -1.59 -17.25 -7.78
C THR A 99 -2.40 -15.98 -7.56
N LEU A 100 -2.07 -14.92 -8.30
CA LEU A 100 -2.68 -13.64 -8.32
C LEU A 100 -3.11 -13.37 -9.76
N LEU A 101 -3.95 -12.36 -9.95
CA LEU A 101 -4.48 -11.89 -11.23
C LEU A 101 -4.51 -10.38 -11.18
N LEU A 102 -4.21 -9.74 -12.29
CA LEU A 102 -4.19 -8.29 -12.43
C LEU A 102 -5.03 -7.95 -13.66
N LYS A 103 -5.78 -6.85 -13.62
CA LYS A 103 -6.62 -6.42 -14.74
C LYS A 103 -6.71 -4.89 -14.75
N THR A 104 -7.28 -4.35 -15.82
CA THR A 104 -7.45 -2.92 -16.02
C THR A 104 -8.90 -2.64 -16.40
N ASN A 105 -9.37 -1.43 -16.08
CA ASN A 105 -10.72 -0.99 -16.40
C ASN A 105 -10.85 -0.77 -17.91
N ALA A 106 -12.04 -0.39 -18.39
CA ALA A 106 -12.31 -0.15 -19.80
C ALA A 106 -11.32 0.87 -20.39
N GLU A 107 -11.12 2.02 -19.74
CA GLU A 107 -10.22 3.05 -20.21
C GLU A 107 -8.76 2.63 -20.06
N GLY A 108 -8.46 1.87 -19.01
CA GLY A 108 -7.17 1.32 -18.62
C GLY A 108 -6.46 2.15 -17.55
N THR A 109 -6.96 3.35 -17.22
CA THR A 109 -6.37 4.26 -16.25
C THR A 109 -6.58 3.75 -14.81
N ARG A 110 -7.39 2.71 -14.64
CA ARG A 110 -7.63 2.12 -13.35
C ARG A 110 -7.24 0.66 -13.38
N THR A 111 -6.39 0.29 -12.45
CA THR A 111 -5.90 -1.06 -12.30
C THR A 111 -6.69 -1.70 -11.16
N TYR A 112 -7.24 -2.89 -11.43
CA TYR A 112 -7.99 -3.67 -10.45
C TYR A 112 -7.31 -5.04 -10.50
N LEU A 113 -6.69 -5.46 -9.42
CA LEU A 113 -5.97 -6.74 -9.31
C LEU A 113 -6.56 -7.51 -8.12
N LYS A 114 -6.27 -8.82 -8.05
CA LYS A 114 -6.73 -9.74 -7.02
C LYS A 114 -5.60 -10.70 -6.68
N SER A 115 -5.18 -10.75 -5.43
CA SER A 115 -4.14 -11.66 -4.97
C SER A 115 -4.91 -12.69 -4.15
N PHE A 116 -5.05 -13.90 -4.70
CA PHE A 116 -5.76 -15.04 -4.13
C PHE A 116 -7.15 -14.65 -3.59
N GLU A 117 -8.12 -14.44 -4.48
CA GLU A 117 -9.47 -14.14 -4.03
C GLU A 117 -10.13 -15.49 -3.73
N ALA A 118 -11.16 -15.53 -2.88
CA ALA A 118 -11.85 -16.76 -2.54
C ALA A 118 -13.35 -16.56 -2.74
N ASP A 119 -14.12 -16.58 -1.65
CA ASP A 119 -15.56 -16.39 -1.68
C ASP A 119 -15.90 -15.05 -1.06
N ALA A 120 -17.05 -14.49 -1.45
CA ALA A 120 -17.57 -13.22 -1.00
C ALA A 120 -17.80 -13.15 0.51
N GLU A 121 -17.78 -14.28 1.22
CA GLU A 121 -17.99 -14.33 2.66
C GLU A 121 -16.68 -14.64 3.40
N GLY A 122 -15.85 -15.53 2.83
CA GLY A 122 -14.57 -15.91 3.42
C GLY A 122 -13.61 -14.74 3.31
N ARG A 123 -13.20 -14.42 2.08
CA ARG A 123 -12.29 -13.32 1.76
C ARG A 123 -12.18 -13.14 0.25
N ARG A 124 -12.33 -11.91 -0.25
CA ARG A 124 -12.23 -11.63 -1.68
C ARG A 124 -11.40 -10.36 -1.79
N PHE A 125 -10.34 -10.39 -2.59
CA PHE A 125 -9.42 -9.28 -2.76
C PHE A 125 -10.00 -8.26 -3.74
N GLU A 126 -10.17 -7.01 -3.30
CA GLU A 126 -10.69 -5.94 -4.13
C GLU A 126 -10.03 -4.62 -3.71
N VAL A 127 -9.30 -3.99 -4.61
CA VAL A 127 -8.59 -2.74 -4.40
C VAL A 127 -8.79 -1.87 -5.64
N ALA A 128 -8.47 -0.57 -5.54
CA ALA A 128 -8.61 0.36 -6.65
C ALA A 128 -7.34 1.18 -6.77
N LEU A 129 -6.69 1.16 -7.93
CA LEU A 129 -5.47 1.89 -8.18
C LEU A 129 -5.72 2.80 -9.39
N ASP A 130 -5.50 4.11 -9.23
CA ASP A 130 -5.71 5.11 -10.28
C ASP A 130 -4.40 5.66 -10.87
N GLY A 131 -4.02 5.30 -12.10
CA GLY A 131 -2.79 5.76 -12.75
C GLY A 131 -2.68 5.34 -14.23
N ASP A 132 -1.72 5.95 -14.93
CA ASP A 132 -1.45 5.75 -16.37
C ASP A 132 -0.19 4.92 -16.64
N HIS A 133 0.84 5.06 -15.79
CA HIS A 133 2.12 4.36 -15.92
C HIS A 133 2.12 2.94 -15.30
N THR A 134 1.00 2.54 -14.72
CA THR A 134 0.70 1.28 -14.05
C THR A 134 0.74 0.11 -15.03
N GLY A 135 0.57 -1.09 -14.50
CA GLY A 135 0.59 -2.33 -15.23
C GLY A 135 1.96 -2.96 -15.13
N ASP A 136 3.02 -2.15 -15.13
CA ASP A 136 4.37 -2.72 -15.02
C ASP A 136 4.75 -2.95 -13.57
N LEU A 137 5.26 -4.12 -13.28
CA LEU A 137 5.74 -4.59 -12.00
C LEU A 137 7.14 -5.16 -12.26
N SER A 138 8.02 -5.11 -11.28
CA SER A 138 9.36 -5.60 -11.37
C SER A 138 9.75 -6.07 -9.97
N ALA A 139 10.96 -6.57 -9.94
CA ALA A 139 11.59 -7.07 -8.73
C ALA A 139 11.82 -5.91 -7.75
N ALA A 140 11.83 -4.66 -8.22
CA ALA A 140 12.01 -3.46 -7.42
C ALA A 140 10.65 -2.89 -7.00
N ASN A 141 9.56 -3.33 -7.65
CA ASN A 141 8.19 -2.90 -7.38
C ASN A 141 7.50 -3.80 -6.34
N VAL A 142 8.11 -4.94 -6.00
CA VAL A 142 7.59 -5.92 -5.05
C VAL A 142 8.66 -6.41 -4.07
N VAL A 143 8.26 -6.59 -2.80
CA VAL A 143 9.12 -7.09 -1.74
C VAL A 143 9.10 -8.62 -1.82
N PHE A 144 10.28 -9.22 -1.81
CA PHE A 144 10.47 -10.65 -1.86
C PHE A 144 10.43 -11.21 -0.44
N ALA A 145 11.04 -10.48 0.50
CA ALA A 145 11.16 -10.73 1.92
C ALA A 145 11.73 -9.42 2.43
N ALA A 146 11.04 -8.75 3.34
CA ALA A 146 11.43 -7.49 3.93
C ALA A 146 12.70 -7.61 4.79
N THR A 147 13.87 -7.53 4.15
CA THR A 147 15.19 -7.60 4.77
C THR A 147 15.42 -6.42 5.71
N GLY A 148 16.56 -6.39 6.40
CA GLY A 148 16.91 -5.32 7.33
C GLY A 148 16.02 -5.32 8.57
N THR A 149 16.20 -4.34 9.44
CA THR A 149 15.43 -4.17 10.67
C THR A 149 15.04 -2.69 10.79
N THR A 150 14.08 -2.40 11.67
CA THR A 150 13.55 -1.08 11.96
C THR A 150 14.57 -0.32 12.82
N THR A 151 15.48 0.41 12.19
CA THR A 151 16.53 1.21 12.81
C THR A 151 17.00 2.23 11.77
N GLU A 152 17.57 3.32 12.26
CA GLU A 152 18.11 4.38 11.42
C GLU A 152 19.32 3.83 10.67
N LEU A 153 19.50 4.26 9.42
CA LEU A 153 20.62 3.80 8.59
C LEU A 153 21.71 4.86 8.46
N GLU A 154 21.52 6.06 9.03
CA GLU A 154 22.48 7.14 8.99
C GLU A 154 22.26 8.07 10.18
N VAL A 155 23.31 8.76 10.61
CA VAL A 155 23.38 9.69 11.74
C VAL A 155 22.81 11.08 11.42
N LEU A 156 21.91 11.09 10.46
CA LEU A 156 21.20 12.25 9.94
C LEU A 156 20.52 12.98 11.11
N GLY A 157 20.34 14.29 10.98
CA GLY A 157 19.78 15.22 11.95
C GLY A 157 18.34 15.04 12.45
N ASP A 158 17.86 13.83 12.74
CA ASP A 158 16.50 13.61 13.25
C ASP A 158 16.49 12.37 14.14
N SER A 159 15.36 12.09 14.79
CA SER A 159 15.11 10.98 15.70
C SER A 159 15.09 9.61 14.99
N GLY A 160 15.00 8.54 15.78
CA GLY A 160 14.95 7.17 15.29
C GLY A 160 13.56 6.88 14.72
N THR A 161 13.19 5.60 14.60
CA THR A 161 11.90 5.15 14.07
C THR A 161 10.77 5.62 15.01
N GLN A 162 10.29 6.85 14.85
CA GLN A 162 9.23 7.45 15.66
C GLN A 162 8.45 8.48 14.84
N ALA A 163 7.48 8.04 14.03
CA ALA A 163 6.69 8.98 13.25
C ALA A 163 5.74 9.70 14.22
N GLY A 164 5.45 10.98 13.99
CA GLY A 164 4.57 11.81 14.79
C GLY A 164 5.33 12.98 15.42
N ALA A 165 5.57 14.04 14.65
CA ALA A 165 6.24 15.27 15.02
C ALA A 165 5.62 16.40 14.19
N ILE A 166 5.88 17.68 14.50
CA ILE A 166 5.32 18.79 13.73
C ILE A 166 6.35 19.91 13.55
N VAL A 167 5.96 21.00 12.88
CA VAL A 167 6.79 22.16 12.60
C VAL A 167 5.95 23.34 13.07
N GLY A 1 -17.14 -1.23 22.84
CA GLY A 1 -17.18 -1.67 21.44
C GLY A 1 -17.91 -0.67 20.56
N SER A 2 -17.40 -0.48 19.35
CA SER A 2 -17.94 0.42 18.33
C SER A 2 -17.90 -0.31 16.98
N ASP A 3 -18.16 0.44 15.91
CA ASP A 3 -18.17 0.00 14.52
C ASP A 3 -16.86 0.40 13.84
N GLY A 4 -16.48 1.67 13.98
CA GLY A 4 -15.27 2.29 13.44
C GLY A 4 -15.07 3.59 14.20
N GLU A 5 -13.82 4.01 14.35
CA GLU A 5 -13.41 5.21 15.08
C GLU A 5 -12.64 6.17 14.15
N PRO A 6 -13.34 7.05 13.40
CA PRO A 6 -12.76 8.01 12.45
C PRO A 6 -11.97 9.12 13.17
N LEU A 7 -10.77 9.49 12.67
CA LEU A 7 -9.89 10.49 13.26
C LEU A 7 -9.69 11.61 12.26
N VAL A 8 -10.18 12.78 12.61
CA VAL A 8 -10.06 13.98 11.80
C VAL A 8 -8.89 14.79 12.36
N GLY A 9 -7.74 14.72 11.67
CA GLY A 9 -6.51 15.43 12.03
C GLY A 9 -6.70 16.95 12.01
N GLY A 10 -5.69 17.68 12.44
CA GLY A 10 -5.74 19.15 12.51
C GLY A 10 -5.17 19.86 11.29
N ASP A 11 -4.01 20.47 11.51
CA ASP A 11 -3.25 21.28 10.54
C ASP A 11 -1.74 21.15 10.82
N THR A 12 -1.35 20.13 11.60
CA THR A 12 0.02 19.82 11.99
C THR A 12 0.28 18.34 11.79
N ASP A 13 1.44 18.02 11.23
CA ASP A 13 1.88 16.66 10.95
C ASP A 13 2.05 15.83 12.23
N ASP A 14 1.85 14.53 12.08
CA ASP A 14 1.99 13.50 13.11
C ASP A 14 1.67 12.15 12.46
N GLN A 15 1.81 11.08 13.22
CA GLN A 15 1.56 9.71 12.79
C GLN A 15 0.15 9.28 13.18
N LEU A 16 -0.55 8.62 12.26
CA LEU A 16 -1.91 8.10 12.38
C LEU A 16 -1.89 6.60 12.16
N GLN A 17 -2.57 5.86 13.05
CA GLN A 17 -2.69 4.42 13.02
C GLN A 17 -4.13 4.08 13.31
N GLY A 18 -4.84 3.57 12.30
CA GLY A 18 -6.23 3.17 12.44
C GLY A 18 -6.17 1.85 13.20
N GLY A 19 -6.10 0.76 12.45
CA GLY A 19 -6.00 -0.56 13.03
C GLY A 19 -7.34 -1.25 13.18
N SER A 20 -7.61 -2.10 12.19
CA SER A 20 -8.79 -2.91 12.07
C SER A 20 -10.09 -2.10 11.90
N GLY A 21 -11.21 -2.79 11.62
CA GLY A 21 -12.52 -2.19 11.41
C GLY A 21 -12.47 -1.31 10.16
N ALA A 22 -13.45 -0.40 10.04
CA ALA A 22 -13.49 0.53 8.92
C ALA A 22 -13.44 1.90 9.56
N ASP A 23 -12.22 2.42 9.63
CA ASP A 23 -11.86 3.72 10.16
C ASP A 23 -11.74 4.64 8.94
N ARG A 24 -11.75 5.94 9.19
CA ARG A 24 -11.63 6.98 8.20
C ARG A 24 -10.71 7.95 8.91
N LEU A 25 -9.41 7.91 8.63
CA LEU A 25 -8.47 8.81 9.28
C LEU A 25 -8.13 9.91 8.28
N ASP A 26 -7.71 11.05 8.80
CA ASP A 26 -7.33 12.23 8.01
C ASP A 26 -6.19 12.95 8.73
N GLY A 27 -5.18 13.40 8.01
CA GLY A 27 -4.00 14.09 8.55
C GLY A 27 -4.26 15.57 8.78
N GLY A 28 -4.77 16.25 7.75
CA GLY A 28 -5.07 17.67 7.81
C GLY A 28 -4.26 18.46 6.80
N ALA A 29 -3.06 18.93 7.16
CA ALA A 29 -2.19 19.71 6.28
C ALA A 29 -0.75 19.63 6.77
N GLY A 30 0.06 18.72 6.23
CA GLY A 30 1.44 18.56 6.64
C GLY A 30 2.10 17.39 5.95
N ASP A 31 3.29 17.03 6.44
CA ASP A 31 4.15 15.99 6.06
C ASP A 31 3.85 14.82 6.99
N ASP A 32 2.56 14.48 7.04
CA ASP A 32 1.94 13.43 7.86
C ASP A 32 2.20 12.04 7.33
N ILE A 33 1.92 11.07 8.19
CA ILE A 33 2.06 9.64 7.92
C ILE A 33 0.83 8.95 8.51
N LEU A 34 0.20 8.07 7.74
CA LEU A 34 -1.00 7.36 8.17
C LEU A 34 -1.01 5.90 7.72
N ASP A 35 -1.49 4.98 8.57
CA ASP A 35 -1.60 3.54 8.35
C ASP A 35 -3.05 3.16 8.61
N GLY A 36 -3.78 2.86 7.53
CA GLY A 36 -5.19 2.49 7.53
C GLY A 36 -5.49 1.31 8.45
N GLY A 37 -5.00 0.12 8.08
CA GLY A 37 -5.17 -1.10 8.82
C GLY A 37 -6.07 -2.12 8.12
N ALA A 38 -6.21 -3.29 8.74
CA ALA A 38 -7.02 -4.42 8.25
C ALA A 38 -8.51 -4.09 8.19
N GLY A 39 -9.05 -3.90 7.00
CA GLY A 39 -10.44 -3.58 6.74
C GLY A 39 -10.54 -2.52 5.66
N ARG A 40 -11.73 -2.37 5.09
CA ARG A 40 -11.96 -1.38 4.04
C ARG A 40 -11.91 -0.01 4.72
N ASP A 41 -10.76 0.64 4.66
CA ASP A 41 -10.46 1.95 5.25
C ASP A 41 -10.58 3.06 4.22
N ARG A 42 -10.73 4.31 4.66
CA ARG A 42 -10.84 5.46 3.77
C ARG A 42 -9.80 6.48 4.21
N LEU A 43 -8.67 6.52 3.53
CA LEU A 43 -7.62 7.45 3.85
C LEU A 43 -7.75 8.68 2.95
N SER A 44 -7.45 9.84 3.52
CA SER A 44 -7.48 11.17 2.95
C SER A 44 -6.36 11.87 3.72
N GLY A 45 -5.17 12.04 3.14
CA GLY A 45 -4.09 12.71 3.87
C GLY A 45 -4.49 14.16 4.13
N GLY A 46 -4.73 14.84 3.01
CA GLY A 46 -5.08 16.23 2.84
C GLY A 46 -4.22 16.70 1.68
N ALA A 47 -4.18 18.00 1.42
CA ALA A 47 -3.32 18.49 0.36
C ALA A 47 -1.95 18.59 1.05
N GLY A 48 -1.06 17.62 0.80
CA GLY A 48 0.25 17.60 1.42
C GLY A 48 1.13 16.50 0.86
N ALA A 49 2.26 16.30 1.53
CA ALA A 49 3.29 15.32 1.21
C ALA A 49 3.14 14.24 2.28
N ASP A 50 2.02 13.54 2.24
CA ASP A 50 1.67 12.52 3.22
C ASP A 50 2.31 11.19 2.88
N THR A 51 2.35 10.26 3.84
CA THR A 51 2.94 8.95 3.69
C THR A 51 1.91 7.91 4.10
N PHE A 52 1.30 7.22 3.15
CA PHE A 52 0.33 6.19 3.45
C PHE A 52 1.17 4.95 3.74
N VAL A 53 0.76 4.10 4.68
CA VAL A 53 1.49 2.91 5.07
C VAL A 53 0.58 1.69 5.01
N PHE A 54 0.99 0.69 4.23
CA PHE A 54 0.29 -0.56 4.05
C PHE A 54 1.12 -1.60 4.80
N SER A 55 0.65 -2.09 5.96
CA SER A 55 1.38 -3.06 6.75
C SER A 55 0.60 -4.29 7.18
N ALA A 56 -0.73 -4.39 6.98
CA ALA A 56 -1.49 -5.53 7.43
C ALA A 56 -1.51 -6.71 6.47
N ARG A 57 -1.28 -7.92 7.00
CA ARG A 57 -1.37 -9.14 6.19
C ARG A 57 -2.83 -9.24 5.71
N GLU A 58 -3.77 -8.67 6.48
CA GLU A 58 -5.17 -8.65 6.16
C GLU A 58 -5.49 -7.58 5.12
N ASP A 59 -4.75 -6.45 5.01
CA ASP A 59 -5.07 -5.43 3.97
C ASP A 59 -4.51 -5.77 2.60
N SER A 60 -3.84 -6.90 2.56
CA SER A 60 -3.18 -7.40 1.39
C SER A 60 -4.08 -7.89 0.27
N TYR A 61 -5.20 -8.56 0.54
CA TYR A 61 -6.05 -9.09 -0.53
C TYR A 61 -7.48 -9.21 0.01
N ARG A 62 -8.39 -9.69 -0.82
CA ARG A 62 -9.78 -9.89 -0.44
C ARG A 62 -10.06 -11.37 -0.45
N THR A 63 -11.09 -11.75 0.30
CA THR A 63 -11.47 -13.15 0.41
C THR A 63 -12.94 -13.32 0.04
N ASP A 64 -13.41 -14.57 0.02
CA ASP A 64 -14.75 -15.03 -0.31
C ASP A 64 -15.79 -14.37 0.59
N THR A 65 -16.28 -13.27 0.05
CA THR A 65 -17.29 -12.36 0.58
C THR A 65 -16.77 -11.43 1.68
N ALA A 66 -15.46 -11.31 1.88
CA ALA A 66 -14.87 -10.45 2.88
C ALA A 66 -13.72 -9.68 2.23
N VAL A 67 -14.07 -8.58 1.57
CA VAL A 67 -13.11 -7.71 0.92
C VAL A 67 -12.65 -6.69 1.93
N PHE A 68 -11.36 -6.36 1.84
CA PHE A 68 -10.76 -5.36 2.70
C PHE A 68 -10.19 -4.24 1.83
N ASN A 69 -10.66 -4.10 0.57
CA ASN A 69 -10.14 -3.07 -0.32
C ASN A 69 -10.11 -1.67 0.29
N ASP A 70 -8.94 -1.04 0.20
CA ASP A 70 -8.66 0.32 0.64
C ASP A 70 -9.23 1.24 -0.47
N LEU A 71 -9.55 2.48 -0.10
CA LEU A 71 -10.06 3.52 -0.98
C LEU A 71 -9.36 4.83 -0.61
N ILE A 72 -8.43 5.26 -1.46
CA ILE A 72 -7.63 6.46 -1.29
C ILE A 72 -8.43 7.65 -1.86
N LEU A 73 -8.46 8.75 -1.11
CA LEU A 73 -9.12 10.01 -1.48
C LEU A 73 -8.05 11.04 -1.81
N ASP A 74 -8.46 12.05 -2.59
CA ASP A 74 -7.68 13.20 -3.08
C ASP A 74 -6.19 12.87 -3.25
N PHE A 75 -5.92 11.83 -4.05
CA PHE A 75 -4.58 11.34 -4.34
C PHE A 75 -3.80 12.36 -5.18
N GLU A 76 -2.68 12.85 -4.65
CA GLU A 76 -1.80 13.82 -5.26
C GLU A 76 -0.33 13.41 -5.14
N ALA A 77 0.11 12.55 -6.06
CA ALA A 77 1.47 12.03 -6.16
C ALA A 77 2.52 13.15 -6.28
N SER A 78 2.13 14.42 -6.49
CA SER A 78 3.07 15.54 -6.58
C SER A 78 3.93 15.57 -5.31
N GLU A 79 3.33 15.31 -4.14
CA GLU A 79 4.06 15.32 -2.87
C GLU A 79 3.79 14.07 -2.03
N ASP A 80 2.69 13.36 -2.26
CA ASP A 80 2.36 12.16 -1.49
C ASP A 80 3.34 11.02 -1.78
N ARG A 81 3.33 10.03 -0.90
CA ARG A 81 4.14 8.84 -0.96
C ARG A 81 3.45 7.64 -0.33
N ILE A 82 3.81 6.44 -0.76
CA ILE A 82 3.22 5.21 -0.25
C ILE A 82 4.26 4.20 0.13
N ASP A 83 4.24 3.72 1.36
CA ASP A 83 5.20 2.71 1.80
C ASP A 83 4.57 1.37 1.44
N LEU A 84 4.95 0.83 0.27
CA LEU A 84 4.44 -0.43 -0.27
C LEU A 84 5.52 -1.51 -0.41
N SER A 85 6.80 -1.16 -0.27
CA SER A 85 7.89 -2.12 -0.42
C SER A 85 7.88 -3.19 0.68
N ALA A 86 7.22 -2.89 1.81
CA ALA A 86 7.09 -3.79 2.95
C ALA A 86 6.29 -5.04 2.58
N LEU A 87 5.14 -4.85 1.91
CA LEU A 87 4.23 -5.90 1.49
C LEU A 87 3.98 -5.73 -0.02
N GLY A 88 4.82 -6.31 -0.88
CA GLY A 88 4.67 -6.20 -2.30
C GLY A 88 5.94 -6.70 -2.94
N PHE A 89 6.84 -5.78 -3.29
CA PHE A 89 8.11 -6.09 -3.93
C PHE A 89 9.01 -4.85 -3.88
N SER A 90 10.26 -5.00 -4.30
CA SER A 90 11.29 -3.96 -4.33
C SER A 90 11.45 -3.32 -5.73
N GLY A 91 10.58 -3.70 -6.67
CA GLY A 91 10.51 -3.26 -8.06
C GLY A 91 9.17 -3.70 -8.67
N LEU A 92 9.01 -3.59 -9.99
CA LEU A 92 7.80 -3.96 -10.72
C LEU A 92 8.00 -5.17 -11.63
N GLY A 93 6.92 -5.54 -12.30
CA GLY A 93 6.83 -6.63 -13.26
C GLY A 93 5.42 -6.64 -13.81
N ASP A 94 4.61 -7.64 -13.45
CA ASP A 94 3.22 -7.79 -13.92
C ASP A 94 2.23 -8.09 -12.79
N GLY A 95 2.65 -7.97 -11.53
CA GLY A 95 1.78 -8.26 -10.38
C GLY A 95 1.45 -9.75 -10.30
N TYR A 96 2.19 -10.57 -11.05
CA TYR A 96 2.10 -12.01 -11.16
C TYR A 96 2.98 -12.60 -10.05
N GLY A 97 3.74 -13.66 -10.32
CA GLY A 97 4.65 -14.45 -9.49
C GLY A 97 5.69 -13.65 -8.74
N GLY A 98 5.23 -12.80 -7.84
CA GLY A 98 6.01 -11.93 -7.00
C GLY A 98 6.48 -10.71 -7.77
N THR A 99 5.57 -9.97 -8.39
CA THR A 99 5.85 -8.76 -9.14
C THR A 99 4.82 -7.67 -8.75
N LEU A 100 4.79 -6.50 -9.38
CA LEU A 100 3.87 -5.39 -9.05
C LEU A 100 3.38 -4.69 -10.32
N LEU A 101 2.09 -4.34 -10.42
CA LEU A 101 1.50 -3.67 -11.58
C LEU A 101 0.38 -2.69 -11.14
N LEU A 102 0.26 -1.53 -11.80
CA LEU A 102 -0.74 -0.50 -11.62
C LEU A 102 -1.24 -0.04 -12.98
N LYS A 103 -2.49 0.37 -13.08
CA LYS A 103 -3.11 0.87 -14.31
C LYS A 103 -4.30 1.73 -13.94
N THR A 104 -4.81 2.49 -14.90
CA THR A 104 -5.94 3.36 -14.70
C THR A 104 -7.24 2.65 -15.06
N ASN A 105 -8.32 3.08 -14.41
CA ASN A 105 -9.67 2.55 -14.66
C ASN A 105 -10.10 3.05 -16.06
N ALA A 106 -11.23 2.60 -16.59
CA ALA A 106 -11.71 3.01 -17.91
C ALA A 106 -11.80 4.53 -18.09
N GLU A 107 -12.16 5.28 -17.04
CA GLU A 107 -12.28 6.74 -17.09
C GLU A 107 -10.93 7.46 -16.94
N GLY A 108 -9.94 6.81 -16.35
CA GLY A 108 -8.60 7.33 -16.09
C GLY A 108 -8.52 8.18 -14.82
N THR A 109 -9.67 8.57 -14.26
CA THR A 109 -9.81 9.38 -13.05
C THR A 109 -9.47 8.57 -11.79
N ARG A 110 -9.45 7.24 -11.90
CA ARG A 110 -9.15 6.30 -10.85
C ARG A 110 -8.06 5.36 -11.31
N THR A 111 -7.34 4.78 -10.37
CA THR A 111 -6.26 3.82 -10.59
C THR A 111 -6.53 2.56 -9.77
N TYR A 112 -6.04 1.43 -10.27
CA TYR A 112 -6.13 0.09 -9.72
C TYR A 112 -4.73 -0.50 -9.80
N LEU A 113 -4.15 -0.84 -8.64
CA LEU A 113 -2.82 -1.43 -8.51
C LEU A 113 -2.92 -2.76 -7.77
N LYS A 114 -1.96 -3.65 -7.96
CA LYS A 114 -1.94 -4.96 -7.34
C LYS A 114 -0.52 -5.42 -7.09
N SER A 115 -0.25 -5.84 -5.86
CA SER A 115 1.02 -6.34 -5.41
C SER A 115 0.86 -7.85 -5.25
N PHE A 116 1.46 -8.63 -6.16
CA PHE A 116 1.46 -10.09 -6.21
C PHE A 116 0.08 -10.73 -5.95
N GLU A 117 -0.73 -10.91 -6.99
CA GLU A 117 -2.07 -11.50 -6.90
C GLU A 117 -2.08 -13.01 -7.21
N ALA A 118 -3.24 -13.64 -7.00
CA ALA A 118 -3.48 -15.05 -7.27
C ALA A 118 -4.86 -15.21 -7.95
N ASP A 119 -5.56 -16.30 -7.67
CA ASP A 119 -6.87 -16.67 -8.22
C ASP A 119 -7.95 -16.46 -7.16
N ALA A 120 -9.21 -16.30 -7.59
CA ALA A 120 -10.35 -16.07 -6.70
C ALA A 120 -10.48 -17.04 -5.50
N GLU A 121 -9.97 -18.27 -5.55
CA GLU A 121 -10.03 -19.25 -4.46
C GLU A 121 -8.72 -19.28 -3.68
N GLY A 122 -7.77 -18.44 -4.07
CA GLY A 122 -6.46 -18.27 -3.48
C GLY A 122 -6.44 -16.99 -2.66
N ARG A 123 -6.85 -15.87 -3.28
CA ARG A 123 -6.96 -14.47 -2.78
C ARG A 123 -6.52 -13.57 -3.94
N ARG A 124 -7.17 -12.42 -4.12
CA ARG A 124 -6.83 -11.49 -5.18
C ARG A 124 -6.68 -10.11 -4.58
N PHE A 125 -5.73 -9.32 -5.10
CA PHE A 125 -5.46 -7.98 -4.62
C PHE A 125 -6.50 -7.05 -5.26
N GLU A 126 -7.22 -6.29 -4.44
CA GLU A 126 -8.23 -5.35 -4.88
C GLU A 126 -8.17 -4.10 -3.99
N VAL A 127 -7.91 -2.93 -4.57
CA VAL A 127 -7.83 -1.62 -3.96
C VAL A 127 -8.37 -0.59 -4.95
N ALA A 128 -8.67 0.62 -4.50
CA ALA A 128 -9.18 1.69 -5.36
C ALA A 128 -8.46 2.99 -4.99
N LEU A 129 -8.06 3.75 -6.00
CA LEU A 129 -7.36 5.02 -5.85
C LEU A 129 -8.13 6.04 -6.66
N ASP A 130 -8.61 7.12 -6.04
CA ASP A 130 -9.36 8.16 -6.72
C ASP A 130 -8.50 9.43 -6.83
N GLY A 131 -8.02 9.72 -8.03
CA GLY A 131 -7.18 10.87 -8.34
C GLY A 131 -6.42 10.63 -9.65
N ASP A 132 -6.14 11.73 -10.35
CA ASP A 132 -5.44 11.79 -11.64
C ASP A 132 -4.61 13.09 -11.74
N HIS A 133 -4.17 13.63 -10.60
CA HIS A 133 -3.38 14.87 -10.50
C HIS A 133 -2.05 14.76 -11.24
N THR A 134 -1.24 13.79 -10.83
CA THR A 134 0.06 13.48 -11.29
C THR A 134 0.11 11.95 -11.45
N GLY A 135 0.90 11.43 -12.39
CA GLY A 135 1.01 9.99 -12.63
C GLY A 135 2.45 9.50 -12.55
N ASP A 136 3.30 10.24 -11.86
CA ASP A 136 4.71 9.91 -11.75
C ASP A 136 5.03 8.95 -10.61
N LEU A 137 5.61 7.81 -10.93
CA LEU A 137 6.04 6.80 -9.98
C LEU A 137 7.54 6.64 -10.17
N SER A 138 8.27 6.98 -9.13
CA SER A 138 9.68 6.97 -8.91
C SER A 138 9.80 6.76 -7.40
N ALA A 139 11.01 6.54 -6.92
CA ALA A 139 11.33 6.30 -5.51
C ALA A 139 10.89 7.43 -4.57
N ALA A 140 10.54 8.60 -5.10
CA ALA A 140 10.08 9.73 -4.32
C ALA A 140 8.62 9.52 -3.86
N ASN A 141 7.82 8.85 -4.69
CA ASN A 141 6.40 8.51 -4.50
C ASN A 141 6.30 7.20 -3.71
N VAL A 142 6.19 6.08 -4.39
CA VAL A 142 6.09 4.79 -3.74
C VAL A 142 7.49 4.46 -3.20
N VAL A 143 7.56 4.05 -1.93
CA VAL A 143 8.79 3.69 -1.26
C VAL A 143 9.36 2.47 -2.02
N PHE A 144 10.64 2.57 -2.41
CA PHE A 144 11.32 1.50 -3.14
C PHE A 144 11.74 0.38 -2.21
N ALA A 145 12.24 0.72 -1.03
CA ALA A 145 12.71 -0.18 0.03
C ALA A 145 13.11 0.68 1.22
N ALA A 146 12.31 0.68 2.28
CA ALA A 146 12.51 1.43 3.50
C ALA A 146 13.77 0.95 4.24
N THR A 147 14.92 1.58 4.03
CA THR A 147 16.19 1.25 4.67
C THR A 147 16.65 -0.22 4.46
N GLY A 148 16.07 -0.95 3.51
CA GLY A 148 16.42 -2.34 3.23
C GLY A 148 17.67 -2.45 2.37
N THR A 149 18.31 -3.62 2.42
CA THR A 149 19.52 -3.93 1.67
C THR A 149 19.43 -5.33 1.04
N THR A 150 20.48 -5.74 0.35
CA THR A 150 20.69 -6.99 -0.35
C THR A 150 20.95 -8.10 0.68
N THR A 151 19.90 -8.80 1.13
CA THR A 151 19.95 -9.87 2.11
C THR A 151 19.52 -11.23 1.53
N GLU A 152 19.81 -12.31 2.28
CA GLU A 152 19.47 -13.69 1.92
C GLU A 152 18.23 -14.11 2.69
N LEU A 153 17.37 -14.90 2.04
CA LEU A 153 16.14 -15.41 2.65
C LEU A 153 16.49 -16.65 3.47
N GLU A 154 17.14 -16.43 4.61
CA GLU A 154 17.57 -17.44 5.59
C GLU A 154 18.17 -18.70 4.95
N VAL A 155 18.97 -18.49 3.91
CA VAL A 155 19.66 -19.55 3.17
C VAL A 155 20.79 -20.08 4.06
N LEU A 156 21.08 -21.37 3.96
CA LEU A 156 22.14 -22.04 4.71
C LEU A 156 23.41 -21.89 3.89
N GLY A 157 24.27 -20.94 4.26
CA GLY A 157 25.52 -20.67 3.57
C GLY A 157 26.28 -19.53 4.25
N ASP A 158 27.28 -18.97 3.57
CA ASP A 158 28.08 -17.85 4.08
C ASP A 158 27.24 -16.60 3.81
N SER A 159 27.38 -15.98 2.64
CA SER A 159 26.65 -14.78 2.23
C SER A 159 26.36 -14.84 0.73
N GLY A 160 25.69 -13.83 0.19
CA GLY A 160 25.37 -13.72 -1.23
C GLY A 160 24.01 -14.30 -1.57
N THR A 161 23.00 -13.43 -1.72
CA THR A 161 21.65 -13.86 -2.07
C THR A 161 21.75 -14.42 -3.49
N GLN A 162 21.40 -15.70 -3.66
CA GLN A 162 21.45 -16.42 -4.93
C GLN A 162 20.45 -17.58 -4.85
N ALA A 163 20.55 -18.51 -5.81
CA ALA A 163 19.69 -19.67 -5.86
C ALA A 163 19.89 -20.57 -4.64
N GLY A 164 18.88 -21.39 -4.35
CA GLY A 164 18.91 -22.32 -3.23
C GLY A 164 19.98 -23.39 -3.44
N ALA A 165 20.51 -23.90 -2.33
CA ALA A 165 21.55 -24.90 -2.28
C ALA A 165 21.05 -26.31 -2.68
N ILE A 166 21.99 -27.26 -2.63
CA ILE A 166 21.80 -28.68 -2.93
C ILE A 166 21.13 -29.35 -1.72
N VAL A 167 20.63 -30.57 -1.91
CA VAL A 167 19.96 -31.40 -0.92
C VAL A 167 20.39 -32.84 -1.26
N GLY A 1 -7.87 3.60 23.19
CA GLY A 1 -7.68 2.81 21.95
C GLY A 1 -8.18 3.66 20.80
N SER A 2 -7.37 4.64 20.41
CA SER A 2 -7.66 5.58 19.35
C SER A 2 -7.17 5.04 18.01
N ASP A 3 -8.09 4.89 17.07
CA ASP A 3 -7.92 4.42 15.70
C ASP A 3 -8.83 5.28 14.82
N GLY A 4 -8.58 5.31 13.52
CA GLY A 4 -9.36 6.10 12.57
C GLY A 4 -8.88 7.56 12.66
N GLU A 5 -9.61 8.47 12.00
CA GLU A 5 -9.42 9.91 11.92
C GLU A 5 -8.22 10.36 11.02
N PRO A 6 -8.41 11.33 10.10
CA PRO A 6 -7.38 11.82 9.19
C PRO A 6 -6.17 12.40 9.93
N LEU A 7 -5.02 11.73 9.79
CA LEU A 7 -3.78 12.13 10.41
C LEU A 7 -3.01 12.82 9.30
N VAL A 8 -3.01 14.14 9.33
CA VAL A 8 -2.31 14.96 8.38
C VAL A 8 -0.90 15.03 8.95
N GLY A 9 0.06 14.39 8.26
CA GLY A 9 1.46 14.31 8.62
C GLY A 9 2.15 15.67 8.69
N GLY A 10 3.45 15.63 8.93
CA GLY A 10 4.32 16.77 9.08
C GLY A 10 4.86 17.28 7.75
N ASP A 11 6.13 17.62 7.81
CA ASP A 11 7.03 18.18 6.78
C ASP A 11 8.43 17.54 6.92
N THR A 12 8.51 16.45 7.70
CA THR A 12 9.69 15.65 8.01
C THR A 12 9.33 14.16 8.18
N ASP A 13 10.38 13.32 8.21
CA ASP A 13 10.37 11.85 8.34
C ASP A 13 9.59 11.29 9.52
N ASP A 14 8.72 10.36 9.20
CA ASP A 14 7.86 9.63 10.15
C ASP A 14 7.20 8.45 9.42
N GLN A 15 6.46 7.66 10.19
CA GLN A 15 5.71 6.49 9.76
C GLN A 15 4.30 6.67 10.28
N LEU A 16 3.33 6.80 9.38
CA LEU A 16 1.92 6.99 9.71
C LEU A 16 1.21 5.65 9.64
N GLN A 17 0.67 5.15 10.75
CA GLN A 17 -0.05 3.88 10.81
C GLN A 17 -1.56 4.08 10.75
N GLY A 18 -2.26 3.19 10.06
CA GLY A 18 -3.72 3.21 9.91
C GLY A 18 -4.44 2.10 10.71
N GLY A 19 -3.69 1.17 11.32
CA GLY A 19 -4.23 0.08 12.11
C GLY A 19 -5.24 -0.80 11.37
N SER A 20 -6.54 -0.53 11.55
CA SER A 20 -7.62 -1.29 10.93
C SER A 20 -8.93 -0.49 10.81
N GLY A 21 -9.92 -1.02 10.09
CA GLY A 21 -11.24 -0.46 9.89
C GLY A 21 -11.31 0.62 8.82
N ALA A 22 -11.74 1.84 9.18
CA ALA A 22 -11.81 2.93 8.22
C ALA A 22 -10.94 4.05 8.77
N ASP A 23 -9.68 4.07 8.35
CA ASP A 23 -8.69 5.06 8.77
C ASP A 23 -8.24 5.83 7.52
N ARG A 24 -7.55 6.94 7.71
CA ARG A 24 -7.03 7.79 6.64
C ARG A 24 -5.83 8.53 7.17
N LEU A 25 -4.83 8.73 6.34
CA LEU A 25 -3.60 9.41 6.72
C LEU A 25 -3.04 10.12 5.49
N ASP A 26 -2.18 11.11 5.75
CA ASP A 26 -1.48 11.95 4.78
C ASP A 26 -0.02 12.05 5.21
N GLY A 27 0.92 11.92 4.27
CA GLY A 27 2.35 11.98 4.52
C GLY A 27 2.79 13.42 4.77
N GLY A 28 2.47 14.31 3.83
CA GLY A 28 2.83 15.72 3.90
C GLY A 28 3.88 16.09 2.85
N ALA A 29 5.14 16.34 3.26
CA ALA A 29 6.21 16.72 2.35
C ALA A 29 7.56 16.14 2.80
N GLY A 30 7.99 15.05 2.16
CA GLY A 30 9.24 14.39 2.47
C GLY A 30 9.40 13.06 1.74
N ASP A 31 10.16 12.18 2.35
CA ASP A 31 10.51 10.81 1.97
C ASP A 31 10.03 9.97 3.14
N ASP A 32 8.80 10.26 3.54
CA ASP A 32 8.08 9.70 4.67
C ASP A 32 7.38 8.43 4.23
N ILE A 33 6.96 7.61 5.18
CA ILE A 33 6.30 6.36 4.89
C ILE A 33 4.95 6.31 5.60
N LEU A 34 3.97 5.65 4.99
CA LEU A 34 2.63 5.53 5.54
C LEU A 34 2.12 4.13 5.28
N ASP A 35 1.64 3.50 6.35
CA ASP A 35 1.10 2.15 6.37
C ASP A 35 -0.41 2.27 6.52
N GLY A 36 -1.13 2.11 5.41
CA GLY A 36 -2.59 2.21 5.33
C GLY A 36 -3.35 1.35 6.33
N GLY A 37 -2.83 0.18 6.67
CA GLY A 37 -3.44 -0.76 7.60
C GLY A 37 -4.39 -1.70 6.87
N ALA A 38 -5.31 -2.32 7.62
CA ALA A 38 -6.32 -3.23 7.11
C ALA A 38 -7.64 -2.47 7.04
N GLY A 39 -8.64 -3.05 6.39
CA GLY A 39 -9.93 -2.40 6.29
C GLY A 39 -9.94 -1.54 5.04
N ARG A 40 -10.91 -0.63 4.93
CA ARG A 40 -11.01 0.25 3.79
C ARG A 40 -10.45 1.60 4.23
N ASP A 41 -9.19 1.84 3.91
CA ASP A 41 -8.48 3.07 4.25
C ASP A 41 -8.29 3.90 2.99
N ARG A 42 -8.01 5.17 3.19
CA ARG A 42 -7.76 6.14 2.16
C ARG A 42 -6.42 6.81 2.44
N LEU A 43 -5.41 6.45 1.66
CA LEU A 43 -4.08 6.99 1.78
C LEU A 43 -3.81 7.98 0.64
N SER A 44 -3.26 9.14 1.01
CA SER A 44 -2.89 10.23 0.11
C SER A 44 -1.55 10.74 0.64
N GLY A 45 -0.42 10.19 0.17
CA GLY A 45 0.91 10.57 0.63
C GLY A 45 1.11 12.06 0.46
N GLY A 46 1.07 12.51 -0.79
CA GLY A 46 1.26 13.89 -1.20
C GLY A 46 2.49 13.98 -2.10
N ALA A 47 2.70 15.14 -2.75
CA ALA A 47 3.82 15.34 -3.67
C ALA A 47 5.15 15.20 -2.91
N GLY A 48 5.82 14.07 -3.14
CA GLY A 48 7.08 13.64 -2.59
C GLY A 48 7.27 12.17 -2.97
N ALA A 49 8.34 11.53 -2.50
CA ALA A 49 8.62 10.14 -2.79
C ALA A 49 8.28 9.32 -1.55
N ASP A 50 7.00 9.00 -1.41
CA ASP A 50 6.40 8.22 -0.32
C ASP A 50 6.63 6.73 -0.55
N THR A 51 6.37 5.93 0.48
CA THR A 51 6.52 4.47 0.43
C THR A 51 5.26 3.89 1.10
N PHE A 52 4.30 3.32 0.34
CA PHE A 52 3.05 2.78 0.89
C PHE A 52 3.24 1.36 1.42
N VAL A 53 3.08 1.17 2.72
CA VAL A 53 3.23 -0.14 3.36
C VAL A 53 1.90 -0.89 3.39
N PHE A 54 1.84 -2.03 2.70
CA PHE A 54 0.68 -2.90 2.61
C PHE A 54 1.04 -4.25 3.22
N SER A 55 0.54 -4.56 4.42
CA SER A 55 0.84 -5.81 5.10
C SER A 55 -0.19 -6.16 6.17
N ALA A 56 -1.41 -6.57 5.78
CA ALA A 56 -2.45 -6.99 6.70
C ALA A 56 -3.25 -8.14 6.08
N ARG A 57 -4.03 -8.89 6.86
CA ARG A 57 -4.81 -10.00 6.29
C ARG A 57 -5.88 -9.47 5.36
N GLU A 58 -6.77 -8.65 5.90
CA GLU A 58 -7.88 -8.07 5.15
C GLU A 58 -7.44 -7.07 4.08
N ASP A 59 -6.17 -6.62 4.01
CA ASP A 59 -5.70 -5.68 2.98
C ASP A 59 -5.51 -6.40 1.61
N SER A 60 -6.07 -7.59 1.52
CA SER A 60 -6.02 -8.50 0.38
C SER A 60 -7.42 -8.89 -0.12
N TYR A 61 -8.50 -8.65 0.65
CA TYR A 61 -9.81 -9.07 0.16
C TYR A 61 -11.02 -8.48 0.90
N ARG A 62 -12.20 -8.71 0.31
CA ARG A 62 -13.51 -8.31 0.76
C ARG A 62 -14.34 -9.55 1.08
N THR A 63 -15.46 -9.34 1.74
CA THR A 63 -16.37 -10.39 2.13
C THR A 63 -17.81 -9.87 1.94
N ASP A 64 -18.82 -10.74 1.94
CA ASP A 64 -20.20 -10.26 1.79
C ASP A 64 -20.56 -9.35 2.96
N THR A 65 -20.11 -9.77 4.15
CA THR A 65 -20.28 -9.09 5.41
C THR A 65 -19.78 -7.64 5.28
N ALA A 66 -18.53 -7.44 4.83
CA ALA A 66 -17.97 -6.13 4.67
C ALA A 66 -16.84 -6.20 3.65
N VAL A 67 -16.64 -5.10 2.92
CA VAL A 67 -15.62 -4.93 1.90
C VAL A 67 -14.56 -4.07 2.58
N PHE A 68 -13.28 -4.39 2.38
CA PHE A 68 -12.17 -3.69 2.98
C PHE A 68 -11.31 -3.18 1.82
N ASN A 69 -11.96 -2.49 0.87
CA ASN A 69 -11.31 -1.97 -0.30
C ASN A 69 -10.43 -0.77 -0.02
N ASP A 70 -9.16 -0.94 -0.32
CA ASP A 70 -8.12 0.09 -0.18
C ASP A 70 -8.36 1.11 -1.30
N LEU A 71 -7.94 2.36 -1.08
CA LEU A 71 -8.11 3.45 -2.02
C LEU A 71 -6.90 4.37 -1.97
N ILE A 72 -6.04 4.32 -2.99
CA ILE A 72 -4.87 5.18 -3.04
C ILE A 72 -5.28 6.40 -3.86
N LEU A 73 -4.73 7.55 -3.49
CA LEU A 73 -4.94 8.82 -4.15
C LEU A 73 -3.66 9.23 -4.89
N ASP A 74 -3.85 10.18 -5.79
CA ASP A 74 -2.97 10.93 -6.70
C ASP A 74 -1.59 10.31 -6.95
N PHE A 75 -1.56 9.00 -7.23
CA PHE A 75 -0.33 8.23 -7.45
C PHE A 75 0.49 8.72 -8.63
N GLU A 76 1.71 9.17 -8.35
CA GLU A 76 2.68 9.69 -9.30
C GLU A 76 3.90 8.76 -9.17
N ALA A 77 3.87 7.60 -9.86
CA ALA A 77 4.95 6.60 -9.81
C ALA A 77 6.36 7.14 -10.06
N SER A 78 6.52 8.35 -10.58
CA SER A 78 7.83 8.95 -10.78
C SER A 78 8.51 9.07 -9.40
N GLU A 79 7.73 9.19 -8.31
CA GLU A 79 8.22 9.31 -6.94
C GLU A 79 7.48 8.41 -5.93
N ASP A 80 6.17 8.17 -6.04
CA ASP A 80 5.46 7.32 -5.07
C ASP A 80 5.99 5.88 -5.14
N ARG A 81 5.81 5.05 -4.11
CA ARG A 81 6.28 3.65 -4.08
C ARG A 81 5.24 2.75 -3.39
N ILE A 82 5.24 1.45 -3.66
CA ILE A 82 4.29 0.49 -3.10
C ILE A 82 5.03 -0.78 -2.62
N ASP A 83 4.86 -1.16 -1.35
CA ASP A 83 5.48 -2.37 -0.83
C ASP A 83 4.57 -3.57 -1.09
N LEU A 84 5.17 -4.74 -1.31
CA LEU A 84 4.49 -6.00 -1.57
C LEU A 84 5.26 -7.19 -0.98
N SER A 85 6.15 -6.95 0.00
CA SER A 85 6.94 -8.00 0.63
C SER A 85 6.05 -9.17 1.08
N ALA A 86 4.86 -8.91 1.66
CA ALA A 86 3.93 -9.95 2.11
C ALA A 86 2.76 -10.15 1.17
N LEU A 87 2.07 -9.07 0.79
CA LEU A 87 0.90 -9.09 -0.08
C LEU A 87 1.37 -8.73 -1.47
N GLY A 88 1.31 -9.69 -2.40
CA GLY A 88 1.71 -9.48 -3.79
C GLY A 88 3.00 -10.21 -4.12
N PHE A 89 2.93 -11.51 -4.45
CA PHE A 89 4.13 -12.27 -4.80
C PHE A 89 4.78 -11.73 -6.08
N SER A 90 6.06 -12.04 -6.28
CA SER A 90 6.78 -11.59 -7.47
C SER A 90 6.21 -12.33 -8.69
N GLY A 91 5.80 -13.59 -8.51
CA GLY A 91 5.23 -14.39 -9.56
C GLY A 91 3.88 -13.80 -9.91
N LEU A 92 3.65 -13.55 -11.20
CA LEU A 92 2.42 -12.98 -11.72
C LEU A 92 1.52 -14.07 -12.32
N GLY A 93 0.24 -13.76 -12.51
CA GLY A 93 -0.77 -14.65 -13.08
C GLY A 93 -2.12 -14.01 -12.85
N ASP A 94 -2.88 -14.49 -11.85
CA ASP A 94 -4.23 -13.97 -11.54
C ASP A 94 -4.49 -13.80 -10.04
N GLY A 95 -3.45 -13.83 -9.21
CA GLY A 95 -3.58 -13.67 -7.77
C GLY A 95 -3.80 -15.01 -7.12
N TYR A 96 -2.73 -15.62 -6.60
CA TYR A 96 -2.78 -16.91 -5.93
C TYR A 96 -1.56 -17.06 -5.04
N GLY A 97 -1.29 -18.30 -4.62
CA GLY A 97 -0.18 -18.69 -3.75
C GLY A 97 1.21 -18.28 -4.23
N GLY A 98 1.35 -17.88 -5.48
CA GLY A 98 2.59 -17.45 -6.10
C GLY A 98 2.27 -16.75 -7.43
N THR A 99 1.09 -16.14 -7.53
CA THR A 99 0.63 -15.45 -8.72
C THR A 99 0.07 -14.10 -8.25
N LEU A 100 -0.07 -13.12 -9.15
CA LEU A 100 -0.55 -11.77 -8.86
C LEU A 100 -1.30 -11.25 -10.08
N LEU A 101 -2.44 -10.57 -9.92
CA LEU A 101 -3.24 -10.02 -11.02
C LEU A 101 -3.11 -8.51 -11.07
N LEU A 102 -2.87 -7.96 -12.26
CA LEU A 102 -2.76 -6.55 -12.55
C LEU A 102 -3.55 -6.26 -13.82
N LYS A 103 -4.22 -5.12 -13.81
CA LYS A 103 -5.03 -4.57 -14.88
C LYS A 103 -5.25 -3.09 -14.66
N THR A 104 -5.82 -2.43 -15.67
CA THR A 104 -6.11 -1.01 -15.64
C THR A 104 -7.55 -0.77 -16.11
N ASN A 105 -8.04 0.42 -15.79
CA ASN A 105 -9.37 0.88 -16.17
C ASN A 105 -9.45 0.95 -17.69
N ALA A 106 -10.64 1.09 -18.30
CA ALA A 106 -10.77 1.15 -19.75
C ALA A 106 -9.83 2.18 -20.39
N GLU A 107 -9.84 3.40 -19.84
CA GLU A 107 -8.99 4.47 -20.32
C GLU A 107 -7.63 4.49 -19.58
N GLY A 108 -7.53 3.76 -18.46
CA GLY A 108 -6.31 3.67 -17.67
C GLY A 108 -6.25 4.74 -16.58
N THR A 109 -7.35 5.45 -16.28
CA THR A 109 -7.38 6.50 -15.24
C THR A 109 -7.06 5.91 -13.87
N ARG A 110 -7.34 4.61 -13.72
CA ARG A 110 -7.11 3.86 -12.52
C ARG A 110 -6.48 2.53 -12.84
N THR A 111 -5.95 1.90 -11.80
CA THR A 111 -5.32 0.61 -11.86
C THR A 111 -5.99 -0.28 -10.81
N TYR A 112 -6.27 -1.52 -11.18
CA TYR A 112 -6.87 -2.55 -10.33
C TYR A 112 -5.84 -3.67 -10.40
N LEU A 113 -5.20 -4.00 -9.29
CA LEU A 113 -4.21 -5.07 -9.17
C LEU A 113 -4.34 -5.62 -7.77
N LYS A 114 -4.40 -6.94 -7.60
CA LYS A 114 -4.52 -7.53 -6.27
C LYS A 114 -3.90 -8.91 -6.21
N SER A 115 -3.47 -9.26 -5.01
CA SER A 115 -2.90 -10.56 -4.72
C SER A 115 -4.07 -11.47 -4.36
N PHE A 116 -3.84 -12.78 -4.46
CA PHE A 116 -4.76 -13.86 -4.16
C PHE A 116 -6.12 -13.75 -4.87
N GLU A 117 -7.01 -14.72 -4.64
CA GLU A 117 -8.36 -14.78 -5.20
C GLU A 117 -9.17 -15.82 -4.43
N ALA A 118 -10.49 -15.84 -4.68
CA ALA A 118 -11.46 -16.75 -4.10
C ALA A 118 -12.82 -16.52 -4.78
N ASP A 119 -13.89 -16.75 -4.04
CA ASP A 119 -15.28 -16.59 -4.38
C ASP A 119 -15.86 -15.61 -3.37
N ALA A 120 -16.98 -14.95 -3.70
CA ALA A 120 -17.67 -13.97 -2.84
C ALA A 120 -17.57 -14.28 -1.34
N GLU A 121 -17.90 -15.52 -0.95
CA GLU A 121 -17.85 -15.99 0.41
C GLU A 121 -16.42 -16.36 0.84
N GLY A 122 -15.65 -16.97 -0.07
CA GLY A 122 -14.27 -17.41 0.11
C GLY A 122 -13.22 -16.32 0.27
N ARG A 123 -13.52 -15.05 -0.06
CA ARG A 123 -12.70 -13.81 0.02
C ARG A 123 -12.18 -13.32 -1.33
N ARG A 124 -12.88 -12.46 -2.08
CA ARG A 124 -12.38 -11.96 -3.36
C ARG A 124 -11.67 -10.64 -3.12
N PHE A 125 -10.83 -10.21 -4.05
CA PHE A 125 -10.05 -9.02 -4.01
C PHE A 125 -10.80 -7.74 -4.43
N GLU A 126 -10.42 -6.58 -3.88
CA GLU A 126 -10.98 -5.27 -4.24
C GLU A 126 -10.11 -4.11 -3.76
N VAL A 127 -9.44 -3.35 -4.64
CA VAL A 127 -8.60 -2.18 -4.32
C VAL A 127 -8.76 -1.23 -5.51
N ALA A 128 -8.56 0.08 -5.32
CA ALA A 128 -8.64 1.04 -6.40
C ALA A 128 -7.47 2.02 -6.26
N LEU A 129 -6.64 2.11 -7.29
CA LEU A 129 -5.48 2.99 -7.35
C LEU A 129 -5.83 4.04 -8.39
N ASP A 130 -5.84 5.31 -8.01
CA ASP A 130 -6.13 6.45 -8.86
C ASP A 130 -4.86 7.26 -9.14
N GLY A 131 -4.32 7.19 -10.36
CA GLY A 131 -3.11 7.89 -10.74
C GLY A 131 -2.88 7.80 -12.24
N ASP A 132 -1.98 8.63 -12.76
CA ASP A 132 -1.59 8.76 -14.15
C ASP A 132 -0.62 7.65 -14.54
N HIS A 133 0.34 7.31 -13.68
CA HIS A 133 1.32 6.24 -13.91
C HIS A 133 0.67 4.87 -13.62
N THR A 134 -0.49 4.66 -14.23
CA THR A 134 -1.35 3.50 -14.15
C THR A 134 -0.62 2.18 -14.43
N GLY A 135 -0.40 1.38 -13.39
CA GLY A 135 0.28 0.09 -13.49
C GLY A 135 1.72 0.20 -14.00
N ASP A 136 2.35 1.36 -13.84
CA ASP A 136 3.72 1.60 -14.25
C ASP A 136 4.62 1.29 -13.05
N LEU A 137 5.31 0.15 -13.10
CA LEU A 137 6.21 -0.33 -12.07
C LEU A 137 7.65 -0.31 -12.59
N SER A 138 8.61 -0.21 -11.67
CA SER A 138 10.03 -0.20 -11.88
C SER A 138 10.61 -0.70 -10.56
N ALA A 139 11.91 -0.89 -10.53
CA ALA A 139 12.68 -1.41 -9.40
C ALA A 139 12.53 -0.61 -8.10
N ALA A 140 12.08 0.64 -8.15
CA ALA A 140 11.86 1.48 -6.97
C ALA A 140 10.39 1.43 -6.55
N ASN A 141 9.50 1.47 -7.54
CA ASN A 141 8.05 1.46 -7.39
C ASN A 141 7.54 0.24 -6.62
N VAL A 142 8.36 -0.80 -6.50
CA VAL A 142 8.07 -2.04 -5.82
C VAL A 142 9.19 -2.38 -4.85
N VAL A 143 8.79 -2.99 -3.74
CA VAL A 143 9.64 -3.45 -2.66
C VAL A 143 9.58 -4.97 -2.72
N PHE A 144 10.68 -5.60 -3.11
CA PHE A 144 10.77 -7.05 -3.24
C PHE A 144 10.48 -7.77 -1.93
N ALA A 145 11.21 -7.39 -0.87
CA ALA A 145 11.15 -7.92 0.48
C ALA A 145 12.04 -7.01 1.32
N ALA A 146 11.47 -5.97 1.93
CA ALA A 146 12.16 -5.01 2.77
C ALA A 146 11.12 -4.18 3.54
N THR A 147 10.59 -4.73 4.63
CA THR A 147 9.58 -4.06 5.43
C THR A 147 10.14 -2.99 6.39
N GLY A 148 11.45 -2.78 6.51
CA GLY A 148 11.94 -1.74 7.41
C GLY A 148 13.44 -1.65 7.60
N THR A 149 14.17 -2.77 7.62
CA THR A 149 15.61 -2.78 7.80
C THR A 149 16.27 -2.17 6.56
N THR A 150 16.61 -0.88 6.62
CA THR A 150 17.25 -0.19 5.54
C THR A 150 18.66 -0.76 5.33
N THR A 151 19.19 -0.63 4.11
CA THR A 151 20.52 -1.10 3.72
C THR A 151 21.42 0.09 3.32
N GLU A 152 20.90 1.31 3.48
CA GLU A 152 21.45 2.63 3.23
C GLU A 152 20.50 3.62 3.93
N LEU A 153 20.55 4.88 3.52
CA LEU A 153 19.76 6.00 4.02
C LEU A 153 19.99 6.16 5.53
N GLU A 154 21.17 5.76 6.00
CA GLU A 154 21.53 5.85 7.40
C GLU A 154 22.00 7.28 7.69
N VAL A 155 21.13 8.14 8.25
CA VAL A 155 21.42 9.54 8.56
C VAL A 155 21.10 9.84 10.03
N LEU A 156 21.79 10.84 10.60
CA LEU A 156 21.66 11.27 11.99
C LEU A 156 20.42 12.15 12.17
N GLY A 157 19.28 11.52 12.44
CA GLY A 157 18.01 12.21 12.67
C GLY A 157 16.81 11.41 12.18
N ASP A 158 16.97 10.60 11.13
CA ASP A 158 15.89 9.79 10.57
C ASP A 158 15.65 8.55 11.42
N SER A 159 14.59 7.80 11.11
CA SER A 159 14.22 6.58 11.83
C SER A 159 15.39 5.56 11.78
N GLY A 160 15.55 4.76 12.83
CA GLY A 160 16.62 3.76 12.92
C GLY A 160 16.18 2.40 12.40
N THR A 161 17.14 1.57 11.96
CA THR A 161 16.86 0.24 11.42
C THR A 161 16.59 -0.80 12.53
N GLN A 162 16.19 -2.01 12.14
CA GLN A 162 15.85 -3.15 13.00
C GLN A 162 14.67 -2.81 13.91
N ALA A 163 13.58 -2.34 13.31
CA ALA A 163 12.36 -1.99 14.01
C ALA A 163 11.55 -3.29 14.01
N GLY A 164 11.55 -4.02 15.12
CA GLY A 164 10.82 -5.27 15.23
C GLY A 164 11.55 -6.43 14.54
N ALA A 165 10.89 -7.58 14.58
CA ALA A 165 11.34 -8.85 14.01
C ALA A 165 10.26 -9.45 13.11
N ILE A 166 10.65 -10.51 12.41
CA ILE A 166 9.79 -11.26 11.49
C ILE A 166 10.08 -12.77 11.55
N VAL A 167 11.24 -13.14 12.10
CA VAL A 167 11.71 -14.51 12.29
C VAL A 167 12.53 -14.45 13.57
N GLY A 1 -18.89 1.34 12.34
CA GLY A 1 -18.65 1.94 11.02
C GLY A 1 -19.73 2.96 10.67
N SER A 2 -19.87 4.02 11.45
CA SER A 2 -20.85 5.07 11.23
C SER A 2 -20.31 6.36 11.84
N ASP A 3 -20.90 7.49 11.43
CA ASP A 3 -20.63 8.86 11.84
C ASP A 3 -19.14 9.13 12.11
N GLY A 4 -18.31 8.92 11.10
CA GLY A 4 -16.87 9.12 11.21
C GLY A 4 -16.53 10.61 11.37
N GLU A 5 -15.26 10.89 11.67
CA GLU A 5 -14.72 12.22 11.86
C GLU A 5 -13.38 12.30 11.09
N PRO A 6 -13.00 13.44 10.47
CA PRO A 6 -11.74 13.55 9.74
C PRO A 6 -10.54 13.73 10.69
N LEU A 7 -9.38 13.27 10.24
CA LEU A 7 -8.09 13.32 10.90
C LEU A 7 -7.19 13.98 9.86
N VAL A 8 -6.61 15.10 10.24
CA VAL A 8 -5.70 15.91 9.45
C VAL A 8 -4.30 15.60 9.98
N GLY A 9 -3.47 15.04 9.10
CA GLY A 9 -2.12 14.67 9.44
C GLY A 9 -1.24 15.88 9.73
N GLY A 10 -0.11 15.59 10.38
CA GLY A 10 0.87 16.55 10.80
C GLY A 10 1.81 17.04 9.70
N ASP A 11 2.88 17.68 10.16
CA ASP A 11 3.96 18.28 9.39
C ASP A 11 5.32 17.63 9.59
N THR A 12 5.35 16.70 10.51
CA THR A 12 6.48 15.87 10.91
C THR A 12 5.94 14.45 10.90
N ASP A 13 6.76 13.48 10.49
CA ASP A 13 6.35 12.08 10.41
C ASP A 13 5.68 11.58 11.67
N ASP A 14 4.52 10.97 11.48
CA ASP A 14 3.69 10.38 12.52
C ASP A 14 3.10 9.09 11.98
N GLN A 15 2.54 8.31 12.90
CA GLN A 15 1.90 7.03 12.66
C GLN A 15 0.43 7.34 12.94
N LEU A 16 -0.37 7.46 11.88
CA LEU A 16 -1.77 7.82 11.91
C LEU A 16 -2.64 6.58 11.72
N GLN A 17 -3.58 6.37 12.64
CA GLN A 17 -4.48 5.22 12.64
C GLN A 17 -5.93 5.62 12.88
N GLY A 18 -6.85 4.86 12.27
CA GLY A 18 -8.29 5.02 12.38
C GLY A 18 -8.88 3.82 13.12
N GLY A 19 -8.42 2.61 12.79
CA GLY A 19 -8.87 1.35 13.38
C GLY A 19 -10.14 0.86 12.68
N SER A 20 -10.74 -0.21 13.17
CA SER A 20 -11.95 -0.73 12.57
C SER A 20 -13.12 0.23 12.80
N GLY A 21 -13.80 0.64 11.73
CA GLY A 21 -14.91 1.56 11.77
C GLY A 21 -15.04 2.26 10.43
N ALA A 22 -15.48 3.52 10.46
CA ALA A 22 -15.59 4.40 9.31
C ALA A 22 -14.74 5.61 9.69
N ASP A 23 -13.47 5.66 9.27
CA ASP A 23 -12.58 6.77 9.60
C ASP A 23 -12.03 7.36 8.31
N ARG A 24 -11.48 8.58 8.32
CA ARG A 24 -10.95 9.19 7.11
C ARG A 24 -9.79 10.08 7.53
N LEU A 25 -8.60 9.51 7.36
CA LEU A 25 -7.36 10.16 7.73
C LEU A 25 -6.57 10.56 6.50
N ASP A 26 -5.92 11.71 6.61
CA ASP A 26 -5.08 12.28 5.57
C ASP A 26 -3.69 12.38 6.17
N GLY A 27 -2.73 11.78 5.48
CA GLY A 27 -1.30 11.67 5.80
C GLY A 27 -0.71 12.91 6.39
N GLY A 28 -0.88 14.05 5.70
CA GLY A 28 -0.36 15.33 6.18
C GLY A 28 0.67 15.88 5.20
N ALA A 29 1.93 16.03 5.63
CA ALA A 29 3.01 16.54 4.80
C ALA A 29 4.37 16.07 5.33
N GLY A 30 4.76 14.85 5.00
CA GLY A 30 6.02 14.27 5.44
C GLY A 30 6.16 12.83 4.97
N ASP A 31 6.94 12.09 5.75
CA ASP A 31 7.26 10.70 5.61
C ASP A 31 6.38 9.97 6.62
N ASP A 32 5.08 10.24 6.54
CA ASP A 32 4.09 9.68 7.43
C ASP A 32 3.78 8.26 7.04
N ILE A 33 3.16 7.57 8.00
CA ILE A 33 2.78 6.19 7.88
C ILE A 33 1.34 6.03 8.41
N LEU A 34 0.35 6.08 7.53
CA LEU A 34 -1.07 5.97 7.88
C LEU A 34 -1.64 4.57 7.59
N ASP A 35 -2.64 4.14 8.36
CA ASP A 35 -3.34 2.86 8.31
C ASP A 35 -4.80 3.10 8.64
N GLY A 36 -5.69 2.94 7.65
CA GLY A 36 -7.13 3.14 7.80
C GLY A 36 -7.69 2.20 8.87
N GLY A 37 -7.70 0.91 8.58
CA GLY A 37 -8.21 -0.15 9.43
C GLY A 37 -9.32 -0.96 8.75
N ALA A 38 -9.89 -1.93 9.45
CA ALA A 38 -10.95 -2.79 8.93
C ALA A 38 -12.24 -1.98 8.64
N GLY A 39 -12.55 -1.78 7.37
CA GLY A 39 -13.71 -1.08 6.90
C GLY A 39 -13.43 -0.43 5.55
N ARG A 40 -14.49 0.08 4.91
CA ARG A 40 -14.34 0.76 3.65
C ARG A 40 -14.06 2.19 4.06
N ASP A 41 -12.80 2.57 4.10
CA ASP A 41 -12.36 3.89 4.50
C ASP A 41 -11.81 4.63 3.29
N ARG A 42 -11.71 5.95 3.41
CA ARG A 42 -11.20 6.83 2.39
C ARG A 42 -9.99 7.58 2.93
N LEU A 43 -8.80 7.24 2.47
CA LEU A 43 -7.54 7.85 2.87
C LEU A 43 -7.03 8.72 1.71
N SER A 44 -6.26 9.76 2.04
CA SER A 44 -5.66 10.70 1.11
C SER A 44 -4.35 11.16 1.78
N GLY A 45 -3.21 10.55 1.49
CA GLY A 45 -1.91 10.88 2.08
C GLY A 45 -1.68 12.38 2.01
N GLY A 46 -1.70 12.88 0.77
CA GLY A 46 -1.50 14.29 0.51
C GLY A 46 -0.14 14.48 -0.15
N ALA A 47 0.31 15.72 -0.31
CA ALA A 47 1.61 15.99 -0.89
C ALA A 47 2.63 15.67 0.21
N GLY A 48 3.29 14.53 0.07
CA GLY A 48 4.29 13.95 0.96
C GLY A 48 4.92 12.78 0.24
N ALA A 49 5.56 11.91 1.02
CA ALA A 49 6.22 10.67 0.62
C ALA A 49 5.75 9.70 1.72
N ASP A 50 4.45 9.44 1.72
CA ASP A 50 3.67 8.63 2.66
C ASP A 50 3.81 7.14 2.53
N THR A 51 3.30 6.45 3.54
CA THR A 51 3.29 5.00 3.69
C THR A 51 1.90 4.47 4.06
N PHE A 52 1.17 3.91 3.10
CA PHE A 52 -0.17 3.36 3.33
C PHE A 52 0.06 1.93 3.83
N VAL A 53 -0.04 1.70 5.13
CA VAL A 53 0.18 0.40 5.75
C VAL A 53 -1.15 -0.35 5.94
N PHE A 54 -1.17 -1.66 5.68
CA PHE A 54 -2.34 -2.54 5.87
C PHE A 54 -1.83 -3.92 6.30
N SER A 55 -2.64 -4.71 7.04
CA SER A 55 -2.21 -6.02 7.51
C SER A 55 -3.23 -6.95 8.21
N ALA A 56 -4.57 -6.74 8.28
CA ALA A 56 -5.42 -7.69 9.03
C ALA A 56 -6.47 -8.39 8.18
N ARG A 57 -7.06 -9.43 8.77
CA ARG A 57 -8.06 -10.29 8.15
C ARG A 57 -9.38 -9.64 7.75
N GLU A 58 -9.81 -8.50 8.31
CA GLU A 58 -11.06 -7.91 7.85
C GLU A 58 -10.70 -6.99 6.68
N ASP A 59 -9.57 -6.27 6.70
CA ASP A 59 -9.22 -5.42 5.57
C ASP A 59 -8.42 -6.36 4.67
N SER A 60 -9.14 -7.25 3.98
CA SER A 60 -8.57 -8.23 3.10
C SER A 60 -9.51 -8.60 1.95
N TYR A 61 -10.83 -8.50 2.14
CA TYR A 61 -11.82 -8.86 1.13
C TYR A 61 -13.18 -8.32 1.55
N ARG A 62 -14.21 -8.55 0.72
CA ARG A 62 -15.58 -8.16 1.00
C ARG A 62 -16.37 -9.43 1.17
N THR A 63 -17.53 -9.27 1.78
CA THR A 63 -18.47 -10.36 2.02
C THR A 63 -19.82 -9.88 1.51
N ASP A 64 -20.74 -10.80 1.25
CA ASP A 64 -22.08 -10.41 0.80
C ASP A 64 -22.73 -9.62 1.93
N THR A 65 -22.50 -10.07 3.17
CA THR A 65 -23.01 -9.50 4.40
C THR A 65 -22.43 -8.11 4.70
N ALA A 66 -21.17 -7.82 4.36
CA ALA A 66 -20.54 -6.56 4.63
C ALA A 66 -19.28 -6.36 3.76
N VAL A 67 -19.16 -5.20 3.14
CA VAL A 67 -18.03 -4.85 2.30
C VAL A 67 -17.05 -4.02 3.14
N PHE A 68 -15.75 -4.13 2.82
CA PHE A 68 -14.65 -3.43 3.48
C PHE A 68 -13.68 -2.89 2.40
N ASN A 69 -14.16 -2.73 1.16
CA ASN A 69 -13.37 -2.24 0.02
C ASN A 69 -12.78 -0.85 0.26
N ASP A 70 -11.45 -0.77 0.29
CA ASP A 70 -10.68 0.45 0.49
C ASP A 70 -10.78 1.34 -0.75
N LEU A 71 -10.67 2.64 -0.55
CA LEU A 71 -10.73 3.64 -1.59
C LEU A 71 -9.67 4.68 -1.28
N ILE A 72 -8.64 4.72 -2.11
CA ILE A 72 -7.53 5.63 -1.91
C ILE A 72 -7.71 6.80 -2.84
N LEU A 73 -7.43 7.98 -2.30
CA LEU A 73 -7.46 9.24 -3.00
C LEU A 73 -6.02 9.72 -3.18
N ASP A 74 -5.83 10.51 -4.23
CA ASP A 74 -4.64 11.22 -4.71
C ASP A 74 -3.32 10.57 -4.29
N PHE A 75 -2.98 9.43 -4.93
CA PHE A 75 -1.75 8.67 -4.65
C PHE A 75 -0.59 9.24 -5.46
N GLU A 76 0.52 9.55 -4.80
CA GLU A 76 1.70 10.08 -5.43
C GLU A 76 2.76 8.98 -5.54
N ALA A 77 2.64 8.02 -6.47
CA ALA A 77 3.61 6.93 -6.64
C ALA A 77 5.07 7.40 -6.71
N SER A 78 5.29 8.64 -7.17
CA SER A 78 6.60 9.26 -7.28
C SER A 78 7.26 9.39 -5.89
N GLU A 79 6.50 9.47 -4.80
CA GLU A 79 6.99 9.66 -3.43
C GLU A 79 6.41 8.69 -2.41
N ASP A 80 5.12 8.41 -2.51
CA ASP A 80 4.37 7.53 -1.62
C ASP A 80 4.86 6.09 -1.71
N ARG A 81 4.54 5.38 -0.65
CA ARG A 81 4.84 3.99 -0.37
C ARG A 81 3.59 3.30 0.12
N ILE A 82 3.65 1.98 0.11
CA ILE A 82 2.54 1.11 0.50
C ILE A 82 3.09 -0.15 1.21
N ASP A 83 2.72 -0.45 2.45
CA ASP A 83 3.22 -1.67 3.13
C ASP A 83 2.08 -2.68 3.18
N LEU A 84 2.06 -3.57 2.19
CA LEU A 84 1.06 -4.63 2.04
C LEU A 84 1.74 -6.00 2.15
N SER A 85 2.96 -6.05 2.70
CA SER A 85 3.71 -7.29 2.86
C SER A 85 2.88 -8.36 3.58
N ALA A 86 2.20 -8.01 4.67
CA ALA A 86 1.38 -8.92 5.47
C ALA A 86 0.16 -9.50 4.73
N LEU A 87 -0.24 -8.99 3.56
CA LEU A 87 -1.39 -9.46 2.81
C LEU A 87 -0.93 -10.00 1.46
N GLY A 88 -0.20 -11.12 1.40
CA GLY A 88 0.24 -11.65 0.12
C GLY A 88 1.61 -12.33 0.10
N PHE A 89 1.64 -13.61 0.48
CA PHE A 89 2.81 -14.48 0.45
C PHE A 89 2.30 -15.91 0.23
N SER A 90 3.27 -16.82 0.12
CA SER A 90 3.35 -18.24 -0.13
C SER A 90 3.92 -18.45 -1.54
N GLY A 91 4.16 -17.35 -2.27
CA GLY A 91 4.70 -17.30 -3.63
C GLY A 91 3.95 -16.26 -4.46
N LEU A 92 4.25 -16.13 -5.75
CA LEU A 92 3.58 -15.18 -6.65
C LEU A 92 2.62 -15.92 -7.58
N GLY A 93 1.71 -15.14 -8.20
CA GLY A 93 0.71 -15.65 -9.14
C GLY A 93 -0.11 -14.49 -9.67
N ASP A 94 -0.93 -13.89 -8.80
CA ASP A 94 -1.83 -12.75 -8.97
C ASP A 94 -3.05 -12.89 -8.06
N GLY A 95 -2.83 -12.73 -6.77
CA GLY A 95 -3.90 -12.77 -5.80
C GLY A 95 -4.72 -14.04 -5.73
N TYR A 96 -4.07 -15.19 -5.78
CA TYR A 96 -4.70 -16.51 -5.72
C TYR A 96 -4.22 -17.20 -4.45
N GLY A 97 -4.35 -18.53 -4.41
CA GLY A 97 -4.00 -19.47 -3.35
C GLY A 97 -2.55 -19.35 -2.92
N GLY A 98 -2.32 -18.28 -2.19
CA GLY A 98 -1.06 -17.88 -1.62
C GLY A 98 -0.28 -16.94 -2.55
N THR A 99 -0.96 -16.05 -3.29
CA THR A 99 -0.28 -15.12 -4.19
C THR A 99 -0.84 -13.70 -4.09
N LEU A 100 -0.17 -12.70 -4.71
CA LEU A 100 -0.55 -11.29 -4.67
C LEU A 100 0.13 -10.49 -5.78
N LEU A 101 -0.64 -9.75 -6.57
CA LEU A 101 -0.10 -8.89 -7.63
C LEU A 101 -0.96 -7.62 -7.81
N LEU A 102 -0.38 -6.54 -8.32
CA LEU A 102 -1.05 -5.27 -8.59
C LEU A 102 -1.58 -5.36 -10.03
N LYS A 103 -2.62 -4.61 -10.38
CA LYS A 103 -3.19 -4.66 -11.74
C LYS A 103 -3.87 -3.35 -12.13
N THR A 104 -4.26 -3.22 -13.40
CA THR A 104 -4.90 -2.00 -13.90
C THR A 104 -6.26 -2.28 -14.55
N ASN A 105 -7.03 -1.20 -14.77
CA ASN A 105 -8.35 -1.20 -15.41
C ASN A 105 -8.16 -1.46 -16.91
N ALA A 106 -9.24 -1.62 -17.71
CA ALA A 106 -9.11 -1.85 -19.15
C ALA A 106 -8.34 -0.67 -19.80
N GLU A 107 -8.75 0.57 -19.49
CA GLU A 107 -8.11 1.77 -19.99
C GLU A 107 -6.84 2.07 -19.19
N GLY A 108 -6.75 1.53 -17.97
CA GLY A 108 -5.64 1.75 -17.07
C GLY A 108 -5.75 3.10 -16.37
N THR A 109 -6.89 3.78 -16.43
CA THR A 109 -7.08 5.07 -15.78
C THR A 109 -7.10 4.86 -14.26
N ARG A 110 -7.53 3.66 -13.84
CA ARG A 110 -7.60 3.20 -12.48
C ARG A 110 -6.70 1.98 -12.33
N THR A 111 -6.35 1.69 -11.09
CA THR A 111 -5.50 0.60 -10.67
C THR A 111 -6.24 -0.19 -9.59
N TYR A 112 -6.29 -1.53 -9.71
CA TYR A 112 -6.94 -2.46 -8.79
C TYR A 112 -5.98 -3.62 -8.54
N LEU A 113 -5.52 -3.85 -7.31
CA LEU A 113 -4.60 -4.93 -6.95
C LEU A 113 -5.41 -6.15 -6.52
N LYS A 114 -4.78 -7.32 -6.47
CA LYS A 114 -5.43 -8.56 -6.09
C LYS A 114 -4.52 -9.39 -5.18
N SER A 115 -5.01 -9.72 -3.99
CA SER A 115 -4.36 -10.54 -2.98
C SER A 115 -5.38 -11.65 -2.72
N PHE A 116 -4.89 -12.87 -2.54
CA PHE A 116 -5.60 -14.11 -2.29
C PHE A 116 -7.13 -14.04 -2.30
N GLU A 117 -7.78 -14.11 -3.48
CA GLU A 117 -9.24 -14.08 -3.60
C GLU A 117 -9.81 -15.50 -3.59
N ALA A 118 -11.14 -15.61 -3.51
CA ALA A 118 -11.89 -16.86 -3.49
C ALA A 118 -13.17 -16.65 -4.31
N ASP A 119 -14.25 -17.29 -3.91
CA ASP A 119 -15.57 -17.25 -4.52
C ASP A 119 -16.32 -16.06 -3.94
N ALA A 120 -17.19 -15.43 -4.74
CA ALA A 120 -17.97 -14.26 -4.33
C ALA A 120 -18.99 -14.53 -3.21
N GLU A 121 -19.23 -15.79 -2.85
CA GLU A 121 -20.16 -16.18 -1.79
C GLU A 121 -19.40 -16.27 -0.48
N GLY A 122 -18.16 -16.77 -0.53
CA GLY A 122 -17.25 -16.93 0.57
C GLY A 122 -16.67 -15.56 0.89
N ARG A 123 -15.79 -15.04 0.04
CA ARG A 123 -15.12 -13.74 0.18
C ARG A 123 -14.28 -13.45 -1.06
N ARG A 124 -14.20 -12.20 -1.49
CA ARG A 124 -13.38 -11.84 -2.66
C ARG A 124 -12.63 -10.54 -2.43
N PHE A 125 -11.47 -10.35 -3.08
CA PHE A 125 -10.66 -9.16 -2.90
C PHE A 125 -11.09 -8.03 -3.83
N GLU A 126 -11.20 -6.80 -3.32
CA GLU A 126 -11.54 -5.63 -4.12
C GLU A 126 -11.13 -4.34 -3.40
N VAL A 127 -10.15 -3.62 -3.95
CA VAL A 127 -9.65 -2.34 -3.43
C VAL A 127 -9.42 -1.43 -4.63
N ALA A 128 -9.71 -0.15 -4.47
CA ALA A 128 -9.58 0.85 -5.51
C ALA A 128 -8.59 1.94 -5.10
N LEU A 129 -7.61 2.20 -5.95
CA LEU A 129 -6.57 3.21 -5.79
C LEU A 129 -6.83 4.29 -6.83
N ASP A 130 -6.80 5.58 -6.51
CA ASP A 130 -7.00 6.61 -7.55
C ASP A 130 -5.67 6.84 -8.26
N GLY A 131 -5.73 6.95 -9.59
CA GLY A 131 -4.67 7.16 -10.56
C GLY A 131 -3.47 7.98 -10.10
N ASP A 132 -2.30 7.42 -10.37
CA ASP A 132 -0.97 7.88 -10.11
C ASP A 132 -0.32 8.33 -11.41
N HIS A 133 0.72 9.16 -11.29
CA HIS A 133 1.54 9.73 -12.34
C HIS A 133 2.44 8.66 -12.97
N THR A 134 2.83 7.65 -12.19
CA THR A 134 3.67 6.55 -12.61
C THR A 134 3.03 5.33 -11.93
N GLY A 135 2.67 4.29 -12.69
CA GLY A 135 2.07 3.09 -12.12
C GLY A 135 3.14 2.06 -11.83
N ASP A 136 4.33 2.53 -11.44
CA ASP A 136 5.51 1.73 -11.16
C ASP A 136 5.56 1.17 -9.74
N LEU A 137 6.12 -0.03 -9.62
CA LEU A 137 6.29 -0.76 -8.39
C LEU A 137 7.71 -1.29 -8.22
N SER A 138 8.24 -1.19 -7.01
CA SER A 138 9.53 -1.64 -6.54
C SER A 138 9.53 -1.36 -5.04
N ALA A 139 10.69 -1.58 -4.44
CA ALA A 139 10.97 -1.43 -3.01
C ALA A 139 10.71 0.00 -2.49
N ALA A 140 10.68 0.97 -3.39
CA ALA A 140 10.42 2.36 -3.06
C ALA A 140 8.91 2.56 -2.90
N ASN A 141 8.14 2.12 -3.91
CA ASN A 141 6.69 2.26 -3.94
C ASN A 141 5.91 1.31 -3.06
N VAL A 142 6.45 0.13 -2.80
CA VAL A 142 5.80 -0.88 -1.97
C VAL A 142 6.81 -1.61 -1.09
N VAL A 143 6.38 -2.06 0.08
CA VAL A 143 7.20 -2.81 1.01
C VAL A 143 6.95 -4.29 0.68
N PHE A 144 7.92 -4.94 0.03
CA PHE A 144 7.78 -6.36 -0.33
C PHE A 144 7.78 -7.20 0.94
N ALA A 145 8.83 -7.01 1.75
CA ALA A 145 9.11 -7.64 3.03
C ALA A 145 10.31 -6.88 3.58
N ALA A 146 10.16 -6.16 4.69
CA ALA A 146 11.22 -5.39 5.31
C ALA A 146 12.31 -6.34 5.84
N THR A 147 13.34 -6.63 5.03
CA THR A 147 14.45 -7.53 5.37
C THR A 147 15.79 -6.85 5.08
N GLY A 148 16.91 -7.57 5.15
CA GLY A 148 18.22 -7.00 4.88
C GLY A 148 18.38 -6.71 3.40
N THR A 149 19.39 -5.93 3.02
CA THR A 149 19.68 -5.59 1.63
C THR A 149 21.18 -5.37 1.44
N THR A 150 21.60 -5.08 0.20
CA THR A 150 22.99 -4.85 -0.17
C THR A 150 23.56 -3.58 0.47
N THR A 151 24.89 -3.43 0.40
CA THR A 151 25.67 -2.31 0.90
C THR A 151 27.04 -2.42 0.22
N GLU A 152 27.71 -1.29 0.05
CA GLU A 152 29.03 -1.15 -0.53
C GLU A 152 29.66 -0.02 0.28
N LEU A 153 30.69 -0.35 1.04
CA LEU A 153 31.42 0.56 1.93
C LEU A 153 32.94 0.37 1.77
N GLU A 154 33.35 -0.39 0.74
CA GLU A 154 34.75 -0.68 0.42
C GLU A 154 35.45 0.58 -0.10
N VAL A 155 36.77 0.50 -0.28
CA VAL A 155 37.56 1.61 -0.81
C VAL A 155 37.30 1.65 -2.31
N LEU A 156 37.20 2.87 -2.84
CA LEU A 156 36.94 3.11 -4.25
C LEU A 156 38.00 2.44 -5.14
N GLY A 157 37.53 1.70 -6.14
CA GLY A 157 38.32 0.98 -7.12
C GLY A 157 37.36 0.15 -7.96
N ASP A 158 36.53 -0.62 -7.28
CA ASP A 158 35.49 -1.52 -7.77
C ASP A 158 34.51 -1.69 -6.59
N SER A 159 33.38 -2.39 -6.73
CA SER A 159 32.44 -2.59 -5.63
C SER A 159 31.77 -3.95 -5.80
N GLY A 160 31.56 -4.67 -4.69
CA GLY A 160 30.95 -5.99 -4.71
C GLY A 160 29.54 -6.00 -5.32
N THR A 161 28.83 -4.86 -5.29
CA THR A 161 27.48 -4.71 -5.82
C THR A 161 27.41 -3.66 -6.95
N GLN A 162 28.55 -3.20 -7.48
CA GLN A 162 28.59 -2.20 -8.53
C GLN A 162 29.89 -2.31 -9.33
N ALA A 163 29.82 -3.02 -10.46
CA ALA A 163 30.96 -3.24 -11.34
C ALA A 163 31.56 -1.92 -11.82
N GLY A 164 32.84 -1.70 -11.53
CA GLY A 164 33.59 -0.51 -11.90
C GLY A 164 34.50 -0.77 -13.11
N ALA A 165 35.32 0.23 -13.46
CA ALA A 165 36.28 0.20 -14.55
C ALA A 165 37.35 1.26 -14.26
N ILE A 166 38.52 1.14 -14.90
CA ILE A 166 39.67 2.02 -14.76
C ILE A 166 40.28 2.25 -16.16
N VAL A 167 41.57 2.59 -16.24
CA VAL A 167 42.36 2.84 -17.44
C VAL A 167 43.68 2.10 -17.20
N GLY A 1 -16.59 20.79 5.23
CA GLY A 1 -16.79 19.97 6.43
C GLY A 1 -16.36 18.54 6.18
N SER A 2 -15.23 18.12 6.75
CA SER A 2 -14.70 16.76 6.62
C SER A 2 -15.31 15.96 7.77
N ASP A 3 -16.00 14.86 7.47
CA ASP A 3 -16.66 14.01 8.48
C ASP A 3 -15.79 12.87 9.03
N GLY A 4 -14.71 12.53 8.36
CA GLY A 4 -13.77 11.48 8.74
C GLY A 4 -12.61 12.05 9.56
N GLU A 5 -11.41 11.48 9.42
CA GLU A 5 -10.18 11.82 10.12
C GLU A 5 -9.00 11.69 9.13
N PRO A 6 -8.66 12.74 8.36
CA PRO A 6 -7.56 12.71 7.40
C PRO A 6 -6.20 12.80 8.12
N LEU A 7 -5.12 12.21 7.58
CA LEU A 7 -3.79 12.25 8.16
C LEU A 7 -2.88 12.78 7.08
N VAL A 8 -2.34 13.96 7.27
CA VAL A 8 -1.46 14.59 6.30
C VAL A 8 -0.10 14.82 6.96
N GLY A 9 0.93 14.26 6.34
CA GLY A 9 2.33 14.36 6.73
C GLY A 9 2.97 15.56 6.06
N GLY A 10 4.28 15.50 5.85
CA GLY A 10 5.01 16.57 5.21
C GLY A 10 6.37 16.09 4.75
N ASP A 11 7.29 15.94 5.70
CA ASP A 11 8.66 15.51 5.42
C ASP A 11 9.41 14.92 6.61
N THR A 12 8.98 15.25 7.81
CA THR A 12 9.58 14.75 9.04
C THR A 12 8.98 13.38 9.30
N ASP A 13 9.87 12.40 9.31
CA ASP A 13 9.54 11.00 9.50
C ASP A 13 8.81 10.72 10.79
N ASP A 14 7.72 9.98 10.67
CA ASP A 14 6.85 9.56 11.76
C ASP A 14 5.98 8.43 11.23
N GLN A 15 4.92 8.08 11.95
CA GLN A 15 3.94 7.07 11.63
C GLN A 15 2.63 7.85 11.48
N LEU A 16 1.95 7.67 10.36
CA LEU A 16 0.71 8.34 9.99
C LEU A 16 -0.38 7.29 9.83
N GLN A 17 -1.18 7.05 10.87
CA GLN A 17 -2.23 6.05 10.86
C GLN A 17 -3.60 6.72 11.00
N GLY A 18 -4.41 6.69 9.95
CA GLY A 18 -5.74 7.28 9.98
C GLY A 18 -6.64 6.44 10.88
N GLY A 19 -6.60 5.12 10.73
CA GLY A 19 -7.37 4.14 11.49
C GLY A 19 -8.63 3.75 10.71
N SER A 20 -9.05 2.49 10.86
CA SER A 20 -10.21 1.87 10.21
C SER A 20 -11.43 2.81 10.16
N GLY A 21 -11.95 3.03 8.95
CA GLY A 21 -13.08 3.89 8.64
C GLY A 21 -13.00 4.17 7.14
N ALA A 22 -13.44 5.36 6.68
CA ALA A 22 -13.30 5.76 5.28
C ALA A 22 -12.52 7.04 5.50
N ASP A 23 -11.20 6.99 5.45
CA ASP A 23 -10.31 8.12 5.74
C ASP A 23 -9.31 8.41 4.62
N ARG A 24 -8.63 9.57 4.68
CA ARG A 24 -7.69 10.02 3.64
C ARG A 24 -6.31 10.40 4.20
N LEU A 25 -5.33 9.56 3.91
CA LEU A 25 -3.94 9.65 4.32
C LEU A 25 -3.09 10.26 3.19
N ASP A 26 -2.08 11.07 3.52
CA ASP A 26 -1.18 11.71 2.56
C ASP A 26 0.15 11.97 3.24
N GLY A 27 1.19 11.24 2.85
CA GLY A 27 2.50 11.40 3.45
C GLY A 27 3.14 12.70 2.97
N GLY A 28 3.45 12.75 1.69
CA GLY A 28 4.11 13.88 1.05
C GLY A 28 5.40 13.36 0.43
N ALA A 29 6.41 13.09 1.26
CA ALA A 29 7.73 12.55 0.88
C ALA A 29 8.44 12.06 2.16
N GLY A 30 9.56 11.33 2.01
CA GLY A 30 10.34 10.84 3.15
C GLY A 30 10.52 9.33 3.20
N ASP A 31 10.82 8.86 4.41
CA ASP A 31 11.02 7.50 4.89
C ASP A 31 10.07 7.30 6.07
N ASP A 32 8.84 7.72 5.83
CA ASP A 32 7.71 7.71 6.74
C ASP A 32 6.91 6.43 6.50
N ILE A 33 6.03 6.15 7.45
CA ILE A 33 5.15 4.99 7.40
C ILE A 33 3.72 5.48 7.49
N LEU A 34 2.91 5.27 6.45
CA LEU A 34 1.52 5.71 6.43
C LEU A 34 0.58 4.53 6.27
N ASP A 35 -0.60 4.65 6.87
CA ASP A 35 -1.66 3.65 6.86
C ASP A 35 -3.02 4.33 6.88
N GLY A 36 -3.81 4.15 5.82
CA GLY A 36 -5.15 4.71 5.76
C GLY A 36 -5.87 4.14 6.97
N GLY A 37 -5.93 2.82 7.00
CA GLY A 37 -6.53 1.97 8.00
C GLY A 37 -7.19 0.82 7.26
N ALA A 38 -7.68 -0.16 8.01
CA ALA A 38 -8.36 -1.30 7.44
C ALA A 38 -9.74 -0.77 7.04
N GLY A 39 -9.99 -0.59 5.75
CA GLY A 39 -11.21 -0.08 5.22
C GLY A 39 -10.96 0.57 3.87
N ARG A 40 -12.02 1.13 3.28
CA ARG A 40 -11.89 1.80 2.00
C ARG A 40 -11.32 3.18 2.30
N ASP A 41 -10.03 3.31 2.17
CA ASP A 41 -9.31 4.54 2.46
C ASP A 41 -8.52 4.99 1.25
N ARG A 42 -8.13 6.27 1.25
CA ARG A 42 -7.34 6.84 0.18
C ARG A 42 -5.97 7.16 0.76
N LEU A 43 -4.92 6.50 0.28
CA LEU A 43 -3.56 6.70 0.75
C LEU A 43 -2.70 7.09 -0.45
N SER A 44 -1.72 7.95 -0.22
CA SER A 44 -0.78 8.43 -1.20
C SER A 44 0.50 8.72 -0.43
N GLY A 45 1.58 8.01 -0.78
CA GLY A 45 2.86 8.24 -0.15
C GLY A 45 3.40 9.53 -0.73
N GLY A 46 3.62 9.53 -2.03
CA GLY A 46 4.18 10.65 -2.78
C GLY A 46 5.56 10.22 -3.27
N ALA A 47 6.39 11.19 -3.65
CA ALA A 47 7.74 10.90 -4.10
C ALA A 47 8.57 10.74 -2.82
N GLY A 48 8.88 9.49 -2.47
CA GLY A 48 9.65 9.13 -1.29
C GLY A 48 9.73 7.61 -1.20
N ALA A 49 10.50 7.13 -0.24
CA ALA A 49 10.72 5.71 0.04
C ALA A 49 9.88 5.44 1.28
N ASP A 50 8.58 5.68 1.13
CA ASP A 50 7.59 5.55 2.20
C ASP A 50 7.27 4.08 2.42
N THR A 51 6.64 3.80 3.54
CA THR A 51 6.24 2.48 3.98
C THR A 51 4.73 2.47 4.12
N PHE A 52 4.05 1.44 3.59
CA PHE A 52 2.62 1.29 3.62
C PHE A 52 2.29 0.08 4.47
N VAL A 53 1.38 0.25 5.43
CA VAL A 53 0.94 -0.80 6.33
C VAL A 53 -0.22 -1.57 5.72
N PHE A 54 0.03 -2.81 5.36
CA PHE A 54 -0.89 -3.77 4.77
C PHE A 54 -0.73 -5.05 5.58
N SER A 55 -1.75 -5.88 5.44
CA SER A 55 -1.95 -7.15 6.07
C SER A 55 -2.65 -6.95 7.41
N ALA A 56 -3.82 -6.29 7.41
CA ALA A 56 -4.61 -6.00 8.60
C ALA A 56 -5.96 -6.73 8.58
N ARG A 57 -6.69 -6.60 9.69
CA ARG A 57 -7.99 -7.21 9.96
C ARG A 57 -9.02 -6.99 8.86
N GLU A 58 -9.54 -5.78 8.70
CA GLU A 58 -10.54 -5.51 7.68
C GLU A 58 -9.90 -5.37 6.29
N ASP A 59 -8.57 -5.23 6.18
CA ASP A 59 -7.82 -5.07 4.91
C ASP A 59 -7.73 -6.35 4.05
N SER A 60 -8.37 -7.38 4.55
CA SER A 60 -8.41 -8.71 3.98
C SER A 60 -9.29 -8.94 2.75
N TYR A 61 -10.55 -8.49 2.73
CA TYR A 61 -11.46 -8.71 1.60
C TYR A 61 -12.70 -7.84 1.70
N ARG A 62 -13.60 -7.96 0.73
CA ARG A 62 -14.88 -7.27 0.65
C ARG A 62 -16.00 -8.30 0.71
N THR A 63 -17.16 -7.80 1.09
CA THR A 63 -18.42 -8.52 1.17
C THR A 63 -19.45 -7.53 0.65
N ASP A 64 -20.63 -8.00 0.28
CA ASP A 64 -21.69 -7.13 -0.24
C ASP A 64 -22.22 -6.22 0.87
N THR A 65 -21.88 -6.46 2.14
CA THR A 65 -22.30 -5.68 3.29
C THR A 65 -21.12 -4.90 3.91
N ALA A 66 -19.87 -5.25 3.58
CA ALA A 66 -18.68 -4.59 4.10
C ALA A 66 -17.52 -4.63 3.11
N VAL A 67 -17.55 -3.70 2.16
CA VAL A 67 -16.50 -3.55 1.19
C VAL A 67 -15.45 -2.71 1.90
N PHE A 68 -14.20 -3.15 1.84
CA PHE A 68 -13.04 -2.49 2.45
C PHE A 68 -11.98 -2.26 1.35
N ASN A 69 -12.44 -2.13 0.10
CA ASN A 69 -11.64 -1.91 -1.08
C ASN A 69 -10.97 -0.54 -1.01
N ASP A 70 -9.68 -0.55 -0.66
CA ASP A 70 -8.78 0.60 -0.51
C ASP A 70 -8.46 1.16 -1.92
N LEU A 71 -8.07 2.43 -1.98
CA LEU A 71 -7.71 3.12 -3.20
C LEU A 71 -6.38 3.84 -2.97
N ILE A 72 -5.30 3.27 -3.52
CA ILE A 72 -3.98 3.85 -3.39
C ILE A 72 -3.77 4.78 -4.58
N LEU A 73 -3.17 5.94 -4.32
CA LEU A 73 -2.85 6.95 -5.29
C LEU A 73 -1.35 7.02 -5.56
N ASP A 74 -1.03 7.55 -6.74
CA ASP A 74 0.26 7.83 -7.37
C ASP A 74 1.44 7.02 -6.82
N PHE A 75 1.32 5.68 -6.85
CA PHE A 75 2.31 4.72 -6.37
C PHE A 75 3.54 4.65 -7.29
N GLU A 76 4.74 4.49 -6.71
CA GLU A 76 6.03 4.42 -7.40
C GLU A 76 6.93 3.36 -6.73
N ALA A 77 6.96 2.14 -7.27
CA ALA A 77 7.75 1.01 -6.77
C ALA A 77 9.25 1.29 -6.73
N SER A 78 9.69 2.35 -7.41
CA SER A 78 11.07 2.80 -7.49
C SER A 78 11.63 3.22 -6.13
N GLU A 79 10.83 3.39 -5.07
CA GLU A 79 11.27 3.76 -3.74
C GLU A 79 10.29 3.33 -2.64
N ASP A 80 8.99 3.45 -2.86
CA ASP A 80 7.99 3.08 -1.84
C ASP A 80 7.97 1.58 -1.53
N ARG A 81 7.44 1.23 -0.34
CA ARG A 81 7.35 -0.16 0.17
C ARG A 81 6.01 -0.53 0.80
N ILE A 82 5.63 -1.82 0.83
CA ILE A 82 4.37 -2.31 1.42
C ILE A 82 4.60 -3.55 2.30
N ASP A 83 3.95 -3.63 3.46
CA ASP A 83 4.08 -4.82 4.31
C ASP A 83 3.07 -5.90 3.91
N LEU A 84 3.48 -7.13 3.62
CA LEU A 84 2.59 -8.24 3.24
C LEU A 84 2.95 -9.50 4.04
N SER A 85 3.61 -9.34 5.19
CA SER A 85 4.01 -10.49 6.00
C SER A 85 2.78 -11.34 6.46
N ALA A 86 1.59 -10.76 6.71
CA ALA A 86 0.43 -11.55 7.17
C ALA A 86 -0.63 -11.86 6.12
N LEU A 87 -0.68 -11.18 4.96
CA LEU A 87 -1.67 -11.41 3.92
C LEU A 87 -0.91 -11.66 2.63
N GLY A 88 -1.03 -12.86 2.07
CA GLY A 88 -0.36 -13.24 0.83
C GLY A 88 0.81 -14.13 1.16
N PHE A 89 0.70 -15.41 0.80
CA PHE A 89 1.71 -16.42 1.04
C PHE A 89 2.94 -16.19 0.15
N SER A 90 3.98 -17.01 0.37
CA SER A 90 5.22 -16.94 -0.38
C SER A 90 5.04 -17.45 -1.82
N GLY A 91 3.96 -18.20 -2.10
CA GLY A 91 3.70 -18.76 -3.43
C GLY A 91 2.66 -17.99 -4.22
N LEU A 92 3.11 -17.20 -5.19
CA LEU A 92 2.24 -16.45 -6.10
C LEU A 92 1.60 -17.45 -7.06
N GLY A 93 0.63 -17.03 -7.87
CA GLY A 93 0.00 -17.95 -8.82
C GLY A 93 -1.08 -17.28 -9.64
N ASP A 94 -2.35 -17.44 -9.24
CA ASP A 94 -3.50 -16.86 -9.94
C ASP A 94 -4.59 -16.30 -9.02
N GLY A 95 -4.44 -16.44 -7.71
CA GLY A 95 -5.39 -15.94 -6.73
C GLY A 95 -6.62 -16.85 -6.60
N TYR A 96 -6.43 -18.16 -6.42
CA TYR A 96 -7.52 -19.12 -6.32
C TYR A 96 -7.42 -20.12 -5.18
N GLY A 97 -6.32 -20.84 -5.23
CA GLY A 97 -5.92 -21.90 -4.32
C GLY A 97 -4.65 -21.58 -3.57
N GLY A 98 -4.75 -20.70 -2.57
CA GLY A 98 -3.63 -20.26 -1.74
C GLY A 98 -2.60 -19.44 -2.52
N THR A 99 -2.96 -18.98 -3.71
CA THR A 99 -2.12 -18.20 -4.60
C THR A 99 -2.52 -16.72 -4.54
N LEU A 100 -1.75 -15.87 -5.20
CA LEU A 100 -1.92 -14.42 -5.27
C LEU A 100 -1.33 -13.98 -6.60
N LEU A 101 -2.06 -13.17 -7.36
CA LEU A 101 -1.62 -12.62 -8.65
C LEU A 101 -2.20 -11.21 -8.83
N LEU A 102 -1.53 -10.40 -9.64
CA LEU A 102 -1.90 -9.04 -9.98
C LEU A 102 -2.05 -8.92 -11.50
N LYS A 103 -2.87 -7.96 -11.90
CA LYS A 103 -3.20 -7.61 -13.27
C LYS A 103 -3.39 -6.10 -13.33
N THR A 104 -3.53 -5.56 -14.53
CA THR A 104 -3.73 -4.13 -14.73
C THR A 104 -5.04 -3.91 -15.48
N ASN A 105 -5.62 -2.71 -15.34
CA ASN A 105 -6.87 -2.33 -16.00
C ASN A 105 -6.70 -2.28 -17.54
N ALA A 106 -7.75 -1.92 -18.27
CA ALA A 106 -7.75 -1.81 -19.73
C ALA A 106 -6.55 -0.99 -20.25
N GLU A 107 -6.29 0.19 -19.65
CA GLU A 107 -5.20 1.08 -20.04
C GLU A 107 -3.85 0.57 -19.50
N GLY A 108 -3.87 -0.18 -18.41
CA GLY A 108 -2.71 -0.76 -17.75
C GLY A 108 -2.12 0.09 -16.63
N THR A 109 -2.53 1.35 -16.49
CA THR A 109 -2.05 2.29 -15.47
C THR A 109 -2.52 1.89 -14.07
N ARG A 110 -3.78 1.48 -13.95
CA ARG A 110 -4.33 1.06 -12.67
C ARG A 110 -4.02 -0.41 -12.54
N THR A 111 -3.63 -0.81 -11.35
CA THR A 111 -3.28 -2.17 -11.01
C THR A 111 -4.35 -2.70 -10.07
N TYR A 112 -4.76 -3.94 -10.31
CA TYR A 112 -5.75 -4.68 -9.55
C TYR A 112 -5.10 -6.01 -9.18
N LEU A 113 -4.96 -6.29 -7.89
CA LEU A 113 -4.35 -7.52 -7.35
C LEU A 113 -5.29 -8.16 -6.33
N LYS A 114 -5.26 -9.49 -6.20
CA LYS A 114 -6.08 -10.21 -5.25
C LYS A 114 -5.36 -11.45 -4.72
N SER A 115 -5.48 -11.66 -3.41
CA SER A 115 -4.90 -12.75 -2.67
C SER A 115 -6.04 -13.70 -2.33
N PHE A 116 -5.82 -15.00 -2.55
CA PHE A 116 -6.69 -16.15 -2.32
C PHE A 116 -8.16 -15.77 -2.13
N GLU A 117 -8.87 -15.46 -3.22
CA GLU A 117 -10.27 -15.07 -3.13
C GLU A 117 -11.18 -16.30 -3.16
N ALA A 118 -12.43 -16.14 -2.70
CA ALA A 118 -13.43 -17.20 -2.67
C ALA A 118 -14.64 -16.80 -3.51
N ASP A 119 -15.84 -17.09 -3.02
CA ASP A 119 -17.13 -16.83 -3.64
C ASP A 119 -17.70 -15.49 -3.23
N ALA A 120 -18.57 -14.94 -4.09
CA ALA A 120 -19.27 -13.67 -3.93
C ALA A 120 -20.26 -13.69 -2.75
N GLU A 121 -20.41 -14.83 -2.07
CA GLU A 121 -21.32 -15.00 -0.94
C GLU A 121 -20.59 -15.19 0.39
N GLY A 122 -19.28 -15.44 0.34
CA GLY A 122 -18.45 -15.65 1.51
C GLY A 122 -17.56 -14.44 1.74
N ARG A 123 -16.59 -14.22 0.84
CA ARG A 123 -15.63 -13.12 0.89
C ARG A 123 -14.77 -13.12 -0.36
N ARG A 124 -14.49 -11.94 -0.93
CA ARG A 124 -13.66 -11.82 -2.12
C ARG A 124 -12.72 -10.65 -1.95
N PHE A 125 -11.44 -10.80 -2.30
CA PHE A 125 -10.45 -9.75 -2.17
C PHE A 125 -10.55 -8.81 -3.36
N GLU A 126 -10.74 -7.51 -3.14
CA GLU A 126 -10.82 -6.51 -4.22
C GLU A 126 -10.19 -5.21 -3.71
N VAL A 127 -9.20 -4.66 -4.42
CA VAL A 127 -8.50 -3.43 -4.08
C VAL A 127 -8.21 -2.66 -5.37
N ALA A 128 -7.83 -1.38 -5.26
CA ALA A 128 -7.53 -0.52 -6.40
C ALA A 128 -6.23 0.25 -6.16
N LEU A 129 -5.25 0.10 -7.06
CA LEU A 129 -3.95 0.77 -6.99
C LEU A 129 -3.77 1.65 -8.22
N ASP A 130 -3.51 2.94 -8.02
CA ASP A 130 -3.28 3.93 -9.07
C ASP A 130 -1.79 4.29 -9.04
N GLY A 131 -1.07 4.10 -10.14
CA GLY A 131 0.37 4.39 -10.23
C GLY A 131 0.84 4.21 -11.66
N ASP A 132 2.15 4.10 -11.88
CA ASP A 132 2.73 3.89 -13.22
C ASP A 132 3.78 2.81 -13.13
N HIS A 133 4.88 3.10 -12.42
CA HIS A 133 6.01 2.24 -12.16
C HIS A 133 5.62 1.41 -10.97
N THR A 134 4.61 0.60 -11.17
CA THR A 134 4.06 -0.30 -10.18
C THR A 134 3.92 -1.69 -10.80
N GLY A 135 3.63 -2.68 -9.98
CA GLY A 135 3.47 -4.06 -10.36
C GLY A 135 4.71 -4.83 -9.97
N ASP A 136 5.89 -4.27 -10.22
CA ASP A 136 7.16 -4.89 -9.88
C ASP A 136 7.36 -4.85 -8.37
N LEU A 137 7.51 -6.04 -7.80
CA LEU A 137 7.72 -6.26 -6.39
C LEU A 137 8.90 -7.20 -6.20
N SER A 138 9.70 -6.93 -5.18
CA SER A 138 10.84 -7.67 -4.76
C SER A 138 10.99 -7.40 -3.26
N ALA A 139 12.03 -7.98 -2.72
CA ALA A 139 12.47 -7.96 -1.32
C ALA A 139 12.80 -6.57 -0.74
N ALA A 140 12.61 -5.49 -1.50
CA ALA A 140 12.85 -4.12 -1.09
C ALA A 140 11.64 -3.22 -1.36
N ASN A 141 10.58 -3.78 -1.94
CA ASN A 141 9.33 -3.13 -2.28
C ASN A 141 8.22 -3.72 -1.44
N VAL A 142 8.42 -4.95 -0.94
CA VAL A 142 7.49 -5.68 -0.12
C VAL A 142 8.21 -6.31 1.07
N VAL A 143 7.53 -6.43 2.20
CA VAL A 143 8.06 -7.02 3.41
C VAL A 143 7.59 -8.47 3.49
N PHE A 144 8.57 -9.36 3.55
CA PHE A 144 8.47 -10.79 3.66
C PHE A 144 8.06 -11.17 5.06
N ALA A 145 8.83 -10.59 5.97
CA ALA A 145 8.81 -10.64 7.40
C ALA A 145 9.83 -9.63 7.92
N ALA A 146 9.30 -8.67 8.66
CA ALA A 146 9.91 -7.54 9.37
C ALA A 146 11.43 -7.39 9.20
N THR A 147 11.86 -6.38 8.44
CA THR A 147 13.25 -6.04 8.13
C THR A 147 13.52 -4.60 8.60
N GLY A 148 14.53 -3.91 8.03
CA GLY A 148 14.90 -2.54 8.38
C GLY A 148 16.06 -2.06 7.51
N THR A 149 15.78 -1.67 6.28
CA THR A 149 16.77 -1.19 5.32
C THR A 149 16.26 0.10 4.67
N THR A 150 16.95 1.20 4.93
CA THR A 150 16.73 2.58 4.49
C THR A 150 16.92 2.82 2.97
N THR A 151 16.79 1.77 2.13
CA THR A 151 16.92 1.79 0.66
C THR A 151 18.33 2.10 0.13
N GLU A 152 19.20 2.68 0.95
CA GLU A 152 20.56 3.06 0.65
C GLU A 152 21.54 2.39 1.62
N LEU A 153 22.83 2.67 1.43
CA LEU A 153 23.94 2.15 2.23
C LEU A 153 24.99 3.25 2.49
N GLU A 154 24.88 4.38 1.79
CA GLU A 154 25.75 5.53 1.90
C GLU A 154 25.12 6.46 2.95
N VAL A 155 25.91 7.30 3.64
CA VAL A 155 25.41 8.25 4.66
C VAL A 155 25.15 9.66 4.12
N LEU A 156 25.32 9.72 2.82
CA LEU A 156 25.16 10.86 1.93
C LEU A 156 23.66 10.96 1.65
N GLY A 157 22.93 11.63 2.54
CA GLY A 157 21.48 11.80 2.42
C GLY A 157 21.05 13.08 3.13
N ASP A 158 20.47 14.01 2.38
CA ASP A 158 19.97 15.30 2.84
C ASP A 158 18.51 15.42 2.37
N SER A 159 17.69 16.12 3.16
CA SER A 159 16.27 16.37 2.95
C SER A 159 15.50 15.10 2.53
N GLY A 160 15.75 13.98 3.22
CA GLY A 160 15.11 12.68 2.96
C GLY A 160 16.18 11.64 2.68
N THR A 161 15.74 10.48 2.20
CA THR A 161 16.62 9.38 1.84
C THR A 161 17.22 9.73 0.47
N GLN A 162 16.45 9.54 -0.60
CA GLN A 162 16.89 9.83 -1.96
C GLN A 162 17.02 11.34 -2.18
N ALA A 163 18.04 11.73 -2.95
CA ALA A 163 18.35 13.09 -3.32
C ALA A 163 17.32 13.63 -4.31
N GLY A 164 17.17 14.95 -4.40
CA GLY A 164 16.21 15.61 -5.29
C GLY A 164 16.77 16.92 -5.84
N ALA A 165 15.93 17.69 -6.53
CA ALA A 165 16.29 18.97 -7.12
C ALA A 165 15.03 19.83 -7.28
N ILE A 166 15.18 21.10 -7.67
CA ILE A 166 14.08 22.05 -7.85
C ILE A 166 14.44 23.04 -8.98
N VAL A 167 13.62 24.05 -9.23
CA VAL A 167 13.83 25.07 -10.25
C VAL A 167 13.80 26.40 -9.53
N GLY A 1 -23.02 -5.30 8.27
CA GLY A 1 -22.46 -4.54 7.14
C GLY A 1 -22.69 -3.07 7.35
N SER A 2 -21.67 -2.31 7.71
CA SER A 2 -21.76 -0.87 7.93
C SER A 2 -20.38 -0.25 7.63
N ASP A 3 -20.37 1.02 7.23
CA ASP A 3 -19.14 1.75 6.97
C ASP A 3 -18.63 2.30 8.30
N GLY A 4 -17.43 2.89 8.32
CA GLY A 4 -16.86 3.45 9.54
C GLY A 4 -17.21 4.92 9.74
N GLU A 5 -17.04 5.42 10.96
CA GLU A 5 -17.31 6.82 11.27
C GLU A 5 -16.17 7.70 10.76
N PRO A 6 -16.42 8.98 10.43
CA PRO A 6 -15.40 9.87 9.96
C PRO A 6 -14.56 10.36 11.15
N LEU A 7 -13.24 10.43 10.94
CA LEU A 7 -12.27 10.87 11.93
C LEU A 7 -11.48 12.00 11.29
N VAL A 8 -11.73 13.24 11.71
CA VAL A 8 -11.04 14.43 11.22
C VAL A 8 -9.90 14.63 12.21
N GLY A 9 -8.65 14.53 11.74
CA GLY A 9 -7.48 14.73 12.54
C GLY A 9 -7.36 16.23 12.76
N GLY A 10 -6.82 16.93 11.77
CA GLY A 10 -6.65 18.36 11.79
C GLY A 10 -5.53 18.84 10.89
N ASP A 11 -5.33 20.16 10.94
CA ASP A 11 -4.26 20.83 10.19
C ASP A 11 -2.95 20.69 10.97
N THR A 12 -3.03 20.21 12.21
CA THR A 12 -1.97 20.00 13.16
C THR A 12 -1.66 18.50 13.24
N ASP A 13 -0.36 18.20 13.14
CA ASP A 13 0.24 16.87 13.18
C ASP A 13 -0.26 16.01 14.34
N ASP A 14 -0.48 14.72 14.07
CA ASP A 14 -0.92 13.73 15.05
C ASP A 14 -0.89 12.36 14.36
N GLN A 15 -1.22 11.33 15.13
CA GLN A 15 -1.27 9.96 14.67
C GLN A 15 -2.74 9.52 14.71
N LEU A 16 -3.16 8.70 13.75
CA LEU A 16 -4.51 8.16 13.61
C LEU A 16 -4.43 6.68 13.25
N GLN A 17 -5.26 5.81 13.81
CA GLN A 17 -5.24 4.37 13.54
C GLN A 17 -6.61 3.70 13.51
N GLY A 18 -6.82 2.84 12.52
CA GLY A 18 -8.03 2.06 12.30
C GLY A 18 -7.79 0.60 12.73
N GLY A 19 -6.59 0.06 12.47
CA GLY A 19 -6.19 -1.30 12.83
C GLY A 19 -6.84 -2.37 11.96
N SER A 20 -8.14 -2.63 12.14
CA SER A 20 -8.91 -3.60 11.36
C SER A 20 -10.40 -3.35 11.58
N GLY A 21 -11.19 -3.19 10.53
CA GLY A 21 -12.61 -2.95 10.61
C GLY A 21 -13.10 -2.00 9.55
N ALA A 22 -14.08 -1.19 9.93
CA ALA A 22 -14.70 -0.18 9.12
C ALA A 22 -14.53 1.11 9.94
N ASP A 23 -13.53 1.90 9.59
CA ASP A 23 -13.18 3.20 10.16
C ASP A 23 -12.93 4.07 8.92
N ARG A 24 -13.01 5.40 9.03
CA ARG A 24 -12.81 6.34 7.90
C ARG A 24 -12.02 7.52 8.44
N LEU A 25 -10.70 7.60 8.21
CA LEU A 25 -9.88 8.69 8.75
C LEU A 25 -9.31 9.63 7.70
N ASP A 26 -9.19 10.90 8.09
CA ASP A 26 -8.72 12.02 7.30
C ASP A 26 -7.90 12.91 8.18
N GLY A 27 -6.61 13.04 7.87
CA GLY A 27 -5.70 13.86 8.63
C GLY A 27 -6.04 15.32 8.34
N GLY A 28 -5.74 15.79 7.13
CA GLY A 28 -5.99 17.17 6.71
C GLY A 28 -4.76 17.88 6.12
N ALA A 29 -3.77 18.28 6.92
CA ALA A 29 -2.55 18.97 6.45
C ALA A 29 -1.38 17.99 6.28
N GLY A 30 -0.14 18.43 6.54
CA GLY A 30 1.10 17.66 6.44
C GLY A 30 1.64 17.15 7.78
N ASP A 31 2.67 16.31 7.65
CA ASP A 31 3.45 15.59 8.63
C ASP A 31 2.62 14.86 9.70
N ASP A 32 1.59 14.19 9.21
CA ASP A 32 0.64 13.35 9.94
C ASP A 32 1.05 11.89 9.71
N ILE A 33 0.49 11.00 10.52
CA ILE A 33 0.74 9.56 10.45
C ILE A 33 -0.61 8.84 10.64
N LEU A 34 -1.28 8.43 9.56
CA LEU A 34 -2.60 7.77 9.61
C LEU A 34 -2.55 6.37 8.99
N ASP A 35 -3.39 5.46 9.48
CA ASP A 35 -3.48 4.06 9.06
C ASP A 35 -4.91 3.56 9.10
N GLY A 36 -5.43 3.15 7.95
CA GLY A 36 -6.79 2.64 7.81
C GLY A 36 -7.01 1.26 8.44
N GLY A 37 -5.98 0.41 8.43
CA GLY A 37 -6.02 -0.93 8.97
C GLY A 37 -6.67 -1.92 8.01
N ALA A 38 -6.52 -3.22 8.27
CA ALA A 38 -7.09 -4.27 7.42
C ALA A 38 -8.62 -4.21 7.43
N GLY A 39 -9.19 -3.75 6.33
CA GLY A 39 -10.58 -3.57 6.08
C GLY A 39 -10.73 -2.51 4.99
N ARG A 40 -11.93 -2.38 4.40
CA ARG A 40 -12.15 -1.38 3.38
C ARG A 40 -12.43 -0.04 4.03
N ASP A 41 -11.39 0.79 4.13
CA ASP A 41 -11.43 2.13 4.70
C ASP A 41 -11.50 3.10 3.54
N ARG A 42 -11.91 4.31 3.88
CA ARG A 42 -12.02 5.44 3.01
C ARG A 42 -11.21 6.56 3.65
N LEU A 43 -10.00 6.78 3.15
CA LEU A 43 -9.09 7.78 3.67
C LEU A 43 -8.84 8.92 2.67
N SER A 44 -8.45 10.08 3.17
CA SER A 44 -8.12 11.27 2.39
C SER A 44 -7.07 12.00 3.22
N GLY A 45 -5.78 11.83 2.92
CA GLY A 45 -4.69 12.46 3.65
C GLY A 45 -4.93 13.96 3.66
N GLY A 46 -4.94 14.57 2.47
CA GLY A 46 -5.15 16.01 2.33
C GLY A 46 -3.90 16.67 1.77
N ALA A 47 -3.82 17.99 1.91
CA ALA A 47 -2.68 18.75 1.41
C ALA A 47 -1.55 18.69 2.44
N GLY A 48 -0.55 17.86 2.19
CA GLY A 48 0.59 17.72 3.07
C GLY A 48 1.33 16.41 2.85
N ALA A 49 2.46 16.24 3.53
CA ALA A 49 3.30 15.06 3.44
C ALA A 49 2.90 14.02 4.50
N ASP A 50 1.85 13.25 4.24
CA ASP A 50 1.35 12.20 5.12
C ASP A 50 2.22 10.95 5.05
N THR A 51 2.01 10.07 6.03
CA THR A 51 2.69 8.80 6.20
C THR A 51 1.63 7.70 6.40
N PHE A 52 1.25 6.97 5.34
CA PHE A 52 0.22 5.92 5.39
C PHE A 52 0.78 4.55 5.79
N VAL A 53 0.44 3.99 6.96
CA VAL A 53 0.95 2.64 7.30
C VAL A 53 0.00 1.57 6.71
N PHE A 54 0.48 0.70 5.82
CA PHE A 54 -0.29 -0.39 5.21
C PHE A 54 0.59 -1.63 5.17
N SER A 55 0.44 -2.57 6.11
CA SER A 55 1.31 -3.74 6.10
C SER A 55 0.74 -5.09 6.57
N ALA A 56 -0.59 -5.27 6.65
CA ALA A 56 -1.15 -6.55 7.09
C ALA A 56 -1.45 -7.45 5.89
N ARG A 57 -1.65 -8.75 6.14
CA ARG A 57 -1.98 -9.71 5.08
C ARG A 57 -3.28 -9.27 4.42
N GLU A 58 -4.29 -9.02 5.25
CA GLU A 58 -5.63 -8.59 4.86
C GLU A 58 -5.65 -7.11 4.47
N ASP A 59 -4.49 -6.46 4.33
CA ASP A 59 -4.28 -5.07 3.95
C ASP A 59 -3.31 -5.06 2.75
N SER A 60 -3.29 -6.15 1.99
CA SER A 60 -2.45 -6.34 0.82
C SER A 60 -3.25 -6.89 -0.36
N TYR A 61 -4.47 -7.38 -0.14
CA TYR A 61 -5.29 -7.96 -1.17
C TYR A 61 -6.72 -8.14 -0.66
N ARG A 62 -7.57 -8.68 -1.53
CA ARG A 62 -8.96 -9.04 -1.27
C ARG A 62 -9.02 -10.54 -1.48
N THR A 63 -10.01 -11.20 -0.89
CA THR A 63 -10.22 -12.64 -1.00
C THR A 63 -11.70 -12.88 -1.26
N ASP A 64 -12.09 -14.11 -1.60
CA ASP A 64 -13.50 -14.44 -1.83
C ASP A 64 -14.24 -14.30 -0.51
N THR A 65 -13.58 -14.64 0.60
CA THR A 65 -14.14 -14.55 1.93
C THR A 65 -14.51 -13.10 2.25
N ALA A 66 -13.61 -12.14 2.00
CA ALA A 66 -13.87 -10.73 2.24
C ALA A 66 -12.90 -9.88 1.43
N VAL A 67 -13.40 -8.75 0.94
CA VAL A 67 -12.71 -7.77 0.18
C VAL A 67 -12.16 -6.72 1.15
N PHE A 68 -10.98 -6.17 0.87
CA PHE A 68 -10.34 -5.15 1.69
C PHE A 68 -9.87 -3.99 0.81
N ASN A 69 -10.70 -3.63 -0.19
CA ASN A 69 -10.43 -2.57 -1.13
C ASN A 69 -10.47 -1.19 -0.48
N ASP A 70 -9.30 -0.56 -0.40
CA ASP A 70 -9.10 0.79 0.14
C ASP A 70 -9.56 1.78 -0.96
N LEU A 71 -10.05 2.96 -0.56
CA LEU A 71 -10.50 4.03 -1.44
C LEU A 71 -9.89 5.31 -0.91
N ILE A 72 -8.87 5.82 -1.60
CA ILE A 72 -8.17 7.03 -1.21
C ILE A 72 -8.72 8.21 -2.01
N LEU A 73 -8.97 9.36 -1.37
CA LEU A 73 -9.44 10.57 -2.02
C LEU A 73 -8.30 11.57 -2.05
N ASP A 74 -7.98 12.02 -3.25
CA ASP A 74 -6.96 12.98 -3.63
C ASP A 74 -5.60 12.64 -3.00
N PHE A 75 -4.93 11.64 -3.57
CA PHE A 75 -3.61 11.21 -3.14
C PHE A 75 -2.59 12.04 -3.94
N GLU A 76 -1.46 12.43 -3.37
CA GLU A 76 -0.45 13.23 -4.05
C GLU A 76 0.94 12.75 -3.65
N ALA A 77 1.49 11.80 -4.42
CA ALA A 77 2.81 11.20 -4.21
C ALA A 77 3.93 12.24 -4.15
N SER A 78 3.70 13.48 -4.59
CA SER A 78 4.72 14.50 -4.52
C SER A 78 5.12 14.74 -3.04
N GLU A 79 4.16 14.77 -2.12
CA GLU A 79 4.39 14.99 -0.69
C GLU A 79 4.28 13.73 0.17
N ASP A 80 3.15 13.01 0.07
CA ASP A 80 2.85 11.82 0.86
C ASP A 80 3.87 10.67 0.75
N ARG A 81 3.80 9.75 1.71
CA ARG A 81 4.65 8.57 1.85
C ARG A 81 3.86 7.37 2.36
N ILE A 82 4.41 6.16 2.25
CA ILE A 82 3.75 4.94 2.70
C ILE A 82 4.74 4.05 3.47
N ASP A 83 4.29 3.49 4.59
CA ASP A 83 5.08 2.59 5.44
C ASP A 83 4.51 1.18 5.28
N LEU A 84 5.33 0.25 4.79
CA LEU A 84 4.99 -1.15 4.56
C LEU A 84 6.18 -2.05 4.84
N SER A 85 6.90 -1.81 5.93
CA SER A 85 8.09 -2.58 6.31
C SER A 85 7.86 -4.10 6.36
N ALA A 86 6.63 -4.56 6.59
CA ALA A 86 6.30 -5.99 6.64
C ALA A 86 5.97 -6.57 5.27
N LEU A 87 5.66 -5.75 4.26
CA LEU A 87 5.38 -6.28 2.93
C LEU A 87 6.75 -6.46 2.29
N GLY A 88 6.98 -7.64 1.72
CA GLY A 88 8.19 -8.12 1.05
C GLY A 88 8.48 -7.46 -0.29
N PHE A 89 8.37 -6.14 -0.35
CA PHE A 89 8.62 -5.35 -1.56
C PHE A 89 10.01 -5.66 -2.16
N SER A 90 10.13 -5.46 -3.47
CA SER A 90 11.37 -5.70 -4.23
C SER A 90 11.58 -4.68 -5.34
N GLY A 91 10.64 -3.77 -5.59
CA GLY A 91 10.74 -2.77 -6.64
C GLY A 91 9.58 -2.88 -7.62
N LEU A 92 9.56 -2.00 -8.62
CA LEU A 92 8.53 -1.98 -9.66
C LEU A 92 8.72 -3.15 -10.61
N GLY A 93 7.70 -3.42 -11.39
CA GLY A 93 7.74 -4.48 -12.36
C GLY A 93 6.38 -4.85 -12.90
N ASP A 94 5.74 -5.90 -12.34
CA ASP A 94 4.45 -6.35 -12.86
C ASP A 94 3.52 -7.00 -11.83
N GLY A 95 3.84 -6.86 -10.54
CA GLY A 95 3.00 -7.47 -9.49
C GLY A 95 3.16 -9.01 -9.48
N TYR A 96 4.23 -9.51 -10.11
CA TYR A 96 4.51 -10.94 -10.20
C TYR A 96 5.32 -11.40 -9.00
N GLY A 97 6.57 -11.76 -9.23
CA GLY A 97 7.57 -12.25 -8.30
C GLY A 97 8.04 -11.17 -7.33
N GLY A 98 7.12 -10.67 -6.52
CA GLY A 98 7.40 -9.64 -5.53
C GLY A 98 7.57 -8.25 -6.13
N THR A 99 7.00 -7.98 -7.31
CA THR A 99 7.13 -6.68 -7.97
C THR A 99 5.85 -5.86 -7.74
N LEU A 100 5.79 -4.66 -8.30
CA LEU A 100 4.68 -3.71 -8.18
C LEU A 100 4.32 -3.18 -9.56
N LEU A 101 3.04 -3.18 -9.93
CA LEU A 101 2.55 -2.67 -11.20
C LEU A 101 1.64 -1.49 -10.91
N LEU A 102 1.78 -0.43 -11.68
CA LEU A 102 0.99 0.80 -11.57
C LEU A 102 0.28 1.03 -12.91
N LYS A 103 -1.05 1.22 -12.87
CA LYS A 103 -1.93 1.46 -14.02
C LYS A 103 -2.98 2.51 -13.64
N THR A 104 -3.76 2.98 -14.60
CA THR A 104 -4.80 3.96 -14.37
C THR A 104 -6.13 3.46 -14.95
N ASN A 105 -7.22 4.13 -14.55
CA ASN A 105 -8.59 3.85 -14.98
C ASN A 105 -8.70 4.08 -16.49
N ALA A 106 -9.82 3.70 -17.13
CA ALA A 106 -10.03 3.88 -18.57
C ALA A 106 -9.73 5.32 -19.00
N GLU A 107 -10.25 6.30 -18.27
CA GLU A 107 -10.04 7.72 -18.55
C GLU A 107 -8.87 8.29 -17.74
N GLY A 108 -8.33 7.55 -16.77
CA GLY A 108 -7.25 8.02 -15.92
C GLY A 108 -7.78 8.88 -14.79
N THR A 109 -9.08 8.79 -14.51
CA THR A 109 -9.79 9.49 -13.46
C THR A 109 -9.37 8.97 -12.09
N ARG A 110 -8.98 7.70 -12.04
CA ARG A 110 -8.51 7.01 -10.86
C ARG A 110 -7.26 6.24 -11.23
N THR A 111 -6.55 5.76 -10.22
CA THR A 111 -5.32 5.00 -10.36
C THR A 111 -5.51 3.66 -9.65
N TYR A 112 -5.03 2.58 -10.29
CA TYR A 112 -5.09 1.21 -9.79
C TYR A 112 -3.70 0.58 -9.94
N LEU A 113 -3.09 0.23 -8.83
CA LEU A 113 -1.78 -0.41 -8.73
C LEU A 113 -1.97 -1.79 -8.08
N LYS A 114 -0.97 -2.66 -8.19
CA LYS A 114 -0.99 -4.01 -7.65
C LYS A 114 0.37 -4.34 -7.06
N SER A 115 0.40 -4.95 -5.88
CA SER A 115 1.61 -5.34 -5.18
C SER A 115 1.48 -6.83 -4.87
N PHE A 116 2.41 -7.60 -5.41
CA PHE A 116 2.56 -9.05 -5.28
C PHE A 116 1.20 -9.77 -5.19
N GLU A 117 0.34 -9.59 -6.18
CA GLU A 117 -0.96 -10.24 -6.21
C GLU A 117 -0.77 -11.75 -6.47
N ALA A 118 -1.87 -12.49 -6.49
CA ALA A 118 -1.86 -13.92 -6.74
C ALA A 118 -3.04 -14.31 -7.64
N ASP A 119 -3.49 -15.55 -7.51
CA ASP A 119 -4.59 -16.11 -8.27
C ASP A 119 -5.89 -15.58 -7.67
N ALA A 120 -6.95 -15.51 -8.48
CA ALA A 120 -8.26 -15.02 -8.06
C ALA A 120 -8.88 -15.84 -6.92
N GLU A 121 -8.37 -17.04 -6.69
CA GLU A 121 -8.78 -17.99 -5.67
C GLU A 121 -7.95 -17.80 -4.40
N GLY A 122 -6.67 -17.46 -4.58
CA GLY A 122 -5.73 -17.26 -3.50
C GLY A 122 -5.93 -15.91 -2.85
N ARG A 123 -5.70 -14.85 -3.62
CA ARG A 123 -5.82 -13.43 -3.22
C ARG A 123 -5.35 -12.52 -4.34
N ARG A 124 -5.98 -11.35 -4.53
CA ARG A 124 -5.55 -10.40 -5.56
C ARG A 124 -5.60 -8.99 -4.99
N PHE A 125 -4.74 -8.10 -5.47
CA PHE A 125 -4.67 -6.72 -5.01
C PHE A 125 -5.77 -5.91 -5.69
N GLU A 126 -6.52 -5.12 -4.92
CA GLU A 126 -7.57 -4.26 -5.45
C GLU A 126 -7.80 -3.12 -4.47
N VAL A 127 -7.45 -1.93 -4.91
CA VAL A 127 -7.57 -0.66 -4.20
C VAL A 127 -7.90 0.37 -5.30
N ALA A 128 -8.47 1.52 -4.93
CA ALA A 128 -8.81 2.58 -5.85
C ALA A 128 -8.29 3.89 -5.28
N LEU A 129 -7.57 4.65 -6.11
CA LEU A 129 -6.99 5.93 -5.75
C LEU A 129 -7.68 6.96 -6.63
N ASP A 130 -8.38 7.93 -6.03
CA ASP A 130 -9.07 8.97 -6.78
C ASP A 130 -8.02 10.04 -7.08
N GLY A 131 -7.59 10.13 -8.34
CA GLY A 131 -6.58 11.04 -8.83
C GLY A 131 -5.49 10.22 -9.53
N ASP A 132 -4.31 10.81 -9.69
CA ASP A 132 -3.11 10.25 -10.31
C ASP A 132 -1.89 10.86 -9.60
N HIS A 133 -0.66 10.48 -9.94
CA HIS A 133 0.55 11.01 -9.31
C HIS A 133 1.71 10.94 -10.29
N THR A 134 1.87 11.98 -11.09
CA THR A 134 2.93 12.12 -12.07
C THR A 134 4.23 12.27 -11.25
N GLY A 135 5.37 11.88 -11.81
CA GLY A 135 6.65 11.97 -11.13
C GLY A 135 6.66 11.13 -9.86
N ASP A 136 5.97 9.98 -9.88
CA ASP A 136 5.85 9.07 -8.72
C ASP A 136 7.19 8.59 -8.16
N LEU A 137 7.13 8.20 -6.88
CA LEU A 137 8.23 7.69 -6.09
C LEU A 137 7.89 6.41 -5.36
N SER A 138 8.94 5.68 -5.01
CA SER A 138 8.89 4.42 -4.31
C SER A 138 10.08 4.33 -3.36
N ALA A 139 11.31 4.17 -3.88
CA ALA A 139 12.57 4.06 -3.15
C ALA A 139 12.83 5.22 -2.19
N ALA A 140 11.99 6.24 -2.23
CA ALA A 140 12.06 7.41 -1.37
C ALA A 140 10.70 7.73 -0.75
N ASN A 141 9.59 7.60 -1.49
CA ASN A 141 8.29 7.88 -0.87
C ASN A 141 7.84 6.75 0.04
N VAL A 142 8.51 5.61 0.00
CA VAL A 142 8.12 4.45 0.73
C VAL A 142 9.22 3.98 1.66
N VAL A 143 8.84 3.37 2.78
CA VAL A 143 9.82 2.86 3.73
C VAL A 143 10.70 1.86 2.98
N PHE A 144 11.99 1.85 3.30
CA PHE A 144 12.97 0.96 2.68
C PHE A 144 12.63 -0.52 2.82
N ALA A 145 11.93 -0.86 3.91
CA ALA A 145 11.49 -2.21 4.26
C ALA A 145 12.72 -3.12 4.36
N ALA A 146 13.58 -2.79 5.32
CA ALA A 146 14.81 -3.48 5.62
C ALA A 146 14.52 -4.96 5.82
N THR A 147 15.19 -5.79 5.05
CA THR A 147 15.09 -7.25 5.05
C THR A 147 16.01 -7.82 6.14
N GLY A 148 16.27 -9.13 6.11
CA GLY A 148 17.15 -9.83 7.03
C GLY A 148 18.38 -10.12 6.19
N THR A 149 18.57 -11.36 5.77
CA THR A 149 19.70 -11.80 4.95
C THR A 149 19.18 -12.83 3.94
N THR A 150 18.83 -12.36 2.74
CA THR A 150 18.29 -13.22 1.68
C THR A 150 18.74 -12.69 0.32
N THR A 151 20.03 -12.35 0.16
CA THR A 151 20.56 -11.84 -1.11
C THR A 151 21.52 -12.87 -1.70
N GLU A 152 21.37 -13.08 -3.01
CA GLU A 152 22.19 -13.98 -3.80
C GLU A 152 23.47 -13.26 -4.21
N LEU A 153 24.48 -14.01 -4.61
CA LEU A 153 25.79 -13.48 -5.01
C LEU A 153 26.52 -14.41 -5.99
N GLU A 154 25.91 -15.55 -6.33
CA GLU A 154 26.42 -16.58 -7.20
C GLU A 154 25.38 -16.87 -8.31
N VAL A 155 25.67 -17.82 -9.19
CA VAL A 155 24.82 -18.21 -10.32
C VAL A 155 24.57 -19.72 -10.35
N LEU A 156 24.67 -20.30 -9.17
CA LEU A 156 24.46 -21.72 -8.89
C LEU A 156 23.01 -22.10 -9.21
N GLY A 157 22.70 -23.40 -9.33
CA GLY A 157 21.34 -23.86 -9.63
C GLY A 157 20.52 -24.07 -8.37
N ASP A 158 21.19 -24.46 -7.29
CA ASP A 158 20.67 -24.74 -5.96
C ASP A 158 20.12 -23.46 -5.32
N SER A 159 19.16 -23.59 -4.40
CA SER A 159 18.55 -22.46 -3.70
C SER A 159 18.47 -22.77 -2.20
N GLY A 160 19.42 -22.23 -1.44
CA GLY A 160 19.54 -22.42 0.01
C GLY A 160 18.58 -21.59 0.85
N THR A 161 18.02 -20.49 0.37
CA THR A 161 17.09 -19.69 1.18
C THR A 161 15.68 -20.31 1.15
N GLN A 162 14.74 -19.76 1.91
CA GLN A 162 13.37 -20.26 1.93
C GLN A 162 12.67 -19.95 0.59
N ALA A 163 11.50 -20.56 0.39
CA ALA A 163 10.61 -20.44 -0.76
C ALA A 163 11.26 -20.35 -2.15
N GLY A 164 12.08 -21.32 -2.54
CA GLY A 164 12.72 -21.32 -3.85
C GLY A 164 11.84 -22.00 -4.90
N ALA A 165 10.95 -22.90 -4.45
CA ALA A 165 10.00 -23.69 -5.24
C ALA A 165 10.70 -24.78 -6.09
N ILE A 166 12.01 -24.94 -5.94
CA ILE A 166 12.80 -25.94 -6.64
C ILE A 166 12.59 -27.30 -5.96
N VAL A 167 13.22 -28.34 -6.49
CA VAL A 167 13.18 -29.71 -6.00
C VAL A 167 14.65 -30.11 -6.02
N GLY A 1 -25.78 8.91 5.81
CA GLY A 1 -25.72 8.48 7.21
C GLY A 1 -24.59 9.19 7.93
N SER A 2 -24.30 8.76 9.15
CA SER A 2 -23.28 9.28 10.03
C SER A 2 -22.58 8.08 10.69
N ASP A 3 -22.25 7.07 9.87
CA ASP A 3 -21.58 5.83 10.29
C ASP A 3 -20.06 6.01 10.32
N GLY A 4 -19.59 7.25 10.19
CA GLY A 4 -18.18 7.61 10.20
C GLY A 4 -18.03 9.10 10.49
N GLU A 5 -16.81 9.55 10.74
CA GLU A 5 -16.39 10.91 11.04
C GLU A 5 -15.02 11.12 10.37
N PRO A 6 -14.77 12.23 9.65
CA PRO A 6 -13.49 12.46 8.97
C PRO A 6 -12.38 12.85 9.94
N LEU A 7 -11.12 12.53 9.62
CA LEU A 7 -9.95 12.84 10.39
C LEU A 7 -9.05 13.55 9.40
N VAL A 8 -8.45 14.64 9.84
CA VAL A 8 -7.52 15.48 9.10
C VAL A 8 -6.32 15.58 10.03
N GLY A 9 -5.14 15.28 9.49
CA GLY A 9 -3.87 15.30 10.18
C GLY A 9 -3.54 16.62 10.86
N GLY A 10 -2.52 16.60 11.70
CA GLY A 10 -2.08 17.76 12.45
C GLY A 10 -1.25 18.74 11.63
N ASP A 11 -1.02 18.49 10.33
CA ASP A 11 -0.20 19.30 9.41
C ASP A 11 1.21 19.47 10.03
N THR A 12 1.57 18.44 10.78
CA THR A 12 2.76 18.13 11.55
C THR A 12 2.98 16.62 11.40
N ASP A 13 3.40 15.91 12.45
CA ASP A 13 3.66 14.47 12.48
C ASP A 13 3.12 13.92 13.78
N ASP A 14 2.43 12.80 13.63
CA ASP A 14 1.75 11.98 14.63
C ASP A 14 1.38 10.68 13.90
N GLN A 15 0.48 9.86 14.44
CA GLN A 15 0.02 8.62 13.82
C GLN A 15 -1.51 8.67 13.84
N LEU A 16 -2.16 8.15 12.79
CA LEU A 16 -3.60 8.10 12.57
C LEU A 16 -3.95 6.63 12.38
N GLN A 17 -4.71 6.02 13.30
CA GLN A 17 -5.09 4.61 13.21
C GLN A 17 -6.61 4.50 13.29
N GLY A 18 -7.26 4.15 12.19
CA GLY A 18 -8.71 4.01 12.17
C GLY A 18 -9.16 2.78 12.93
N GLY A 19 -8.50 1.64 12.69
CA GLY A 19 -8.84 0.39 13.35
C GLY A 19 -9.94 -0.31 12.58
N SER A 20 -11.16 0.25 12.52
CA SER A 20 -12.27 -0.34 11.79
C SER A 20 -13.29 0.70 11.33
N GLY A 21 -14.35 0.25 10.64
CA GLY A 21 -15.41 1.07 10.12
C GLY A 21 -14.94 1.77 8.85
N ALA A 22 -15.74 2.73 8.36
CA ALA A 22 -15.39 3.49 7.16
C ALA A 22 -15.26 4.94 7.63
N ASP A 23 -14.03 5.33 7.93
CA ASP A 23 -13.68 6.65 8.38
C ASP A 23 -12.61 7.12 7.41
N ARG A 24 -12.76 8.32 6.86
CA ARG A 24 -11.81 8.86 5.90
C ARG A 24 -10.77 9.68 6.65
N LEU A 25 -9.50 9.24 6.61
CA LEU A 25 -8.41 9.93 7.27
C LEU A 25 -7.55 10.58 6.18
N ASP A 26 -7.01 11.76 6.46
CA ASP A 26 -6.19 12.51 5.51
C ASP A 26 -4.95 13.06 6.19
N GLY A 27 -3.78 12.66 5.70
CA GLY A 27 -2.46 13.04 6.20
C GLY A 27 -2.22 14.55 6.27
N GLY A 28 -2.45 15.29 5.19
CA GLY A 28 -2.24 16.73 5.17
C GLY A 28 -0.76 17.06 4.95
N ALA A 29 0.09 16.82 5.97
CA ALA A 29 1.54 17.04 5.92
C ALA A 29 2.25 15.68 5.95
N GLY A 30 3.51 15.66 5.50
CA GLY A 30 4.35 14.48 5.40
C GLY A 30 5.01 14.05 6.71
N ASP A 31 5.86 13.03 6.59
CA ASP A 31 6.65 12.36 7.63
C ASP A 31 5.80 12.04 8.87
N ASP A 32 4.58 11.64 8.54
CA ASP A 32 3.41 11.23 9.33
C ASP A 32 3.08 9.81 8.91
N ILE A 33 2.23 9.22 9.73
CA ILE A 33 1.81 7.82 9.56
C ILE A 33 0.32 7.52 9.76
N LEU A 34 -0.41 7.21 8.68
CA LEU A 34 -1.83 6.89 8.69
C LEU A 34 -2.08 5.41 8.32
N ASP A 35 -3.13 4.80 8.91
CA ASP A 35 -3.60 3.43 8.74
C ASP A 35 -5.12 3.53 8.72
N GLY A 36 -5.71 3.38 7.54
CA GLY A 36 -7.15 3.46 7.30
C GLY A 36 -7.96 2.49 8.15
N GLY A 37 -7.37 1.36 8.56
CA GLY A 37 -8.03 0.35 9.36
C GLY A 37 -8.82 -0.63 8.50
N ALA A 38 -9.48 -1.58 9.17
CA ALA A 38 -10.30 -2.61 8.56
C ALA A 38 -11.64 -2.01 8.10
N GLY A 39 -11.83 -1.85 6.80
CA GLY A 39 -13.03 -1.31 6.20
C GLY A 39 -12.67 -0.54 4.93
N ARG A 40 -13.69 -0.23 4.12
CA ARG A 40 -13.45 0.51 2.88
C ARG A 40 -13.38 2.00 3.18
N ASP A 41 -12.15 2.48 3.32
CA ASP A 41 -11.74 3.86 3.60
C ASP A 41 -11.12 4.41 2.34
N ARG A 42 -11.06 5.73 2.32
CA ARG A 42 -10.46 6.49 1.26
C ARG A 42 -9.38 7.33 1.92
N LEU A 43 -8.14 6.86 1.83
CA LEU A 43 -7.01 7.53 2.42
C LEU A 43 -6.32 8.41 1.42
N SER A 44 -5.71 9.48 1.90
CA SER A 44 -4.97 10.43 1.09
C SER A 44 -3.90 10.99 2.00
N GLY A 45 -2.63 10.79 1.65
CA GLY A 45 -1.55 11.33 2.45
C GLY A 45 -1.51 12.82 2.17
N GLY A 46 -1.23 13.14 0.91
CA GLY A 46 -1.10 14.50 0.42
C GLY A 46 0.33 14.69 -0.03
N ALA A 47 0.77 15.94 -0.10
CA ALA A 47 2.14 16.26 -0.50
C ALA A 47 3.05 15.99 0.69
N GLY A 48 3.80 14.88 0.68
CA GLY A 48 4.69 14.54 1.76
C GLY A 48 5.19 13.10 1.67
N ALA A 49 6.07 12.74 2.62
CA ALA A 49 6.63 11.41 2.74
C ALA A 49 5.78 10.71 3.80
N ASP A 50 4.52 10.47 3.46
CA ASP A 50 3.56 9.84 4.35
C ASP A 50 3.82 8.34 4.41
N THR A 51 3.24 7.67 5.38
CA THR A 51 3.41 6.23 5.60
C THR A 51 2.02 5.58 5.68
N PHE A 52 1.59 4.84 4.64
CA PHE A 52 0.30 4.17 4.61
C PHE A 52 0.50 2.76 5.14
N VAL A 53 0.16 2.51 6.40
CA VAL A 53 0.32 1.19 7.01
C VAL A 53 -0.97 0.38 6.74
N PHE A 54 -0.84 -0.90 6.41
CA PHE A 54 -1.96 -1.81 6.14
C PHE A 54 -1.62 -3.12 6.86
N SER A 55 -2.25 -3.41 7.99
CA SER A 55 -1.96 -4.64 8.71
C SER A 55 -3.11 -5.16 9.57
N ALA A 56 -4.21 -5.61 8.95
CA ALA A 56 -5.32 -6.18 9.67
C ALA A 56 -5.89 -7.38 8.93
N ARG A 57 -6.54 -8.27 9.68
CA ARG A 57 -7.14 -9.49 9.16
C ARG A 57 -8.23 -9.12 8.17
N GLU A 58 -9.15 -8.24 8.53
CA GLU A 58 -10.19 -7.84 7.62
C GLU A 58 -9.62 -7.05 6.44
N ASP A 59 -8.53 -6.27 6.64
CA ASP A 59 -7.92 -5.44 5.60
C ASP A 59 -7.10 -6.20 4.55
N SER A 60 -7.12 -7.50 4.68
CA SER A 60 -6.40 -8.42 3.83
C SER A 60 -7.02 -8.55 2.43
N TYR A 61 -8.34 -8.70 2.31
CA TYR A 61 -9.03 -8.88 1.03
C TYR A 61 -10.53 -8.67 1.19
N ARG A 62 -11.25 -8.83 0.09
CA ARG A 62 -12.71 -8.70 0.00
C ARG A 62 -13.29 -10.04 -0.42
N THR A 63 -14.54 -10.28 -0.07
CA THR A 63 -15.25 -11.52 -0.37
C THR A 63 -16.71 -11.25 -0.76
N ASP A 64 -17.44 -12.32 -1.03
CA ASP A 64 -18.85 -12.35 -1.38
C ASP A 64 -19.65 -11.79 -0.20
N THR A 65 -19.38 -12.24 1.02
CA THR A 65 -20.05 -11.82 2.24
C THR A 65 -19.70 -10.40 2.69
N ALA A 66 -18.47 -9.92 2.44
CA ALA A 66 -18.08 -8.58 2.87
C ALA A 66 -16.88 -8.08 2.06
N VAL A 67 -16.90 -6.80 1.69
CA VAL A 67 -15.87 -6.13 0.92
C VAL A 67 -15.18 -5.10 1.82
N PHE A 68 -13.85 -5.08 1.79
CA PHE A 68 -13.00 -4.16 2.54
C PHE A 68 -12.04 -3.55 1.51
N ASN A 69 -12.61 -3.02 0.42
CA ASN A 69 -11.87 -2.40 -0.67
C ASN A 69 -11.35 -1.01 -0.33
N ASP A 70 -10.03 -0.84 -0.35
CA ASP A 70 -9.34 0.42 -0.08
C ASP A 70 -9.27 1.24 -1.37
N LEU A 71 -9.23 2.57 -1.25
CA LEU A 71 -9.14 3.54 -2.34
C LEU A 71 -8.14 4.63 -1.93
N ILE A 72 -6.93 4.62 -2.50
CA ILE A 72 -5.90 5.62 -2.18
C ILE A 72 -6.11 6.77 -3.17
N LEU A 73 -6.26 7.98 -2.65
CA LEU A 73 -6.40 9.23 -3.39
C LEU A 73 -5.08 10.00 -3.21
N ASP A 74 -4.80 10.99 -4.05
CA ASP A 74 -3.62 11.86 -4.02
C ASP A 74 -2.31 11.09 -3.79
N PHE A 75 -1.91 10.23 -4.74
CA PHE A 75 -0.69 9.41 -4.63
C PHE A 75 0.56 9.97 -5.33
N GLU A 76 1.65 10.13 -4.58
CA GLU A 76 2.95 10.59 -5.01
C GLU A 76 4.01 9.60 -4.51
N ALA A 77 4.26 8.54 -5.28
CA ALA A 77 5.27 7.56 -4.88
C ALA A 77 6.68 8.14 -4.83
N SER A 78 6.89 9.41 -5.22
CA SER A 78 8.21 10.02 -5.14
C SER A 78 8.61 10.17 -3.65
N GLU A 79 7.64 10.13 -2.71
CA GLU A 79 7.88 10.24 -1.28
C GLU A 79 6.96 9.34 -0.45
N ASP A 80 5.76 8.95 -0.92
CA ASP A 80 4.84 8.10 -0.16
C ASP A 80 5.46 6.74 0.15
N ARG A 81 5.12 6.17 1.32
CA ARG A 81 5.57 4.87 1.78
C ARG A 81 4.36 3.98 2.06
N ILE A 82 4.51 2.67 1.98
CA ILE A 82 3.44 1.71 2.20
C ILE A 82 3.98 0.53 3.00
N ASP A 83 3.52 0.35 4.25
CA ASP A 83 3.95 -0.76 5.10
C ASP A 83 2.86 -1.82 5.09
N LEU A 84 3.00 -2.84 4.26
CA LEU A 84 2.01 -3.92 4.14
C LEU A 84 2.63 -5.32 4.13
N SER A 85 3.94 -5.45 4.42
CA SER A 85 4.65 -6.74 4.43
C SER A 85 3.96 -7.83 5.26
N ALA A 86 3.21 -7.43 6.30
CA ALA A 86 2.49 -8.33 7.18
C ALA A 86 1.40 -9.11 6.45
N LEU A 87 0.78 -8.54 5.41
CA LEU A 87 -0.30 -9.14 4.62
C LEU A 87 0.13 -10.25 3.65
N GLY A 88 1.20 -10.99 3.94
CA GLY A 88 1.72 -12.10 3.15
C GLY A 88 2.77 -11.71 2.13
N PHE A 89 4.00 -11.40 2.57
CA PHE A 89 5.09 -11.04 1.69
C PHE A 89 6.36 -11.79 2.06
N SER A 90 6.95 -12.38 1.03
CA SER A 90 8.18 -13.14 1.03
C SER A 90 9.10 -12.63 -0.10
N GLY A 91 8.55 -11.93 -1.09
CA GLY A 91 9.27 -11.38 -2.23
C GLY A 91 8.31 -11.24 -3.41
N LEU A 92 8.85 -11.07 -4.62
CA LEU A 92 8.02 -10.95 -5.82
C LEU A 92 7.59 -12.35 -6.26
N GLY A 93 6.59 -12.41 -7.12
CA GLY A 93 6.04 -13.64 -7.68
C GLY A 93 5.03 -13.31 -8.75
N ASP A 94 3.90 -12.71 -8.34
CA ASP A 94 2.71 -12.23 -9.08
C ASP A 94 1.38 -12.55 -8.37
N GLY A 95 1.28 -12.26 -7.07
CA GLY A 95 0.06 -12.48 -6.26
C GLY A 95 -0.20 -13.92 -5.86
N TYR A 96 0.83 -14.60 -5.35
CA TYR A 96 0.76 -15.96 -4.88
C TYR A 96 1.12 -15.97 -3.39
N GLY A 97 1.39 -17.16 -2.85
CA GLY A 97 1.75 -17.55 -1.50
C GLY A 97 2.96 -16.82 -0.92
N GLY A 98 2.78 -15.53 -0.72
CA GLY A 98 3.76 -14.59 -0.18
C GLY A 98 4.26 -13.63 -1.25
N THR A 99 3.53 -13.41 -2.34
CA THR A 99 3.94 -12.52 -3.42
C THR A 99 2.82 -11.55 -3.82
N LEU A 100 3.10 -10.62 -4.75
CA LEU A 100 2.11 -9.61 -5.14
C LEU A 100 2.18 -9.31 -6.64
N LEU A 101 1.06 -8.90 -7.22
CA LEU A 101 0.83 -8.53 -8.61
C LEU A 101 0.52 -7.03 -8.62
N LEU A 102 0.95 -6.33 -9.68
CA LEU A 102 0.74 -4.93 -9.94
C LEU A 102 0.18 -4.85 -11.35
N LYS A 103 -0.87 -4.08 -11.59
CA LYS A 103 -1.52 -3.96 -12.88
C LYS A 103 -2.04 -2.53 -13.04
N THR A 104 -1.76 -1.89 -14.16
CA THR A 104 -2.25 -0.53 -14.40
C THR A 104 -3.58 -0.62 -15.14
N ASN A 105 -4.43 0.40 -14.99
CA ASN A 105 -5.72 0.44 -15.69
C ASN A 105 -5.48 0.47 -17.21
N ALA A 106 -6.51 0.28 -18.04
CA ALA A 106 -6.40 0.31 -19.50
C ALA A 106 -5.62 1.55 -19.96
N GLU A 107 -5.88 2.71 -19.35
CA GLU A 107 -5.20 3.96 -19.67
C GLU A 107 -4.00 4.22 -18.74
N GLY A 108 -4.03 3.66 -17.53
CA GLY A 108 -2.98 3.80 -16.53
C GLY A 108 -3.21 4.88 -15.48
N THR A 109 -4.28 5.69 -15.62
CA THR A 109 -4.65 6.77 -14.70
C THR A 109 -4.93 6.19 -13.30
N ARG A 110 -5.44 4.95 -13.27
CA ARG A 110 -5.73 4.21 -12.06
C ARG A 110 -4.81 3.01 -12.05
N THR A 111 -4.47 2.53 -10.86
CA THR A 111 -3.60 1.40 -10.67
C THR A 111 -4.34 0.41 -9.76
N TYR A 112 -4.17 -0.89 -10.00
CA TYR A 112 -4.78 -2.00 -9.28
C TYR A 112 -3.71 -3.07 -9.05
N LEU A 113 -3.39 -3.34 -7.78
CA LEU A 113 -2.42 -4.36 -7.39
C LEU A 113 -3.15 -5.36 -6.52
N LYS A 114 -2.67 -6.59 -6.43
CA LYS A 114 -3.28 -7.64 -5.62
C LYS A 114 -2.19 -8.45 -4.94
N SER A 115 -2.22 -8.51 -3.61
CA SER A 115 -1.27 -9.27 -2.83
C SER A 115 -1.94 -10.60 -2.53
N PHE A 116 -1.14 -11.67 -2.38
CA PHE A 116 -1.52 -13.05 -2.09
C PHE A 116 -3.01 -13.30 -2.34
N GLU A 117 -3.38 -13.52 -3.61
CA GLU A 117 -4.77 -13.77 -3.99
C GLU A 117 -5.03 -15.27 -3.99
N ALA A 118 -6.17 -15.68 -4.52
CA ALA A 118 -6.65 -17.04 -4.64
C ALA A 118 -7.68 -17.03 -5.76
N ASP A 119 -8.79 -17.72 -5.59
CA ASP A 119 -9.89 -17.80 -6.53
C ASP A 119 -10.77 -16.60 -6.27
N ALA A 120 -11.26 -15.99 -7.34
CA ALA A 120 -12.10 -14.81 -7.35
C ALA A 120 -13.32 -14.84 -6.43
N GLU A 121 -13.78 -16.01 -6.00
CA GLU A 121 -14.92 -16.16 -5.12
C GLU A 121 -14.44 -16.51 -3.71
N GLY A 122 -13.39 -17.33 -3.58
CA GLY A 122 -12.82 -17.76 -2.32
C GLY A 122 -12.39 -16.56 -1.50
N ARG A 123 -11.39 -15.84 -2.01
CA ARG A 123 -10.85 -14.65 -1.36
C ARG A 123 -9.79 -13.99 -2.23
N ARG A 124 -10.03 -12.76 -2.70
CA ARG A 124 -9.10 -12.02 -3.48
C ARG A 124 -9.15 -10.61 -2.97
N PHE A 125 -8.00 -9.98 -2.84
CA PHE A 125 -7.91 -8.61 -2.37
C PHE A 125 -8.23 -7.72 -3.55
N GLU A 126 -8.75 -6.53 -3.24
CA GLU A 126 -9.07 -5.57 -4.29
C GLU A 126 -8.96 -4.15 -3.78
N VAL A 127 -7.99 -3.41 -4.31
CA VAL A 127 -7.70 -2.03 -3.98
C VAL A 127 -7.64 -1.21 -5.26
N ALA A 128 -8.04 0.06 -5.15
CA ALA A 128 -8.03 1.01 -6.24
C ALA A 128 -7.06 2.11 -5.84
N LEU A 129 -6.23 2.56 -6.77
CA LEU A 129 -5.26 3.62 -6.51
C LEU A 129 -5.44 4.68 -7.58
N ASP A 130 -5.77 5.90 -7.15
CA ASP A 130 -5.95 7.07 -7.99
C ASP A 130 -4.53 7.61 -8.15
N GLY A 131 -3.93 7.46 -9.34
CA GLY A 131 -2.57 7.92 -9.56
C GLY A 131 -2.56 9.42 -9.78
N ASP A 132 -1.65 10.14 -9.10
CA ASP A 132 -1.52 11.58 -9.23
C ASP A 132 -0.18 11.89 -9.91
N HIS A 133 0.96 11.74 -9.22
CA HIS A 133 2.27 12.00 -9.79
C HIS A 133 2.72 10.75 -10.57
N THR A 134 3.56 9.92 -9.99
CA THR A 134 4.11 8.71 -10.53
C THR A 134 3.90 7.62 -9.48
N GLY A 135 3.89 6.35 -9.90
CA GLY A 135 3.69 5.21 -9.03
C GLY A 135 4.81 4.19 -9.07
N ASP A 136 6.07 4.62 -9.05
CA ASP A 136 7.19 3.67 -9.05
C ASP A 136 7.30 3.09 -7.63
N LEU A 137 7.85 1.88 -7.46
CA LEU A 137 8.01 1.21 -6.18
C LEU A 137 9.42 0.66 -6.02
N SER A 138 9.90 0.47 -4.79
CA SER A 138 11.16 -0.08 -4.37
C SER A 138 10.99 -0.29 -2.86
N ALA A 139 11.96 -0.94 -2.24
CA ALA A 139 12.00 -1.27 -0.81
C ALA A 139 11.78 -0.07 0.11
N ALA A 140 12.21 1.12 -0.32
CA ALA A 140 12.04 2.35 0.43
C ALA A 140 10.57 2.78 0.42
N ASN A 141 9.91 2.60 -0.74
CA ASN A 141 8.53 2.94 -0.98
C ASN A 141 7.66 1.94 -0.22
N VAL A 142 7.64 0.72 -0.72
CA VAL A 142 6.90 -0.41 -0.20
C VAL A 142 7.76 -1.27 0.72
N VAL A 143 7.27 -1.48 1.93
CA VAL A 143 7.95 -2.30 2.92
C VAL A 143 7.83 -3.75 2.44
N PHE A 144 8.93 -4.30 1.94
CA PHE A 144 8.99 -5.67 1.45
C PHE A 144 9.14 -6.62 2.63
N ALA A 145 10.11 -6.36 3.51
CA ALA A 145 10.42 -7.14 4.69
C ALA A 145 11.58 -6.49 5.41
N ALA A 146 11.35 -6.02 6.64
CA ALA A 146 12.33 -5.45 7.51
C ALA A 146 13.33 -6.56 7.89
N THR A 147 14.34 -6.23 8.69
CA THR A 147 15.40 -7.09 9.20
C THR A 147 16.19 -7.89 8.12
N GLY A 148 16.00 -7.64 6.82
CA GLY A 148 16.68 -8.32 5.73
C GLY A 148 17.85 -7.53 5.14
N THR A 149 18.45 -8.09 4.08
CA THR A 149 19.58 -7.52 3.37
C THR A 149 19.17 -7.16 1.94
N THR A 150 19.94 -6.32 1.26
CA THR A 150 19.71 -5.84 -0.11
C THR A 150 20.94 -6.13 -0.97
N THR A 151 21.43 -7.37 -0.95
CA THR A 151 22.59 -7.79 -1.70
C THR A 151 22.49 -9.29 -1.94
N GLU A 152 23.38 -9.83 -2.75
CA GLU A 152 23.47 -11.24 -3.08
C GLU A 152 23.63 -12.02 -1.77
N LEU A 153 23.14 -13.26 -1.78
CA LEU A 153 23.18 -14.14 -0.62
C LEU A 153 24.59 -14.60 -0.31
N GLU A 154 25.05 -15.48 -1.17
CA GLU A 154 26.34 -16.15 -1.14
C GLU A 154 26.99 -16.11 -2.52
N VAL A 155 27.11 -14.91 -3.08
CA VAL A 155 27.71 -14.64 -4.39
C VAL A 155 28.51 -13.33 -4.22
N LEU A 156 29.34 -12.99 -5.20
CA LEU A 156 30.15 -11.78 -5.22
C LEU A 156 30.37 -11.46 -6.71
N GLY A 157 29.71 -10.42 -7.23
CA GLY A 157 29.85 -10.06 -8.63
C GLY A 157 29.25 -8.70 -8.92
N ASP A 158 29.75 -7.67 -8.24
CA ASP A 158 29.37 -6.24 -8.31
C ASP A 158 28.03 -5.99 -9.00
N SER A 159 26.96 -6.35 -8.32
CA SER A 159 25.58 -6.23 -8.76
C SER A 159 24.74 -5.62 -7.64
N GLY A 160 23.43 -5.51 -7.85
CA GLY A 160 22.51 -4.96 -6.87
C GLY A 160 21.08 -5.29 -7.26
N THR A 161 20.12 -4.74 -6.54
CA THR A 161 18.69 -4.93 -6.77
C THR A 161 18.04 -3.61 -7.23
N GLN A 162 18.68 -2.45 -7.00
CA GLN A 162 18.14 -1.18 -7.45
C GLN A 162 18.41 -1.05 -8.94
N ALA A 163 17.36 -0.88 -9.74
CA ALA A 163 17.45 -0.72 -11.18
C ALA A 163 17.65 0.76 -11.54
N GLY A 164 17.59 1.07 -12.83
CA GLY A 164 17.74 2.42 -13.36
C GLY A 164 19.20 2.83 -13.55
N ALA A 165 19.47 3.44 -14.70
CA ALA A 165 20.77 3.94 -15.13
C ALA A 165 20.53 5.21 -15.95
N ILE A 166 21.59 5.94 -16.31
CA ILE A 166 21.48 7.17 -17.10
C ILE A 166 22.67 7.24 -18.07
N VAL A 167 22.41 7.42 -19.36
CA VAL A 167 23.40 7.55 -20.41
C VAL A 167 22.98 8.74 -21.25
N GLY A 1 -26.81 6.82 6.39
CA GLY A 1 -25.86 7.05 5.29
C GLY A 1 -24.45 6.66 5.70
N SER A 2 -23.86 7.37 6.67
CA SER A 2 -22.52 7.13 7.16
C SER A 2 -22.54 6.65 8.61
N ASP A 3 -21.64 5.74 8.94
CA ASP A 3 -21.46 5.13 10.26
C ASP A 3 -19.99 5.33 10.61
N GLY A 4 -19.49 6.56 10.52
CA GLY A 4 -18.11 6.87 10.82
C GLY A 4 -17.80 8.35 10.72
N GLU A 5 -16.61 8.75 11.15
CA GLU A 5 -16.14 10.13 11.17
C GLU A 5 -14.68 10.22 10.71
N PRO A 6 -14.24 11.30 10.02
CA PRO A 6 -12.87 11.45 9.58
C PRO A 6 -11.98 12.07 10.69
N LEU A 7 -10.68 11.85 10.62
CA LEU A 7 -9.66 12.36 11.53
C LEU A 7 -8.63 13.08 10.68
N VAL A 8 -8.64 14.41 10.73
CA VAL A 8 -7.73 15.26 9.98
C VAL A 8 -6.64 15.69 10.97
N GLY A 9 -5.38 15.38 10.65
CA GLY A 9 -4.21 15.72 11.46
C GLY A 9 -4.04 17.24 11.51
N GLY A 10 -3.53 17.83 10.44
CA GLY A 10 -3.30 19.25 10.30
C GLY A 10 -2.14 19.52 9.33
N ASP A 11 -0.95 19.77 9.87
CA ASP A 11 0.28 20.05 9.11
C ASP A 11 1.50 19.61 9.92
N THR A 12 1.26 18.78 10.94
CA THR A 12 2.22 18.23 11.87
C THR A 12 2.16 16.71 11.80
N ASP A 13 3.31 16.09 11.58
CA ASP A 13 3.47 14.64 11.47
C ASP A 13 3.12 13.96 12.78
N ASP A 14 2.31 12.91 12.73
CA ASP A 14 1.87 12.11 13.87
C ASP A 14 1.57 10.71 13.33
N GLN A 15 0.86 9.88 14.10
CA GLN A 15 0.47 8.54 13.69
C GLN A 15 -1.04 8.53 13.95
N LEU A 16 -1.81 8.13 12.95
CA LEU A 16 -3.25 8.08 13.03
C LEU A 16 -3.68 6.64 12.80
N GLN A 17 -4.78 6.24 13.42
CA GLN A 17 -5.34 4.89 13.29
C GLN A 17 -6.82 4.99 12.89
N GLY A 18 -7.24 4.20 11.91
CA GLY A 18 -8.60 4.15 11.42
C GLY A 18 -9.30 3.18 12.36
N GLY A 19 -9.06 1.89 12.12
CA GLY A 19 -9.63 0.80 12.92
C GLY A 19 -10.90 0.29 12.25
N SER A 20 -11.33 -0.89 12.71
CA SER A 20 -12.52 -1.54 12.18
C SER A 20 -13.74 -0.61 12.28
N GLY A 21 -14.44 -0.43 11.18
CA GLY A 21 -15.62 0.40 11.06
C GLY A 21 -15.40 1.29 9.85
N ALA A 22 -15.81 2.55 9.94
CA ALA A 22 -15.57 3.53 8.90
C ALA A 22 -14.80 4.62 9.64
N ASP A 23 -13.48 4.57 9.64
CA ASP A 23 -12.66 5.57 10.32
C ASP A 23 -11.65 5.94 9.28
N ARG A 24 -11.88 7.11 8.72
CA ARG A 24 -11.11 7.70 7.65
C ARG A 24 -10.15 8.67 8.30
N LEU A 25 -8.96 8.80 7.74
CA LEU A 25 -7.93 9.69 8.26
C LEU A 25 -7.31 10.43 7.08
N ASP A 26 -6.80 11.61 7.37
CA ASP A 26 -6.17 12.51 6.40
C ASP A 26 -5.09 13.28 7.16
N GLY A 27 -3.81 13.02 6.91
CA GLY A 27 -2.72 13.69 7.62
C GLY A 27 -2.82 15.21 7.45
N GLY A 28 -2.94 15.68 6.20
CA GLY A 28 -3.04 17.09 5.91
C GLY A 28 -1.89 17.45 4.99
N ALA A 29 -0.71 17.65 5.58
CA ALA A 29 0.51 17.96 4.85
C ALA A 29 1.70 17.69 5.76
N GLY A 30 2.18 16.45 5.80
CA GLY A 30 3.31 16.07 6.62
C GLY A 30 3.84 14.70 6.28
N ASP A 31 4.85 14.27 7.04
CA ASP A 31 5.50 12.97 6.92
C ASP A 31 4.77 12.05 7.91
N ASP A 32 3.44 12.02 7.79
CA ASP A 32 2.52 11.26 8.62
C ASP A 32 2.49 9.79 8.26
N ILE A 33 1.90 9.05 9.19
CA ILE A 33 1.73 7.61 9.14
C ILE A 33 0.26 7.28 9.49
N LEU A 34 -0.55 7.01 8.48
CA LEU A 34 -1.98 6.70 8.59
C LEU A 34 -2.20 5.19 8.46
N ASP A 35 -2.71 4.54 9.50
CA ASP A 35 -3.00 3.11 9.53
C ASP A 35 -4.52 2.93 9.50
N GLY A 36 -5.09 2.59 8.34
CA GLY A 36 -6.52 2.42 8.19
C GLY A 36 -7.13 1.28 9.00
N GLY A 37 -6.35 0.27 9.42
CA GLY A 37 -6.90 -0.85 10.17
C GLY A 37 -7.89 -1.65 9.30
N ALA A 38 -8.86 -2.30 9.94
CA ALA A 38 -9.87 -3.10 9.27
C ALA A 38 -10.97 -2.20 8.73
N GLY A 39 -11.87 -2.75 7.90
CA GLY A 39 -12.96 -1.99 7.32
C GLY A 39 -12.50 -1.37 6.01
N ARG A 40 -13.40 -0.68 5.31
CA ARG A 40 -13.13 -0.04 4.04
C ARG A 40 -13.09 1.45 4.35
N ASP A 41 -11.91 1.99 4.51
CA ASP A 41 -11.65 3.38 4.83
C ASP A 41 -11.34 4.15 3.55
N ARG A 42 -11.44 5.47 3.63
CA ARG A 42 -11.17 6.40 2.55
C ARG A 42 -9.97 7.17 3.08
N LEU A 43 -8.77 6.84 2.64
CA LEU A 43 -7.54 7.45 3.08
C LEU A 43 -6.95 8.39 2.04
N SER A 44 -6.32 9.45 2.49
CA SER A 44 -5.65 10.44 1.66
C SER A 44 -4.54 10.99 2.55
N GLY A 45 -3.34 11.22 2.04
CA GLY A 45 -2.25 11.76 2.84
C GLY A 45 -2.29 13.28 2.74
N GLY A 46 -2.39 13.77 1.51
CA GLY A 46 -2.39 15.18 1.16
C GLY A 46 -1.02 15.49 0.58
N ALA A 47 -0.68 16.77 0.37
CA ALA A 47 0.65 17.10 -0.14
C ALA A 47 1.55 16.95 1.08
N GLY A 48 2.31 15.86 1.16
CA GLY A 48 3.19 15.50 2.25
C GLY A 48 4.18 14.48 1.75
N ALA A 49 4.41 13.52 2.61
CA ALA A 49 5.28 12.36 2.44
C ALA A 49 4.72 11.28 3.39
N ASP A 50 3.52 10.81 3.08
CA ASP A 50 2.79 9.84 3.91
C ASP A 50 3.31 8.42 3.81
N THR A 51 2.87 7.59 4.74
CA THR A 51 3.17 6.17 4.93
C THR A 51 1.89 5.45 5.39
N PHE A 52 1.16 4.90 4.44
CA PHE A 52 -0.10 4.20 4.65
C PHE A 52 0.23 2.78 5.13
N VAL A 53 -0.05 2.46 6.40
CA VAL A 53 0.27 1.16 6.99
C VAL A 53 -0.75 0.06 6.64
N PHE A 54 -0.29 -1.19 6.59
CA PHE A 54 -1.07 -2.41 6.34
C PHE A 54 -0.81 -3.33 7.52
N SER A 55 -1.83 -3.66 8.31
CA SER A 55 -1.66 -4.52 9.47
C SER A 55 -1.54 -6.01 9.13
N ALA A 56 -2.51 -6.61 8.45
CA ALA A 56 -2.46 -8.03 8.11
C ALA A 56 -3.22 -8.34 6.82
N ARG A 57 -3.18 -9.60 6.38
CA ARG A 57 -3.82 -10.06 5.16
C ARG A 57 -5.36 -9.97 5.16
N GLU A 58 -6.04 -10.01 6.31
CA GLU A 58 -7.49 -9.92 6.32
C GLU A 58 -7.98 -8.55 5.82
N ASP A 59 -7.25 -7.50 6.17
CA ASP A 59 -7.50 -6.11 5.86
C ASP A 59 -7.01 -5.77 4.44
N SER A 60 -7.11 -6.73 3.50
CA SER A 60 -6.68 -6.61 2.12
C SER A 60 -7.53 -7.34 1.08
N TYR A 61 -8.53 -8.11 1.47
CA TYR A 61 -9.33 -8.83 0.49
C TYR A 61 -10.79 -8.63 0.78
N ARG A 62 -11.56 -9.05 -0.21
CA ARG A 62 -13.00 -9.01 -0.24
C ARG A 62 -13.41 -10.48 -0.29
N THR A 63 -14.62 -10.76 0.15
CA THR A 63 -15.18 -12.10 0.15
C THR A 63 -16.45 -12.06 -0.68
N ASP A 64 -17.10 -13.21 -0.87
CA ASP A 64 -18.31 -13.33 -1.66
C ASP A 64 -19.44 -12.41 -1.18
N THR A 65 -19.53 -12.15 0.13
CA THR A 65 -20.57 -11.30 0.70
C THR A 65 -20.04 -10.21 1.64
N ALA A 66 -18.73 -9.95 1.71
CA ALA A 66 -18.15 -8.92 2.56
C ALA A 66 -16.99 -8.22 1.83
N VAL A 67 -17.29 -7.11 1.16
CA VAL A 67 -16.30 -6.33 0.43
C VAL A 67 -15.65 -5.32 1.34
N PHE A 68 -14.33 -5.36 1.49
CA PHE A 68 -13.62 -4.39 2.29
C PHE A 68 -12.86 -3.44 1.32
N ASN A 69 -13.31 -3.29 0.06
CA ASN A 69 -12.66 -2.42 -0.94
C ASN A 69 -12.44 -0.99 -0.44
N ASP A 70 -11.16 -0.67 -0.22
CA ASP A 70 -10.54 0.57 0.25
C ASP A 70 -10.37 1.59 -0.88
N LEU A 71 -10.26 2.88 -0.54
CA LEU A 71 -10.07 3.93 -1.55
C LEU A 71 -9.02 4.95 -1.14
N ILE A 72 -7.89 4.98 -1.86
CA ILE A 72 -6.79 5.92 -1.64
C ILE A 72 -7.08 7.13 -2.54
N LEU A 73 -7.20 8.32 -1.96
CA LEU A 73 -7.46 9.58 -2.65
C LEU A 73 -6.22 10.48 -2.64
N ASP A 74 -6.07 11.31 -3.67
CA ASP A 74 -5.00 12.30 -3.90
C ASP A 74 -3.60 11.80 -3.51
N PHE A 75 -3.14 10.78 -4.23
CA PHE A 75 -1.84 10.16 -4.00
C PHE A 75 -0.73 10.73 -4.89
N GLU A 76 0.46 10.91 -4.31
CA GLU A 76 1.68 11.40 -4.94
C GLU A 76 2.82 10.45 -4.57
N ALA A 77 3.06 9.41 -5.39
CA ALA A 77 4.12 8.44 -5.14
C ALA A 77 5.52 9.07 -5.02
N SER A 78 5.70 10.31 -5.47
CA SER A 78 6.97 11.01 -5.39
C SER A 78 7.39 11.18 -3.92
N GLU A 79 6.45 11.31 -2.98
CA GLU A 79 6.72 11.47 -1.55
C GLU A 79 5.95 10.44 -0.72
N ASP A 80 4.71 10.11 -1.07
CA ASP A 80 3.89 9.16 -0.35
C ASP A 80 4.45 7.75 -0.45
N ARG A 81 4.07 6.92 0.52
CA ARG A 81 4.47 5.52 0.61
C ARG A 81 3.44 4.66 1.33
N ILE A 82 3.65 3.34 1.31
CA ILE A 82 2.79 2.34 1.93
C ILE A 82 3.72 1.42 2.73
N ASP A 83 3.39 1.09 3.99
CA ASP A 83 4.21 0.18 4.80
C ASP A 83 3.49 -1.16 4.78
N LEU A 84 4.10 -2.17 4.17
CA LEU A 84 3.51 -3.49 4.06
C LEU A 84 3.99 -4.39 5.18
N SER A 85 5.11 -5.08 4.98
CA SER A 85 5.74 -6.03 5.88
C SER A 85 4.89 -7.29 5.93
N ALA A 86 3.68 -7.22 6.50
CA ALA A 86 2.79 -8.35 6.60
C ALA A 86 2.32 -8.88 5.24
N LEU A 87 2.34 -8.09 4.16
CA LEU A 87 1.89 -8.52 2.85
C LEU A 87 2.95 -8.23 1.79
N GLY A 88 3.66 -9.25 1.31
CA GLY A 88 4.69 -9.01 0.31
C GLY A 88 5.64 -10.18 0.27
N PHE A 89 5.50 -11.04 -0.72
CA PHE A 89 6.36 -12.19 -0.91
C PHE A 89 7.68 -11.64 -1.48
N SER A 90 8.74 -12.43 -1.48
CA SER A 90 10.03 -11.99 -2.01
C SER A 90 10.01 -11.87 -3.54
N GLY A 91 8.89 -12.18 -4.21
CA GLY A 91 8.77 -12.10 -5.66
C GLY A 91 7.45 -11.47 -6.13
N LEU A 92 7.41 -11.16 -7.42
CA LEU A 92 6.32 -10.57 -8.17
C LEU A 92 6.00 -11.44 -9.37
N GLY A 93 4.97 -11.04 -10.11
CA GLY A 93 4.55 -11.76 -11.31
C GLY A 93 3.10 -11.48 -11.68
N ASP A 94 2.16 -12.18 -11.06
CA ASP A 94 0.73 -12.07 -11.38
C ASP A 94 -0.21 -11.92 -10.18
N GLY A 95 0.31 -11.85 -8.95
CA GLY A 95 -0.53 -11.72 -7.76
C GLY A 95 -1.33 -13.01 -7.54
N TYR A 96 -0.94 -14.11 -8.19
CA TYR A 96 -1.56 -15.42 -8.13
C TYR A 96 -1.01 -16.16 -6.90
N GLY A 97 -0.46 -17.36 -7.09
CA GLY A 97 0.13 -18.31 -6.16
C GLY A 97 1.30 -17.84 -5.28
N GLY A 98 1.45 -16.56 -5.00
CA GLY A 98 2.50 -15.98 -4.18
C GLY A 98 3.29 -14.92 -4.93
N THR A 99 2.68 -14.25 -5.91
CA THR A 99 3.31 -13.22 -6.72
C THR A 99 2.66 -11.85 -6.44
N LEU A 100 2.93 -10.84 -7.29
CA LEU A 100 2.43 -9.47 -7.16
C LEU A 100 2.18 -8.90 -8.56
N LEU A 101 1.04 -8.25 -8.80
CA LEU A 101 0.66 -7.64 -10.07
C LEU A 101 0.11 -6.26 -9.81
N LEU A 102 0.48 -5.30 -10.64
CA LEU A 102 0.04 -3.91 -10.58
C LEU A 102 -0.39 -3.54 -11.98
N LYS A 103 -1.54 -2.90 -12.08
CA LYS A 103 -2.11 -2.45 -13.33
C LYS A 103 -2.70 -1.06 -13.12
N THR A 104 -2.99 -0.40 -14.22
CA THR A 104 -3.56 0.93 -14.22
C THR A 104 -4.92 0.85 -14.89
N ASN A 105 -5.74 1.88 -14.69
CA ASN A 105 -7.06 1.97 -15.32
C ASN A 105 -6.83 2.28 -16.82
N ALA A 106 -7.88 2.56 -17.59
CA ALA A 106 -7.75 2.85 -19.01
C ALA A 106 -6.79 4.01 -19.27
N GLU A 107 -7.09 5.21 -18.78
CA GLU A 107 -6.24 6.38 -18.99
C GLU A 107 -4.90 6.27 -18.27
N GLY A 108 -4.96 5.82 -17.02
CA GLY A 108 -3.86 5.65 -16.09
C GLY A 108 -4.06 6.59 -14.89
N THR A 109 -5.19 7.31 -14.81
CA THR A 109 -5.55 8.23 -13.76
C THR A 109 -5.75 7.46 -12.44
N ARG A 110 -6.27 6.23 -12.51
CA ARG A 110 -6.50 5.36 -11.37
C ARG A 110 -5.62 4.13 -11.50
N THR A 111 -5.26 3.51 -10.39
CA THR A 111 -4.41 2.32 -10.35
C THR A 111 -5.09 1.22 -9.55
N TYR A 112 -4.94 -0.02 -10.01
CA TYR A 112 -5.48 -1.22 -9.39
C TYR A 112 -4.37 -2.28 -9.39
N LEU A 113 -3.94 -2.73 -8.21
CA LEU A 113 -2.91 -3.76 -8.03
C LEU A 113 -3.52 -4.89 -7.21
N LYS A 114 -2.94 -6.10 -7.25
CA LYS A 114 -3.45 -7.23 -6.49
C LYS A 114 -2.29 -7.97 -5.84
N SER A 115 -2.35 -8.08 -4.52
CA SER A 115 -1.34 -8.73 -3.71
C SER A 115 -1.90 -10.07 -3.26
N PHE A 116 -1.37 -11.17 -3.83
CA PHE A 116 -1.74 -12.56 -3.56
C PHE A 116 -3.26 -12.71 -3.40
N GLU A 117 -3.96 -12.62 -4.53
CA GLU A 117 -5.41 -12.75 -4.58
C GLU A 117 -5.78 -14.24 -4.54
N ALA A 118 -7.08 -14.51 -4.47
CA ALA A 118 -7.64 -15.84 -4.44
C ALA A 118 -8.95 -15.84 -5.22
N ASP A 119 -9.91 -16.60 -4.76
CA ASP A 119 -11.25 -16.75 -5.32
C ASP A 119 -12.06 -15.62 -4.68
N ALA A 120 -13.12 -15.16 -5.35
CA ALA A 120 -13.97 -14.09 -4.84
C ALA A 120 -14.56 -14.42 -3.48
N GLU A 121 -14.73 -15.71 -3.19
CA GLU A 121 -15.29 -16.20 -1.96
C GLU A 121 -14.23 -16.42 -0.89
N GLY A 122 -13.06 -16.92 -1.29
CA GLY A 122 -11.94 -17.21 -0.42
C GLY A 122 -11.21 -15.98 0.11
N ARG A 123 -10.81 -15.06 -0.78
CA ARG A 123 -10.08 -13.82 -0.44
C ARG A 123 -9.51 -13.18 -1.69
N ARG A 124 -10.33 -12.47 -2.45
CA ARG A 124 -9.82 -11.83 -3.66
C ARG A 124 -9.48 -10.40 -3.31
N PHE A 125 -8.24 -10.00 -3.63
CA PHE A 125 -7.70 -8.70 -3.34
C PHE A 125 -8.17 -7.69 -4.39
N GLU A 126 -8.82 -6.61 -3.95
CA GLU A 126 -9.28 -5.54 -4.85
C GLU A 126 -9.37 -4.23 -4.06
N VAL A 127 -8.67 -3.21 -4.49
CA VAL A 127 -8.62 -1.87 -3.91
C VAL A 127 -8.49 -0.91 -5.11
N ALA A 128 -8.79 0.38 -4.93
CA ALA A 128 -8.66 1.37 -5.99
C ALA A 128 -7.85 2.54 -5.46
N LEU A 129 -6.96 3.06 -6.28
CA LEU A 129 -6.12 4.20 -5.95
C LEU A 129 -6.42 5.29 -6.96
N ASP A 130 -6.78 6.47 -6.46
CA ASP A 130 -7.08 7.66 -7.22
C ASP A 130 -5.86 8.55 -6.97
N GLY A 131 -5.01 8.69 -7.98
CA GLY A 131 -3.80 9.48 -7.87
C GLY A 131 -4.01 10.85 -8.47
N ASP A 132 -2.98 11.68 -8.35
CA ASP A 132 -2.96 13.05 -8.87
C ASP A 132 -1.64 13.23 -9.63
N HIS A 133 -0.51 12.85 -9.02
CA HIS A 133 0.80 12.98 -9.63
C HIS A 133 1.22 11.71 -10.37
N THR A 134 1.76 10.69 -9.70
CA THR A 134 2.19 9.44 -10.30
C THR A 134 2.08 8.31 -9.28
N GLY A 135 2.30 7.09 -9.75
CA GLY A 135 2.26 5.84 -8.99
C GLY A 135 3.47 4.98 -9.29
N ASP A 136 4.61 5.56 -9.68
CA ASP A 136 5.80 4.75 -9.98
C ASP A 136 6.54 4.35 -8.70
N LEU A 137 6.42 3.08 -8.28
CA LEU A 137 7.05 2.55 -7.07
C LEU A 137 8.40 1.91 -7.36
N SER A 138 9.28 1.82 -6.35
CA SER A 138 10.59 1.20 -6.49
C SER A 138 11.04 0.54 -5.19
N ALA A 139 11.92 1.19 -4.44
CA ALA A 139 12.47 0.67 -3.17
C ALA A 139 12.25 1.58 -1.95
N ALA A 140 11.48 2.67 -2.06
CA ALA A 140 11.19 3.57 -0.95
C ALA A 140 9.70 3.97 -0.87
N ASN A 141 8.98 3.89 -2.00
CA ASN A 141 7.56 4.22 -2.12
C ASN A 141 6.67 3.15 -1.49
N VAL A 142 7.23 2.01 -1.11
CA VAL A 142 6.57 0.89 -0.46
C VAL A 142 7.64 0.24 0.40
N VAL A 143 7.35 0.10 1.68
CA VAL A 143 8.22 -0.51 2.67
C VAL A 143 7.90 -2.00 2.59
N PHE A 144 8.80 -2.76 1.99
CA PHE A 144 8.65 -4.21 1.81
C PHE A 144 8.36 -4.90 3.14
N ALA A 145 9.17 -4.57 4.14
CA ALA A 145 9.17 -5.02 5.52
C ALA A 145 10.14 -4.11 6.24
N ALA A 146 9.67 -3.33 7.19
CA ALA A 146 10.46 -2.40 7.97
C ALA A 146 11.52 -3.15 8.80
N THR A 147 12.75 -3.24 8.29
CA THR A 147 13.89 -3.89 8.93
C THR A 147 15.19 -3.30 8.37
N GLY A 148 16.35 -3.87 8.71
CA GLY A 148 17.65 -3.42 8.26
C GLY A 148 18.64 -4.58 8.32
N THR A 149 18.42 -5.56 7.46
CA THR A 149 19.25 -6.74 7.32
C THR A 149 19.68 -6.77 5.85
N THR A 150 20.94 -7.09 5.59
CA THR A 150 21.52 -7.13 4.25
C THR A 150 22.34 -8.41 4.06
N THR A 151 22.95 -8.52 2.89
CA THR A 151 23.81 -9.59 2.40
C THR A 151 24.87 -8.84 1.55
N GLU A 152 25.59 -9.51 0.66
CA GLU A 152 26.61 -9.07 -0.31
C GLU A 152 27.05 -7.61 -0.12
N LEU A 153 28.20 -7.38 0.51
CA LEU A 153 28.79 -6.07 0.82
C LEU A 153 30.18 -5.93 0.19
N GLU A 154 30.40 -6.55 -0.96
CA GLU A 154 31.68 -6.51 -1.65
C GLU A 154 31.85 -5.12 -2.30
N VAL A 155 33.09 -4.69 -2.47
CA VAL A 155 33.42 -3.39 -3.05
C VAL A 155 33.03 -3.40 -4.54
N LEU A 156 32.66 -2.23 -5.05
CA LEU A 156 32.22 -1.88 -6.41
C LEU A 156 31.12 -2.72 -7.06
N GLY A 157 30.61 -3.74 -6.40
CA GLY A 157 29.55 -4.61 -6.89
C GLY A 157 28.25 -3.82 -6.92
N ASP A 158 27.94 -3.18 -8.05
CA ASP A 158 26.72 -2.40 -8.18
C ASP A 158 25.52 -3.32 -7.99
N SER A 159 24.61 -2.92 -7.12
CA SER A 159 23.41 -3.68 -6.80
C SER A 159 23.80 -5.08 -6.29
N GLY A 160 24.91 -5.21 -5.55
CA GLY A 160 25.45 -6.46 -5.00
C GLY A 160 24.40 -7.42 -4.42
N THR A 161 23.47 -6.92 -3.62
CA THR A 161 22.40 -7.66 -2.93
C THR A 161 21.33 -8.32 -3.85
N GLN A 162 21.60 -8.67 -5.10
CA GLN A 162 20.62 -9.31 -5.98
C GLN A 162 21.26 -10.40 -6.84
N ALA A 163 20.72 -11.62 -6.72
CA ALA A 163 21.19 -12.76 -7.49
C ALA A 163 20.91 -12.50 -8.98
N GLY A 164 21.44 -13.34 -9.85
CA GLY A 164 21.30 -13.27 -11.29
C GLY A 164 22.63 -13.65 -11.92
N ALA A 165 22.57 -14.42 -13.01
CA ALA A 165 23.75 -14.90 -13.72
C ALA A 165 23.60 -14.64 -15.23
N ILE A 166 24.60 -15.06 -16.00
CA ILE A 166 24.68 -14.92 -17.45
C ILE A 166 24.50 -16.31 -18.08
N VAL A 167 25.18 -16.56 -19.19
CA VAL A 167 25.21 -17.79 -19.98
C VAL A 167 26.66 -18.24 -20.01
N GLY A 1 -21.19 13.18 8.19
CA GLY A 1 -20.09 13.45 7.26
C GLY A 1 -18.76 13.55 7.99
N SER A 2 -18.27 12.43 8.55
CA SER A 2 -17.03 12.33 9.31
C SER A 2 -16.55 10.89 9.15
N ASP A 3 -16.20 10.53 7.91
CA ASP A 3 -15.73 9.19 7.55
C ASP A 3 -14.39 8.81 8.17
N GLY A 4 -13.56 9.81 8.43
CA GLY A 4 -12.22 9.77 9.00
C GLY A 4 -11.66 11.19 8.91
N GLU A 5 -10.39 11.39 9.24
CA GLU A 5 -9.77 12.71 9.22
C GLU A 5 -8.47 12.64 8.42
N PRO A 6 -8.14 13.67 7.61
CA PRO A 6 -6.92 13.69 6.83
C PRO A 6 -5.70 13.94 7.71
N LEU A 7 -4.60 13.22 7.54
CA LEU A 7 -3.39 13.41 8.32
C LEU A 7 -2.24 13.64 7.34
N VAL A 8 -1.84 14.88 7.18
CA VAL A 8 -0.76 15.28 6.30
C VAL A 8 0.44 15.42 7.22
N GLY A 9 1.51 14.68 6.93
CA GLY A 9 2.76 14.70 7.67
C GLY A 9 3.44 16.02 7.38
N GLY A 10 4.42 16.02 6.48
CA GLY A 10 5.11 17.27 6.15
C GLY A 10 6.49 17.10 5.55
N ASP A 11 6.76 15.99 4.86
CA ASP A 11 8.07 15.67 4.25
C ASP A 11 9.11 15.53 5.38
N THR A 12 8.66 14.82 6.40
CA THR A 12 9.32 14.45 7.64
C THR A 12 9.12 12.96 7.94
N ASP A 13 10.21 12.25 8.17
CA ASP A 13 10.18 10.83 8.48
C ASP A 13 9.53 10.66 9.84
N ASP A 14 8.48 9.85 9.86
CA ASP A 14 7.69 9.54 11.04
C ASP A 14 6.85 8.31 10.71
N GLN A 15 6.02 7.86 11.65
CA GLN A 15 5.16 6.69 11.49
C GLN A 15 3.69 7.10 11.64
N LEU A 16 3.02 7.32 10.52
CA LEU A 16 1.61 7.69 10.50
C LEU A 16 0.87 6.37 10.47
N GLN A 17 0.30 5.97 11.60
CA GLN A 17 -0.43 4.72 11.74
C GLN A 17 -1.94 4.99 11.68
N GLY A 18 -2.73 3.94 11.41
CA GLY A 18 -4.18 3.97 11.32
C GLY A 18 -4.78 2.97 12.32
N GLY A 19 -5.92 2.38 11.95
CA GLY A 19 -6.66 1.43 12.76
C GLY A 19 -7.85 0.95 11.94
N SER A 20 -8.83 1.83 11.71
CA SER A 20 -10.03 1.54 10.92
C SER A 20 -10.85 2.82 10.67
N GLY A 21 -11.91 2.70 9.87
CA GLY A 21 -12.84 3.71 9.42
C GLY A 21 -12.45 4.03 7.99
N ALA A 22 -12.73 5.24 7.49
CA ALA A 22 -12.30 5.63 6.15
C ALA A 22 -11.46 6.87 6.44
N ASP A 23 -10.17 6.66 6.64
CA ASP A 23 -9.17 7.69 6.99
C ASP A 23 -8.31 8.03 5.78
N ARG A 24 -7.50 9.10 5.81
CA ARG A 24 -6.67 9.48 4.66
C ARG A 24 -5.33 10.07 5.12
N LEU A 25 -4.22 9.35 5.08
CA LEU A 25 -2.91 9.90 5.50
C LEU A 25 -2.02 10.17 4.30
N ASP A 26 -1.09 11.12 4.43
CA ASP A 26 -0.18 11.52 3.35
C ASP A 26 1.11 12.04 3.96
N GLY A 27 2.22 11.32 3.77
CA GLY A 27 3.51 11.72 4.30
C GLY A 27 4.04 12.96 3.59
N GLY A 28 4.31 12.82 2.29
CA GLY A 28 4.83 13.88 1.45
C GLY A 28 6.08 13.49 0.67
N ALA A 29 7.15 13.07 1.38
CA ALA A 29 8.45 12.64 0.83
C ALA A 29 9.45 12.44 1.97
N GLY A 30 9.94 11.21 2.18
CA GLY A 30 10.91 10.82 3.19
C GLY A 30 10.85 9.31 3.35
N ASP A 31 11.73 8.73 4.17
CA ASP A 31 11.81 7.35 4.48
C ASP A 31 10.74 7.07 5.55
N ASP A 32 9.49 7.44 5.21
CA ASP A 32 8.32 7.32 6.06
C ASP A 32 7.80 5.88 6.09
N ILE A 33 6.95 5.65 7.08
CA ILE A 33 6.27 4.39 7.34
C ILE A 33 4.80 4.80 7.53
N LEU A 34 3.94 4.45 6.58
CA LEU A 34 2.52 4.82 6.59
C LEU A 34 1.65 3.55 6.68
N ASP A 35 0.60 3.59 7.52
CA ASP A 35 -0.35 2.49 7.77
C ASP A 35 -1.76 3.04 7.98
N GLY A 36 -2.79 2.32 7.53
CA GLY A 36 -4.19 2.74 7.65
C GLY A 36 -5.08 1.81 8.47
N GLY A 37 -4.72 0.53 8.60
CA GLY A 37 -5.49 -0.43 9.37
C GLY A 37 -6.38 -1.29 8.47
N ALA A 38 -7.66 -1.31 8.83
CA ALA A 38 -8.74 -2.03 8.15
C ALA A 38 -9.77 -1.00 7.70
N GLY A 39 -9.85 -0.73 6.40
CA GLY A 39 -10.81 0.19 5.86
C GLY A 39 -10.38 0.80 4.55
N ARG A 40 -11.36 1.43 3.90
CA ARG A 40 -11.10 2.09 2.64
C ARG A 40 -10.39 3.40 3.00
N ASP A 41 -9.07 3.40 2.94
CA ASP A 41 -8.28 4.58 3.24
C ASP A 41 -7.59 4.96 1.95
N ARG A 42 -7.16 6.21 1.88
CA ARG A 42 -6.50 6.77 0.72
C ARG A 42 -5.11 7.15 1.19
N LEU A 43 -4.14 6.32 0.84
CA LEU A 43 -2.75 6.46 1.20
C LEU A 43 -1.88 6.90 0.03
N SER A 44 -0.91 7.75 0.33
CA SER A 44 0.08 8.27 -0.60
C SER A 44 1.33 8.56 0.24
N GLY A 45 2.47 8.07 -0.23
CA GLY A 45 3.73 8.28 0.43
C GLY A 45 4.28 9.59 -0.10
N GLY A 46 4.47 9.66 -1.42
CA GLY A 46 5.00 10.79 -2.14
C GLY A 46 6.25 10.33 -2.87
N ALA A 47 7.05 11.25 -3.39
CA ALA A 47 8.29 10.83 -4.06
C ALA A 47 9.26 10.52 -2.92
N GLY A 48 9.48 9.24 -2.62
CA GLY A 48 10.38 8.85 -1.55
C GLY A 48 10.41 7.35 -1.35
N ALA A 49 11.33 6.91 -0.49
CA ALA A 49 11.53 5.52 -0.14
C ALA A 49 10.62 5.16 1.03
N ASP A 50 9.33 5.18 0.77
CA ASP A 50 8.29 4.90 1.76
C ASP A 50 8.20 3.40 2.02
N THR A 51 7.47 3.09 3.09
CA THR A 51 7.18 1.76 3.56
C THR A 51 5.70 1.76 3.92
N PHE A 52 4.87 1.01 3.22
CA PHE A 52 3.45 0.92 3.49
C PHE A 52 3.27 -0.40 4.24
N VAL A 53 2.36 -0.42 5.22
CA VAL A 53 2.10 -1.62 5.99
C VAL A 53 0.61 -1.98 5.93
N PHE A 54 0.35 -3.28 5.81
CA PHE A 54 -1.00 -3.86 5.78
C PHE A 54 -1.26 -4.46 7.16
N SER A 55 -2.50 -4.37 7.62
CA SER A 55 -2.94 -4.85 8.92
C SER A 55 -3.20 -6.37 8.95
N ALA A 56 -4.38 -6.81 8.52
CA ALA A 56 -4.82 -8.19 8.52
C ALA A 56 -5.83 -8.43 7.40
N ARG A 57 -6.23 -9.69 7.20
CA ARG A 57 -7.16 -10.16 6.17
C ARG A 57 -8.43 -9.34 6.00
N GLU A 58 -8.94 -8.69 7.04
CA GLU A 58 -10.16 -7.91 6.92
C GLU A 58 -9.96 -6.71 5.99
N ASP A 59 -8.70 -6.37 5.64
CA ASP A 59 -8.36 -5.26 4.74
C ASP A 59 -7.99 -5.68 3.33
N SER A 60 -8.06 -6.98 3.10
CA SER A 60 -7.75 -7.63 1.85
C SER A 60 -8.94 -7.75 0.91
N TYR A 61 -10.13 -7.84 1.47
CA TYR A 61 -11.34 -8.05 0.71
C TYR A 61 -12.48 -7.21 1.22
N ARG A 62 -13.60 -7.41 0.55
CA ARG A 62 -14.86 -6.77 0.85
C ARG A 62 -15.82 -7.83 1.32
N THR A 63 -16.88 -7.40 1.97
CA THR A 63 -17.91 -8.28 2.46
C THR A 63 -19.21 -7.73 1.87
N ASP A 64 -20.34 -8.37 2.19
CA ASP A 64 -21.70 -8.06 1.75
C ASP A 64 -22.07 -6.63 2.12
N THR A 65 -21.69 -5.71 1.23
CA THR A 65 -21.84 -4.26 1.17
C THR A 65 -20.70 -3.50 1.88
N ALA A 66 -19.88 -4.13 2.74
CA ALA A 66 -18.80 -3.43 3.41
C ALA A 66 -17.52 -3.66 2.62
N VAL A 67 -17.30 -2.80 1.62
CA VAL A 67 -16.13 -2.85 0.77
C VAL A 67 -15.02 -2.11 1.49
N PHE A 68 -13.88 -2.75 1.70
CA PHE A 68 -12.71 -2.19 2.37
C PHE A 68 -11.60 -1.95 1.32
N ASN A 69 -11.95 -1.73 0.04
CA ASN A 69 -10.93 -1.52 -0.97
C ASN A 69 -10.10 -0.29 -0.70
N ASP A 70 -8.80 -0.47 -0.87
CA ASP A 70 -7.74 0.52 -0.72
C ASP A 70 -7.61 1.23 -2.09
N LEU A 71 -7.10 2.46 -2.07
CA LEU A 71 -6.83 3.27 -3.24
C LEU A 71 -5.51 3.96 -2.93
N ILE A 72 -4.41 3.51 -3.55
CA ILE A 72 -3.10 4.12 -3.31
C ILE A 72 -2.92 5.22 -4.34
N LEU A 73 -2.49 6.40 -3.90
CA LEU A 73 -2.22 7.55 -4.76
C LEU A 73 -0.71 7.77 -4.83
N ASP A 74 -0.30 8.52 -5.84
CA ASP A 74 1.06 8.95 -6.17
C ASP A 74 2.11 7.86 -5.91
N PHE A 75 1.84 6.63 -6.37
CA PHE A 75 2.72 5.48 -6.20
C PHE A 75 4.02 5.72 -6.96
N GLU A 76 5.19 5.48 -6.36
CA GLU A 76 6.51 5.70 -6.97
C GLU A 76 7.41 4.47 -6.72
N ALA A 77 7.22 3.43 -7.55
CA ALA A 77 7.93 2.14 -7.52
C ALA A 77 9.46 2.19 -7.58
N SER A 78 10.05 3.36 -7.76
CA SER A 78 11.49 3.57 -7.81
C SER A 78 12.10 3.34 -6.41
N GLU A 79 11.46 3.85 -5.36
CA GLU A 79 11.96 3.74 -3.99
C GLU A 79 10.95 3.18 -2.97
N ASP A 80 9.64 3.29 -3.18
CA ASP A 80 8.60 2.81 -2.24
C ASP A 80 8.61 1.30 -1.95
N ARG A 81 7.97 0.89 -0.84
CA ARG A 81 7.86 -0.51 -0.37
C ARG A 81 6.48 -0.90 0.20
N ILE A 82 6.15 -2.19 0.21
CA ILE A 82 4.89 -2.70 0.75
C ILE A 82 5.19 -3.95 1.54
N ASP A 83 4.71 -4.02 2.79
CA ASP A 83 4.89 -5.18 3.63
C ASP A 83 3.81 -6.21 3.30
N LEU A 84 4.16 -7.22 2.49
CA LEU A 84 3.26 -8.29 2.07
C LEU A 84 3.17 -9.38 3.16
N SER A 85 3.66 -9.16 4.38
CA SER A 85 3.59 -10.18 5.42
C SER A 85 2.15 -10.58 5.74
N ALA A 86 1.30 -9.61 6.10
CA ALA A 86 -0.09 -9.87 6.44
C ALA A 86 -0.95 -10.35 5.29
N LEU A 87 -0.76 -9.79 4.10
CA LEU A 87 -1.54 -10.13 2.92
C LEU A 87 -0.54 -10.57 1.86
N GLY A 88 -0.42 -11.87 1.57
CA GLY A 88 0.52 -12.33 0.57
C GLY A 88 1.27 -13.55 1.10
N PHE A 89 1.06 -14.65 0.41
CA PHE A 89 1.71 -15.93 0.69
C PHE A 89 2.80 -16.13 -0.37
N SER A 90 3.87 -16.87 -0.05
CA SER A 90 4.99 -17.09 -0.95
C SER A 90 4.66 -18.00 -2.15
N GLY A 91 3.67 -18.87 -2.03
CA GLY A 91 3.28 -19.81 -3.08
C GLY A 91 2.99 -19.17 -4.43
N LEU A 92 2.09 -18.18 -4.40
CA LEU A 92 1.59 -17.40 -5.54
C LEU A 92 1.01 -18.32 -6.62
N GLY A 93 0.42 -17.70 -7.62
CA GLY A 93 -0.18 -18.40 -8.74
C GLY A 93 -1.19 -17.53 -9.45
N ASP A 94 -2.46 -17.60 -9.04
CA ASP A 94 -3.53 -16.84 -9.71
C ASP A 94 -4.73 -16.43 -8.85
N GLY A 95 -4.59 -16.35 -7.53
CA GLY A 95 -5.67 -15.92 -6.65
C GLY A 95 -6.55 -17.01 -6.04
N TYR A 96 -6.29 -18.29 -6.32
CA TYR A 96 -7.06 -19.40 -5.74
C TYR A 96 -6.64 -19.52 -4.25
N GLY A 97 -6.93 -20.68 -3.62
CA GLY A 97 -6.71 -21.18 -2.24
C GLY A 97 -5.54 -20.73 -1.36
N GLY A 98 -4.76 -19.73 -1.75
CA GLY A 98 -3.60 -19.14 -1.10
C GLY A 98 -2.68 -18.48 -2.13
N THR A 99 -3.12 -18.29 -3.39
CA THR A 99 -2.29 -17.71 -4.43
C THR A 99 -2.66 -16.24 -4.69
N LEU A 100 -2.07 -15.58 -5.71
CA LEU A 100 -2.32 -14.17 -6.01
C LEU A 100 -2.15 -13.93 -7.50
N LEU A 101 -2.95 -13.05 -8.09
CA LEU A 101 -2.91 -12.65 -9.50
C LEU A 101 -3.00 -11.14 -9.58
N LEU A 102 -2.22 -10.54 -10.46
CA LEU A 102 -2.20 -9.12 -10.76
C LEU A 102 -2.32 -8.98 -12.25
N LYS A 103 -2.95 -7.89 -12.69
CA LYS A 103 -3.15 -7.57 -14.09
C LYS A 103 -3.10 -6.06 -14.21
N THR A 104 -2.73 -5.60 -15.41
CA THR A 104 -2.68 -4.19 -15.66
C THR A 104 -4.02 -3.79 -16.24
N ASN A 105 -4.29 -2.50 -16.20
CA ASN A 105 -5.48 -1.86 -16.76
C ASN A 105 -5.47 -2.10 -18.27
N ALA A 106 -6.58 -1.87 -18.98
CA ALA A 106 -6.67 -2.07 -20.42
C ALA A 106 -5.55 -1.32 -21.17
N GLU A 107 -5.19 -0.12 -20.71
CA GLU A 107 -4.12 0.73 -21.28
C GLU A 107 -2.78 0.54 -20.55
N GLY A 108 -2.77 -0.21 -19.44
CA GLY A 108 -1.58 -0.49 -18.64
C GLY A 108 -1.18 0.67 -17.73
N THR A 109 -1.92 1.77 -17.76
CA THR A 109 -1.69 2.98 -17.00
C THR A 109 -1.97 2.78 -15.51
N ARG A 110 -2.69 1.71 -15.15
CA ARG A 110 -3.04 1.37 -13.78
C ARG A 110 -2.89 -0.13 -13.57
N THR A 111 -2.85 -0.57 -12.31
CA THR A 111 -2.75 -1.99 -11.96
C THR A 111 -3.86 -2.36 -10.95
N TYR A 112 -4.33 -3.61 -11.07
CA TYR A 112 -5.35 -4.27 -10.24
C TYR A 112 -4.84 -5.67 -9.86
N LEU A 113 -4.74 -5.96 -8.56
CA LEU A 113 -4.30 -7.26 -8.05
C LEU A 113 -5.37 -7.88 -7.15
N LYS A 114 -5.27 -9.19 -6.94
CA LYS A 114 -6.18 -10.00 -6.14
C LYS A 114 -5.37 -11.08 -5.44
N SER A 115 -5.42 -11.14 -4.11
CA SER A 115 -4.70 -12.10 -3.30
C SER A 115 -5.76 -12.98 -2.62
N PHE A 116 -5.69 -14.30 -2.85
CA PHE A 116 -6.60 -15.32 -2.32
C PHE A 116 -8.06 -14.83 -2.31
N GLU A 117 -8.63 -14.59 -3.50
CA GLU A 117 -9.99 -14.11 -3.67
C GLU A 117 -11.02 -15.20 -3.40
N ALA A 118 -12.32 -14.86 -3.49
CA ALA A 118 -13.43 -15.78 -3.23
C ALA A 118 -14.66 -15.38 -4.05
N ASP A 119 -15.85 -15.49 -3.48
CA ASP A 119 -17.13 -15.15 -4.09
C ASP A 119 -17.60 -13.86 -3.41
N ALA A 120 -18.45 -13.09 -4.10
CA ALA A 120 -19.00 -11.82 -3.62
C ALA A 120 -19.86 -11.93 -2.36
N GLU A 121 -20.08 -13.16 -1.87
CA GLU A 121 -20.87 -13.49 -0.70
C GLU A 121 -19.99 -13.85 0.49
N GLY A 122 -18.70 -14.11 0.25
CA GLY A 122 -17.75 -14.48 1.27
C GLY A 122 -16.65 -13.45 1.41
N ARG A 123 -15.76 -13.32 0.43
CA ARG A 123 -14.65 -12.36 0.52
C ARG A 123 -13.83 -12.18 -0.77
N ARG A 124 -14.26 -11.34 -1.70
CA ARG A 124 -13.52 -11.08 -2.93
C ARG A 124 -12.49 -9.98 -2.67
N PHE A 125 -11.25 -10.21 -3.09
CA PHE A 125 -10.15 -9.26 -2.96
C PHE A 125 -10.10 -8.43 -4.22
N GLU A 126 -10.36 -7.13 -4.15
CA GLU A 126 -10.25 -6.27 -5.36
C GLU A 126 -9.88 -4.85 -4.92
N VAL A 127 -8.65 -4.39 -5.24
CA VAL A 127 -8.07 -3.09 -4.88
C VAL A 127 -7.48 -2.42 -6.11
N ALA A 128 -7.27 -1.10 -6.09
CA ALA A 128 -6.71 -0.34 -7.21
C ALA A 128 -5.50 0.49 -6.78
N LEU A 129 -4.61 0.71 -7.73
CA LEU A 129 -3.39 1.49 -7.58
C LEU A 129 -3.50 2.73 -8.48
N ASP A 130 -2.88 3.86 -8.09
CA ASP A 130 -2.91 5.06 -8.91
C ASP A 130 -1.69 5.14 -9.81
N GLY A 131 -1.89 4.89 -11.10
CA GLY A 131 -0.82 4.95 -12.07
C GLY A 131 0.01 3.67 -12.04
N ASP A 132 1.12 3.72 -12.76
CA ASP A 132 2.13 2.69 -12.92
C ASP A 132 3.44 3.42 -13.19
N HIS A 133 4.55 2.96 -12.61
CA HIS A 133 5.86 3.57 -12.78
C HIS A 133 6.80 2.59 -13.48
N THR A 134 7.72 1.93 -12.77
CA THR A 134 8.68 1.00 -13.31
C THR A 134 9.27 0.22 -12.15
N GLY A 135 9.61 -1.06 -12.36
CA GLY A 135 10.19 -1.91 -11.32
C GLY A 135 9.17 -2.17 -10.22
N ASP A 136 8.06 -2.77 -10.61
CA ASP A 136 6.94 -3.15 -9.75
C ASP A 136 7.42 -4.10 -8.64
N LEU A 137 6.57 -4.34 -7.63
CA LEU A 137 6.96 -5.16 -6.49
C LEU A 137 7.16 -6.61 -6.87
N SER A 138 8.35 -7.11 -6.54
CA SER A 138 8.75 -8.48 -6.82
C SER A 138 9.42 -9.05 -5.56
N ALA A 139 10.67 -8.65 -5.30
CA ALA A 139 11.44 -9.08 -4.14
C ALA A 139 12.36 -7.99 -3.58
N ALA A 140 12.51 -6.86 -4.27
CA ALA A 140 13.34 -5.76 -3.81
C ALA A 140 12.53 -4.76 -2.99
N ASN A 141 11.21 -4.68 -3.23
CA ASN A 141 10.32 -3.73 -2.54
C ASN A 141 9.31 -4.44 -1.62
N VAL A 142 9.16 -5.75 -1.77
CA VAL A 142 8.25 -6.60 -0.99
C VAL A 142 8.91 -6.94 0.35
N VAL A 143 8.12 -7.33 1.35
CA VAL A 143 8.60 -7.72 2.67
C VAL A 143 7.82 -8.99 3.07
N PHE A 144 8.46 -9.88 3.83
CA PHE A 144 7.93 -11.14 4.32
C PHE A 144 7.67 -11.07 5.83
N ALA A 145 8.60 -10.48 6.58
CA ALA A 145 8.56 -10.29 8.03
C ALA A 145 9.69 -9.35 8.39
N ALA A 146 9.45 -8.07 8.67
CA ALA A 146 10.45 -7.10 9.03
C ALA A 146 9.86 -5.89 9.78
N THR A 147 10.65 -4.81 9.81
CA THR A 147 10.36 -3.52 10.41
C THR A 147 10.80 -2.47 9.38
N GLY A 148 10.33 -1.23 9.51
CA GLY A 148 10.67 -0.14 8.61
C GLY A 148 12.02 0.43 8.99
N THR A 149 13.09 0.02 8.29
CA THR A 149 14.45 0.49 8.50
C THR A 149 15.14 0.59 7.13
N THR A 150 14.96 1.72 6.46
CA THR A 150 15.48 2.05 5.12
C THR A 150 16.95 2.49 5.08
N THR A 151 17.51 2.76 6.25
CA THR A 151 18.87 3.24 6.58
C THR A 151 18.82 4.72 6.99
N GLU A 152 17.61 5.20 7.35
CA GLU A 152 17.22 6.54 7.80
C GLU A 152 18.35 7.31 8.45
N LEU A 153 18.48 8.56 8.02
CA LEU A 153 19.48 9.50 8.51
C LEU A 153 18.84 10.64 9.30
N GLU A 154 17.52 10.55 9.57
CA GLU A 154 16.73 11.52 10.35
C GLU A 154 17.03 13.00 9.97
N VAL A 155 17.12 13.24 8.67
CA VAL A 155 17.42 14.53 8.01
C VAL A 155 16.24 15.51 8.15
N LEU A 156 16.45 16.79 7.81
CA LEU A 156 15.44 17.85 7.87
C LEU A 156 15.28 18.42 6.45
N GLY A 157 15.14 17.56 5.45
CA GLY A 157 14.98 17.96 4.06
C GLY A 157 14.65 16.77 3.19
N ASP A 158 14.01 17.03 2.05
CA ASP A 158 13.61 16.00 1.09
C ASP A 158 14.84 15.31 0.49
N SER A 159 14.75 14.00 0.29
CA SER A 159 15.75 13.09 -0.28
C SER A 159 15.09 11.72 -0.46
N GLY A 160 15.87 10.73 -0.91
CA GLY A 160 15.43 9.36 -1.15
C GLY A 160 16.57 8.39 -0.88
N THR A 161 16.23 7.12 -0.67
CA THR A 161 17.18 6.05 -0.38
C THR A 161 17.92 5.53 -1.64
N GLN A 162 17.45 5.82 -2.87
CA GLN A 162 18.07 5.35 -4.12
C GLN A 162 18.22 6.44 -5.20
N ALA A 163 17.13 6.98 -5.73
CA ALA A 163 17.08 8.03 -6.75
C ALA A 163 15.65 8.53 -6.92
N GLY A 164 15.38 9.76 -6.50
CA GLY A 164 14.09 10.42 -6.60
C GLY A 164 14.21 11.54 -7.62
N ALA A 165 13.76 11.31 -8.86
CA ALA A 165 13.81 12.27 -9.96
C ALA A 165 12.58 12.06 -10.83
N ILE A 166 12.02 13.18 -11.31
CA ILE A 166 10.84 13.44 -12.15
C ILE A 166 9.79 14.07 -11.23
N VAL A 167 8.91 14.88 -11.78
CA VAL A 167 7.83 15.57 -11.08
C VAL A 167 6.61 15.32 -11.94
N GLY A 1 -12.28 -2.42 16.76
CA GLY A 1 -12.80 -1.92 18.03
C GLY A 1 -12.87 -0.41 18.00
N SER A 2 -11.84 0.25 18.52
CA SER A 2 -11.75 1.69 18.55
C SER A 2 -11.68 2.30 17.14
N ASP A 3 -11.77 3.62 17.07
CA ASP A 3 -11.72 4.38 15.85
C ASP A 3 -10.28 4.40 15.33
N GLY A 4 -10.09 4.93 14.13
CA GLY A 4 -8.79 5.06 13.49
C GLY A 4 -8.08 6.29 14.03
N GLU A 5 -6.77 6.31 13.88
CA GLU A 5 -5.86 7.35 14.31
C GLU A 5 -5.30 8.03 13.05
N PRO A 6 -5.97 9.08 12.53
CA PRO A 6 -5.52 9.76 11.34
C PRO A 6 -4.35 10.72 11.61
N LEU A 7 -3.48 10.89 10.63
CA LEU A 7 -2.32 11.77 10.66
C LEU A 7 -2.51 12.63 9.42
N VAL A 8 -2.52 13.92 9.60
CA VAL A 8 -2.67 14.91 8.55
C VAL A 8 -1.42 15.78 8.65
N GLY A 9 -0.45 15.52 7.79
CA GLY A 9 0.82 16.23 7.74
C GLY A 9 0.63 17.71 7.43
N GLY A 10 1.67 18.49 7.69
CA GLY A 10 1.69 19.92 7.50
C GLY A 10 2.56 20.31 6.31
N ASP A 11 3.88 20.28 6.49
CA ASP A 11 4.86 20.65 5.45
C ASP A 11 6.28 20.17 5.70
N THR A 12 6.62 19.92 6.96
CA THR A 12 7.94 19.46 7.38
C THR A 12 7.97 17.94 7.34
N ASP A 13 8.90 17.40 6.55
CA ASP A 13 9.14 16.00 6.29
C ASP A 13 9.17 15.14 7.54
N ASP A 14 8.48 14.00 7.46
CA ASP A 14 8.34 13.03 8.54
C ASP A 14 8.15 11.64 7.94
N GLN A 15 7.85 10.68 8.81
CA GLN A 15 7.56 9.28 8.51
C GLN A 15 6.20 9.06 9.14
N LEU A 16 5.30 8.41 8.42
CA LEU A 16 3.95 8.12 8.88
C LEU A 16 3.80 6.60 8.74
N GLN A 17 3.16 5.95 9.70
CA GLN A 17 2.97 4.50 9.67
C GLN A 17 1.56 4.12 10.14
N GLY A 18 1.10 2.96 9.66
CA GLY A 18 -0.19 2.37 9.96
C GLY A 18 0.07 1.07 10.71
N GLY A 19 0.79 0.14 10.06
CA GLY A 19 1.18 -1.18 10.61
C GLY A 19 0.03 -2.17 10.73
N SER A 20 -1.15 -1.73 11.17
CA SER A 20 -2.34 -2.54 11.34
C SER A 20 -3.54 -1.59 11.60
N GLY A 21 -4.72 -2.14 11.92
CA GLY A 21 -5.92 -1.37 12.20
C GLY A 21 -6.46 -0.65 10.96
N ALA A 22 -7.32 0.34 11.15
CA ALA A 22 -7.88 1.15 10.09
C ALA A 22 -7.53 2.60 10.41
N ASP A 23 -6.44 3.09 9.84
CA ASP A 23 -5.89 4.43 10.03
C ASP A 23 -5.97 5.21 8.71
N ARG A 24 -5.71 6.53 8.76
CA ARG A 24 -5.73 7.38 7.56
C ARG A 24 -4.57 8.35 7.68
N LEU A 25 -3.46 8.08 7.00
CA LEU A 25 -2.29 8.97 7.05
C LEU A 25 -2.30 9.81 5.78
N ASP A 26 -1.75 11.01 5.84
CA ASP A 26 -1.68 11.97 4.74
C ASP A 26 -0.36 12.74 4.87
N GLY A 27 0.52 12.61 3.88
CA GLY A 27 1.84 13.25 3.83
C GLY A 27 1.74 14.76 3.98
N GLY A 28 0.87 15.40 3.18
CA GLY A 28 0.62 16.82 3.17
C GLY A 28 1.17 17.43 1.89
N ALA A 29 2.42 17.91 1.93
CA ALA A 29 3.11 18.51 0.78
C ALA A 29 4.59 18.57 1.16
N GLY A 30 5.42 17.73 0.54
CA GLY A 30 6.83 17.66 0.82
C GLY A 30 7.46 16.46 0.15
N ASP A 31 8.49 15.96 0.82
CA ASP A 31 9.32 14.81 0.54
C ASP A 31 9.21 13.94 1.79
N ASP A 32 7.97 13.59 2.13
CA ASP A 32 7.57 12.79 3.28
C ASP A 32 7.41 11.35 2.85
N ILE A 33 7.33 10.46 3.83
CA ILE A 33 7.20 9.03 3.59
C ILE A 33 6.13 8.41 4.48
N LEU A 34 5.27 7.55 3.92
CA LEU A 34 4.17 6.87 4.63
C LEU A 34 4.17 5.36 4.40
N ASP A 35 3.43 4.62 5.21
CA ASP A 35 3.29 3.16 5.18
C ASP A 35 1.87 2.83 5.57
N GLY A 36 1.06 2.36 4.61
CA GLY A 36 -0.33 2.00 4.85
C GLY A 36 -0.46 0.91 5.90
N GLY A 37 0.38 -0.13 5.79
CA GLY A 37 0.40 -1.28 6.69
C GLY A 37 -0.77 -2.22 6.44
N ALA A 38 -0.88 -3.28 7.25
CA ALA A 38 -1.95 -4.25 7.15
C ALA A 38 -3.26 -3.57 7.56
N GLY A 39 -4.40 -4.22 7.32
CA GLY A 39 -5.68 -3.63 7.65
C GLY A 39 -6.09 -2.85 6.42
N ARG A 40 -7.10 -2.00 6.52
CA ARG A 40 -7.55 -1.21 5.42
C ARG A 40 -7.29 0.23 5.80
N ASP A 41 -6.61 1.02 4.99
CA ASP A 41 -6.28 2.41 5.28
C ASP A 41 -6.48 3.24 4.03
N ARG A 42 -6.56 4.55 4.21
CA ARG A 42 -6.75 5.49 3.12
C ARG A 42 -5.55 6.42 3.13
N LEU A 43 -4.60 6.21 2.25
CA LEU A 43 -3.41 7.05 2.14
C LEU A 43 -3.50 8.02 0.98
N SER A 44 -2.87 9.17 1.12
CA SER A 44 -2.75 10.23 0.14
C SER A 44 -1.42 10.89 0.47
N GLY A 45 -0.48 10.96 -0.47
CA GLY A 45 0.78 11.63 -0.20
C GLY A 45 0.47 13.12 -0.20
N GLY A 46 -0.04 13.58 -1.34
CA GLY A 46 -0.40 14.95 -1.63
C GLY A 46 0.44 15.42 -2.81
N ALA A 47 0.44 16.73 -3.08
CA ALA A 47 1.25 17.28 -4.16
C ALA A 47 2.67 17.29 -3.61
N GLY A 48 3.50 16.34 -4.03
CA GLY A 48 4.87 16.20 -3.59
C GLY A 48 5.43 14.89 -4.10
N ALA A 49 6.53 14.49 -3.48
CA ALA A 49 7.30 13.30 -3.74
C ALA A 49 7.17 12.38 -2.52
N ASP A 50 6.08 11.62 -2.40
CA ASP A 50 5.89 10.73 -1.24
C ASP A 50 6.30 9.31 -1.58
N THR A 51 6.48 8.50 -0.53
CA THR A 51 6.87 7.10 -0.64
C THR A 51 5.82 6.25 0.09
N PHE A 52 5.12 5.37 -0.63
CA PHE A 52 4.08 4.49 -0.09
C PHE A 52 4.62 3.08 0.12
N VAL A 53 4.83 2.66 1.37
CA VAL A 53 5.34 1.32 1.69
C VAL A 53 4.16 0.34 1.79
N PHE A 54 4.25 -0.84 1.16
CA PHE A 54 3.24 -1.90 1.14
C PHE A 54 3.96 -3.25 1.26
N SER A 55 3.78 -4.01 2.36
CA SER A 55 4.47 -5.28 2.51
C SER A 55 3.84 -6.33 3.45
N ALA A 56 2.67 -6.09 4.03
CA ALA A 56 2.08 -7.05 4.95
C ALA A 56 1.37 -8.24 4.33
N ARG A 57 1.05 -9.18 5.21
CA ARG A 57 0.34 -10.39 4.88
C ARG A 57 -1.06 -10.01 4.46
N GLU A 58 -1.76 -9.27 5.33
CA GLU A 58 -3.10 -8.83 5.05
C GLU A 58 -3.10 -7.78 3.95
N ASP A 59 -2.02 -7.01 3.78
CA ASP A 59 -1.96 -5.98 2.72
C ASP A 59 -1.87 -6.55 1.30
N SER A 60 -1.68 -7.85 1.27
CA SER A 60 -1.53 -8.63 0.06
C SER A 60 -2.85 -8.81 -0.68
N TYR A 61 -3.95 -9.13 0.00
CA TYR A 61 -5.21 -9.37 -0.68
C TYR A 61 -6.36 -9.33 0.33
N ARG A 62 -7.56 -9.53 -0.19
CA ARG A 62 -8.79 -9.58 0.59
C ARG A 62 -9.35 -10.98 0.47
N THR A 63 -10.18 -11.35 1.43
CA THR A 63 -10.81 -12.66 1.50
C THR A 63 -12.30 -12.46 1.76
N ASP A 64 -13.07 -13.54 1.86
CA ASP A 64 -14.50 -13.45 2.14
C ASP A 64 -14.71 -13.07 3.60
N THR A 65 -13.93 -13.64 4.53
CA THR A 65 -14.06 -13.33 5.96
C THR A 65 -13.58 -11.90 6.27
N ALA A 66 -12.61 -11.36 5.53
CA ALA A 66 -12.11 -10.02 5.78
C ALA A 66 -11.40 -9.42 4.57
N VAL A 67 -11.71 -8.17 4.26
CA VAL A 67 -11.12 -7.40 3.17
C VAL A 67 -10.16 -6.44 3.83
N PHE A 68 -9.00 -6.21 3.21
CA PHE A 68 -8.01 -5.28 3.74
C PHE A 68 -7.51 -4.39 2.60
N ASN A 69 -8.36 -4.12 1.60
CA ASN A 69 -7.94 -3.31 0.47
C ASN A 69 -7.56 -1.87 0.81
N ASP A 70 -6.57 -1.38 0.07
CA ASP A 70 -6.00 -0.04 0.10
C ASP A 70 -6.77 0.81 -0.92
N LEU A 71 -6.84 2.11 -0.64
CA LEU A 71 -7.47 3.13 -1.47
C LEU A 71 -6.55 4.35 -1.37
N ILE A 72 -5.78 4.63 -2.43
CA ILE A 72 -4.84 5.76 -2.49
C ILE A 72 -5.59 6.94 -3.11
N LEU A 73 -5.46 8.14 -2.54
CA LEU A 73 -6.08 9.36 -3.03
C LEU A 73 -5.04 10.30 -3.64
N ASP A 74 -5.43 11.02 -4.68
CA ASP A 74 -4.72 12.03 -5.49
C ASP A 74 -3.25 11.72 -5.78
N PHE A 75 -2.95 10.47 -6.12
CA PHE A 75 -1.62 9.97 -6.45
C PHE A 75 -0.97 10.79 -7.56
N GLU A 76 0.35 11.00 -7.51
CA GLU A 76 1.12 11.78 -8.49
C GLU A 76 2.43 11.06 -8.82
N ALA A 77 2.36 10.09 -9.76
CA ALA A 77 3.48 9.28 -10.22
C ALA A 77 4.74 10.05 -10.65
N SER A 78 4.64 11.36 -10.91
CA SER A 78 5.78 12.17 -11.31
C SER A 78 6.84 12.17 -10.21
N GLU A 79 6.46 12.33 -8.93
CA GLU A 79 7.40 12.35 -7.79
C GLU A 79 7.07 11.26 -6.75
N ASP A 80 5.89 10.63 -6.81
CA ASP A 80 5.52 9.58 -5.86
C ASP A 80 6.27 8.30 -6.17
N ARG A 81 6.48 7.48 -5.13
CA ARG A 81 7.20 6.21 -5.19
C ARG A 81 6.41 5.17 -4.39
N ILE A 82 6.64 3.89 -4.68
CA ILE A 82 5.95 2.79 -4.03
C ILE A 82 6.95 1.68 -3.72
N ASP A 83 7.04 1.28 -2.44
CA ASP A 83 7.90 0.21 -1.98
C ASP A 83 6.97 -0.98 -1.79
N LEU A 84 6.91 -1.82 -2.81
CA LEU A 84 6.07 -3.02 -2.84
C LEU A 84 6.92 -4.25 -3.21
N SER A 85 8.20 -4.26 -2.81
CA SER A 85 9.09 -5.38 -3.12
C SER A 85 8.58 -6.72 -2.58
N ALA A 86 7.63 -6.72 -1.63
CA ALA A 86 7.04 -7.91 -1.06
C ALA A 86 5.71 -8.29 -1.72
N LEU A 87 4.92 -7.33 -2.22
CA LEU A 87 3.61 -7.56 -2.82
C LEU A 87 3.62 -7.22 -4.32
N GLY A 88 4.00 -8.17 -5.18
CA GLY A 88 4.04 -7.97 -6.62
C GLY A 88 5.38 -7.40 -7.06
N PHE A 89 6.25 -8.23 -7.64
CA PHE A 89 7.56 -7.79 -8.12
C PHE A 89 7.37 -6.99 -9.42
N SER A 90 8.46 -6.46 -9.99
CA SER A 90 8.38 -5.72 -11.25
C SER A 90 8.38 -6.70 -12.42
N GLY A 91 9.22 -7.75 -12.35
CA GLY A 91 9.32 -8.75 -13.37
C GLY A 91 8.09 -9.63 -13.38
N LEU A 92 7.86 -10.22 -12.22
CA LEU A 92 6.76 -11.15 -11.95
C LEU A 92 5.81 -10.65 -10.88
N GLY A 93 4.68 -11.33 -10.74
CA GLY A 93 3.69 -10.99 -9.74
C GLY A 93 2.45 -11.85 -9.67
N ASP A 94 2.55 -12.98 -10.35
CA ASP A 94 1.62 -14.10 -10.56
C ASP A 94 0.19 -13.69 -10.85
N GLY A 95 0.06 -12.48 -11.40
CA GLY A 95 -1.16 -11.77 -11.81
C GLY A 95 -2.19 -12.64 -12.51
N TYR A 96 -1.67 -13.53 -13.38
CA TYR A 96 -2.47 -14.48 -14.16
C TYR A 96 -1.65 -15.55 -14.88
N GLY A 97 -0.37 -15.28 -14.99
CA GLY A 97 0.64 -16.10 -15.65
C GLY A 97 2.01 -15.86 -15.09
N GLY A 98 2.20 -15.98 -13.77
CA GLY A 98 3.48 -15.77 -13.13
C GLY A 98 3.83 -14.28 -13.07
N THR A 99 3.12 -13.42 -13.80
CA THR A 99 3.37 -12.00 -13.87
C THR A 99 2.13 -11.21 -13.54
N LEU A 100 2.31 -9.96 -13.14
CA LEU A 100 1.22 -9.11 -12.77
C LEU A 100 0.98 -8.06 -13.84
N LEU A 101 -0.28 -7.61 -13.87
CA LEU A 101 -0.71 -6.61 -14.87
C LEU A 101 -1.51 -5.45 -14.30
N LEU A 102 -1.16 -4.21 -14.63
CA LEU A 102 -1.90 -3.04 -14.17
C LEU A 102 -3.00 -2.72 -15.18
N LYS A 103 -4.05 -2.03 -14.76
CA LYS A 103 -5.16 -1.61 -15.61
C LYS A 103 -5.80 -0.36 -15.04
N THR A 104 -6.69 0.25 -15.81
CA THR A 104 -7.41 1.45 -15.48
C THR A 104 -8.91 1.24 -15.67
N ASN A 105 -9.70 2.08 -14.99
CA ASN A 105 -11.16 2.07 -15.08
C ASN A 105 -11.52 2.73 -16.42
N ALA A 106 -12.81 2.76 -16.79
CA ALA A 106 -13.25 3.36 -18.05
C ALA A 106 -12.80 4.83 -18.22
N GLU A 107 -12.83 5.65 -17.16
CA GLU A 107 -12.41 7.05 -17.21
C GLU A 107 -10.89 7.23 -17.21
N GLY A 108 -10.16 6.24 -16.69
CA GLY A 108 -8.71 6.18 -16.59
C GLY A 108 -8.16 6.89 -15.35
N THR A 109 -8.97 7.66 -14.62
CA THR A 109 -8.55 8.39 -13.42
C THR A 109 -8.30 7.44 -12.24
N ARG A 110 -8.86 6.23 -12.32
CA ARG A 110 -8.70 5.19 -11.33
C ARG A 110 -7.93 4.04 -11.96
N THR A 111 -6.95 3.50 -11.22
CA THR A 111 -6.09 2.40 -11.62
C THR A 111 -6.34 1.24 -10.66
N TYR A 112 -6.65 0.07 -11.23
CA TYR A 112 -6.89 -1.17 -10.51
C TYR A 112 -6.02 -2.18 -11.23
N LEU A 113 -5.05 -2.74 -10.54
CA LEU A 113 -4.12 -3.73 -11.07
C LEU A 113 -4.59 -5.15 -10.74
N LYS A 114 -4.02 -6.15 -11.40
CA LYS A 114 -4.27 -7.56 -11.19
C LYS A 114 -2.91 -8.11 -10.80
N SER A 115 -2.83 -8.69 -9.63
CA SER A 115 -1.70 -9.31 -9.00
C SER A 115 -2.23 -10.67 -8.57
N PHE A 116 -1.31 -11.54 -8.18
CA PHE A 116 -1.55 -12.89 -7.74
C PHE A 116 -2.94 -13.11 -7.14
N GLU A 117 -3.80 -13.80 -7.89
CA GLU A 117 -5.17 -14.12 -7.58
C GLU A 117 -5.34 -15.57 -7.15
N ALA A 118 -6.56 -15.95 -6.77
CA ALA A 118 -6.96 -17.29 -6.37
C ALA A 118 -8.48 -17.34 -6.48
N ASP A 119 -9.11 -18.16 -5.64
CA ASP A 119 -10.54 -18.37 -5.56
C ASP A 119 -11.17 -17.09 -4.99
N ALA A 120 -12.33 -16.70 -5.53
CA ALA A 120 -13.12 -15.51 -5.18
C ALA A 120 -13.49 -15.39 -3.71
N GLU A 121 -13.28 -16.44 -2.92
CA GLU A 121 -13.58 -16.50 -1.51
C GLU A 121 -12.30 -16.63 -0.68
N GLY A 122 -11.34 -17.42 -1.19
CA GLY A 122 -10.08 -17.72 -0.56
C GLY A 122 -9.24 -16.46 -0.43
N ARG A 123 -8.78 -15.93 -1.56
CA ARG A 123 -7.94 -14.73 -1.57
C ARG A 123 -7.80 -14.17 -2.97
N ARG A 124 -8.05 -12.88 -3.17
CA ARG A 124 -7.90 -12.24 -4.47
C ARG A 124 -7.27 -10.87 -4.20
N PHE A 125 -6.14 -10.60 -4.83
CA PHE A 125 -5.38 -9.36 -4.69
C PHE A 125 -6.01 -8.29 -5.58
N GLU A 126 -6.60 -7.25 -4.99
CA GLU A 126 -7.18 -6.15 -5.76
C GLU A 126 -7.24 -4.90 -4.90
N VAL A 127 -6.61 -3.85 -5.40
CA VAL A 127 -6.47 -2.54 -4.79
C VAL A 127 -7.10 -1.46 -5.68
N ALA A 128 -7.19 -0.23 -5.17
CA ALA A 128 -7.75 0.92 -5.86
C ALA A 128 -6.82 2.14 -5.70
N LEU A 129 -6.46 2.78 -6.81
CA LEU A 129 -5.61 3.96 -6.84
C LEU A 129 -6.33 5.07 -7.59
N ASP A 130 -6.39 6.28 -7.04
CA ASP A 130 -7.01 7.46 -7.67
C ASP A 130 -5.83 8.35 -8.06
N GLY A 131 -5.59 8.52 -9.36
CA GLY A 131 -4.51 9.32 -9.91
C GLY A 131 -4.65 9.40 -11.41
N ASP A 132 -4.63 10.62 -11.97
CA ASP A 132 -4.77 10.86 -13.41
C ASP A 132 -3.43 10.73 -14.15
N HIS A 133 -2.35 11.32 -13.62
CA HIS A 133 -0.98 11.30 -14.17
C HIS A 133 -0.29 9.97 -13.82
N THR A 134 -0.95 8.84 -14.09
CA THR A 134 -0.44 7.52 -13.80
C THR A 134 -0.26 6.70 -15.08
N GLY A 135 0.16 5.46 -14.90
CA GLY A 135 0.43 4.50 -15.95
C GLY A 135 1.93 4.35 -16.14
N ASP A 136 2.72 5.39 -15.83
CA ASP A 136 4.17 5.30 -15.97
C ASP A 136 4.71 4.68 -14.69
N LEU A 137 5.11 3.42 -14.77
CA LEU A 137 5.69 2.68 -13.66
C LEU A 137 7.01 2.23 -14.25
N SER A 138 8.09 2.71 -13.68
CA SER A 138 9.44 2.45 -14.04
C SER A 138 10.20 2.48 -12.72
N ALA A 139 11.51 2.32 -12.82
CA ALA A 139 12.47 2.29 -11.73
C ALA A 139 12.41 3.47 -10.76
N ALA A 140 11.81 4.62 -11.09
CA ALA A 140 11.71 5.73 -10.17
C ALA A 140 10.51 5.49 -9.26
N ASN A 141 9.36 5.20 -9.87
CA ASN A 141 8.09 4.93 -9.19
C ASN A 141 8.11 3.63 -8.40
N VAL A 142 8.77 2.61 -8.93
CA VAL A 142 8.86 1.27 -8.33
C VAL A 142 10.24 0.94 -7.74
N VAL A 143 10.22 0.36 -6.54
CA VAL A 143 11.38 -0.06 -5.75
C VAL A 143 12.15 -1.17 -6.46
N PHE A 144 13.45 -1.26 -6.15
CA PHE A 144 14.32 -2.27 -6.71
C PHE A 144 14.31 -3.48 -5.78
N ALA A 145 14.48 -3.23 -4.49
CA ALA A 145 14.53 -4.18 -3.39
C ALA A 145 14.71 -3.41 -2.08
N ALA A 146 13.71 -3.52 -1.22
CA ALA A 146 13.62 -2.92 0.10
C ALA A 146 12.58 -3.70 0.93
N THR A 147 12.49 -3.39 2.22
CA THR A 147 11.54 -4.01 3.16
C THR A 147 11.04 -3.00 4.21
N GLY A 148 11.45 -1.73 4.15
CA GLY A 148 11.07 -0.70 5.13
C GLY A 148 11.84 -0.94 6.43
N THR A 149 11.87 0.05 7.32
CA THR A 149 12.57 -0.13 8.59
C THR A 149 11.75 -1.14 9.41
N THR A 150 12.44 -1.99 10.17
CA THR A 150 11.82 -3.01 11.01
C THR A 150 10.91 -2.37 12.06
N THR A 151 9.75 -2.99 12.32
CA THR A 151 8.79 -2.52 13.30
C THR A 151 9.36 -2.68 14.73
N GLU A 152 8.72 -2.01 15.68
CA GLU A 152 9.04 -1.96 17.10
C GLU A 152 9.00 -3.29 17.85
N LEU A 153 9.59 -3.28 19.04
CA LEU A 153 9.68 -4.41 19.98
C LEU A 153 8.84 -4.19 21.24
N GLU A 154 8.16 -3.04 21.33
CA GLU A 154 7.30 -2.64 22.43
C GLU A 154 5.96 -2.29 21.80
N VAL A 155 5.12 -3.31 21.56
CA VAL A 155 3.79 -3.17 20.97
C VAL A 155 2.89 -4.21 21.65
N LEU A 156 1.59 -3.90 21.71
CA LEU A 156 0.57 -4.74 22.32
C LEU A 156 0.33 -6.00 21.48
N GLY A 157 1.20 -7.01 21.59
CA GLY A 157 1.04 -8.25 20.85
C GLY A 157 2.26 -9.16 20.88
N ASP A 158 1.96 -10.43 20.60
CA ASP A 158 2.88 -11.58 20.55
C ASP A 158 3.83 -11.57 19.34
N SER A 159 3.66 -10.64 18.40
CA SER A 159 4.50 -10.54 17.21
C SER A 159 5.95 -10.23 17.59
N GLY A 160 6.86 -10.60 16.70
CA GLY A 160 8.30 -10.41 16.80
C GLY A 160 8.88 -10.09 15.43
N THR A 161 8.08 -9.47 14.55
CA THR A 161 8.46 -9.06 13.18
C THR A 161 8.69 -10.28 12.25
N GLN A 162 8.49 -11.50 12.77
CA GLN A 162 8.63 -12.75 12.06
C GLN A 162 7.37 -12.96 11.21
N ALA A 163 6.24 -13.15 11.90
CA ALA A 163 4.89 -13.36 11.39
C ALA A 163 3.92 -13.11 12.56
N GLY A 164 2.61 -13.10 12.31
CA GLY A 164 1.59 -12.87 13.33
C GLY A 164 0.21 -12.63 12.72
N ALA A 165 -0.85 -12.85 13.49
CA ALA A 165 -2.24 -12.68 13.09
C ALA A 165 -3.15 -12.83 14.31
N ILE A 166 -4.45 -12.57 14.17
CA ILE A 166 -5.44 -12.68 15.23
C ILE A 166 -6.78 -13.12 14.62
N VAL A 167 -7.54 -13.91 15.37
CA VAL A 167 -8.84 -14.44 14.98
C VAL A 167 -9.87 -13.32 14.86
N GLY A 1 -25.12 -0.54 2.12
CA GLY A 1 -25.31 -0.60 3.57
C GLY A 1 -24.38 0.34 4.31
N SER A 2 -24.02 -0.04 5.54
CA SER A 2 -23.17 0.67 6.49
C SER A 2 -22.00 1.40 5.83
N ASP A 3 -21.77 2.65 6.23
CA ASP A 3 -20.73 3.54 5.77
C ASP A 3 -19.92 4.00 6.99
N GLY A 4 -18.69 4.49 6.79
CA GLY A 4 -17.83 4.96 7.88
C GLY A 4 -17.96 6.46 8.04
N GLU A 5 -17.92 6.93 9.27
CA GLU A 5 -18.04 8.34 9.63
C GLU A 5 -16.73 9.04 9.28
N PRO A 6 -16.72 10.23 8.67
CA PRO A 6 -15.46 10.90 8.35
C PRO A 6 -14.85 11.47 9.62
N LEU A 7 -13.52 11.49 9.69
CA LEU A 7 -12.70 11.99 10.76
C LEU A 7 -11.80 12.98 10.04
N VAL A 8 -11.40 14.01 10.76
CA VAL A 8 -10.55 15.09 10.29
C VAL A 8 -9.45 15.33 11.31
N GLY A 9 -8.21 15.24 10.85
CA GLY A 9 -7.02 15.45 11.65
C GLY A 9 -6.78 16.94 11.88
N GLY A 10 -5.77 17.28 12.67
CA GLY A 10 -5.40 18.65 12.99
C GLY A 10 -4.15 19.06 12.23
N ASP A 11 -3.46 20.07 12.75
CA ASP A 11 -2.20 20.60 12.23
C ASP A 11 -1.04 20.03 13.06
N THR A 12 -1.37 19.48 14.22
CA THR A 12 -0.58 18.80 15.21
C THR A 12 -0.72 17.34 14.82
N ASP A 13 0.40 16.66 14.64
CA ASP A 13 0.45 15.26 14.23
C ASP A 13 -0.32 14.35 15.19
N ASP A 14 -0.84 13.25 14.66
CA ASP A 14 -1.65 12.30 15.41
C ASP A 14 -1.46 10.93 14.77
N GLN A 15 -2.03 9.93 15.42
CA GLN A 15 -2.02 8.55 14.99
C GLN A 15 -3.44 8.06 15.02
N LEU A 16 -4.06 7.92 13.84
CA LEU A 16 -5.44 7.52 13.71
C LEU A 16 -5.56 6.08 13.20
N GLN A 17 -5.90 5.17 14.10
CA GLN A 17 -6.08 3.76 13.85
C GLN A 17 -7.55 3.54 13.47
N GLY A 18 -7.81 2.60 12.56
CA GLY A 18 -9.16 2.30 12.12
C GLY A 18 -9.75 1.24 13.04
N GLY A 19 -9.39 -0.02 12.79
CA GLY A 19 -9.84 -1.21 13.50
C GLY A 19 -10.85 -1.97 12.65
N SER A 20 -11.47 -3.02 13.19
CA SER A 20 -12.46 -3.77 12.43
C SER A 20 -13.72 -2.91 12.32
N GLY A 21 -14.16 -2.65 11.10
CA GLY A 21 -15.30 -1.84 10.78
C GLY A 21 -15.06 -1.12 9.47
N ALA A 22 -15.83 -0.06 9.21
CA ALA A 22 -15.71 0.79 8.05
C ALA A 22 -15.51 2.16 8.68
N ASP A 23 -14.28 2.66 8.74
CA ASP A 23 -13.98 3.97 9.31
C ASP A 23 -13.40 4.81 8.17
N ARG A 24 -13.48 6.13 8.28
CA ARG A 24 -12.97 7.07 7.27
C ARG A 24 -12.25 8.15 8.03
N LEU A 25 -11.00 8.41 7.68
CA LEU A 25 -10.17 9.41 8.34
C LEU A 25 -9.37 10.17 7.31
N ASP A 26 -8.88 11.34 7.71
CA ASP A 26 -8.10 12.26 6.87
C ASP A 26 -7.02 12.91 7.73
N GLY A 27 -5.76 12.67 7.39
CA GLY A 27 -4.58 13.17 8.11
C GLY A 27 -4.61 14.66 8.44
N GLY A 28 -4.91 15.51 7.46
CA GLY A 28 -4.94 16.94 7.67
C GLY A 28 -3.75 17.53 6.95
N ALA A 29 -2.74 17.99 7.70
CA ALA A 29 -1.52 18.56 7.14
C ALA A 29 -0.41 18.46 8.19
N GLY A 30 0.34 17.36 8.21
CA GLY A 30 1.40 17.17 9.19
C GLY A 30 2.39 16.07 8.83
N ASP A 31 2.90 15.46 9.88
CA ASP A 31 3.86 14.38 10.06
C ASP A 31 3.08 13.32 10.83
N ASP A 32 1.95 12.92 10.27
CA ASP A 32 0.94 11.99 10.78
C ASP A 32 1.04 10.57 10.28
N ILE A 33 0.32 9.71 10.97
CA ILE A 33 0.20 8.26 10.70
C ILE A 33 -1.29 7.85 10.75
N LEU A 34 -1.81 7.19 9.72
CA LEU A 34 -3.21 6.75 9.66
C LEU A 34 -3.27 5.30 9.19
N ASP A 35 -4.30 4.56 9.61
CA ASP A 35 -4.53 3.15 9.27
C ASP A 35 -6.03 2.89 9.09
N GLY A 36 -6.36 2.05 8.12
CA GLY A 36 -7.74 1.70 7.79
C GLY A 36 -8.28 0.51 8.57
N GLY A 37 -7.45 -0.22 9.32
CA GLY A 37 -7.92 -1.37 10.07
C GLY A 37 -8.25 -2.51 9.13
N ALA A 38 -9.38 -3.17 9.40
CA ALA A 38 -9.89 -4.28 8.61
C ALA A 38 -11.29 -3.90 8.12
N GLY A 39 -11.43 -3.62 6.82
CA GLY A 39 -12.67 -3.24 6.19
C GLY A 39 -12.43 -2.16 5.13
N ARG A 40 -13.51 -1.67 4.49
CA ARG A 40 -13.43 -0.64 3.47
C ARG A 40 -13.20 0.71 4.13
N ASP A 41 -12.02 1.30 3.91
CA ASP A 41 -11.65 2.58 4.47
C ASP A 41 -11.47 3.53 3.28
N ARG A 42 -11.51 4.82 3.58
CA ARG A 42 -11.30 5.85 2.58
C ARG A 42 -10.36 6.80 3.28
N LEU A 43 -9.09 6.70 2.93
CA LEU A 43 -8.05 7.52 3.50
C LEU A 43 -7.84 8.72 2.59
N SER A 44 -7.43 9.84 3.17
CA SER A 44 -7.18 11.09 2.48
C SER A 44 -6.09 11.76 3.30
N GLY A 45 -4.83 11.64 2.90
CA GLY A 45 -3.74 12.24 3.66
C GLY A 45 -3.86 13.75 3.73
N GLY A 46 -3.90 14.38 2.56
CA GLY A 46 -3.96 15.81 2.43
C GLY A 46 -2.53 16.28 2.18
N ALA A 47 -2.28 17.59 2.15
CA ALA A 47 -0.92 18.04 1.93
C ALA A 47 -0.15 17.82 3.24
N GLY A 48 0.66 16.77 3.31
CA GLY A 48 1.45 16.40 4.46
C GLY A 48 2.28 15.16 4.14
N ALA A 49 3.16 14.77 5.07
CA ALA A 49 4.02 13.61 4.93
C ALA A 49 3.44 12.56 5.86
N ASP A 50 2.32 12.01 5.42
CA ASP A 50 1.51 10.99 6.05
C ASP A 50 2.17 9.63 5.91
N THR A 51 1.63 8.68 6.67
CA THR A 51 2.07 7.30 6.71
C THR A 51 0.86 6.36 6.73
N PHE A 52 0.53 5.72 5.61
CA PHE A 52 -0.62 4.82 5.54
C PHE A 52 -0.08 3.47 5.96
N VAL A 53 -0.55 2.94 7.09
CA VAL A 53 -0.09 1.67 7.62
C VAL A 53 -1.17 0.61 7.45
N PHE A 54 -0.78 -0.54 6.92
CA PHE A 54 -1.69 -1.67 6.75
C PHE A 54 -1.62 -2.53 8.00
N SER A 55 -2.75 -3.05 8.46
CA SER A 55 -2.84 -3.88 9.65
C SER A 55 -2.25 -5.28 9.38
N ALA A 56 -2.99 -6.18 8.73
CA ALA A 56 -2.55 -7.54 8.42
C ALA A 56 -3.41 -8.11 7.28
N ARG A 57 -3.14 -9.36 6.89
CA ARG A 57 -3.82 -10.12 5.83
C ARG A 57 -5.34 -10.22 6.01
N GLU A 58 -5.90 -9.76 7.13
CA GLU A 58 -7.33 -9.77 7.40
C GLU A 58 -8.01 -8.66 6.58
N ASP A 59 -7.23 -7.74 6.00
CA ASP A 59 -7.64 -6.59 5.21
C ASP A 59 -6.95 -6.57 3.82
N SER A 60 -7.25 -5.55 2.99
CA SER A 60 -6.78 -5.19 1.67
C SER A 60 -7.43 -5.97 0.51
N TYR A 61 -8.67 -6.45 0.66
CA TYR A 61 -9.30 -7.22 -0.40
C TYR A 61 -10.81 -7.13 -0.41
N ARG A 62 -11.39 -7.87 -1.34
CA ARG A 62 -12.81 -8.02 -1.56
C ARG A 62 -13.07 -9.51 -1.67
N THR A 63 -14.29 -9.92 -1.35
CA THR A 63 -14.70 -11.30 -1.38
C THR A 63 -15.98 -11.40 -2.23
N ASP A 64 -16.57 -12.57 -2.39
CA ASP A 64 -17.79 -12.72 -3.18
C ASP A 64 -18.96 -12.05 -2.44
N THR A 65 -19.13 -12.27 -1.13
CA THR A 65 -20.24 -11.70 -0.38
C THR A 65 -20.01 -10.25 0.12
N ALA A 66 -18.75 -9.82 0.26
CA ALA A 66 -18.43 -8.49 0.75
C ALA A 66 -17.31 -7.85 -0.06
N VAL A 67 -17.03 -6.60 0.26
CA VAL A 67 -15.99 -5.82 -0.36
C VAL A 67 -15.39 -4.98 0.77
N PHE A 68 -14.06 -4.98 0.90
CA PHE A 68 -13.37 -4.20 1.90
C PHE A 68 -12.37 -3.26 1.19
N ASN A 69 -12.46 -3.13 -0.14
CA ASN A 69 -11.55 -2.30 -0.94
C ASN A 69 -11.43 -0.87 -0.43
N ASP A 70 -10.18 -0.42 -0.36
CA ASP A 70 -9.74 0.90 0.06
C ASP A 70 -9.78 1.83 -1.16
N LEU A 71 -9.90 3.12 -0.90
CA LEU A 71 -9.94 4.18 -1.90
C LEU A 71 -9.16 5.37 -1.34
N ILE A 72 -7.95 5.59 -1.86
CA ILE A 72 -7.04 6.67 -1.43
C ILE A 72 -7.36 7.94 -2.19
N LEU A 73 -7.57 9.03 -1.44
CA LEU A 73 -7.84 10.38 -1.90
C LEU A 73 -6.63 11.28 -1.65
N ASP A 74 -6.60 12.42 -2.36
CA ASP A 74 -5.62 13.53 -2.33
C ASP A 74 -4.16 13.08 -2.15
N PHE A 75 -3.80 11.98 -2.79
CA PHE A 75 -2.45 11.39 -2.72
C PHE A 75 -1.39 12.23 -3.42
N GLU A 76 -0.25 12.46 -2.76
CA GLU A 76 0.87 13.21 -3.30
C GLU A 76 2.19 12.55 -2.85
N ALA A 77 2.75 11.67 -3.72
CA ALA A 77 4.00 10.92 -3.48
C ALA A 77 5.19 11.78 -3.02
N SER A 78 5.16 13.08 -3.30
CA SER A 78 6.17 14.05 -2.91
C SER A 78 6.37 14.03 -1.38
N GLU A 79 5.37 13.59 -0.61
CA GLU A 79 5.45 13.50 0.84
C GLU A 79 4.72 12.28 1.42
N ASP A 80 3.66 11.74 0.78
CA ASP A 80 2.92 10.58 1.31
C ASP A 80 3.81 9.34 1.39
N ARG A 81 3.57 8.46 2.38
CA ARG A 81 4.35 7.24 2.59
C ARG A 81 3.41 6.05 2.89
N ILE A 82 3.83 4.82 2.60
CA ILE A 82 3.00 3.64 2.80
C ILE A 82 3.80 2.49 3.41
N ASP A 83 3.31 1.87 4.50
CA ASP A 83 4.02 0.74 5.14
C ASP A 83 3.38 -0.59 4.68
N LEU A 84 3.97 -1.22 3.66
CA LEU A 84 3.52 -2.48 3.08
C LEU A 84 4.15 -3.71 3.76
N SER A 85 4.93 -3.57 4.84
CA SER A 85 5.55 -4.73 5.48
C SER A 85 4.54 -5.79 5.92
N ALA A 86 3.35 -5.37 6.35
CA ALA A 86 2.29 -6.28 6.80
C ALA A 86 1.45 -6.82 5.63
N LEU A 87 1.30 -6.05 4.54
CA LEU A 87 0.50 -6.41 3.36
C LEU A 87 1.38 -6.39 2.10
N GLY A 88 2.39 -7.26 2.03
CA GLY A 88 3.26 -7.30 0.90
C GLY A 88 3.80 -8.71 0.71
N PHE A 89 5.12 -8.77 0.82
CA PHE A 89 6.05 -9.87 0.69
C PHE A 89 7.43 -9.17 0.57
N SER A 90 8.46 -9.90 0.16
CA SER A 90 9.83 -9.41 -0.03
C SER A 90 10.36 -9.76 -1.44
N GLY A 91 9.54 -10.36 -2.30
CA GLY A 91 9.85 -10.75 -3.69
C GLY A 91 9.04 -9.93 -4.68
N LEU A 92 9.40 -9.96 -5.97
CA LEU A 92 8.73 -9.20 -7.02
C LEU A 92 8.01 -10.12 -8.00
N GLY A 93 7.12 -9.56 -8.82
CA GLY A 93 6.36 -10.28 -9.83
C GLY A 93 5.14 -9.49 -10.26
N ASP A 94 3.97 -9.81 -9.68
CA ASP A 94 2.69 -9.17 -9.98
C ASP A 94 1.63 -9.41 -8.88
N GLY A 95 1.99 -9.36 -7.59
CA GLY A 95 1.02 -9.57 -6.49
C GLY A 95 0.50 -11.00 -6.45
N TYR A 96 1.36 -11.93 -6.08
CA TYR A 96 1.12 -13.36 -6.00
C TYR A 96 1.86 -13.97 -4.81
N GLY A 97 2.08 -15.29 -4.88
CA GLY A 97 2.73 -16.17 -3.93
C GLY A 97 4.22 -15.83 -3.83
N GLY A 98 4.48 -14.69 -3.20
CA GLY A 98 5.80 -14.15 -2.96
C GLY A 98 6.10 -12.98 -3.90
N THR A 99 5.08 -12.30 -4.43
CA THR A 99 5.29 -11.18 -5.35
C THR A 99 4.37 -10.02 -4.93
N LEU A 100 4.70 -8.80 -5.36
CA LEU A 100 3.98 -7.57 -5.07
C LEU A 100 4.42 -6.58 -6.15
N LEU A 101 3.49 -6.01 -6.92
CA LEU A 101 3.76 -5.05 -7.98
C LEU A 101 2.61 -4.02 -8.08
N LEU A 102 2.90 -2.83 -8.59
CA LEU A 102 1.92 -1.78 -8.80
C LEU A 102 1.88 -1.40 -10.27
N LYS A 103 0.73 -0.90 -10.71
CA LYS A 103 0.53 -0.47 -12.09
C LYS A 103 -0.29 0.80 -12.09
N THR A 104 -0.20 1.48 -13.21
CA THR A 104 -0.90 2.73 -13.44
C THR A 104 -2.23 2.36 -14.13
N ASN A 105 -3.21 3.26 -14.08
CA ASN A 105 -4.52 3.06 -14.72
C ASN A 105 -4.30 3.23 -16.25
N ALA A 106 -5.35 3.26 -17.08
CA ALA A 106 -5.19 3.43 -18.53
C ALA A 106 -4.32 4.64 -18.86
N GLU A 107 -4.73 5.81 -18.32
CA GLU A 107 -4.07 7.09 -18.52
C GLU A 107 -3.09 7.45 -17.38
N GLY A 108 -3.02 6.63 -16.35
CA GLY A 108 -2.11 6.80 -15.20
C GLY A 108 -2.59 7.86 -14.19
N THR A 109 -3.72 8.49 -14.45
CA THR A 109 -4.36 9.53 -13.66
C THR A 109 -4.83 8.95 -12.30
N ARG A 110 -4.81 7.62 -12.19
CA ARG A 110 -5.15 6.79 -11.05
C ARG A 110 -4.16 5.65 -11.07
N THR A 111 -3.94 5.02 -9.91
CA THR A 111 -3.04 3.89 -9.77
C THR A 111 -3.82 2.71 -9.20
N TYR A 112 -3.42 1.49 -9.58
CA TYR A 112 -4.00 0.23 -9.15
C TYR A 112 -2.82 -0.71 -8.92
N LEU A 113 -2.64 -1.15 -7.69
CA LEU A 113 -1.56 -2.06 -7.27
C LEU A 113 -2.16 -3.33 -6.70
N LYS A 114 -1.37 -4.40 -6.60
CA LYS A 114 -1.85 -5.65 -6.05
C LYS A 114 -0.77 -6.37 -5.28
N SER A 115 -1.16 -6.80 -4.09
CA SER A 115 -0.40 -7.57 -3.14
C SER A 115 -1.07 -8.94 -3.23
N PHE A 116 -0.28 -10.01 -3.04
CA PHE A 116 -0.65 -11.43 -3.07
C PHE A 116 -2.14 -11.73 -3.29
N GLU A 117 -2.64 -11.67 -4.53
CA GLU A 117 -4.05 -11.94 -4.78
C GLU A 117 -4.39 -13.43 -4.73
N ALA A 118 -5.67 -13.72 -4.55
CA ALA A 118 -6.21 -15.07 -4.46
C ALA A 118 -7.45 -15.19 -5.35
N ASP A 119 -8.54 -15.67 -4.77
CA ASP A 119 -9.86 -15.88 -5.34
C ASP A 119 -10.84 -15.07 -4.52
N ALA A 120 -12.00 -14.68 -5.05
CA ALA A 120 -12.98 -13.90 -4.30
C ALA A 120 -13.58 -14.72 -3.15
N GLU A 121 -13.38 -16.04 -3.15
CA GLU A 121 -13.89 -16.91 -2.10
C GLU A 121 -13.12 -16.67 -0.80
N GLY A 122 -11.89 -16.18 -0.91
CA GLY A 122 -11.00 -15.90 0.20
C GLY A 122 -10.54 -14.46 0.29
N ARG A 123 -10.03 -13.87 -0.81
CA ARG A 123 -9.53 -12.48 -0.84
C ARG A 123 -8.95 -12.07 -2.19
N ARG A 124 -9.74 -11.51 -3.11
CA ARG A 124 -9.18 -11.02 -4.37
C ARG A 124 -8.82 -9.58 -3.98
N PHE A 125 -7.59 -9.15 -4.19
CA PHE A 125 -7.11 -7.85 -3.80
C PHE A 125 -7.56 -6.79 -4.80
N GLU A 126 -7.94 -5.63 -4.26
CA GLU A 126 -8.41 -4.48 -5.00
C GLU A 126 -8.21 -3.22 -4.16
N VAL A 127 -7.52 -2.22 -4.71
CA VAL A 127 -7.27 -0.94 -4.07
C VAL A 127 -7.30 0.07 -5.20
N ALA A 128 -7.85 1.25 -4.94
CA ALA A 128 -7.93 2.33 -5.94
C ALA A 128 -7.25 3.56 -5.36
N LEU A 129 -6.34 4.18 -6.12
CA LEU A 129 -5.61 5.38 -5.69
C LEU A 129 -5.91 6.50 -6.66
N ASP A 130 -6.43 7.61 -6.13
CA ASP A 130 -6.78 8.81 -6.89
C ASP A 130 -5.77 9.93 -6.59
N GLY A 131 -4.88 10.25 -7.54
CA GLY A 131 -3.86 11.30 -7.38
C GLY A 131 -2.88 11.26 -8.55
N ASP A 132 -1.89 12.17 -8.58
CA ASP A 132 -0.87 12.24 -9.64
C ASP A 132 0.52 12.03 -9.02
N HIS A 133 1.59 11.97 -9.84
CA HIS A 133 2.98 11.76 -9.42
C HIS A 133 3.20 10.44 -8.67
N THR A 134 2.17 9.61 -8.67
CA THR A 134 2.06 8.31 -8.06
C THR A 134 2.79 7.28 -8.93
N GLY A 135 3.07 6.12 -8.34
CA GLY A 135 3.77 5.02 -8.97
C GLY A 135 5.24 4.97 -8.55
N ASP A 136 5.85 6.12 -8.25
CA ASP A 136 7.24 6.19 -7.84
C ASP A 136 7.42 5.85 -6.35
N LEU A 137 8.10 4.74 -6.08
CA LEU A 137 8.39 4.22 -4.76
C LEU A 137 9.87 3.86 -4.60
N SER A 138 10.38 3.92 -3.36
CA SER A 138 11.71 3.59 -2.89
C SER A 138 11.57 3.46 -1.38
N ALA A 139 12.62 2.97 -0.73
CA ALA A 139 12.77 2.72 0.72
C ALA A 139 12.43 3.91 1.65
N ALA A 140 12.16 5.09 1.11
CA ALA A 140 11.78 6.30 1.80
C ALA A 140 10.25 6.41 1.74
N ASN A 141 9.69 6.28 0.52
CA ASN A 141 8.26 6.38 0.24
C ASN A 141 7.50 5.17 0.76
N VAL A 142 8.11 3.99 0.61
CA VAL A 142 7.55 2.73 1.02
C VAL A 142 8.42 1.95 1.99
N VAL A 143 7.76 1.12 2.79
CA VAL A 143 8.39 0.24 3.76
C VAL A 143 8.10 -1.16 3.24
N PHE A 144 9.06 -1.72 2.52
CA PHE A 144 8.95 -3.06 1.96
C PHE A 144 9.00 -4.06 3.12
N ALA A 145 10.06 -3.95 3.92
CA ALA A 145 10.36 -4.74 5.09
C ALA A 145 11.51 -4.00 5.76
N ALA A 146 11.28 -3.44 6.95
CA ALA A 146 12.25 -2.71 7.73
C ALA A 146 13.46 -3.58 8.07
N THR A 147 14.52 -3.47 7.28
CA THR A 147 15.80 -4.15 7.37
C THR A 147 16.69 -3.62 6.24
N GLY A 148 17.86 -4.20 6.04
CA GLY A 148 18.82 -3.81 5.03
C GLY A 148 20.09 -4.61 5.27
N THR A 149 20.31 -5.68 4.53
CA THR A 149 21.45 -6.57 4.61
C THR A 149 21.52 -7.29 3.27
N THR A 150 22.64 -7.19 2.57
CA THR A 150 22.90 -7.82 1.28
C THR A 150 24.34 -8.35 1.26
N THR A 151 24.67 -9.15 0.26
CA THR A 151 25.98 -9.76 0.07
C THR A 151 25.98 -10.32 -1.35
N GLU A 152 27.08 -10.12 -2.07
CA GLU A 152 27.32 -10.57 -3.43
C GLU A 152 28.74 -11.15 -3.47
N LEU A 153 29.11 -11.85 -4.54
CA LEU A 153 30.42 -12.49 -4.69
C LEU A 153 31.22 -11.97 -5.88
N GLU A 154 30.71 -10.97 -6.60
CA GLU A 154 31.32 -10.35 -7.78
C GLU A 154 31.75 -11.41 -8.81
N VAL A 155 30.92 -12.45 -8.92
CA VAL A 155 31.15 -13.56 -9.81
C VAL A 155 30.84 -13.14 -11.26
N LEU A 156 31.51 -13.82 -12.19
CA LEU A 156 31.39 -13.60 -13.62
C LEU A 156 30.04 -14.13 -14.12
N GLY A 157 29.02 -13.28 -14.15
CA GLY A 157 27.68 -13.61 -14.61
C GLY A 157 26.62 -13.02 -13.69
N ASP A 158 25.36 -13.22 -14.07
CA ASP A 158 24.22 -12.73 -13.31
C ASP A 158 23.95 -13.74 -12.19
N SER A 159 24.66 -13.62 -11.08
CA SER A 159 24.54 -14.45 -9.90
C SER A 159 24.82 -13.52 -8.71
N GLY A 160 24.17 -13.77 -7.59
CA GLY A 160 24.26 -12.99 -6.37
C GLY A 160 22.84 -12.54 -6.10
N THR A 161 22.59 -11.26 -5.87
CA THR A 161 21.23 -10.78 -5.62
C THR A 161 20.40 -10.79 -6.92
N GLN A 162 21.04 -10.88 -8.10
CA GLN A 162 20.46 -10.95 -9.43
C GLN A 162 20.71 -12.39 -9.91
N ALA A 163 19.86 -12.94 -10.78
CA ALA A 163 19.96 -14.28 -11.31
C ALA A 163 20.01 -14.24 -12.84
N GLY A 164 20.43 -15.34 -13.46
CA GLY A 164 20.53 -15.45 -14.91
C GLY A 164 21.42 -16.61 -15.33
N ALA A 165 21.57 -16.79 -16.64
CA ALA A 165 22.38 -17.83 -17.25
C ALA A 165 22.91 -17.30 -18.59
N ILE A 166 22.10 -17.39 -19.64
CA ILE A 166 22.37 -16.96 -21.02
C ILE A 166 23.48 -17.83 -21.59
N VAL A 167 23.06 -18.96 -22.18
CA VAL A 167 23.83 -19.99 -22.83
C VAL A 167 22.96 -20.50 -23.97
N GLY A 1 -22.56 9.92 15.51
CA GLY A 1 -21.91 10.98 14.74
C GLY A 1 -21.18 10.39 13.55
N SER A 2 -19.86 10.56 13.51
CA SER A 2 -19.01 10.06 12.44
C SER A 2 -18.48 8.66 12.75
N ASP A 3 -17.95 7.98 11.74
CA ASP A 3 -17.38 6.64 11.78
C ASP A 3 -15.95 6.65 11.22
N GLY A 4 -15.34 7.84 11.13
CA GLY A 4 -13.99 8.14 10.64
C GLY A 4 -13.88 9.67 10.57
N GLU A 5 -12.69 10.23 10.35
CA GLU A 5 -12.48 11.68 10.28
C GLU A 5 -11.25 12.02 9.43
N PRO A 6 -11.21 13.12 8.65
CA PRO A 6 -10.04 13.46 7.84
C PRO A 6 -8.85 13.82 8.73
N LEU A 7 -7.70 13.13 8.61
CA LEU A 7 -6.51 13.40 9.41
C LEU A 7 -5.38 13.69 8.45
N VAL A 8 -4.98 14.95 8.35
CA VAL A 8 -3.90 15.37 7.47
C VAL A 8 -2.74 15.74 8.39
N GLY A 9 -1.64 15.01 8.29
CA GLY A 9 -0.43 15.21 9.09
C GLY A 9 0.32 16.49 8.72
N GLY A 10 1.53 16.63 9.27
CA GLY A 10 2.41 17.76 9.07
C GLY A 10 3.58 17.41 8.18
N ASP A 11 4.78 17.74 8.66
CA ASP A 11 6.08 17.52 8.01
C ASP A 11 7.03 16.79 8.98
N THR A 12 6.48 16.30 10.09
CA THR A 12 7.16 15.58 11.15
C THR A 12 6.64 14.15 11.12
N ASP A 13 7.54 13.19 10.98
CA ASP A 13 7.21 11.78 10.90
C ASP A 13 6.53 11.24 12.17
N ASP A 14 5.43 10.51 11.97
CA ASP A 14 4.61 9.90 13.01
C ASP A 14 4.08 8.53 12.56
N GLN A 15 3.11 7.97 13.29
CA GLN A 15 2.45 6.70 13.05
C GLN A 15 0.93 6.90 13.08
N LEU A 16 0.30 7.08 11.92
CA LEU A 16 -1.15 7.27 11.78
C LEU A 16 -1.79 5.89 11.60
N GLN A 17 -2.30 5.27 12.67
CA GLN A 17 -2.92 3.94 12.58
C GLN A 17 -4.43 4.04 12.30
N GLY A 18 -5.03 2.97 11.77
CA GLY A 18 -6.45 2.88 11.44
C GLY A 18 -7.05 1.58 12.01
N GLY A 19 -6.46 0.43 11.67
CA GLY A 19 -6.92 -0.87 12.15
C GLY A 19 -8.10 -1.39 11.35
N SER A 20 -9.28 -0.79 11.53
CA SER A 20 -10.49 -1.19 10.82
C SER A 20 -11.47 -0.02 10.80
N GLY A 21 -12.22 0.20 9.71
CA GLY A 21 -13.19 1.27 9.61
C GLY A 21 -13.28 1.87 8.21
N ALA A 22 -13.83 3.07 8.14
CA ALA A 22 -13.90 3.84 6.91
C ALA A 22 -13.22 5.15 7.29
N ASP A 23 -11.92 5.31 7.04
CA ASP A 23 -11.17 6.51 7.43
C ASP A 23 -10.45 7.16 6.25
N ARG A 24 -9.95 8.38 6.44
CA ARG A 24 -9.23 9.14 5.44
C ARG A 24 -8.08 9.85 6.11
N LEU A 25 -6.88 9.29 5.99
CA LEU A 25 -5.70 9.88 6.59
C LEU A 25 -4.69 10.20 5.49
N ASP A 26 -3.86 11.20 5.74
CA ASP A 26 -2.81 11.71 4.86
C ASP A 26 -1.56 11.91 5.71
N GLY A 27 -0.45 11.26 5.34
CA GLY A 27 0.82 11.35 6.04
C GLY A 27 1.28 12.81 6.12
N GLY A 28 1.42 13.46 4.97
CA GLY A 28 1.84 14.85 4.88
C GLY A 28 3.07 14.94 3.99
N ALA A 29 4.25 15.13 4.58
CA ALA A 29 5.51 15.22 3.84
C ALA A 29 6.62 14.81 4.80
N GLY A 30 6.98 13.54 4.85
CA GLY A 30 8.01 13.06 5.76
C GLY A 30 8.49 11.67 5.46
N ASP A 31 8.71 10.96 6.55
CA ASP A 31 9.15 9.59 6.68
C ASP A 31 8.20 8.90 7.66
N ASP A 32 6.93 9.23 7.47
CA ASP A 32 5.77 8.80 8.22
C ASP A 32 5.34 7.40 7.81
N ILE A 33 4.50 6.81 8.64
CA ILE A 33 3.95 5.48 8.45
C ILE A 33 2.45 5.62 8.69
N LEU A 34 1.61 5.15 7.77
CA LEU A 34 0.16 5.23 7.91
C LEU A 34 -0.48 3.88 7.62
N ASP A 35 -1.60 3.59 8.29
CA ASP A 35 -2.38 2.36 8.21
C ASP A 35 -3.86 2.67 8.23
N GLY A 36 -4.63 2.04 7.34
CA GLY A 36 -6.08 2.19 7.25
C GLY A 36 -6.63 0.91 7.87
N GLY A 37 -6.13 -0.23 7.38
CA GLY A 37 -6.49 -1.54 7.87
C GLY A 37 -7.56 -2.23 7.05
N ALA A 38 -8.45 -2.94 7.73
CA ALA A 38 -9.54 -3.70 7.15
C ALA A 38 -10.78 -2.80 7.09
N GLY A 39 -11.15 -2.36 5.90
CA GLY A 39 -12.28 -1.51 5.66
C GLY A 39 -12.04 -0.62 4.43
N ARG A 40 -13.06 0.15 4.05
CA ARG A 40 -12.94 1.04 2.91
C ARG A 40 -12.27 2.32 3.38
N ASP A 41 -10.97 2.40 3.19
CA ASP A 41 -10.15 3.53 3.63
C ASP A 41 -9.54 4.27 2.46
N ARG A 42 -9.10 5.50 2.73
CA ARG A 42 -8.47 6.40 1.79
C ARG A 42 -7.12 6.83 2.37
N LEU A 43 -6.06 6.69 1.60
CA LEU A 43 -4.73 7.06 1.99
C LEU A 43 -3.98 7.74 0.84
N SER A 44 -3.10 8.65 1.23
CA SER A 44 -2.20 9.48 0.43
C SER A 44 -1.00 9.71 1.34
N GLY A 45 0.19 9.34 0.90
CA GLY A 45 1.37 9.58 1.72
C GLY A 45 1.65 11.07 1.59
N GLY A 46 1.93 11.48 0.37
CA GLY A 46 2.27 12.84 -0.02
C GLY A 46 3.70 12.87 -0.55
N ALA A 47 4.28 14.07 -0.69
CA ALA A 47 5.66 14.16 -1.15
C ALA A 47 6.51 13.83 0.09
N GLY A 48 7.03 12.60 0.13
CA GLY A 48 7.84 12.04 1.19
C GLY A 48 8.12 10.59 0.81
N ALA A 49 8.52 9.80 1.79
CA ALA A 49 8.83 8.39 1.70
C ALA A 49 8.04 7.74 2.82
N ASP A 50 6.77 7.41 2.59
CA ASP A 50 5.92 6.85 3.62
C ASP A 50 5.89 5.32 3.54
N THR A 51 5.39 4.68 4.59
CA THR A 51 5.25 3.23 4.69
C THR A 51 3.75 2.97 4.86
N PHE A 52 3.12 2.30 3.88
CA PHE A 52 1.69 2.02 3.89
C PHE A 52 1.45 0.64 4.49
N VAL A 53 0.85 0.57 5.67
CA VAL A 53 0.56 -0.68 6.34
C VAL A 53 -0.89 -1.05 6.05
N PHE A 54 -1.15 -2.32 5.77
CA PHE A 54 -2.50 -2.83 5.51
C PHE A 54 -2.81 -4.00 6.44
N SER A 55 -4.12 -4.27 6.68
CA SER A 55 -4.60 -5.36 7.53
C SER A 55 -5.25 -6.40 6.62
N ALA A 56 -4.51 -6.80 5.59
CA ALA A 56 -4.89 -7.76 4.58
C ALA A 56 -5.31 -9.14 5.03
N ARG A 57 -5.17 -9.42 6.31
CA ARG A 57 -5.64 -10.68 6.87
C ARG A 57 -7.14 -10.66 6.53
N GLU A 58 -7.74 -9.46 6.63
CA GLU A 58 -9.09 -9.10 6.32
C GLU A 58 -9.16 -8.28 5.01
N ASP A 59 -8.18 -7.38 4.75
CA ASP A 59 -8.19 -6.55 3.54
C ASP A 59 -7.71 -7.35 2.31
N SER A 60 -8.59 -8.16 1.75
CA SER A 60 -8.31 -8.96 0.58
C SER A 60 -9.49 -9.01 -0.38
N TYR A 61 -10.72 -8.68 0.04
CA TYR A 61 -11.86 -8.81 -0.83
C TYR A 61 -13.04 -8.07 -0.23
N ARG A 62 -14.17 -8.09 -0.93
CA ARG A 62 -15.41 -7.43 -0.57
C ARG A 62 -16.60 -8.34 -0.89
N THR A 63 -17.74 -8.11 -0.23
CA THR A 63 -19.01 -8.82 -0.40
C THR A 63 -20.08 -7.73 -0.55
N ASP A 64 -21.28 -8.09 -0.99
CA ASP A 64 -22.36 -7.11 -1.14
C ASP A 64 -22.74 -6.51 0.22
N THR A 65 -22.76 -7.34 1.26
CA THR A 65 -23.12 -6.91 2.61
C THR A 65 -21.98 -6.16 3.32
N ALA A 66 -20.71 -6.43 2.98
CA ALA A 66 -19.55 -5.80 3.59
C ALA A 66 -18.45 -5.58 2.55
N VAL A 67 -18.39 -4.38 1.99
CA VAL A 67 -17.44 -3.97 0.99
C VAL A 67 -16.35 -3.19 1.72
N PHE A 68 -15.09 -3.53 1.50
CA PHE A 68 -13.97 -2.83 2.13
C PHE A 68 -13.11 -2.22 1.02
N ASN A 69 -13.74 -1.55 0.03
CA ASN A 69 -13.05 -0.94 -1.09
C ASN A 69 -12.07 0.16 -0.66
N ASP A 70 -10.78 -0.14 -0.78
CA ASP A 70 -9.69 0.76 -0.44
C ASP A 70 -9.34 1.60 -1.69
N LEU A 71 -8.77 2.79 -1.51
CA LEU A 71 -8.39 3.67 -2.62
C LEU A 71 -7.10 4.39 -2.24
N ILE A 72 -6.02 4.20 -3.00
CA ILE A 72 -4.72 4.83 -2.73
C ILE A 72 -4.45 5.92 -3.76
N LEU A 73 -4.11 7.11 -3.24
CA LEU A 73 -3.75 8.33 -3.95
C LEU A 73 -2.25 8.55 -3.74
N ASP A 74 -1.63 9.37 -4.60
CA ASP A 74 -0.22 9.79 -4.64
C ASP A 74 0.76 8.73 -4.08
N PHE A 75 0.83 7.59 -4.78
CA PHE A 75 1.68 6.44 -4.49
C PHE A 75 2.95 6.50 -5.34
N GLU A 76 4.09 6.87 -4.75
CA GLU A 76 5.37 7.00 -5.46
C GLU A 76 6.34 5.93 -4.96
N ALA A 77 6.45 4.80 -5.67
CA ALA A 77 7.35 3.71 -5.28
C ALA A 77 8.81 4.14 -5.16
N SER A 78 9.21 5.23 -5.83
CA SER A 78 10.57 5.74 -5.75
C SER A 78 10.89 6.19 -4.31
N GLU A 79 9.89 6.38 -3.45
CA GLU A 79 10.05 6.83 -2.07
C GLU A 79 9.25 5.97 -1.09
N ASP A 80 7.98 5.75 -1.38
CA ASP A 80 7.05 4.99 -0.55
C ASP A 80 7.39 3.51 -0.43
N ARG A 81 6.84 2.91 0.62
CA ARG A 81 6.96 1.50 1.01
C ARG A 81 5.57 0.96 1.32
N ILE A 82 5.51 -0.34 1.56
CA ILE A 82 4.32 -1.08 1.91
C ILE A 82 4.74 -2.12 2.94
N ASP A 83 3.97 -2.28 4.02
CA ASP A 83 4.26 -3.27 5.06
C ASP A 83 3.48 -4.53 4.78
N LEU A 84 4.18 -5.67 4.74
CA LEU A 84 3.65 -7.00 4.45
C LEU A 84 3.58 -7.90 5.69
N SER A 85 3.87 -7.39 6.88
CA SER A 85 3.85 -8.15 8.12
C SER A 85 2.52 -8.91 8.32
N ALA A 86 1.38 -8.26 8.07
CA ALA A 86 0.05 -8.84 8.20
C ALA A 86 -0.56 -9.30 6.87
N LEU A 87 0.22 -9.33 5.78
CA LEU A 87 -0.26 -9.74 4.46
C LEU A 87 -0.12 -11.25 4.39
N GLY A 88 -1.24 -11.96 4.17
CA GLY A 88 -1.28 -13.42 4.09
C GLY A 88 -0.66 -14.02 2.83
N PHE A 89 0.18 -13.29 2.11
CA PHE A 89 0.84 -13.78 0.91
C PHE A 89 1.90 -14.83 1.28
N SER A 90 2.62 -15.31 0.28
CA SER A 90 3.69 -16.28 0.39
C SER A 90 4.68 -15.99 -0.76
N GLY A 91 4.18 -15.58 -1.95
CA GLY A 91 5.00 -15.26 -3.11
C GLY A 91 4.08 -14.79 -4.24
N LEU A 92 4.60 -14.71 -5.47
CA LEU A 92 3.83 -14.29 -6.62
C LEU A 92 3.10 -15.51 -7.21
N GLY A 93 2.14 -15.27 -8.10
CA GLY A 93 1.39 -16.29 -8.79
C GLY A 93 0.16 -15.69 -9.43
N ASP A 94 -1.02 -15.88 -8.84
CA ASP A 94 -2.30 -15.37 -9.38
C ASP A 94 -3.28 -14.87 -8.31
N GLY A 95 -2.88 -14.83 -7.04
CA GLY A 95 -3.74 -14.35 -5.97
C GLY A 95 -4.69 -15.40 -5.42
N TYR A 96 -4.19 -16.62 -5.14
CA TYR A 96 -4.96 -17.73 -4.60
C TYR A 96 -4.21 -18.33 -3.41
N GLY A 97 -3.53 -19.44 -3.67
CA GLY A 97 -2.71 -20.30 -2.82
C GLY A 97 -1.47 -19.60 -2.31
N GLY A 98 -1.68 -18.56 -1.51
CA GLY A 98 -0.61 -17.75 -0.94
C GLY A 98 0.13 -16.98 -2.02
N THR A 99 -0.50 -16.78 -3.18
CA THR A 99 0.09 -16.07 -4.28
C THR A 99 -0.49 -14.66 -4.30
N LEU A 100 0.08 -13.79 -5.14
CA LEU A 100 -0.30 -12.40 -5.30
C LEU A 100 -0.43 -12.12 -6.79
N LEU A 101 -1.28 -11.17 -7.15
CA LEU A 101 -1.50 -10.75 -8.52
C LEU A 101 -1.80 -9.27 -8.59
N LEU A 102 -1.26 -8.63 -9.60
CA LEU A 102 -1.41 -7.23 -9.92
C LEU A 102 -1.66 -7.12 -11.41
N LYS A 103 -2.49 -6.15 -11.81
CA LYS A 103 -2.84 -5.85 -13.18
C LYS A 103 -3.24 -4.39 -13.24
N THR A 104 -3.45 -3.84 -14.43
CA THR A 104 -3.81 -2.46 -14.59
C THR A 104 -5.20 -2.31 -15.22
N ASN A 105 -5.76 -1.10 -15.07
CA ASN A 105 -7.05 -0.71 -15.62
C ASN A 105 -6.95 -0.86 -17.15
N ALA A 106 -8.06 -0.81 -17.89
CA ALA A 106 -7.99 -0.93 -19.35
C ALA A 106 -7.02 0.13 -19.91
N GLU A 107 -7.21 1.38 -19.53
CA GLU A 107 -6.35 2.49 -19.95
C GLU A 107 -5.04 2.55 -19.14
N GLY A 108 -4.97 1.89 -17.99
CA GLY A 108 -3.80 1.87 -17.12
C GLY A 108 -3.79 3.01 -16.11
N THR A 109 -4.86 3.80 -16.00
CA THR A 109 -4.95 4.92 -15.07
C THR A 109 -4.84 4.41 -13.63
N ARG A 110 -5.26 3.17 -13.41
CA ARG A 110 -5.23 2.50 -12.12
C ARG A 110 -4.51 1.17 -12.22
N THR A 111 -4.17 0.65 -11.06
CA THR A 111 -3.51 -0.61 -10.83
C THR A 111 -4.40 -1.34 -9.82
N TYR A 112 -4.86 -2.54 -10.16
CA TYR A 112 -5.68 -3.38 -9.31
C TYR A 112 -4.72 -4.47 -8.85
N LEU A 113 -4.44 -4.60 -7.55
CA LEU A 113 -3.51 -5.61 -7.04
C LEU A 113 -3.89 -6.05 -5.64
N LYS A 114 -3.79 -7.34 -5.33
CA LYS A 114 -4.09 -7.94 -4.03
C LYS A 114 -3.42 -9.31 -3.94
N SER A 115 -3.55 -9.93 -2.77
CA SER A 115 -3.07 -11.22 -2.41
C SER A 115 -4.32 -11.96 -1.93
N PHE A 116 -4.57 -13.15 -2.50
CA PHE A 116 -5.67 -14.07 -2.29
C PHE A 116 -7.03 -13.53 -2.79
N GLU A 117 -7.90 -14.40 -3.32
CA GLU A 117 -9.24 -14.10 -3.84
C GLU A 117 -10.11 -15.37 -3.82
N ALA A 118 -11.35 -15.25 -4.31
CA ALA A 118 -12.32 -16.33 -4.40
C ALA A 118 -13.30 -16.04 -5.54
N ASP A 119 -14.57 -16.41 -5.38
CA ASP A 119 -15.66 -16.23 -6.33
C ASP A 119 -16.60 -15.18 -5.79
N ALA A 120 -17.35 -14.52 -6.66
CA ALA A 120 -18.28 -13.45 -6.26
C ALA A 120 -19.28 -13.87 -5.19
N GLU A 121 -19.57 -15.16 -5.06
CA GLU A 121 -20.52 -15.69 -4.09
C GLU A 121 -19.92 -15.69 -2.69
N GLY A 122 -18.60 -15.83 -2.58
CA GLY A 122 -17.90 -15.88 -1.31
C GLY A 122 -17.18 -14.58 -0.98
N ARG A 123 -16.46 -13.98 -1.94
CA ARG A 123 -15.69 -12.73 -1.83
C ARG A 123 -14.66 -12.58 -2.94
N ARG A 124 -14.53 -11.40 -3.55
CA ARG A 124 -13.54 -11.15 -4.58
C ARG A 124 -12.82 -9.84 -4.31
N PHE A 125 -11.60 -9.74 -4.85
CA PHE A 125 -10.69 -8.65 -4.75
C PHE A 125 -11.02 -7.54 -5.73
N GLU A 126 -11.31 -6.36 -5.17
CA GLU A 126 -11.58 -5.18 -5.98
C GLU A 126 -11.04 -3.96 -5.24
N VAL A 127 -9.97 -3.36 -5.72
CA VAL A 127 -9.36 -2.18 -5.12
C VAL A 127 -8.77 -1.27 -6.20
N ALA A 128 -8.54 -0.01 -5.88
CA ALA A 128 -7.97 0.94 -6.83
C ALA A 128 -6.73 1.64 -6.27
N LEU A 129 -5.61 1.51 -6.97
CA LEU A 129 -4.34 2.13 -6.63
C LEU A 129 -3.95 2.98 -7.82
N ASP A 130 -3.81 4.30 -7.62
CA ASP A 130 -3.38 5.18 -8.70
C ASP A 130 -1.86 5.07 -8.66
N GLY A 131 -1.25 4.39 -9.64
CA GLY A 131 0.19 4.21 -9.70
C GLY A 131 0.76 4.70 -11.03
N ASP A 132 2.03 5.05 -11.01
CA ASP A 132 2.83 5.58 -12.12
C ASP A 132 4.00 4.63 -12.41
N HIS A 133 4.74 4.26 -11.35
CA HIS A 133 5.89 3.36 -11.37
C HIS A 133 5.39 1.89 -11.44
N THR A 134 4.42 1.60 -12.33
CA THR A 134 3.78 0.31 -12.62
C THR A 134 3.47 -0.61 -11.41
N GLY A 135 3.32 -0.08 -10.20
CA GLY A 135 3.07 -0.89 -9.02
C GLY A 135 4.24 -1.86 -8.79
N ASP A 136 5.45 -1.50 -9.26
CA ASP A 136 6.67 -2.27 -9.17
C ASP A 136 7.04 -2.50 -7.71
N LEU A 137 7.23 -3.77 -7.33
CA LEU A 137 7.57 -4.24 -6.01
C LEU A 137 8.76 -5.20 -6.10
N SER A 138 9.67 -5.04 -5.14
CA SER A 138 10.88 -5.78 -4.91
C SER A 138 11.11 -5.67 -3.40
N ALA A 139 12.18 -6.28 -2.94
CA ALA A 139 12.62 -6.34 -1.55
C ALA A 139 12.77 -4.96 -0.91
N ALA A 140 13.15 -3.92 -1.66
CA ALA A 140 13.32 -2.58 -1.10
C ALA A 140 11.98 -1.88 -0.84
N ASN A 141 11.02 -2.09 -1.73
CA ASN A 141 9.68 -1.52 -1.73
C ASN A 141 8.76 -2.22 -0.71
N VAL A 142 9.29 -3.09 0.16
CA VAL A 142 8.54 -3.86 1.15
C VAL A 142 9.19 -3.78 2.53
N VAL A 143 8.38 -4.03 3.56
CA VAL A 143 8.73 -4.08 4.98
C VAL A 143 8.29 -5.46 5.42
N PHE A 144 9.21 -6.23 6.00
CA PHE A 144 8.93 -7.58 6.46
C PHE A 144 8.11 -7.56 7.75
N ALA A 145 8.66 -6.84 8.73
CA ALA A 145 8.11 -6.65 10.08
C ALA A 145 9.06 -5.76 10.87
N ALA A 146 8.89 -4.44 10.78
CA ALA A 146 9.65 -3.39 11.45
C ALA A 146 8.81 -2.11 11.43
N THR A 147 9.22 -1.08 12.20
CA THR A 147 8.50 0.18 12.26
C THR A 147 9.09 1.15 11.22
N GLY A 148 10.41 1.29 11.18
CA GLY A 148 11.11 2.16 10.26
C GLY A 148 11.76 1.36 9.13
N THR A 149 12.19 2.03 8.07
CA THR A 149 12.80 1.39 6.92
C THR A 149 14.15 2.02 6.54
N THR A 150 14.46 1.98 5.26
CA THR A 150 15.62 2.47 4.55
C THR A 150 15.38 3.93 4.16
N THR A 151 16.35 4.52 3.46
CA THR A 151 16.31 5.90 2.99
C THR A 151 17.26 5.95 1.80
N GLU A 152 16.75 5.71 0.58
CA GLU A 152 17.59 5.76 -0.61
C GLU A 152 17.94 7.23 -0.82
N LEU A 153 19.23 7.58 -0.88
CA LEU A 153 19.66 8.97 -1.03
C LEU A 153 19.97 9.38 -2.48
N GLU A 154 19.89 8.47 -3.44
CA GLU A 154 20.16 8.72 -4.84
C GLU A 154 19.02 8.19 -5.72
N VAL A 155 19.06 8.50 -7.02
CA VAL A 155 18.05 8.09 -8.02
C VAL A 155 18.65 7.85 -9.41
N LEU A 156 19.95 7.74 -9.36
CA LEU A 156 20.86 7.50 -10.48
C LEU A 156 21.18 6.00 -10.55
N GLY A 157 20.27 5.22 -11.12
CA GLY A 157 20.41 3.78 -11.26
C GLY A 157 19.87 3.08 -10.01
N ASP A 158 19.69 1.77 -10.11
CA ASP A 158 19.15 0.93 -9.03
C ASP A 158 20.16 0.85 -7.89
N SER A 159 19.72 0.82 -6.63
CA SER A 159 20.63 0.72 -5.48
C SER A 159 19.91 0.18 -4.23
N GLY A 160 20.57 0.31 -3.09
CA GLY A 160 20.13 -0.11 -1.78
C GLY A 160 21.07 0.50 -0.75
N THR A 161 21.07 1.83 -0.62
CA THR A 161 21.87 2.70 0.25
C THR A 161 23.40 2.62 0.06
N GLN A 162 23.91 1.55 -0.56
CA GLN A 162 25.32 1.31 -0.82
C GLN A 162 25.92 2.29 -1.83
N ALA A 163 27.24 2.26 -1.95
CA ALA A 163 28.03 3.06 -2.88
C ALA A 163 28.42 2.14 -4.04
N GLY A 164 28.91 2.70 -5.14
CA GLY A 164 29.33 1.94 -6.31
C GLY A 164 30.14 2.81 -7.26
N ALA A 165 30.41 2.31 -8.47
CA ALA A 165 31.15 3.02 -9.49
C ALA A 165 30.60 2.65 -10.86
N ILE A 166 30.92 3.47 -11.87
CA ILE A 166 30.50 3.25 -13.26
C ILE A 166 31.39 2.18 -13.92
N VAL A 167 32.46 1.75 -13.23
CA VAL A 167 33.43 0.76 -13.64
C VAL A 167 33.04 -0.53 -12.92
N GLY A 1 -19.19 14.37 3.24
CA GLY A 1 -19.60 12.96 3.41
C GLY A 1 -20.49 12.83 4.64
N SER A 2 -20.56 11.64 5.24
CA SER A 2 -21.36 11.39 6.43
C SER A 2 -20.51 10.80 7.54
N ASP A 3 -20.11 9.53 7.41
CA ASP A 3 -19.29 8.86 8.42
C ASP A 3 -17.91 9.49 8.52
N GLY A 4 -17.27 9.31 9.66
CA GLY A 4 -15.93 9.79 9.99
C GLY A 4 -15.73 11.29 9.79
N GLU A 5 -14.50 11.73 9.98
CA GLU A 5 -14.06 13.11 9.81
C GLU A 5 -12.61 13.02 9.35
N PRO A 6 -12.19 13.83 8.34
CA PRO A 6 -10.81 13.78 7.89
C PRO A 6 -9.87 14.16 9.03
N LEU A 7 -8.74 13.47 9.14
CA LEU A 7 -7.72 13.70 10.15
C LEU A 7 -6.50 14.06 9.32
N VAL A 8 -6.16 15.35 9.29
CA VAL A 8 -5.05 15.87 8.52
C VAL A 8 -3.82 16.17 9.38
N GLY A 9 -2.73 15.50 9.05
CA GLY A 9 -1.41 15.61 9.65
C GLY A 9 -0.72 16.84 9.09
N GLY A 10 0.58 17.02 9.34
CA GLY A 10 1.34 18.17 8.85
C GLY A 10 2.69 17.72 8.33
N ASP A 11 3.53 18.67 7.88
CA ASP A 11 4.88 18.37 7.38
C ASP A 11 5.75 17.74 8.48
N THR A 12 5.35 17.97 9.73
CA THR A 12 5.99 17.42 10.89
C THR A 12 5.53 15.98 10.96
N ASP A 13 6.49 15.10 10.76
CA ASP A 13 6.35 13.66 10.73
C ASP A 13 5.84 13.03 12.01
N ASP A 14 4.91 12.09 11.87
CA ASP A 14 4.28 11.34 12.95
C ASP A 14 3.54 10.16 12.31
N GLN A 15 2.88 9.36 13.14
CA GLN A 15 2.11 8.20 12.71
C GLN A 15 0.64 8.61 12.61
N LEU A 16 -0.07 8.14 11.60
CA LEU A 16 -1.49 8.44 11.40
C LEU A 16 -2.20 7.10 11.25
N GLN A 17 -2.77 6.57 12.32
CA GLN A 17 -3.49 5.30 12.29
C GLN A 17 -5.00 5.57 12.17
N GLY A 18 -5.78 4.52 11.96
CA GLY A 18 -7.24 4.61 11.84
C GLY A 18 -7.99 3.57 12.69
N GLY A 19 -7.37 2.41 12.94
CA GLY A 19 -7.98 1.33 13.72
C GLY A 19 -8.97 0.63 12.80
N SER A 20 -10.24 1.05 12.85
CA SER A 20 -11.35 0.53 12.05
C SER A 20 -12.49 1.57 12.05
N GLY A 21 -13.46 1.42 11.14
CA GLY A 21 -14.60 2.28 10.99
C GLY A 21 -14.65 2.81 9.57
N ALA A 22 -15.25 3.99 9.36
CA ALA A 22 -15.29 4.63 8.07
C ALA A 22 -14.65 5.97 8.37
N ASP A 23 -13.34 6.11 8.18
CA ASP A 23 -12.57 7.32 8.44
C ASP A 23 -11.62 7.60 7.30
N ARG A 24 -11.05 8.80 7.27
CA ARG A 24 -10.10 9.17 6.24
C ARG A 24 -9.04 10.00 6.90
N LEU A 25 -7.80 9.76 6.54
CA LEU A 25 -6.66 10.50 7.06
C LEU A 25 -5.91 11.05 5.85
N ASP A 26 -5.10 12.08 6.08
CA ASP A 26 -4.30 12.74 5.06
C ASP A 26 -3.09 13.37 5.74
N GLY A 27 -1.95 13.54 5.07
CA GLY A 27 -0.82 14.18 5.79
C GLY A 27 0.37 14.58 4.93
N GLY A 28 0.76 13.73 3.99
CA GLY A 28 1.85 13.78 3.03
C GLY A 28 2.35 15.17 2.73
N ALA A 29 3.38 15.54 3.48
CA ALA A 29 4.12 16.79 3.43
C ALA A 29 5.54 16.54 3.98
N GLY A 30 5.91 15.27 4.17
CA GLY A 30 7.17 14.79 4.70
C GLY A 30 7.20 13.27 4.68
N ASP A 31 8.05 12.68 5.51
CA ASP A 31 8.29 11.26 5.71
C ASP A 31 7.44 10.77 6.88
N ASP A 32 6.12 10.89 6.70
CA ASP A 32 5.09 10.48 7.65
C ASP A 32 4.71 9.04 7.32
N ILE A 33 3.99 8.42 8.23
CA ILE A 33 3.55 7.04 8.08
C ILE A 33 2.06 6.96 8.45
N LEU A 34 1.20 6.54 7.51
CA LEU A 34 -0.25 6.45 7.70
C LEU A 34 -0.82 5.08 7.36
N ASP A 35 -1.82 4.59 8.12
CA ASP A 35 -2.45 3.30 7.92
C ASP A 35 -3.78 3.39 7.17
N GLY A 36 -4.22 2.26 6.62
CA GLY A 36 -5.50 2.14 5.94
C GLY A 36 -6.51 1.79 7.03
N GLY A 37 -6.25 0.67 7.72
CA GLY A 37 -7.06 0.15 8.80
C GLY A 37 -8.13 -0.82 8.31
N ALA A 38 -8.70 -1.60 9.22
CA ALA A 38 -9.72 -2.57 8.84
C ALA A 38 -11.05 -1.82 8.75
N GLY A 39 -11.53 -1.59 7.55
CA GLY A 39 -12.74 -0.89 7.24
C GLY A 39 -12.77 -0.65 5.74
N ARG A 40 -13.59 0.29 5.31
CA ARG A 40 -13.73 0.69 3.92
C ARG A 40 -13.24 2.11 4.05
N ASP A 41 -11.98 2.36 3.74
CA ASP A 41 -11.38 3.66 3.96
C ASP A 41 -10.71 4.20 2.72
N ARG A 42 -10.49 5.52 2.71
CA ARG A 42 -9.89 6.20 1.58
C ARG A 42 -8.72 7.03 2.05
N LEU A 43 -7.50 6.54 1.88
CA LEU A 43 -6.34 7.28 2.32
C LEU A 43 -5.85 8.15 1.17
N SER A 44 -5.16 9.23 1.51
CA SER A 44 -4.58 10.19 0.60
C SER A 44 -3.39 10.65 1.36
N GLY A 45 -2.21 10.09 1.09
CA GLY A 45 -1.04 10.53 1.82
C GLY A 45 -0.84 11.99 1.53
N GLY A 46 -0.52 12.31 0.29
CA GLY A 46 -0.24 13.68 -0.11
C GLY A 46 1.08 13.66 -0.86
N ALA A 47 1.71 14.83 -1.01
CA ALA A 47 3.00 14.92 -1.66
C ALA A 47 4.05 14.69 -0.58
N GLY A 48 4.65 13.50 -0.53
CA GLY A 48 5.65 13.13 0.46
C GLY A 48 6.04 11.67 0.28
N ALA A 49 6.98 11.22 1.09
CA ALA A 49 7.47 9.86 1.08
C ALA A 49 6.77 9.12 2.22
N ASP A 50 5.45 8.99 2.12
CA ASP A 50 4.65 8.35 3.15
C ASP A 50 4.77 6.82 3.10
N THR A 51 4.37 6.13 4.17
CA THR A 51 4.37 4.66 4.26
C THR A 51 2.92 4.25 4.56
N PHE A 52 2.23 3.60 3.60
CA PHE A 52 0.86 3.14 3.72
C PHE A 52 0.89 1.79 4.45
N VAL A 53 0.46 1.81 5.72
CA VAL A 53 0.44 0.66 6.61
C VAL A 53 -0.76 -0.26 6.37
N PHE A 54 -0.51 -1.45 5.80
CA PHE A 54 -1.50 -2.48 5.51
C PHE A 54 -1.12 -3.73 6.29
N SER A 55 -1.81 -3.99 7.41
CA SER A 55 -1.53 -5.15 8.25
C SER A 55 -2.75 -5.77 8.91
N ALA A 56 -3.99 -5.44 8.54
CA ALA A 56 -5.18 -6.03 9.15
C ALA A 56 -5.68 -7.14 8.24
N ARG A 57 -6.10 -8.29 8.78
CA ARG A 57 -6.58 -9.40 7.95
C ARG A 57 -7.78 -9.04 7.08
N GLU A 58 -8.53 -7.99 7.43
CA GLU A 58 -9.68 -7.55 6.65
C GLU A 58 -9.25 -6.51 5.60
N ASP A 59 -8.20 -5.72 5.87
CA ASP A 59 -7.66 -4.67 5.02
C ASP A 59 -6.93 -5.21 3.77
N SER A 60 -7.66 -5.88 2.87
CA SER A 60 -7.13 -6.46 1.63
C SER A 60 -8.22 -7.11 0.74
N TYR A 61 -9.31 -7.59 1.35
CA TYR A 61 -10.36 -8.29 0.63
C TYR A 61 -11.78 -7.84 0.95
N ARG A 62 -12.72 -8.38 0.20
CA ARG A 62 -14.16 -8.19 0.30
C ARG A 62 -14.72 -9.56 0.63
N THR A 63 -15.93 -9.58 1.16
CA THR A 63 -16.60 -10.81 1.53
C THR A 63 -18.02 -10.81 0.95
N ASP A 64 -18.73 -11.92 1.08
CA ASP A 64 -20.10 -12.00 0.58
C ASP A 64 -21.07 -11.12 1.39
N THR A 65 -20.63 -10.63 2.55
CA THR A 65 -21.40 -9.80 3.47
C THR A 65 -20.82 -8.38 3.65
N ALA A 66 -19.58 -8.10 3.25
CA ALA A 66 -18.96 -6.79 3.41
C ALA A 66 -17.92 -6.56 2.34
N VAL A 67 -17.36 -5.37 2.29
CA VAL A 67 -16.32 -4.94 1.36
C VAL A 67 -15.41 -4.05 2.16
N PHE A 68 -14.12 -4.36 2.16
CA PHE A 68 -13.10 -3.60 2.88
C PHE A 68 -12.09 -2.98 1.89
N ASN A 69 -12.51 -2.79 0.64
CA ASN A 69 -11.73 -2.21 -0.45
C ASN A 69 -11.21 -0.81 -0.10
N ASP A 70 -9.91 -0.73 0.19
CA ASP A 70 -9.16 0.48 0.52
C ASP A 70 -8.86 1.21 -0.78
N LEU A 71 -8.71 2.53 -0.69
CA LEU A 71 -8.42 3.32 -1.86
C LEU A 71 -7.34 4.37 -1.60
N ILE A 72 -6.22 4.32 -2.34
CA ILE A 72 -5.17 5.33 -2.20
C ILE A 72 -5.54 6.40 -3.23
N LEU A 73 -5.49 7.65 -2.80
CA LEU A 73 -5.72 8.82 -3.62
C LEU A 73 -4.34 9.45 -3.78
N ASP A 74 -4.04 9.88 -5.00
CA ASP A 74 -2.80 10.54 -5.44
C ASP A 74 -1.51 9.74 -5.17
N PHE A 75 -1.46 8.50 -5.68
CA PHE A 75 -0.32 7.59 -5.51
C PHE A 75 0.85 7.91 -6.46
N GLU A 76 2.07 8.05 -5.92
CA GLU A 76 3.28 8.30 -6.67
C GLU A 76 4.45 7.51 -6.05
N ALA A 77 4.75 6.32 -6.62
CA ALA A 77 5.84 5.44 -6.19
C ALA A 77 7.22 6.14 -6.20
N SER A 78 7.31 7.34 -6.78
CA SER A 78 8.51 8.15 -6.83
C SER A 78 8.97 8.49 -5.39
N GLU A 79 8.06 8.49 -4.42
CA GLU A 79 8.35 8.77 -3.01
C GLU A 79 7.55 7.90 -2.06
N ASP A 80 6.23 7.79 -2.28
CA ASP A 80 5.35 7.01 -1.42
C ASP A 80 5.71 5.50 -1.42
N ARG A 81 5.45 4.82 -0.30
CA ARG A 81 5.74 3.38 -0.13
C ARG A 81 4.63 2.62 0.58
N ILE A 82 4.49 1.32 0.30
CA ILE A 82 3.48 0.48 0.93
C ILE A 82 4.18 -0.53 1.84
N ASP A 83 3.53 -0.86 2.96
CA ASP A 83 4.01 -1.84 3.92
C ASP A 83 3.02 -3.01 3.86
N LEU A 84 3.32 -4.05 3.06
CA LEU A 84 2.47 -5.22 2.87
C LEU A 84 3.28 -6.52 2.74
N SER A 85 4.08 -6.85 3.75
CA SER A 85 4.88 -8.09 3.81
C SER A 85 4.10 -9.14 4.64
N ALA A 86 2.98 -8.75 5.27
CA ALA A 86 2.13 -9.59 6.10
C ALA A 86 0.82 -10.03 5.45
N LEU A 87 0.48 -9.60 4.21
CA LEU A 87 -0.79 -9.98 3.57
C LEU A 87 -0.69 -10.51 2.12
N GLY A 88 0.49 -10.94 1.70
CA GLY A 88 0.80 -11.49 0.40
C GLY A 88 2.02 -12.37 0.63
N PHE A 89 3.17 -11.98 0.09
CA PHE A 89 4.47 -12.63 0.19
C PHE A 89 5.54 -11.55 0.01
N SER A 90 6.80 -11.96 -0.20
CA SER A 90 7.94 -11.07 -0.40
C SER A 90 7.86 -10.31 -1.72
N GLY A 91 7.54 -10.97 -2.84
CA GLY A 91 7.46 -10.30 -4.14
C GLY A 91 6.41 -10.98 -4.98
N LEU A 92 6.65 -12.26 -5.13
CA LEU A 92 5.88 -13.24 -5.83
C LEU A 92 5.91 -14.45 -4.93
N GLY A 93 4.73 -14.97 -4.62
CA GLY A 93 4.54 -16.13 -3.75
C GLY A 93 3.26 -16.08 -2.96
N ASP A 94 2.23 -15.59 -3.63
CA ASP A 94 0.93 -15.35 -3.03
C ASP A 94 -0.30 -15.26 -3.91
N GLY A 95 -0.18 -14.77 -5.13
CA GLY A 95 -1.30 -14.57 -6.08
C GLY A 95 -2.22 -15.75 -6.37
N TYR A 96 -1.78 -16.53 -7.34
CA TYR A 96 -2.35 -17.73 -7.92
C TYR A 96 -1.30 -18.82 -7.82
N GLY A 97 -0.84 -19.37 -8.95
CA GLY A 97 0.17 -20.42 -9.15
C GLY A 97 1.02 -20.62 -7.92
N GLY A 98 1.87 -19.63 -7.77
CA GLY A 98 2.83 -19.42 -6.73
C GLY A 98 3.34 -17.99 -6.85
N THR A 99 2.63 -17.06 -7.52
CA THR A 99 2.98 -15.64 -7.74
C THR A 99 1.71 -14.81 -7.91
N LEU A 100 1.83 -13.48 -7.90
CA LEU A 100 0.76 -12.52 -8.03
C LEU A 100 0.70 -11.75 -9.31
N LEU A 101 -0.44 -11.06 -9.49
CA LEU A 101 -0.67 -10.25 -10.70
C LEU A 101 -1.26 -8.87 -10.42
N LEU A 102 -0.86 -7.88 -11.22
CA LEU A 102 -1.26 -6.49 -11.20
C LEU A 102 -1.54 -5.98 -12.61
N LYS A 103 -2.52 -5.09 -12.78
CA LYS A 103 -2.87 -4.50 -14.07
C LYS A 103 -3.61 -3.18 -13.90
N THR A 104 -3.64 -2.35 -14.93
CA THR A 104 -4.30 -1.06 -14.91
C THR A 104 -5.75 -1.15 -15.42
N ASN A 105 -6.56 -0.15 -15.03
CA ASN A 105 -7.96 -0.04 -15.43
C ASN A 105 -8.03 0.36 -16.92
N ALA A 106 -9.22 0.57 -17.48
CA ALA A 106 -9.37 0.92 -18.89
C ALA A 106 -8.60 2.19 -19.28
N GLU A 107 -8.76 3.27 -18.52
CA GLU A 107 -8.09 4.55 -18.80
C GLU A 107 -6.62 4.49 -18.38
N GLY A 108 -6.30 3.77 -17.31
CA GLY A 108 -4.97 3.59 -16.74
C GLY A 108 -4.74 4.45 -15.49
N THR A 109 -5.70 5.31 -15.16
CA THR A 109 -5.70 6.21 -14.01
C THR A 109 -5.65 5.39 -12.72
N ARG A 110 -6.29 4.21 -12.75
CA ARG A 110 -6.34 3.29 -11.64
C ARG A 110 -5.54 2.04 -11.96
N THR A 111 -5.03 1.43 -10.89
CA THR A 111 -4.21 0.25 -10.87
C THR A 111 -4.96 -0.75 -9.95
N TYR A 112 -5.18 -1.97 -10.45
CA TYR A 112 -5.87 -3.07 -9.78
C TYR A 112 -4.97 -4.31 -9.78
N LEU A 113 -4.57 -4.75 -8.59
CA LEU A 113 -3.72 -5.91 -8.37
C LEU A 113 -4.48 -6.91 -7.52
N LYS A 114 -4.03 -8.16 -7.55
CA LYS A 114 -4.61 -9.24 -6.80
C LYS A 114 -3.46 -9.95 -6.10
N SER A 115 -3.52 -10.00 -4.78
CA SER A 115 -2.55 -10.65 -3.93
C SER A 115 -3.40 -11.64 -3.15
N PHE A 116 -3.11 -12.94 -3.33
CA PHE A 116 -3.79 -14.06 -2.73
C PHE A 116 -5.31 -13.93 -2.79
N GLU A 117 -5.91 -14.04 -3.99
CA GLU A 117 -7.35 -13.94 -4.18
C GLU A 117 -8.05 -15.27 -3.83
N ALA A 118 -9.34 -15.26 -3.50
CA ALA A 118 -10.09 -16.47 -3.19
C ALA A 118 -11.51 -16.44 -3.73
N ASP A 119 -12.46 -16.94 -2.97
CA ASP A 119 -13.87 -17.06 -3.25
C ASP A 119 -14.57 -16.10 -2.30
N ALA A 120 -15.56 -15.36 -2.77
CA ALA A 120 -16.32 -14.37 -2.00
C ALA A 120 -16.83 -14.85 -0.64
N GLU A 121 -17.08 -16.14 -0.49
CA GLU A 121 -17.59 -16.69 0.76
C GLU A 121 -16.49 -16.61 1.82
N GLY A 122 -15.24 -16.85 1.42
CA GLY A 122 -14.07 -16.79 2.27
C GLY A 122 -13.56 -15.36 2.29
N ARG A 123 -13.17 -14.86 1.12
CA ARG A 123 -12.61 -13.53 0.88
C ARG A 123 -12.27 -13.44 -0.61
N ARG A 124 -12.42 -12.27 -1.21
CA ARG A 124 -12.10 -12.03 -2.61
C ARG A 124 -11.38 -10.71 -2.67
N PHE A 125 -10.48 -10.54 -3.63
CA PHE A 125 -9.71 -9.35 -3.76
C PHE A 125 -10.45 -8.21 -4.45
N GLU A 126 -10.28 -6.99 -3.93
CA GLU A 126 -10.80 -5.75 -4.46
C GLU A 126 -10.04 -4.64 -3.77
N VAL A 127 -9.16 -3.93 -4.48
CA VAL A 127 -8.39 -2.82 -3.95
C VAL A 127 -8.27 -1.86 -5.12
N ALA A 128 -8.23 -0.56 -4.88
CA ALA A 128 -8.11 0.39 -5.98
C ALA A 128 -7.09 1.47 -5.65
N LEU A 129 -6.05 1.52 -6.48
CA LEU A 129 -4.94 2.46 -6.39
C LEU A 129 -5.21 3.50 -7.48
N ASP A 130 -5.36 4.78 -7.13
CA ASP A 130 -5.59 5.86 -8.09
C ASP A 130 -4.35 6.76 -8.19
N GLY A 131 -3.60 6.70 -9.28
CA GLY A 131 -2.39 7.49 -9.49
C GLY A 131 -1.70 7.09 -10.79
N ASP A 132 -0.91 8.00 -11.34
CA ASP A 132 -0.19 7.79 -12.60
C ASP A 132 1.02 6.85 -12.55
N HIS A 133 1.65 6.63 -11.39
CA HIS A 133 2.83 5.74 -11.31
C HIS A 133 2.61 4.29 -11.77
N THR A 134 1.39 3.88 -12.12
CA THR A 134 1.04 2.57 -12.64
C THR A 134 1.39 1.38 -11.73
N GLY A 135 1.59 1.64 -10.43
CA GLY A 135 1.93 0.60 -9.47
C GLY A 135 3.35 0.06 -9.68
N ASP A 136 4.25 0.82 -10.32
CA ASP A 136 5.62 0.39 -10.55
C ASP A 136 6.43 0.58 -9.27
N LEU A 137 7.36 -0.32 -8.97
CA LEU A 137 8.21 -0.25 -7.79
C LEU A 137 9.57 0.35 -8.16
N SER A 138 10.19 1.10 -7.25
CA SER A 138 11.49 1.72 -7.51
C SER A 138 12.51 0.95 -6.68
N ALA A 139 12.60 1.27 -5.38
CA ALA A 139 13.50 0.62 -4.45
C ALA A 139 12.76 0.45 -3.13
N ALA A 140 12.48 1.56 -2.44
CA ALA A 140 11.78 1.55 -1.17
C ALA A 140 10.26 1.52 -1.31
N ASN A 141 9.72 1.53 -2.54
CA ASN A 141 8.28 1.51 -2.77
C ASN A 141 7.58 0.28 -2.12
N VAL A 142 8.35 -0.74 -1.76
CA VAL A 142 7.89 -1.96 -1.15
C VAL A 142 8.68 -2.15 0.14
N VAL A 143 8.05 -2.73 1.16
CA VAL A 143 8.71 -3.03 2.43
C VAL A 143 9.87 -3.98 2.12
N PHE A 144 10.93 -3.92 2.93
CA PHE A 144 12.13 -4.73 2.80
C PHE A 144 11.82 -6.24 2.74
N ALA A 145 10.75 -6.65 3.42
CA ALA A 145 10.22 -8.00 3.53
C ALA A 145 11.29 -8.92 4.15
N ALA A 146 11.46 -8.77 5.46
CA ALA A 146 12.41 -9.52 6.27
C ALA A 146 12.30 -11.03 6.04
N THR A 147 13.30 -11.58 5.38
CA THR A 147 13.44 -12.99 5.06
C THR A 147 14.95 -13.24 5.07
N GLY A 148 15.38 -14.29 5.76
CA GLY A 148 16.78 -14.69 5.90
C GLY A 148 17.57 -13.58 6.59
N THR A 149 18.37 -12.84 5.84
CA THR A 149 19.22 -11.73 6.26
C THR A 149 19.30 -10.74 5.07
N THR A 150 19.88 -9.56 5.28
CA THR A 150 20.06 -8.57 4.22
C THR A 150 20.94 -9.18 3.12
N THR A 151 20.83 -8.63 1.92
CA THR A 151 21.57 -8.99 0.73
C THR A 151 21.57 -7.66 0.00
N GLU A 152 22.68 -6.94 0.02
CA GLU A 152 22.79 -5.64 -0.62
C GLU A 152 22.53 -5.83 -2.13
N LEU A 153 21.49 -5.18 -2.63
CA LEU A 153 21.10 -5.24 -4.04
C LEU A 153 21.92 -4.20 -4.79
N GLU A 154 23.20 -4.51 -5.04
CA GLU A 154 24.08 -3.61 -5.77
C GLU A 154 23.44 -3.39 -7.15
N VAL A 155 23.32 -2.13 -7.56
CA VAL A 155 22.72 -1.73 -8.82
C VAL A 155 23.48 -0.56 -9.44
N LEU A 156 23.07 -0.20 -10.66
CA LEU A 156 23.67 0.90 -11.38
C LEU A 156 23.15 2.21 -10.79
N GLY A 157 24.03 3.20 -10.66
CA GLY A 157 23.70 4.49 -10.13
C GLY A 157 23.84 4.44 -8.62
N ASP A 158 22.77 4.07 -7.93
CA ASP A 158 22.68 3.97 -6.48
C ASP A 158 21.47 3.11 -6.09
N SER A 159 21.45 2.61 -4.85
CA SER A 159 20.50 1.78 -4.09
C SER A 159 21.20 0.54 -3.53
N GLY A 160 20.58 -0.11 -2.54
CA GLY A 160 21.04 -1.31 -1.86
C GLY A 160 20.13 -1.55 -0.66
N THR A 161 20.51 -1.10 0.54
CA THR A 161 19.73 -1.26 1.77
C THR A 161 19.75 0.02 2.65
N GLN A 162 20.37 1.11 2.20
CA GLN A 162 20.45 2.37 2.94
C GLN A 162 20.12 3.55 2.02
N ALA A 163 18.89 3.58 1.51
CA ALA A 163 18.35 4.59 0.61
C ALA A 163 18.74 6.02 1.03
N GLY A 164 19.56 6.69 0.22
CA GLY A 164 20.05 8.04 0.43
C GLY A 164 21.47 8.13 -0.12
N ALA A 165 22.31 8.96 0.49
CA ALA A 165 23.70 9.15 0.10
C ALA A 165 24.53 7.91 0.46
N ILE A 166 25.80 7.90 0.06
CA ILE A 166 26.73 6.81 0.34
C ILE A 166 26.95 6.82 1.86
N VAL A 167 26.85 5.64 2.48
CA VAL A 167 27.01 5.46 3.92
C VAL A 167 28.47 5.68 4.30
N GLY A 1 -24.37 11.97 10.04
CA GLY A 1 -23.22 11.22 9.51
C GLY A 1 -22.02 11.39 10.41
N SER A 2 -21.82 10.48 11.35
CA SER A 2 -20.74 10.49 12.31
C SER A 2 -20.25 9.04 12.37
N ASP A 3 -19.21 8.74 11.60
CA ASP A 3 -18.59 7.44 11.49
C ASP A 3 -17.10 7.73 11.30
N GLY A 4 -16.25 7.30 12.22
CA GLY A 4 -14.80 7.55 12.16
C GLY A 4 -14.51 9.04 12.36
N GLU A 5 -13.25 9.45 12.27
CA GLU A 5 -12.85 10.85 12.45
C GLU A 5 -11.68 11.21 11.52
N PRO A 6 -11.66 12.43 10.91
CA PRO A 6 -10.54 12.84 10.06
C PRO A 6 -9.31 13.02 10.96
N LEU A 7 -8.16 12.45 10.60
CA LEU A 7 -6.94 12.54 11.38
C LEU A 7 -5.88 13.16 10.49
N VAL A 8 -5.61 14.45 10.68
CA VAL A 8 -4.62 15.19 9.93
C VAL A 8 -3.33 15.06 10.74
N GLY A 9 -2.28 14.67 10.05
CA GLY A 9 -0.94 14.46 10.53
C GLY A 9 -0.28 15.72 11.05
N GLY A 10 1.04 15.63 11.26
CA GLY A 10 1.88 16.70 11.76
C GLY A 10 2.85 17.27 10.73
N ASP A 11 2.83 16.83 9.46
CA ASP A 11 3.74 17.33 8.40
C ASP A 11 5.19 16.92 8.69
N THR A 12 5.33 15.83 9.45
CA THR A 12 6.58 15.20 9.87
C THR A 12 6.42 13.69 9.89
N ASP A 13 7.59 13.07 9.86
CA ASP A 13 7.80 11.63 9.86
C ASP A 13 7.36 11.03 11.19
N ASP A 14 6.48 10.04 11.08
CA ASP A 14 5.90 9.24 12.16
C ASP A 14 5.09 8.16 11.45
N GLN A 15 4.43 7.34 12.25
CA GLN A 15 3.60 6.23 11.84
C GLN A 15 2.17 6.53 12.28
N LEU A 16 1.25 6.60 11.32
CA LEU A 16 -0.16 6.88 11.46
C LEU A 16 -0.89 5.55 11.28
N GLN A 17 -1.94 5.35 12.04
CA GLN A 17 -2.76 4.13 12.08
C GLN A 17 -4.25 4.43 12.00
N GLY A 18 -5.09 3.41 11.76
CA GLY A 18 -6.53 3.55 11.66
C GLY A 18 -7.29 2.50 12.48
N GLY A 19 -6.65 1.38 12.83
CA GLY A 19 -7.27 0.31 13.62
C GLY A 19 -8.32 -0.43 12.80
N SER A 20 -9.58 0.00 12.84
CA SER A 20 -10.69 -0.59 12.10
C SER A 20 -11.83 0.43 11.93
N GLY A 21 -12.89 0.04 11.22
CA GLY A 21 -14.03 0.86 10.93
C GLY A 21 -13.71 1.59 9.64
N ALA A 22 -14.30 2.76 9.43
CA ALA A 22 -13.99 3.57 8.27
C ALA A 22 -13.51 4.87 8.89
N ASP A 23 -12.21 4.96 9.07
CA ASP A 23 -11.48 6.10 9.64
C ASP A 23 -10.80 6.77 8.43
N ARG A 24 -10.26 7.98 8.59
CA ARG A 24 -9.62 8.65 7.46
C ARG A 24 -8.43 9.44 7.95
N LEU A 25 -7.24 8.99 7.57
CA LEU A 25 -5.99 9.65 7.94
C LEU A 25 -5.44 10.35 6.72
N ASP A 26 -4.72 11.44 6.97
CA ASP A 26 -4.06 12.27 5.96
C ASP A 26 -2.80 12.79 6.61
N GLY A 27 -1.63 12.42 6.10
CA GLY A 27 -0.35 12.84 6.66
C GLY A 27 -0.09 14.30 6.36
N GLY A 28 -0.05 14.65 5.07
CA GLY A 28 0.21 16.01 4.62
C GLY A 28 1.37 16.06 3.64
N ALA A 29 2.61 15.94 4.14
CA ALA A 29 3.82 15.99 3.34
C ALA A 29 4.99 15.38 4.10
N GLY A 30 5.68 14.39 3.53
CA GLY A 30 6.82 13.76 4.18
C GLY A 30 7.08 12.34 3.72
N ASP A 31 7.94 11.62 4.45
CA ASP A 31 8.36 10.24 4.29
C ASP A 31 7.73 9.54 5.50
N ASP A 32 6.42 9.69 5.57
CA ASP A 32 5.53 9.21 6.61
C ASP A 32 4.98 7.83 6.25
N ILE A 33 4.41 7.11 7.20
CA ILE A 33 3.80 5.80 6.96
C ILE A 33 2.37 5.89 7.47
N LEU A 34 1.41 5.55 6.63
CA LEU A 34 -0.03 5.63 6.91
C LEU A 34 -0.71 4.27 6.70
N ASP A 35 -1.28 3.71 7.76
CA ASP A 35 -2.00 2.45 7.75
C ASP A 35 -3.45 2.82 8.03
N GLY A 36 -4.38 2.56 7.10
CA GLY A 36 -5.79 2.87 7.25
C GLY A 36 -6.55 1.92 8.17
N GLY A 37 -5.93 0.81 8.57
CA GLY A 37 -6.54 -0.18 9.46
C GLY A 37 -7.34 -1.23 8.69
N ALA A 38 -8.14 -2.01 9.41
CA ALA A 38 -8.99 -3.08 8.91
C ALA A 38 -10.40 -2.56 8.65
N GLY A 39 -10.77 -2.43 7.38
CA GLY A 39 -12.05 -1.95 6.97
C GLY A 39 -11.95 -1.39 5.57
N ARG A 40 -12.91 -0.52 5.22
CA ARG A 40 -12.98 0.17 3.95
C ARG A 40 -12.72 1.62 4.34
N ASP A 41 -11.48 2.05 4.20
CA ASP A 41 -10.94 3.36 4.54
C ASP A 41 -10.47 4.15 3.33
N ARG A 42 -10.31 5.45 3.51
CA ARG A 42 -9.85 6.37 2.49
C ARG A 42 -8.57 7.03 2.98
N LEU A 43 -7.43 6.56 2.49
CA LEU A 43 -6.11 7.04 2.84
C LEU A 43 -5.55 7.95 1.74
N SER A 44 -4.82 9.00 2.11
CA SER A 44 -4.18 9.95 1.21
C SER A 44 -2.96 10.42 2.00
N GLY A 45 -1.77 10.10 1.53
CA GLY A 45 -0.57 10.53 2.22
C GLY A 45 -0.41 12.01 1.94
N GLY A 46 -0.22 12.31 0.66
CA GLY A 46 -0.01 13.64 0.14
C GLY A 46 1.17 13.59 -0.81
N ALA A 47 1.75 14.76 -1.03
CA ALA A 47 2.91 14.90 -1.91
C ALA A 47 4.14 14.62 -1.04
N GLY A 48 4.72 13.44 -1.20
CA GLY A 48 5.90 12.96 -0.50
C GLY A 48 6.10 11.48 -0.85
N ALA A 49 7.18 10.88 -0.35
CA ALA A 49 7.51 9.48 -0.59
C ALA A 49 7.09 8.72 0.65
N ASP A 50 5.78 8.64 0.88
CA ASP A 50 5.18 7.99 2.04
C ASP A 50 4.86 6.54 1.77
N THR A 51 4.58 5.76 2.82
CA THR A 51 4.29 4.33 2.71
C THR A 51 2.87 4.03 3.18
N PHE A 52 2.10 3.27 2.40
CA PHE A 52 0.73 2.88 2.71
C PHE A 52 0.71 1.40 3.06
N VAL A 53 0.16 1.02 4.22
CA VAL A 53 0.10 -0.38 4.64
C VAL A 53 -1.09 -1.03 3.94
N PHE A 54 -0.82 -2.02 3.06
CA PHE A 54 -1.86 -2.72 2.32
C PHE A 54 -2.39 -3.95 3.02
N SER A 55 -3.58 -3.86 3.58
CA SER A 55 -4.25 -4.96 4.24
C SER A 55 -3.63 -5.47 5.52
N ALA A 56 -3.70 -4.66 6.57
CA ALA A 56 -3.04 -5.02 7.81
C ALA A 56 -3.58 -6.14 8.66
N ARG A 57 -4.81 -6.53 8.39
CA ARG A 57 -5.49 -7.59 9.12
C ARG A 57 -6.76 -7.99 8.41
N GLU A 58 -7.76 -7.10 8.43
CA GLU A 58 -9.04 -7.37 7.78
C GLU A 58 -9.21 -6.59 6.49
N ASP A 59 -8.34 -5.60 6.17
CA ASP A 59 -8.46 -4.81 4.93
C ASP A 59 -7.98 -5.60 3.70
N SER A 60 -7.93 -6.92 3.83
CA SER A 60 -7.49 -7.89 2.83
C SER A 60 -8.46 -8.23 1.71
N TYR A 61 -9.75 -8.39 1.97
CA TYR A 61 -10.67 -8.79 0.92
C TYR A 61 -12.10 -8.49 1.34
N ARG A 62 -13.04 -8.86 0.47
CA ARG A 62 -14.46 -8.65 0.70
C ARG A 62 -15.12 -10.01 0.84
N THR A 63 -16.16 -10.03 1.67
CA THR A 63 -16.95 -11.22 1.99
C THR A 63 -18.43 -10.86 2.07
N ASP A 64 -19.25 -11.87 2.36
CA ASP A 64 -20.70 -11.91 2.53
C ASP A 64 -21.13 -10.80 3.45
N THR A 65 -21.56 -9.72 2.81
CA THR A 65 -22.04 -8.46 3.37
C THR A 65 -20.97 -7.74 4.22
N ALA A 66 -19.70 -8.17 4.17
CA ALA A 66 -18.59 -7.63 4.92
C ALA A 66 -17.46 -7.35 3.93
N VAL A 67 -17.53 -6.21 3.26
CA VAL A 67 -16.54 -5.75 2.30
C VAL A 67 -15.57 -4.86 3.06
N PHE A 68 -14.28 -4.96 2.78
CA PHE A 68 -13.21 -4.16 3.41
C PHE A 68 -12.32 -3.66 2.26
N ASN A 69 -12.97 -2.93 1.35
CA ASN A 69 -12.49 -2.31 0.13
C ASN A 69 -11.89 -0.92 0.30
N ASP A 70 -10.56 -0.82 0.13
CA ASP A 70 -9.75 0.40 0.23
C ASP A 70 -9.94 1.32 -0.97
N LEU A 71 -9.68 2.62 -0.75
CA LEU A 71 -9.73 3.63 -1.77
C LEU A 71 -8.62 4.64 -1.48
N ILE A 72 -7.52 4.59 -2.23
CA ILE A 72 -6.42 5.54 -2.00
C ILE A 72 -6.76 6.80 -2.79
N LEU A 73 -6.55 7.96 -2.16
CA LEU A 73 -6.76 9.27 -2.74
C LEU A 73 -5.38 9.86 -3.00
N ASP A 74 -5.22 10.45 -4.16
CA ASP A 74 -4.01 11.12 -4.67
C ASP A 74 -2.73 10.25 -4.58
N PHE A 75 -2.73 9.11 -5.28
CA PHE A 75 -1.59 8.18 -5.33
C PHE A 75 -0.58 8.70 -6.37
N GLU A 76 0.72 8.63 -6.07
CA GLU A 76 1.82 9.07 -6.91
C GLU A 76 2.99 8.08 -6.84
N ALA A 77 3.01 7.14 -7.79
CA ALA A 77 4.03 6.09 -7.92
C ALA A 77 5.47 6.63 -7.97
N SER A 78 5.66 7.90 -8.36
CA SER A 78 6.97 8.52 -8.43
C SER A 78 7.62 8.62 -7.04
N GLU A 79 6.83 8.70 -5.96
CA GLU A 79 7.32 8.83 -4.60
C GLU A 79 6.70 7.86 -3.61
N ASP A 80 5.37 7.80 -3.53
CA ASP A 80 4.71 6.92 -2.57
C ASP A 80 4.97 5.44 -2.84
N ARG A 81 4.81 4.65 -1.78
CA ARG A 81 5.01 3.21 -1.81
C ARG A 81 3.89 2.50 -1.07
N ILE A 82 3.68 1.23 -1.42
CA ILE A 82 2.65 0.38 -0.84
C ILE A 82 3.36 -0.82 -0.21
N ASP A 83 3.21 -0.99 1.10
CA ASP A 83 3.83 -2.05 1.87
C ASP A 83 3.04 -3.35 1.75
N LEU A 84 3.70 -4.36 1.16
CA LEU A 84 3.15 -5.69 0.91
C LEU A 84 3.46 -6.69 2.04
N SER A 85 4.08 -6.23 3.13
CA SER A 85 4.37 -7.08 4.26
C SER A 85 3.14 -7.36 5.13
N ALA A 86 2.06 -6.57 4.96
CA ALA A 86 0.83 -6.75 5.72
C ALA A 86 0.18 -8.08 5.41
N LEU A 87 0.40 -8.59 4.20
CA LEU A 87 -0.13 -9.90 3.84
C LEU A 87 0.97 -10.91 4.00
N GLY A 88 1.89 -10.90 3.05
CA GLY A 88 3.04 -11.79 3.02
C GLY A 88 3.13 -12.42 1.64
N PHE A 89 4.14 -11.99 0.88
CA PHE A 89 4.44 -12.45 -0.46
C PHE A 89 5.86 -12.99 -0.52
N SER A 90 6.23 -13.53 -1.67
CA SER A 90 7.57 -14.04 -1.89
C SER A 90 7.99 -13.72 -3.32
N GLY A 91 7.06 -13.71 -4.28
CA GLY A 91 7.30 -13.40 -5.68
C GLY A 91 5.97 -13.01 -6.31
N LEU A 92 5.96 -12.01 -7.18
CA LEU A 92 4.75 -11.54 -7.87
C LEU A 92 4.26 -12.55 -8.90
N GLY A 93 3.06 -12.32 -9.44
CA GLY A 93 2.48 -13.21 -10.42
C GLY A 93 1.04 -12.87 -10.80
N ASP A 94 0.04 -13.54 -10.19
CA ASP A 94 -1.39 -13.34 -10.51
C ASP A 94 -2.32 -13.02 -9.33
N GLY A 95 -1.84 -12.98 -8.09
CA GLY A 95 -2.70 -12.70 -6.94
C GLY A 95 -3.28 -13.96 -6.34
N TYR A 96 -2.53 -15.06 -6.30
CA TYR A 96 -3.00 -16.33 -5.75
C TYR A 96 -2.06 -16.79 -4.65
N GLY A 97 -1.33 -17.86 -4.92
CA GLY A 97 -0.37 -18.55 -4.09
C GLY A 97 0.88 -17.75 -3.80
N GLY A 98 0.71 -16.66 -3.06
CA GLY A 98 1.78 -15.75 -2.64
C GLY A 98 2.18 -14.75 -3.72
N THR A 99 1.39 -14.64 -4.79
CA THR A 99 1.62 -13.75 -5.91
C THR A 99 0.72 -12.50 -5.85
N LEU A 100 0.97 -11.50 -6.70
CA LEU A 100 0.25 -10.22 -6.82
C LEU A 100 0.24 -9.82 -8.29
N LEU A 101 -0.83 -9.18 -8.75
CA LEU A 101 -1.04 -8.65 -10.11
C LEU A 101 -1.84 -7.35 -10.10
N LEU A 102 -1.57 -6.44 -11.03
CA LEU A 102 -2.28 -5.15 -11.19
C LEU A 102 -3.06 -5.17 -12.49
N LYS A 103 -4.14 -4.39 -12.51
CA LYS A 103 -5.05 -4.20 -13.64
C LYS A 103 -5.62 -2.78 -13.55
N THR A 104 -6.33 -2.38 -14.59
CA THR A 104 -6.98 -1.09 -14.71
C THR A 104 -8.46 -1.33 -14.97
N ASN A 105 -9.27 -0.29 -14.81
CA ASN A 105 -10.70 -0.37 -15.05
C ASN A 105 -10.95 -0.54 -16.57
N ALA A 106 -12.19 -0.87 -16.96
CA ALA A 106 -12.68 -1.06 -18.32
C ALA A 106 -11.99 -0.10 -19.28
N GLU A 107 -12.20 1.20 -19.05
CA GLU A 107 -11.62 2.26 -19.85
C GLU A 107 -10.13 2.40 -19.49
N GLY A 108 -9.80 2.53 -18.19
CA GLY A 108 -8.44 2.69 -17.67
C GLY A 108 -8.27 3.91 -16.78
N THR A 109 -9.32 4.71 -16.60
CA THR A 109 -9.36 5.94 -15.81
C THR A 109 -9.12 5.68 -14.32
N ARG A 110 -9.37 4.44 -13.89
CA ARG A 110 -9.17 4.00 -12.50
C ARG A 110 -8.30 2.74 -12.53
N THR A 111 -7.69 2.41 -11.41
CA THR A 111 -6.78 1.27 -11.27
C THR A 111 -7.30 0.30 -10.19
N TYR A 112 -7.16 -1.01 -10.42
CA TYR A 112 -7.60 -2.13 -9.55
C TYR A 112 -6.57 -3.28 -9.55
N LEU A 113 -5.96 -3.63 -8.41
CA LEU A 113 -4.99 -4.73 -8.32
C LEU A 113 -5.64 -5.89 -7.58
N LYS A 114 -5.03 -7.06 -7.68
CA LYS A 114 -5.47 -8.30 -7.07
C LYS A 114 -4.24 -8.92 -6.44
N SER A 115 -4.31 -9.15 -5.14
CA SER A 115 -3.24 -9.75 -4.38
C SER A 115 -3.85 -10.97 -3.71
N PHE A 116 -2.98 -11.88 -3.27
CA PHE A 116 -3.20 -13.15 -2.60
C PHE A 116 -4.68 -13.43 -2.29
N GLU A 117 -5.51 -13.75 -3.29
CA GLU A 117 -6.95 -13.97 -3.16
C GLU A 117 -7.41 -15.42 -3.32
N ALA A 118 -8.73 -15.63 -3.38
CA ALA A 118 -9.40 -16.91 -3.51
C ALA A 118 -10.45 -16.90 -4.62
N ASP A 119 -11.73 -16.93 -4.25
CA ASP A 119 -12.90 -16.95 -5.15
C ASP A 119 -13.82 -15.76 -4.92
N ALA A 120 -14.61 -15.36 -5.92
CA ALA A 120 -15.52 -14.21 -5.82
C ALA A 120 -16.57 -14.38 -4.72
N GLU A 121 -17.02 -15.60 -4.47
CA GLU A 121 -18.01 -15.87 -3.45
C GLU A 121 -17.31 -16.24 -2.14
N GLY A 122 -16.10 -16.80 -2.20
CA GLY A 122 -15.35 -17.20 -1.02
C GLY A 122 -14.71 -16.01 -0.31
N ARG A 123 -14.00 -15.16 -1.06
CA ARG A 123 -13.27 -13.95 -0.64
C ARG A 123 -12.27 -13.55 -1.72
N ARG A 124 -12.40 -12.36 -2.31
CA ARG A 124 -11.50 -11.86 -3.31
C ARG A 124 -11.13 -10.42 -2.95
N PHE A 125 -10.00 -9.91 -3.44
CA PHE A 125 -9.49 -8.59 -3.20
C PHE A 125 -10.14 -7.62 -4.17
N GLU A 126 -11.03 -6.76 -3.68
CA GLU A 126 -11.70 -5.75 -4.49
C GLU A 126 -11.33 -4.43 -3.85
N VAL A 127 -10.51 -3.66 -4.54
CA VAL A 127 -9.99 -2.37 -4.08
C VAL A 127 -9.86 -1.42 -5.27
N ALA A 128 -9.86 -0.10 -5.03
CA ALA A 128 -9.72 0.89 -6.08
C ALA A 128 -8.61 1.87 -5.73
N LEU A 129 -7.94 2.40 -6.74
CA LEU A 129 -6.84 3.35 -6.63
C LEU A 129 -7.17 4.56 -7.49
N ASP A 130 -6.99 5.78 -6.96
CA ASP A 130 -7.26 7.02 -7.70
C ASP A 130 -5.91 7.65 -8.06
N GLY A 131 -5.52 7.59 -9.35
CA GLY A 131 -4.27 8.11 -9.88
C GLY A 131 -4.16 7.93 -11.41
N ASP A 132 -3.00 8.20 -12.00
CA ASP A 132 -2.71 8.07 -13.44
C ASP A 132 -1.38 7.36 -13.74
N HIS A 133 -0.39 7.38 -12.83
CA HIS A 133 0.90 6.71 -13.02
C HIS A 133 0.75 5.24 -12.65
N THR A 134 -0.18 4.57 -13.33
CA THR A 134 -0.57 3.18 -13.19
C THR A 134 0.37 2.25 -13.94
N GLY A 135 0.58 1.05 -13.38
CA GLY A 135 1.39 -0.01 -13.95
C GLY A 135 2.83 -0.13 -13.49
N ASP A 136 3.47 0.93 -12.97
CA ASP A 136 4.87 0.81 -12.53
C ASP A 136 4.98 0.51 -11.05
N LEU A 137 5.33 -0.74 -10.73
CA LEU A 137 5.55 -1.24 -9.39
C LEU A 137 6.94 -1.81 -9.52
N SER A 138 7.85 -1.34 -8.68
CA SER A 138 9.22 -1.75 -8.64
C SER A 138 9.61 -1.80 -7.18
N ALA A 139 10.89 -2.08 -6.96
CA ALA A 139 11.56 -2.21 -5.67
C ALA A 139 11.35 -1.03 -4.72
N ALA A 140 10.97 0.14 -5.22
CA ALA A 140 10.72 1.32 -4.42
C ALA A 140 9.24 1.36 -4.04
N ASN A 141 8.33 1.37 -5.03
CA ASN A 141 6.87 1.42 -4.86
C ASN A 141 6.31 0.20 -4.08
N VAL A 142 7.09 -0.85 -3.88
CA VAL A 142 6.70 -2.05 -3.14
C VAL A 142 7.71 -2.21 -2.00
N VAL A 143 7.27 -2.66 -0.83
CA VAL A 143 8.10 -2.87 0.35
C VAL A 143 8.09 -4.37 0.66
N PHE A 144 9.25 -4.90 1.07
CA PHE A 144 9.44 -6.30 1.44
C PHE A 144 9.04 -6.48 2.90
N ALA A 145 9.55 -5.60 3.76
CA ALA A 145 9.32 -5.54 5.18
C ALA A 145 9.87 -4.21 5.66
N ALA A 146 8.98 -3.34 6.14
CA ALA A 146 9.29 -2.03 6.67
C ALA A 146 10.31 -2.27 7.79
N THR A 147 11.55 -1.84 7.57
CA THR A 147 12.66 -2.00 8.49
C THR A 147 13.59 -0.78 8.40
N GLY A 148 14.60 -0.71 9.28
CA GLY A 148 15.58 0.37 9.31
C GLY A 148 16.96 -0.11 8.86
N THR A 149 17.07 -1.34 8.37
CA THR A 149 18.32 -1.94 7.91
C THR A 149 18.76 -1.32 6.56
N THR A 150 20.01 -1.60 6.16
CA THR A 150 20.64 -1.17 4.92
C THR A 150 20.01 -1.92 3.74
N THR A 151 20.00 -1.32 2.56
CA THR A 151 19.44 -1.94 1.36
C THR A 151 20.55 -2.63 0.57
N GLU A 152 20.15 -3.51 -0.34
CA GLU A 152 21.02 -4.29 -1.21
C GLU A 152 20.70 -4.05 -2.69
N LEU A 153 21.34 -4.86 -3.55
CA LEU A 153 21.33 -4.93 -5.01
C LEU A 153 21.94 -3.68 -5.62
N GLU A 154 22.17 -2.68 -4.78
CA GLU A 154 22.74 -1.41 -5.15
C GLU A 154 24.26 -1.60 -5.11
N VAL A 155 24.79 -2.18 -6.20
CA VAL A 155 26.21 -2.50 -6.38
C VAL A 155 26.75 -1.99 -7.73
N LEU A 156 26.07 -0.98 -8.23
CA LEU A 156 26.35 -0.30 -9.49
C LEU A 156 26.53 1.20 -9.25
N GLY A 157 27.56 1.54 -8.48
CA GLY A 157 27.89 2.91 -8.14
C GLY A 157 28.87 2.94 -6.98
N ASP A 158 29.22 4.17 -6.58
CA ASP A 158 30.12 4.50 -5.48
C ASP A 158 29.30 4.98 -4.29
N SER A 159 29.95 5.11 -3.12
CA SER A 159 29.36 5.55 -1.85
C SER A 159 27.97 4.95 -1.56
N GLY A 160 27.77 3.67 -1.87
CA GLY A 160 26.52 2.96 -1.65
C GLY A 160 26.57 2.22 -0.32
N THR A 161 25.62 1.31 -0.10
CA THR A 161 25.56 0.52 1.12
C THR A 161 26.74 -0.46 1.20
N GLN A 162 27.36 -0.80 0.06
CA GLN A 162 28.49 -1.70 -0.09
C GLN A 162 29.70 -1.21 0.72
N ALA A 163 29.91 -1.78 1.90
CA ALA A 163 30.99 -1.46 2.82
C ALA A 163 31.18 -2.68 3.72
N GLY A 164 32.35 -3.31 3.72
CA GLY A 164 32.62 -4.48 4.55
C GLY A 164 32.96 -4.06 5.98
N ALA A 165 34.25 -3.93 6.26
CA ALA A 165 34.82 -3.53 7.54
C ALA A 165 36.25 -3.08 7.26
N ILE A 166 36.84 -2.31 8.19
CA ILE A 166 38.22 -1.76 8.14
C ILE A 166 38.62 -0.99 6.86
N VAL A 167 37.65 -0.65 6.00
CA VAL A 167 37.78 0.07 4.73
C VAL A 167 38.79 -0.63 3.82
N GLY A 1 -27.27 8.44 8.05
CA GLY A 1 -26.68 7.14 8.41
C GLY A 1 -25.21 7.06 8.08
N SER A 2 -24.40 6.55 8.99
CA SER A 2 -22.95 6.37 8.87
C SER A 2 -22.54 5.27 9.86
N ASP A 3 -21.34 4.71 9.69
CA ASP A 3 -20.75 3.67 10.52
C ASP A 3 -19.40 4.11 11.08
N GLY A 4 -18.77 5.14 10.52
CA GLY A 4 -17.49 5.67 10.95
C GLY A 4 -17.53 7.20 10.96
N GLU A 5 -16.55 7.87 11.55
CA GLU A 5 -16.45 9.33 11.61
C GLU A 5 -15.09 9.79 11.03
N PRO A 6 -14.97 11.05 10.60
CA PRO A 6 -13.75 11.60 10.02
C PRO A 6 -12.74 12.08 11.08
N LEU A 7 -11.47 11.80 10.85
CA LEU A 7 -10.30 12.13 11.63
C LEU A 7 -9.40 12.86 10.65
N VAL A 8 -8.92 14.02 11.03
CA VAL A 8 -8.07 14.86 10.21
C VAL A 8 -6.89 15.38 11.03
N GLY A 9 -5.67 15.16 10.55
CA GLY A 9 -4.42 15.60 11.16
C GLY A 9 -4.34 17.11 10.97
N GLY A 10 -4.21 17.55 9.72
CA GLY A 10 -4.13 18.95 9.33
C GLY A 10 -2.84 19.21 8.56
N ASP A 11 -1.78 19.53 9.28
CA ASP A 11 -0.45 19.80 8.75
C ASP A 11 0.45 19.95 9.96
N THR A 12 0.94 18.81 10.43
CA THR A 12 1.83 18.60 11.56
C THR A 12 2.38 17.17 11.50
N ASP A 13 3.71 17.00 11.51
CA ASP A 13 4.35 15.69 11.44
C ASP A 13 4.03 14.83 12.64
N ASP A 14 3.44 13.67 12.37
CA ASP A 14 3.05 12.68 13.37
C ASP A 14 2.70 11.38 12.65
N GLN A 15 2.16 10.41 13.40
CA GLN A 15 1.76 9.11 12.88
C GLN A 15 0.29 8.92 13.24
N LEU A 16 -0.59 9.01 12.24
CA LEU A 16 -2.03 8.87 12.36
C LEU A 16 -2.32 7.38 12.38
N GLN A 17 -2.74 6.85 13.53
CA GLN A 17 -3.05 5.43 13.70
C GLN A 17 -4.52 5.23 13.97
N GLY A 18 -4.96 3.98 13.86
CA GLY A 18 -6.34 3.59 14.12
C GLY A 18 -7.27 3.85 12.96
N GLY A 19 -7.39 2.84 12.08
CA GLY A 19 -8.26 2.84 10.91
C GLY A 19 -9.17 1.60 10.91
N SER A 20 -9.02 0.72 11.92
CA SER A 20 -9.78 -0.51 12.12
C SER A 20 -11.29 -0.28 11.99
N GLY A 21 -12.01 -1.30 11.53
CA GLY A 21 -13.45 -1.24 11.36
C GLY A 21 -13.82 -0.22 10.29
N ALA A 22 -14.57 0.83 10.65
CA ALA A 22 -14.96 1.91 9.75
C ALA A 22 -14.43 3.20 10.36
N ASP A 23 -13.30 3.70 9.87
CA ASP A 23 -12.65 4.93 10.30
C ASP A 23 -12.28 5.68 9.02
N ARG A 24 -11.92 6.96 9.11
CA ARG A 24 -11.55 7.78 7.96
C ARG A 24 -10.49 8.71 8.51
N LEU A 25 -9.22 8.49 8.20
CA LEU A 25 -8.13 9.32 8.69
C LEU A 25 -7.46 10.04 7.51
N ASP A 26 -7.31 11.36 7.65
CA ASP A 26 -6.73 12.23 6.64
C ASP A 26 -5.45 12.83 7.20
N GLY A 27 -4.32 12.53 6.55
CA GLY A 27 -3.00 13.03 6.92
C GLY A 27 -3.05 14.56 6.93
N GLY A 28 -3.26 15.14 5.76
CA GLY A 28 -3.36 16.57 5.58
C GLY A 28 -2.40 17.10 4.51
N ALA A 29 -1.22 17.56 4.92
CA ALA A 29 -0.17 18.11 4.06
C ALA A 29 1.16 18.05 4.81
N GLY A 30 2.24 17.62 4.15
CA GLY A 30 3.56 17.49 4.74
C GLY A 30 4.17 16.16 4.34
N ASP A 31 4.93 15.64 5.27
CA ASP A 31 5.65 14.39 5.30
C ASP A 31 5.22 13.75 6.62
N ASP A 32 3.93 13.42 6.67
CA ASP A 32 3.22 12.79 7.79
C ASP A 32 2.98 11.35 7.34
N ILE A 33 2.63 10.46 8.27
CA ILE A 33 2.41 9.05 7.95
C ILE A 33 1.11 8.57 8.59
N LEU A 34 0.29 7.80 7.86
CA LEU A 34 -1.01 7.29 8.32
C LEU A 34 -1.16 5.79 8.05
N ASP A 35 -2.06 5.13 8.80
CA ASP A 35 -2.36 3.70 8.73
C ASP A 35 -3.87 3.48 8.76
N GLY A 36 -4.42 3.01 7.63
CA GLY A 36 -5.84 2.72 7.43
C GLY A 36 -6.36 1.52 8.20
N GLY A 37 -5.52 0.80 8.96
CA GLY A 37 -5.97 -0.34 9.74
C GLY A 37 -6.44 -1.48 8.84
N ALA A 38 -7.35 -2.29 9.38
CA ALA A 38 -7.97 -3.44 8.74
C ALA A 38 -9.48 -3.18 8.71
N GLY A 39 -10.05 -2.91 7.53
CA GLY A 39 -11.46 -2.65 7.35
C GLY A 39 -11.69 -1.65 6.23
N ARG A 40 -12.96 -1.44 5.83
CA ARG A 40 -13.25 -0.49 4.78
C ARG A 40 -13.21 0.90 5.38
N ASP A 41 -12.06 1.54 5.18
CA ASP A 41 -11.70 2.87 5.60
C ASP A 41 -11.60 3.70 4.32
N ARG A 42 -11.63 5.01 4.47
CA ARG A 42 -11.50 5.90 3.35
C ARG A 42 -10.30 6.76 3.72
N LEU A 43 -9.15 6.42 3.16
CA LEU A 43 -7.91 7.11 3.42
C LEU A 43 -7.72 8.22 2.41
N SER A 44 -7.24 9.38 2.87
CA SER A 44 -6.96 10.54 2.04
C SER A 44 -5.74 11.18 2.66
N GLY A 45 -4.54 10.76 2.24
CA GLY A 45 -3.28 11.32 2.76
C GLY A 45 -3.33 12.81 2.49
N GLY A 46 -3.58 13.15 1.23
CA GLY A 46 -3.69 14.49 0.73
C GLY A 46 -2.57 14.68 -0.29
N ALA A 47 -2.42 15.90 -0.80
CA ALA A 47 -1.34 16.15 -1.74
C ALA A 47 -0.14 16.33 -0.81
N GLY A 48 0.71 15.32 -0.71
CA GLY A 48 1.88 15.33 0.15
C GLY A 48 2.71 14.09 -0.10
N ALA A 49 3.83 13.97 0.61
CA ALA A 49 4.74 12.85 0.52
C ALA A 49 4.45 11.94 1.71
N ASP A 50 3.20 11.51 1.79
CA ASP A 50 2.69 10.68 2.87
C ASP A 50 3.15 9.23 2.67
N THR A 51 3.04 8.42 3.72
CA THR A 51 3.39 7.00 3.69
C THR A 51 2.22 6.24 4.30
N PHE A 52 1.53 5.42 3.51
CA PHE A 52 0.38 4.62 3.93
C PHE A 52 0.84 3.26 4.47
N VAL A 53 0.73 3.00 5.76
CA VAL A 53 1.12 1.72 6.34
C VAL A 53 -0.06 0.78 6.15
N PHE A 54 0.19 -0.39 5.57
CA PHE A 54 -0.86 -1.38 5.40
C PHE A 54 -0.74 -2.34 6.58
N SER A 55 -1.89 -2.84 7.02
CA SER A 55 -1.93 -3.72 8.17
C SER A 55 -1.46 -5.16 7.97
N ALA A 56 -2.17 -5.97 7.19
CA ALA A 56 -1.82 -7.36 6.95
C ALA A 56 -2.54 -7.82 5.70
N ARG A 57 -2.36 -9.09 5.32
CA ARG A 57 -3.02 -9.65 4.15
C ARG A 57 -4.54 -9.44 4.23
N GLU A 58 -5.12 -9.47 5.44
CA GLU A 58 -6.55 -9.27 5.63
C GLU A 58 -7.00 -7.91 5.07
N ASP A 59 -6.18 -6.86 5.22
CA ASP A 59 -6.51 -5.54 4.70
C ASP A 59 -5.98 -5.47 3.27
N SER A 60 -6.50 -6.35 2.41
CA SER A 60 -6.09 -6.43 1.02
C SER A 60 -7.07 -7.21 0.15
N TYR A 61 -8.20 -7.60 0.70
CA TYR A 61 -9.24 -8.36 0.03
C TYR A 61 -10.49 -8.27 0.89
N ARG A 62 -11.52 -8.95 0.43
CA ARG A 62 -12.80 -9.04 1.08
C ARG A 62 -12.97 -10.50 1.45
N THR A 63 -13.68 -10.79 2.51
CA THR A 63 -13.91 -12.17 2.93
C THR A 63 -15.41 -12.34 2.99
N ASP A 64 -15.90 -13.57 3.03
CA ASP A 64 -17.35 -13.79 3.11
C ASP A 64 -17.84 -13.29 4.47
N THR A 65 -17.00 -13.38 5.52
CA THR A 65 -17.35 -12.93 6.85
C THR A 65 -17.52 -11.41 6.82
N ALA A 66 -16.62 -10.66 6.17
CA ALA A 66 -16.72 -9.21 6.08
C ALA A 66 -15.84 -8.65 4.96
N VAL A 67 -16.29 -7.54 4.38
CA VAL A 67 -15.59 -6.82 3.33
C VAL A 67 -14.69 -5.80 4.02
N PHE A 68 -13.50 -5.58 3.47
CA PHE A 68 -12.50 -4.62 3.96
C PHE A 68 -12.04 -3.83 2.73
N ASN A 69 -13.00 -3.45 1.87
CA ASN A 69 -12.74 -2.72 0.66
C ASN A 69 -12.14 -1.33 0.90
N ASP A 70 -10.89 -1.14 0.51
CA ASP A 70 -10.18 0.12 0.63
C ASP A 70 -10.61 1.01 -0.51
N LEU A 71 -10.74 2.29 -0.19
CA LEU A 71 -11.11 3.33 -1.11
C LEU A 71 -10.21 4.51 -0.82
N ILE A 72 -9.23 4.72 -1.69
CA ILE A 72 -8.27 5.83 -1.56
C ILE A 72 -8.91 7.06 -2.18
N LEU A 73 -8.84 8.18 -1.48
CA LEU A 73 -9.32 9.51 -1.87
C LEU A 73 -8.08 10.37 -2.14
N ASP A 74 -8.21 11.42 -2.96
CA ASP A 74 -7.18 12.42 -3.34
C ASP A 74 -5.73 11.94 -3.47
N PHE A 75 -5.53 10.74 -4.03
CA PHE A 75 -4.21 10.13 -4.22
C PHE A 75 -3.29 11.02 -5.05
N GLU A 76 -2.03 11.19 -4.66
CA GLU A 76 -1.03 12.00 -5.33
C GLU A 76 0.23 11.14 -5.45
N ALA A 77 0.19 10.17 -6.38
CA ALA A 77 1.28 9.21 -6.64
C ALA A 77 2.66 9.83 -6.84
N SER A 78 2.70 11.11 -7.23
CA SER A 78 3.94 11.83 -7.44
C SER A 78 4.81 11.74 -6.17
N GLU A 79 4.26 12.04 -4.98
CA GLU A 79 4.98 11.99 -3.71
C GLU A 79 4.48 10.92 -2.74
N ASP A 80 3.24 10.42 -2.85
CA ASP A 80 2.68 9.40 -1.95
C ASP A 80 3.53 8.12 -1.91
N ARG A 81 3.56 7.44 -0.76
CA ARG A 81 4.31 6.19 -0.54
C ARG A 81 3.48 5.14 0.18
N ILE A 82 3.94 3.89 0.23
CA ILE A 82 3.20 2.80 0.85
C ILE A 82 4.12 1.74 1.51
N ASP A 83 3.82 1.37 2.76
CA ASP A 83 4.55 0.34 3.52
C ASP A 83 3.67 -0.90 3.48
N LEU A 84 3.96 -1.79 2.52
CA LEU A 84 3.26 -3.03 2.27
C LEU A 84 4.03 -4.23 2.82
N SER A 85 4.87 -4.05 3.85
CA SER A 85 5.67 -5.13 4.42
C SER A 85 4.84 -6.35 4.87
N ALA A 86 3.53 -6.19 5.15
CA ALA A 86 2.63 -7.24 5.57
C ALA A 86 1.70 -7.74 4.50
N LEU A 87 1.78 -7.21 3.30
CA LEU A 87 0.97 -7.73 2.23
C LEU A 87 1.84 -8.84 1.64
N GLY A 88 1.19 -9.82 1.05
CA GLY A 88 1.69 -11.01 0.37
C GLY A 88 2.91 -10.83 -0.55
N PHE A 89 3.26 -9.60 -0.95
CA PHE A 89 4.41 -9.20 -1.74
C PHE A 89 4.82 -7.82 -1.23
N SER A 90 6.03 -7.45 -1.59
CA SER A 90 6.64 -6.19 -1.21
C SER A 90 6.30 -5.06 -2.17
N GLY A 91 6.34 -5.32 -3.47
CA GLY A 91 6.06 -4.34 -4.52
C GLY A 91 4.96 -4.82 -5.44
N LEU A 92 5.20 -4.78 -6.75
CA LEU A 92 4.27 -5.18 -7.78
C LEU A 92 4.87 -6.23 -8.71
N GLY A 93 3.98 -6.82 -9.49
CA GLY A 93 4.28 -7.84 -10.46
C GLY A 93 3.01 -8.28 -11.18
N ASP A 94 2.50 -9.48 -10.85
CA ASP A 94 1.33 -10.10 -11.48
C ASP A 94 0.20 -10.52 -10.53
N GLY A 95 0.30 -10.22 -9.24
CA GLY A 95 -0.72 -10.54 -8.25
C GLY A 95 -1.11 -11.99 -8.25
N TYR A 96 -0.13 -12.87 -8.38
CA TYR A 96 -0.22 -14.31 -8.37
C TYR A 96 1.18 -14.77 -7.98
N GLY A 97 1.25 -16.02 -7.58
CA GLY A 97 2.41 -16.78 -7.10
C GLY A 97 3.20 -16.18 -5.93
N GLY A 98 3.05 -14.90 -5.62
CA GLY A 98 3.71 -14.14 -4.57
C GLY A 98 4.01 -12.71 -5.01
N THR A 99 3.23 -12.12 -5.93
CA THR A 99 3.41 -10.75 -6.43
C THR A 99 2.12 -9.93 -6.16
N LEU A 100 1.97 -8.73 -6.73
CA LEU A 100 0.79 -7.87 -6.56
C LEU A 100 0.48 -7.22 -7.91
N LEU A 101 -0.76 -7.27 -8.41
CA LEU A 101 -1.13 -6.68 -9.69
C LEU A 101 -1.98 -5.46 -9.48
N LEU A 102 -1.73 -4.41 -10.27
CA LEU A 102 -2.45 -3.16 -10.26
C LEU A 102 -2.92 -2.94 -11.68
N LYS A 103 -4.15 -2.46 -11.86
CA LYS A 103 -4.73 -2.18 -13.17
C LYS A 103 -5.49 -0.87 -13.06
N THR A 104 -5.95 -0.34 -14.19
CA THR A 104 -6.65 0.92 -14.25
C THR A 104 -7.96 0.81 -15.03
N ASN A 105 -8.82 1.81 -14.87
CA ASN A 105 -10.12 1.97 -15.52
C ASN A 105 -9.89 2.17 -17.04
N ALA A 106 -10.95 2.26 -17.85
CA ALA A 106 -10.78 2.43 -19.30
C ALA A 106 -9.90 3.64 -19.63
N GLU A 107 -10.14 4.78 -18.96
CA GLU A 107 -9.39 6.00 -19.16
C GLU A 107 -8.25 6.18 -18.14
N GLY A 108 -8.32 5.47 -17.00
CA GLY A 108 -7.31 5.53 -15.93
C GLY A 108 -7.71 6.42 -14.75
N THR A 109 -8.94 6.95 -14.74
CA THR A 109 -9.53 7.84 -13.74
C THR A 109 -9.65 7.19 -12.36
N ARG A 110 -9.57 5.87 -12.38
CA ARG A 110 -9.64 4.99 -11.22
C ARG A 110 -8.63 3.89 -11.39
N THR A 111 -8.02 3.46 -10.31
CA THR A 111 -7.06 2.37 -10.31
C THR A 111 -7.71 1.24 -9.51
N TYR A 112 -7.72 0.03 -10.06
CA TYR A 112 -8.28 -1.17 -9.45
C TYR A 112 -7.22 -2.26 -9.53
N LEU A 113 -6.76 -2.72 -8.38
CA LEU A 113 -5.73 -3.74 -8.19
C LEU A 113 -6.34 -5.11 -7.88
N LYS A 114 -5.51 -6.16 -7.97
CA LYS A 114 -5.84 -7.54 -7.66
C LYS A 114 -4.91 -7.99 -6.53
N SER A 115 -5.08 -9.20 -6.01
CA SER A 115 -4.28 -9.76 -4.93
C SER A 115 -4.02 -11.22 -5.33
N PHE A 116 -2.94 -11.82 -4.81
CA PHE A 116 -2.46 -13.18 -5.03
C PHE A 116 -3.49 -14.11 -5.70
N GLU A 117 -4.46 -14.67 -4.96
CA GLU A 117 -5.50 -15.55 -5.48
C GLU A 117 -6.47 -15.92 -4.37
N ALA A 118 -7.70 -16.24 -4.79
CA ALA A 118 -8.86 -16.64 -4.00
C ALA A 118 -10.16 -16.47 -4.75
N ASP A 119 -11.13 -17.17 -4.18
CA ASP A 119 -12.52 -17.28 -4.50
C ASP A 119 -13.22 -16.42 -3.44
N ALA A 120 -14.42 -15.93 -3.74
CA ALA A 120 -15.18 -15.05 -2.82
C ALA A 120 -15.49 -15.65 -1.44
N GLU A 121 -15.11 -16.89 -1.24
CA GLU A 121 -15.27 -17.69 -0.05
C GLU A 121 -14.02 -17.60 0.85
N GLY A 122 -13.07 -16.72 0.49
CA GLY A 122 -11.86 -16.59 1.27
C GLY A 122 -11.05 -15.31 1.12
N ARG A 123 -10.69 -14.83 -0.09
CA ARG A 123 -9.83 -13.61 -0.20
C ARG A 123 -9.90 -12.85 -1.53
N ARG A 124 -11.08 -12.56 -2.05
CA ARG A 124 -11.17 -11.87 -3.33
C ARG A 124 -10.87 -10.39 -3.20
N PHE A 125 -10.16 -9.89 -4.20
CA PHE A 125 -9.67 -8.56 -4.38
C PHE A 125 -10.64 -7.60 -5.06
N GLU A 126 -11.21 -6.66 -4.31
CA GLU A 126 -12.10 -5.63 -4.86
C GLU A 126 -11.83 -4.42 -3.96
N VAL A 127 -11.17 -3.42 -4.54
CA VAL A 127 -10.73 -2.16 -3.95
C VAL A 127 -10.85 -1.05 -5.02
N ALA A 128 -10.77 0.23 -4.65
CA ALA A 128 -10.85 1.32 -5.64
C ALA A 128 -10.00 2.53 -5.24
N LEU A 129 -9.04 2.93 -6.06
CA LEU A 129 -8.17 4.08 -5.83
C LEU A 129 -8.66 5.21 -6.74
N ASP A 130 -8.93 6.39 -6.19
CA ASP A 130 -9.37 7.57 -6.93
C ASP A 130 -8.17 8.47 -7.16
N GLY A 131 -7.84 8.75 -8.43
CA GLY A 131 -6.74 9.61 -8.79
C GLY A 131 -6.54 9.59 -10.30
N ASP A 132 -5.74 10.51 -10.81
CA ASP A 132 -5.42 10.66 -12.24
C ASP A 132 -3.93 10.37 -12.50
N HIS A 133 -3.26 9.75 -11.53
CA HIS A 133 -1.85 9.39 -11.53
C HIS A 133 -1.59 7.95 -12.03
N THR A 134 -2.57 7.32 -12.70
CA THR A 134 -2.47 5.96 -13.23
C THR A 134 -2.05 4.91 -12.16
N GLY A 135 -2.18 5.22 -10.87
CA GLY A 135 -1.80 4.33 -9.78
C GLY A 135 -0.32 3.97 -9.83
N ASP A 136 0.51 4.86 -10.37
CA ASP A 136 1.95 4.70 -10.54
C ASP A 136 2.69 4.45 -9.22
N LEU A 137 3.62 3.49 -9.22
CA LEU A 137 4.46 3.08 -8.10
C LEU A 137 5.90 3.04 -8.64
N SER A 138 6.89 3.32 -7.81
CA SER A 138 8.29 3.31 -8.16
C SER A 138 9.10 2.92 -6.92
N ALA A 139 10.41 2.97 -7.09
CA ALA A 139 11.46 2.65 -6.15
C ALA A 139 11.29 3.29 -4.77
N ALA A 140 10.93 4.57 -4.73
CA ALA A 140 10.70 5.32 -3.50
C ALA A 140 9.31 5.03 -2.93
N ASN A 141 8.31 4.82 -3.80
CA ASN A 141 6.93 4.54 -3.42
C ASN A 141 6.83 3.36 -2.47
N VAL A 142 7.44 2.27 -2.90
CA VAL A 142 7.49 1.01 -2.20
C VAL A 142 8.52 1.06 -1.08
N VAL A 143 8.17 0.48 0.07
CA VAL A 143 9.02 0.41 1.24
C VAL A 143 10.11 -0.66 1.00
N PHE A 144 11.21 -0.58 1.75
CA PHE A 144 12.29 -1.56 1.62
C PHE A 144 11.84 -2.95 2.08
N ALA A 145 10.87 -2.99 3.00
CA ALA A 145 10.27 -4.19 3.59
C ALA A 145 11.33 -5.13 4.14
N ALA A 146 11.85 -4.76 5.32
CA ALA A 146 12.86 -5.48 6.07
C ALA A 146 12.45 -6.95 6.14
N THR A 147 13.24 -7.82 5.52
CA THR A 147 12.99 -9.25 5.46
C THR A 147 14.20 -10.09 5.91
N GLY A 148 15.38 -9.49 6.01
CA GLY A 148 16.58 -10.18 6.42
C GLY A 148 17.77 -9.24 6.31
N THR A 149 18.96 -9.77 6.56
CA THR A 149 20.20 -9.03 6.53
C THR A 149 21.11 -9.60 5.42
N THR A 150 20.88 -9.22 4.17
CA THR A 150 21.65 -9.66 3.00
C THR A 150 21.72 -8.51 1.99
N THR A 151 22.94 -8.17 1.55
CA THR A 151 23.19 -7.12 0.57
C THR A 151 24.22 -7.65 -0.42
N GLU A 152 23.81 -8.58 -1.28
CA GLU A 152 24.68 -9.17 -2.29
C GLU A 152 24.82 -8.22 -3.48
N LEU A 153 25.86 -8.40 -4.28
CA LEU A 153 26.12 -7.56 -5.45
C LEU A 153 26.50 -8.37 -6.69
N GLU A 154 26.17 -9.66 -6.74
CA GLU A 154 26.46 -10.56 -7.87
C GLU A 154 27.97 -10.58 -8.19
N VAL A 155 28.78 -10.73 -7.14
CA VAL A 155 30.23 -10.77 -7.26
C VAL A 155 30.63 -12.13 -7.83
N LEU A 156 31.70 -12.15 -8.63
CA LEU A 156 32.23 -13.36 -9.25
C LEU A 156 33.47 -13.74 -8.45
N GLY A 157 33.30 -14.61 -7.46
CA GLY A 157 34.40 -15.06 -6.61
C GLY A 157 33.88 -15.79 -5.39
N ASP A 158 33.12 -16.88 -5.63
CA ASP A 158 32.50 -17.77 -4.65
C ASP A 158 32.00 -17.03 -3.41
N SER A 159 31.18 -15.99 -3.66
CA SER A 159 30.59 -15.12 -2.67
C SER A 159 29.39 -14.43 -3.31
N GLY A 160 28.72 -13.57 -2.55
CA GLY A 160 27.57 -12.80 -2.95
C GLY A 160 27.48 -11.53 -2.11
N THR A 161 27.30 -11.70 -0.80
CA THR A 161 27.18 -10.64 0.20
C THR A 161 28.50 -9.96 0.58
N GLN A 162 29.64 -10.37 0.01
CA GLN A 162 30.95 -9.79 0.30
C GLN A 162 31.77 -9.80 -1.00
N ALA A 163 32.72 -8.87 -1.15
CA ALA A 163 33.58 -8.75 -2.31
C ALA A 163 35.03 -8.63 -1.87
N GLY A 164 35.96 -8.90 -2.80
CA GLY A 164 37.39 -8.83 -2.54
C GLY A 164 37.86 -7.38 -2.63
N ALA A 165 37.74 -6.78 -3.83
CA ALA A 165 38.12 -5.40 -4.15
C ALA A 165 39.56 -4.99 -3.75
N ILE A 166 40.44 -5.96 -3.48
CA ILE A 166 41.82 -5.73 -3.09
C ILE A 166 42.60 -5.19 -4.28
N VAL A 167 43.62 -4.37 -4.00
CA VAL A 167 44.54 -3.72 -4.89
C VAL A 167 45.88 -3.80 -4.14
N GLY A 1 -23.05 4.08 5.09
CA GLY A 1 -22.59 4.27 6.47
C GLY A 1 -22.83 5.71 6.90
N SER A 2 -21.82 6.57 6.74
CA SER A 2 -21.85 7.98 7.13
C SER A 2 -21.87 8.13 8.66
N ASP A 3 -21.71 7.02 9.39
CA ASP A 3 -21.68 6.94 10.84
C ASP A 3 -20.32 7.42 11.36
N GLY A 4 -19.32 7.46 10.48
CA GLY A 4 -17.96 7.89 10.73
C GLY A 4 -17.89 9.41 10.81
N GLU A 5 -16.68 9.96 10.93
CA GLU A 5 -16.44 11.39 11.03
C GLU A 5 -15.16 11.72 10.28
N PRO A 6 -15.08 12.82 9.50
CA PRO A 6 -13.86 13.17 8.82
C PRO A 6 -12.87 13.62 9.91
N LEU A 7 -11.64 13.12 9.89
CA LEU A 7 -10.61 13.40 10.87
C LEU A 7 -9.45 14.01 10.11
N VAL A 8 -9.14 15.25 10.41
CA VAL A 8 -8.03 15.99 9.82
C VAL A 8 -7.03 16.14 10.96
N GLY A 9 -5.82 15.62 10.77
CA GLY A 9 -4.72 15.64 11.72
C GLY A 9 -4.10 17.00 12.01
N GLY A 10 -2.88 16.92 12.52
CA GLY A 10 -2.04 18.03 12.88
C GLY A 10 -1.26 18.48 11.65
N ASP A 11 -0.06 19.00 11.90
CA ASP A 11 0.88 19.49 10.90
C ASP A 11 2.29 19.52 11.48
N THR A 12 2.48 18.44 12.21
CA THR A 12 3.65 18.07 12.96
C THR A 12 3.96 16.60 12.71
N ASP A 13 3.36 15.81 13.57
CA ASP A 13 3.38 14.37 13.72
C ASP A 13 2.23 13.98 14.65
N ASP A 14 1.49 12.97 14.26
CA ASP A 14 0.36 12.38 14.96
C ASP A 14 0.17 10.96 14.44
N GLN A 15 -0.79 10.27 15.06
CA GLN A 15 -1.15 8.91 14.72
C GLN A 15 -2.65 8.89 14.50
N LEU A 16 -3.07 8.73 13.25
CA LEU A 16 -4.45 8.72 12.85
C LEU A 16 -4.87 7.28 12.59
N GLN A 17 -6.02 6.89 13.13
CA GLN A 17 -6.63 5.56 13.01
C GLN A 17 -8.11 5.69 12.59
N GLY A 18 -8.61 4.73 11.83
CA GLY A 18 -9.98 4.63 11.35
C GLY A 18 -10.63 3.61 12.28
N GLY A 19 -10.48 2.31 12.02
CA GLY A 19 -11.02 1.25 12.88
C GLY A 19 -11.69 0.10 12.14
N SER A 20 -13.00 0.19 11.93
CA SER A 20 -13.80 -0.84 11.27
C SER A 20 -15.03 -0.29 10.51
N GLY A 21 -15.31 1.00 10.67
CA GLY A 21 -16.42 1.72 10.07
C GLY A 21 -16.12 2.27 8.68
N ALA A 22 -16.91 3.25 8.26
CA ALA A 22 -16.76 3.96 7.00
C ALA A 22 -16.58 5.41 7.46
N ASP A 23 -15.33 5.83 7.59
CA ASP A 23 -14.83 7.12 8.03
C ASP A 23 -13.81 7.68 7.04
N ARG A 24 -13.40 8.94 7.23
CA ARG A 24 -12.45 9.62 6.36
C ARG A 24 -11.29 10.32 7.09
N LEU A 25 -10.08 9.75 7.17
CA LEU A 25 -8.93 10.37 7.85
C LEU A 25 -8.02 11.08 6.85
N ASP A 26 -7.32 12.13 7.30
CA ASP A 26 -6.40 12.97 6.51
C ASP A 26 -5.30 13.58 7.34
N GLY A 27 -4.04 13.44 6.93
CA GLY A 27 -2.92 14.01 7.68
C GLY A 27 -2.34 15.22 6.95
N GLY A 28 -1.78 14.93 5.78
CA GLY A 28 -1.10 15.74 4.78
C GLY A 28 -0.57 17.11 5.17
N ALA A 29 0.28 17.16 6.20
CA ALA A 29 0.88 18.40 6.67
C ALA A 29 2.16 18.15 7.48
N GLY A 30 2.81 16.99 7.34
CA GLY A 30 4.00 16.67 8.10
C GLY A 30 4.35 15.21 7.88
N ASP A 31 5.07 14.66 8.86
CA ASP A 31 5.54 13.29 8.98
C ASP A 31 4.58 12.66 9.96
N ASP A 32 3.47 12.13 9.46
CA ASP A 32 2.39 11.51 10.22
C ASP A 32 2.16 10.08 9.74
N ILE A 33 1.42 9.32 10.53
CA ILE A 33 1.07 7.94 10.20
C ILE A 33 -0.45 7.90 10.01
N LEU A 34 -0.93 7.17 8.98
CA LEU A 34 -2.35 7.06 8.67
C LEU A 34 -2.69 5.58 8.49
N ASP A 35 -3.77 5.15 9.11
CA ASP A 35 -4.26 3.78 9.10
C ASP A 35 -5.78 3.85 9.14
N GLY A 36 -6.48 3.37 8.11
CA GLY A 36 -7.93 3.40 8.06
C GLY A 36 -8.56 2.21 8.79
N GLY A 37 -7.78 1.17 9.09
CA GLY A 37 -8.24 -0.02 9.76
C GLY A 37 -9.09 -0.87 8.83
N ALA A 38 -9.85 -1.78 9.43
CA ALA A 38 -10.76 -2.67 8.73
C ALA A 38 -11.91 -1.86 8.17
N GLY A 39 -12.71 -2.50 7.32
CA GLY A 39 -13.84 -1.83 6.69
C GLY A 39 -13.36 -1.17 5.41
N ARG A 40 -14.24 -0.36 4.83
CA ARG A 40 -14.02 0.41 3.62
C ARG A 40 -14.12 1.87 4.03
N ASP A 41 -12.97 2.52 4.20
CA ASP A 41 -12.79 3.89 4.61
C ASP A 41 -12.10 4.69 3.50
N ARG A 42 -12.16 6.03 3.56
CA ARG A 42 -11.50 6.87 2.56
C ARG A 42 -10.37 7.60 3.27
N LEU A 43 -9.14 7.10 3.13
CA LEU A 43 -7.98 7.72 3.74
C LEU A 43 -7.35 8.66 2.73
N SER A 44 -6.65 9.68 3.22
CA SER A 44 -5.99 10.68 2.40
C SER A 44 -4.67 11.01 3.05
N GLY A 45 -3.55 10.56 2.50
CA GLY A 45 -2.28 10.92 3.13
C GLY A 45 -2.06 12.39 2.87
N GLY A 46 -2.03 12.83 1.61
CA GLY A 46 -1.83 14.25 1.35
C GLY A 46 -0.35 14.61 1.25
N ALA A 47 -0.03 15.89 1.41
CA ALA A 47 1.33 16.40 1.35
C ALA A 47 2.10 15.91 2.58
N GLY A 48 2.96 14.91 2.40
CA GLY A 48 3.77 14.34 3.46
C GLY A 48 4.59 13.18 2.91
N ALA A 49 5.21 12.41 3.80
CA ALA A 49 6.03 11.23 3.56
C ALA A 49 5.53 10.29 4.66
N ASP A 50 4.27 9.89 4.52
CA ASP A 50 3.47 9.12 5.45
C ASP A 50 3.78 7.65 5.52
N THR A 51 3.26 7.01 6.57
CA THR A 51 3.40 5.59 6.79
C THR A 51 1.98 5.03 6.82
N PHE A 52 1.58 4.35 5.75
CA PHE A 52 0.28 3.74 5.60
C PHE A 52 0.34 2.35 6.23
N VAL A 53 -0.11 2.25 7.47
CA VAL A 53 -0.09 0.99 8.20
C VAL A 53 -1.38 0.22 7.92
N PHE A 54 -1.24 -1.07 7.57
CA PHE A 54 -2.35 -1.97 7.27
C PHE A 54 -2.78 -2.69 8.55
N SER A 55 -4.06 -3.04 8.64
CA SER A 55 -4.68 -3.70 9.77
C SER A 55 -4.32 -5.17 9.88
N ALA A 56 -4.74 -5.98 8.90
CA ALA A 56 -4.58 -7.41 8.74
C ALA A 56 -5.48 -7.88 7.59
N ARG A 57 -5.33 -9.15 7.19
CA ARG A 57 -6.01 -9.89 6.12
C ARG A 57 -7.44 -9.46 5.75
N GLU A 58 -8.25 -9.00 6.69
CA GLU A 58 -9.62 -8.59 6.43
C GLU A 58 -9.69 -7.29 5.62
N ASP A 59 -8.68 -6.41 5.68
CA ASP A 59 -8.64 -5.16 4.94
C ASP A 59 -8.42 -5.35 3.45
N SER A 60 -7.40 -6.12 3.28
CA SER A 60 -6.60 -6.64 2.18
C SER A 60 -7.34 -7.20 0.98
N TYR A 61 -8.56 -7.69 1.17
CA TYR A 61 -9.37 -8.29 0.13
C TYR A 61 -10.85 -8.08 0.44
N ARG A 62 -11.70 -8.61 -0.43
CA ARG A 62 -13.15 -8.58 -0.27
C ARG A 62 -13.51 -10.04 -0.09
N THR A 63 -14.60 -10.25 0.65
CA THR A 63 -15.07 -11.58 0.97
C THR A 63 -16.57 -11.67 0.69
N ASP A 64 -17.12 -12.85 0.96
CA ASP A 64 -18.49 -13.29 0.83
C ASP A 64 -19.41 -12.22 1.39
N THR A 65 -19.90 -11.42 0.44
CA THR A 65 -20.79 -10.28 0.57
C THR A 65 -20.29 -9.19 1.53
N ALA A 66 -19.01 -9.19 1.91
CA ALA A 66 -18.37 -8.25 2.81
C ALA A 66 -17.11 -7.74 2.12
N VAL A 67 -17.29 -6.64 1.38
CA VAL A 67 -16.24 -5.95 0.64
C VAL A 67 -15.56 -4.97 1.59
N PHE A 68 -14.24 -4.85 1.47
CA PHE A 68 -13.43 -3.95 2.29
C PHE A 68 -12.51 -3.14 1.37
N ASN A 69 -13.10 -2.67 0.26
CA ASN A 69 -12.45 -1.89 -0.77
C ASN A 69 -12.03 -0.51 -0.25
N ASP A 70 -10.76 -0.33 0.08
CA ASP A 70 -10.16 0.91 0.55
C ASP A 70 -10.02 1.85 -0.65
N LEU A 71 -9.97 3.16 -0.41
CA LEU A 71 -9.79 4.17 -1.45
C LEU A 71 -8.92 5.27 -0.87
N ILE A 72 -7.65 5.30 -1.29
CA ILE A 72 -6.68 6.30 -0.82
C ILE A 72 -6.72 7.49 -1.77
N LEU A 73 -6.65 8.72 -1.23
CA LEU A 73 -6.60 9.97 -1.98
C LEU A 73 -5.20 10.59 -1.84
N ASP A 74 -4.69 11.22 -2.90
CA ASP A 74 -3.39 11.88 -3.06
C ASP A 74 -2.22 11.11 -2.44
N PHE A 75 -1.79 10.07 -3.15
CA PHE A 75 -0.68 9.19 -2.82
C PHE A 75 0.55 9.69 -3.59
N GLU A 76 1.74 9.61 -3.02
CA GLU A 76 2.99 10.02 -3.61
C GLU A 76 4.04 9.01 -3.19
N ALA A 77 4.17 7.91 -3.96
CA ALA A 77 5.12 6.84 -3.68
C ALA A 77 6.55 7.36 -3.45
N SER A 78 6.89 8.53 -4.01
CA SER A 78 8.20 9.15 -3.86
C SER A 78 8.46 9.63 -2.42
N GLU A 79 7.42 9.79 -1.59
CA GLU A 79 7.49 10.23 -0.20
C GLU A 79 6.83 9.25 0.76
N ASP A 80 5.56 8.93 0.50
CA ASP A 80 4.77 8.01 1.31
C ASP A 80 5.37 6.61 1.34
N ARG A 81 4.97 5.85 2.35
CA ARG A 81 5.43 4.48 2.53
C ARG A 81 4.27 3.57 2.89
N ILE A 82 4.40 2.29 2.54
CA ILE A 82 3.38 1.28 2.79
C ILE A 82 3.89 0.22 3.77
N ASP A 83 3.09 -0.13 4.79
CA ASP A 83 3.42 -1.14 5.77
C ASP A 83 2.37 -2.25 5.73
N LEU A 84 2.68 -3.31 4.97
CA LEU A 84 1.88 -4.51 4.78
C LEU A 84 2.41 -5.66 5.64
N SER A 85 3.19 -5.40 6.68
CA SER A 85 3.73 -6.47 7.52
C SER A 85 2.60 -7.31 8.16
N ALA A 86 1.41 -6.73 8.34
CA ALA A 86 0.25 -7.41 8.91
C ALA A 86 -0.47 -8.31 7.91
N LEU A 87 -0.05 -8.35 6.63
CA LEU A 87 -0.68 -9.14 5.58
C LEU A 87 0.06 -10.45 5.32
N GLY A 88 1.26 -10.44 4.74
CA GLY A 88 2.04 -11.66 4.48
C GLY A 88 2.40 -11.88 3.02
N PHE A 89 3.60 -11.44 2.61
CA PHE A 89 4.17 -11.55 1.28
C PHE A 89 5.69 -11.74 1.41
N SER A 90 6.37 -12.00 0.30
CA SER A 90 7.82 -12.18 0.24
C SER A 90 8.46 -11.29 -0.83
N GLY A 91 7.69 -10.73 -1.77
CA GLY A 91 8.20 -9.87 -2.82
C GLY A 91 7.15 -9.67 -3.89
N LEU A 92 7.54 -9.14 -5.04
CA LEU A 92 6.65 -8.92 -6.17
C LEU A 92 6.59 -10.16 -7.05
N GLY A 93 5.77 -10.09 -8.08
CA GLY A 93 5.59 -11.14 -9.06
C GLY A 93 4.27 -10.94 -9.80
N ASP A 94 3.20 -11.59 -9.34
CA ASP A 94 1.88 -11.50 -9.98
C ASP A 94 0.73 -11.29 -9.02
N GLY A 95 0.98 -11.51 -7.73
CA GLY A 95 -0.01 -11.40 -6.67
C GLY A 95 -0.43 -12.74 -6.11
N TYR A 96 0.22 -13.86 -6.45
CA TYR A 96 -0.08 -15.19 -5.94
C TYR A 96 1.14 -15.75 -5.26
N GLY A 97 0.97 -16.84 -4.54
CA GLY A 97 2.03 -17.54 -3.80
C GLY A 97 3.09 -16.62 -3.19
N GLY A 98 2.68 -15.63 -2.40
CA GLY A 98 3.60 -14.69 -1.75
C GLY A 98 4.08 -13.52 -2.61
N THR A 99 3.53 -13.31 -3.81
CA THR A 99 3.93 -12.23 -4.72
C THR A 99 2.94 -11.06 -4.69
N LEU A 100 3.26 -9.99 -5.43
CA LEU A 100 2.47 -8.76 -5.55
C LEU A 100 2.58 -8.20 -6.96
N LEU A 101 1.48 -7.65 -7.47
CA LEU A 101 1.38 -7.02 -8.78
C LEU A 101 0.45 -5.83 -8.72
N LEU A 102 0.95 -4.73 -9.25
CA LEU A 102 0.30 -3.43 -9.36
C LEU A 102 0.20 -3.06 -10.83
N LYS A 103 -0.98 -2.59 -11.24
CA LYS A 103 -1.30 -2.18 -12.60
C LYS A 103 -2.21 -0.96 -12.53
N THR A 104 -2.26 -0.16 -13.59
CA THR A 104 -3.09 1.03 -13.64
C THR A 104 -4.34 0.80 -14.49
N ASN A 105 -5.36 1.61 -14.23
CA ASN A 105 -6.63 1.59 -14.97
C ASN A 105 -6.33 1.93 -16.45
N ALA A 106 -7.24 1.68 -17.38
CA ALA A 106 -7.05 1.98 -18.80
C ALA A 106 -6.66 3.46 -18.99
N GLU A 107 -7.19 4.36 -18.16
CA GLU A 107 -6.89 5.79 -18.21
C GLU A 107 -5.81 6.20 -17.22
N GLY A 108 -5.39 5.31 -16.29
CA GLY A 108 -4.36 5.59 -15.29
C GLY A 108 -4.90 6.40 -14.11
N THR A 109 -6.21 6.62 -14.06
CA THR A 109 -6.89 7.36 -13.02
C THR A 109 -6.87 6.60 -11.70
N ARG A 110 -6.86 5.27 -11.75
CA ARG A 110 -6.88 4.43 -10.56
C ARG A 110 -5.96 3.25 -10.69
N THR A 111 -5.14 3.02 -9.68
CA THR A 111 -4.20 1.93 -9.66
C THR A 111 -4.78 0.79 -8.81
N TYR A 112 -4.64 -0.43 -9.31
CA TYR A 112 -5.10 -1.67 -8.72
C TYR A 112 -3.84 -2.48 -8.38
N LEU A 113 -3.64 -2.79 -7.10
CA LEU A 113 -2.48 -3.54 -6.60
C LEU A 113 -2.93 -4.72 -5.73
N LYS A 114 -2.59 -5.95 -6.12
CA LYS A 114 -2.95 -7.15 -5.39
C LYS A 114 -1.76 -7.63 -4.57
N SER A 115 -1.91 -7.76 -3.25
CA SER A 115 -0.90 -8.21 -2.34
C SER A 115 -1.31 -9.64 -1.97
N PHE A 116 -0.61 -10.66 -2.47
CA PHE A 116 -0.89 -12.09 -2.28
C PHE A 116 -2.40 -12.40 -2.16
N GLU A 117 -3.10 -12.19 -3.27
CA GLU A 117 -4.52 -12.42 -3.43
C GLU A 117 -4.79 -13.92 -3.57
N ALA A 118 -6.07 -14.27 -3.76
CA ALA A 118 -6.52 -15.63 -3.95
C ALA A 118 -7.62 -15.74 -4.99
N ASP A 119 -8.47 -16.74 -4.80
CA ASP A 119 -9.58 -17.14 -5.62
C ASP A 119 -10.90 -16.73 -4.96
N ALA A 120 -11.96 -16.61 -5.77
CA ALA A 120 -13.30 -16.21 -5.35
C ALA A 120 -13.81 -17.00 -4.15
N GLU A 121 -13.34 -18.23 -3.92
CA GLU A 121 -13.78 -19.05 -2.80
C GLU A 121 -12.82 -19.02 -1.60
N GLY A 122 -11.69 -18.32 -1.73
CA GLY A 122 -10.66 -18.21 -0.71
C GLY A 122 -10.53 -16.79 -0.14
N ARG A 123 -10.71 -15.75 -0.97
CA ARG A 123 -10.65 -14.30 -0.73
C ARG A 123 -10.07 -13.66 -1.97
N ARG A 124 -10.60 -12.54 -2.48
CA ARG A 124 -10.06 -11.90 -3.67
C ARG A 124 -9.88 -10.41 -3.46
N PHE A 125 -8.86 -9.85 -4.08
CA PHE A 125 -8.49 -8.44 -3.96
C PHE A 125 -9.33 -7.51 -4.83
N GLU A 126 -9.69 -6.36 -4.26
CA GLU A 126 -10.42 -5.29 -4.93
C GLU A 126 -10.24 -4.06 -4.06
N VAL A 127 -9.46 -3.12 -4.55
CA VAL A 127 -9.12 -1.82 -3.96
C VAL A 127 -8.93 -0.83 -5.10
N ALA A 128 -8.79 0.45 -4.80
CA ALA A 128 -8.50 1.44 -5.83
C ALA A 128 -7.73 2.59 -5.20
N LEU A 129 -6.53 2.84 -5.71
CA LEU A 129 -5.64 3.91 -5.29
C LEU A 129 -5.94 5.08 -6.23
N ASP A 130 -6.06 6.30 -5.72
CA ASP A 130 -6.32 7.46 -6.58
C ASP A 130 -5.03 7.84 -7.30
N GLY A 131 -5.00 7.65 -8.62
CA GLY A 131 -3.86 7.95 -9.48
C GLY A 131 -2.78 6.88 -9.43
N ASP A 132 -1.68 7.18 -10.12
CA ASP A 132 -0.44 6.44 -10.31
C ASP A 132 0.72 7.39 -10.01
N HIS A 133 1.95 6.90 -10.03
CA HIS A 133 3.20 7.64 -9.79
C HIS A 133 4.24 7.35 -10.88
N THR A 134 3.95 6.43 -11.83
CA THR A 134 4.81 6.03 -12.94
C THR A 134 6.27 5.80 -12.52
N GLY A 135 6.47 5.19 -11.35
CA GLY A 135 7.79 4.91 -10.81
C GLY A 135 7.62 4.51 -9.36
N ASP A 136 6.96 3.38 -9.15
CA ASP A 136 6.67 2.81 -7.83
C ASP A 136 7.94 2.55 -7.02
N LEU A 137 7.89 2.89 -5.73
CA LEU A 137 8.98 2.72 -4.76
C LEU A 137 8.81 1.36 -4.09
N SER A 138 9.89 0.80 -3.54
CA SER A 138 9.93 -0.51 -2.90
C SER A 138 10.99 -0.52 -1.80
N ALA A 139 12.27 -0.71 -2.15
CA ALA A 139 13.41 -0.76 -1.23
C ALA A 139 13.52 0.47 -0.33
N ALA A 140 12.85 1.57 -0.70
CA ALA A 140 12.81 2.82 0.05
C ALA A 140 11.40 3.18 0.55
N ASN A 141 10.37 2.45 0.10
CA ASN A 141 8.98 2.68 0.47
C ASN A 141 8.42 1.51 1.27
N VAL A 142 8.03 0.47 0.54
CA VAL A 142 7.41 -0.75 0.99
C VAL A 142 8.22 -1.43 2.09
N VAL A 143 7.48 -1.91 3.10
CA VAL A 143 8.05 -2.60 4.25
C VAL A 143 8.75 -3.87 3.78
N PHE A 144 9.77 -4.29 4.51
CA PHE A 144 10.54 -5.47 4.21
C PHE A 144 9.76 -6.76 4.50
N ALA A 145 8.89 -6.72 5.52
CA ALA A 145 8.04 -7.82 5.98
C ALA A 145 8.84 -9.08 6.32
N ALA A 146 9.66 -8.95 7.37
CA ALA A 146 10.53 -9.98 7.93
C ALA A 146 11.46 -10.70 6.94
N THR A 147 12.01 -9.96 5.97
CA THR A 147 12.95 -10.46 4.96
C THR A 147 13.76 -9.24 4.46
N GLY A 148 14.61 -9.39 3.44
CA GLY A 148 15.40 -8.30 2.90
C GLY A 148 16.74 -8.73 2.37
N THR A 149 16.75 -9.44 1.24
CA THR A 149 17.97 -9.92 0.61
C THR A 149 17.85 -9.65 -0.90
N THR A 150 19.00 -9.57 -1.58
CA THR A 150 19.22 -9.30 -3.01
C THR A 150 18.28 -8.22 -3.57
N THR A 151 17.93 -7.25 -2.74
CA THR A 151 17.04 -6.12 -2.99
C THR A 151 17.59 -5.07 -3.97
N GLU A 152 18.78 -5.28 -4.56
CA GLU A 152 19.43 -4.40 -5.52
C GLU A 152 18.46 -4.10 -6.67
N LEU A 153 17.96 -2.86 -6.73
CA LEU A 153 17.00 -2.37 -7.73
C LEU A 153 17.43 -2.42 -9.20
N GLU A 154 18.70 -2.71 -9.47
CA GLU A 154 19.35 -2.85 -10.79
C GLU A 154 18.96 -1.81 -11.87
N VAL A 155 19.29 -0.52 -11.67
CA VAL A 155 18.97 0.58 -12.60
C VAL A 155 20.18 1.18 -13.33
N LEU A 156 21.25 0.41 -13.31
CA LEU A 156 22.53 0.76 -13.95
C LEU A 156 22.66 0.02 -15.29
N GLY A 157 23.67 0.39 -16.07
CA GLY A 157 23.95 -0.23 -17.36
C GLY A 157 24.73 -1.53 -17.18
N ASP A 158 25.43 -1.68 -16.05
CA ASP A 158 26.24 -2.82 -15.68
C ASP A 158 26.14 -3.02 -14.16
N SER A 159 25.55 -4.15 -13.74
CA SER A 159 25.36 -4.52 -12.34
C SER A 159 25.11 -6.04 -12.21
N GLY A 160 24.74 -6.52 -11.02
CA GLY A 160 24.45 -7.92 -10.73
C GLY A 160 25.01 -8.31 -9.37
N THR A 161 24.60 -9.46 -8.84
CA THR A 161 25.04 -10.01 -7.56
C THR A 161 26.22 -10.97 -7.79
N GLN A 162 27.12 -11.07 -6.81
CA GLN A 162 28.32 -11.90 -6.80
C GLN A 162 29.11 -11.84 -8.13
N ALA A 163 29.11 -10.68 -8.79
CA ALA A 163 29.80 -10.47 -10.05
C ALA A 163 31.32 -10.46 -9.83
N GLY A 164 32.08 -10.70 -10.90
CA GLY A 164 33.53 -10.72 -10.88
C GLY A 164 34.06 -11.46 -12.10
N ALA A 165 35.37 -11.67 -12.14
CA ALA A 165 36.12 -12.37 -13.19
C ALA A 165 37.33 -13.02 -12.52
N ILE A 166 38.05 -13.86 -13.25
CA ILE A 166 39.24 -14.57 -12.79
C ILE A 166 40.13 -14.84 -14.00
N VAL A 167 41.35 -15.31 -13.78
CA VAL A 167 42.37 -15.67 -14.73
C VAL A 167 43.15 -16.80 -14.08
N GLY A 1 -22.94 8.91 18.66
CA GLY A 1 -22.09 8.32 17.62
C GLY A 1 -21.97 9.27 16.44
N SER A 2 -21.21 8.85 15.42
CA SER A 2 -20.99 9.60 14.20
C SER A 2 -20.89 8.58 13.06
N ASP A 3 -21.59 8.81 11.97
CA ASP A 3 -21.62 7.95 10.79
C ASP A 3 -20.43 8.33 9.92
N GLY A 4 -19.23 8.09 10.46
CA GLY A 4 -17.95 8.40 9.87
C GLY A 4 -17.53 9.78 10.33
N GLU A 5 -16.23 10.00 10.46
CA GLU A 5 -15.65 11.26 10.89
C GLU A 5 -14.28 11.38 10.23
N PRO A 6 -14.00 12.46 9.47
CA PRO A 6 -12.70 12.63 8.82
C PRO A 6 -11.65 13.18 9.80
N LEU A 7 -10.38 12.93 9.53
CA LEU A 7 -9.23 13.36 10.31
C LEU A 7 -8.29 14.07 9.34
N VAL A 8 -8.12 15.38 9.52
CA VAL A 8 -7.28 16.24 8.72
C VAL A 8 -6.00 16.41 9.56
N GLY A 9 -4.86 15.95 9.04
CA GLY A 9 -3.54 15.99 9.68
C GLY A 9 -2.98 17.41 9.82
N GLY A 10 -1.86 17.48 10.54
CA GLY A 10 -1.12 18.70 10.86
C GLY A 10 -0.29 19.27 9.73
N ASP A 11 1.04 19.10 9.81
CA ASP A 11 2.03 19.61 8.84
C ASP A 11 3.47 19.09 9.01
N THR A 12 3.63 18.24 10.01
CA THR A 12 4.83 17.56 10.44
C THR A 12 4.51 16.10 10.73
N ASP A 13 5.58 15.30 10.83
CA ASP A 13 5.55 13.88 11.09
C ASP A 13 4.73 13.55 12.30
N ASP A 14 3.77 12.69 12.04
CA ASP A 14 2.78 12.15 12.95
C ASP A 14 2.33 10.82 12.35
N GLN A 15 1.40 10.17 13.03
CA GLN A 15 0.82 8.92 12.60
C GLN A 15 -0.69 9.08 12.64
N LEU A 16 -1.36 8.59 11.60
CA LEU A 16 -2.80 8.61 11.43
C LEU A 16 -3.24 7.17 11.27
N GLN A 17 -4.30 6.80 11.97
CA GLN A 17 -4.88 5.48 11.95
C GLN A 17 -6.39 5.69 12.06
N GLY A 18 -7.15 4.83 11.41
CA GLY A 18 -8.60 4.88 11.37
C GLY A 18 -9.23 4.70 12.74
N GLY A 19 -9.42 3.46 13.17
CA GLY A 19 -10.01 3.10 14.45
C GLY A 19 -11.45 2.63 14.27
N SER A 20 -11.60 1.68 13.37
CA SER A 20 -12.75 0.94 12.88
C SER A 20 -14.05 1.72 12.74
N GLY A 21 -14.46 1.87 11.49
CA GLY A 21 -15.63 2.56 10.98
C GLY A 21 -15.20 3.27 9.70
N ALA A 22 -16.14 3.67 8.83
CA ALA A 22 -15.72 4.34 7.60
C ALA A 22 -15.38 5.79 7.92
N ASP A 23 -14.09 5.98 8.17
CA ASP A 23 -13.44 7.23 8.49
C ASP A 23 -12.67 7.67 7.25
N ARG A 24 -12.23 8.93 7.22
CA ARG A 24 -11.50 9.45 6.07
C ARG A 24 -10.34 10.25 6.63
N LEU A 25 -9.15 9.66 6.68
CA LEU A 25 -7.96 10.32 7.20
C LEU A 25 -7.13 10.86 6.06
N ASP A 26 -6.45 11.97 6.34
CA ASP A 26 -5.60 12.71 5.41
C ASP A 26 -4.42 13.29 6.14
N GLY A 27 -3.22 13.10 5.61
CA GLY A 27 -2.00 13.62 6.22
C GLY A 27 -1.91 15.11 5.93
N GLY A 28 -1.87 15.46 4.65
CA GLY A 28 -1.78 16.84 4.19
C GLY A 28 -0.46 17.09 3.47
N ALA A 29 0.64 17.33 4.20
CA ALA A 29 1.97 17.57 3.67
C ALA A 29 3.02 17.25 4.73
N GLY A 30 3.93 16.33 4.42
CA GLY A 30 5.02 15.90 5.29
C GLY A 30 5.10 14.40 5.33
N ASP A 31 6.32 13.87 5.43
CA ASP A 31 6.63 12.45 5.50
C ASP A 31 6.05 11.94 6.81
N ASP A 32 4.76 11.62 6.76
CA ASP A 32 3.90 11.15 7.83
C ASP A 32 3.44 9.74 7.45
N ILE A 33 2.89 9.01 8.43
CA ILE A 33 2.40 7.66 8.18
C ILE A 33 0.90 7.56 8.42
N LEU A 34 0.22 6.87 7.52
CA LEU A 34 -1.23 6.69 7.56
C LEU A 34 -1.55 5.20 7.43
N ASP A 35 -2.64 4.75 8.04
CA ASP A 35 -3.13 3.37 8.01
C ASP A 35 -4.63 3.45 7.81
N GLY A 36 -5.05 3.08 6.59
CA GLY A 36 -6.39 3.05 6.01
C GLY A 36 -7.50 2.90 7.01
N GLY A 37 -7.51 1.79 7.74
CA GLY A 37 -8.53 1.50 8.72
C GLY A 37 -8.90 0.03 8.73
N ALA A 38 -10.16 -0.26 9.02
CA ALA A 38 -10.70 -1.61 9.04
C ALA A 38 -11.85 -1.66 8.04
N GLY A 39 -11.63 -2.31 6.89
CA GLY A 39 -12.66 -2.41 5.87
C GLY A 39 -12.51 -1.32 4.84
N ARG A 40 -13.61 -1.04 4.13
CA ARG A 40 -13.61 -0.02 3.10
C ARG A 40 -13.78 1.33 3.78
N ASP A 41 -12.63 1.94 3.99
CA ASP A 41 -12.31 3.22 4.61
C ASP A 41 -11.56 4.01 3.53
N ARG A 42 -11.40 5.34 3.65
CA ARG A 42 -10.74 6.13 2.61
C ARG A 42 -9.55 6.98 3.05
N LEU A 43 -8.33 6.54 2.76
CA LEU A 43 -7.13 7.29 3.10
C LEU A 43 -6.72 8.22 1.96
N SER A 44 -5.91 9.22 2.29
CA SER A 44 -5.35 10.24 1.42
C SER A 44 -4.01 10.61 2.03
N GLY A 45 -2.89 10.52 1.32
CA GLY A 45 -1.64 10.93 1.94
C GLY A 45 -1.64 12.44 1.97
N GLY A 46 -1.77 13.03 0.78
CA GLY A 46 -1.75 14.48 0.59
C GLY A 46 -0.64 14.77 -0.40
N ALA A 47 -0.19 16.02 -0.46
CA ALA A 47 0.89 16.43 -1.33
C ALA A 47 2.16 15.95 -0.63
N GLY A 48 2.80 14.87 -1.07
CA GLY A 48 3.98 14.44 -0.34
C GLY A 48 4.61 13.14 -0.83
N ALA A 49 5.26 12.49 0.13
CA ALA A 49 6.00 11.24 0.13
C ALA A 49 5.58 10.48 1.39
N ASP A 50 4.28 10.23 1.50
CA ASP A 50 3.60 9.58 2.61
C ASP A 50 3.80 8.07 2.61
N THR A 51 3.46 7.40 3.72
CA THR A 51 3.61 5.96 3.87
C THR A 51 2.29 5.33 4.33
N PHE A 52 1.70 4.46 3.50
CA PHE A 52 0.45 3.78 3.77
C PHE A 52 0.81 2.40 4.36
N VAL A 53 0.47 2.18 5.62
CA VAL A 53 0.76 0.96 6.36
C VAL A 53 -0.40 -0.04 6.39
N PHE A 54 -0.26 -1.19 5.73
CA PHE A 54 -1.30 -2.23 5.70
C PHE A 54 -0.72 -3.45 6.42
N SER A 55 -1.07 -3.63 7.69
CA SER A 55 -0.60 -4.75 8.51
C SER A 55 -1.63 -5.90 8.60
N ALA A 56 -2.81 -5.70 7.99
CA ALA A 56 -3.93 -6.64 7.95
C ALA A 56 -4.46 -7.12 9.28
N ARG A 57 -4.15 -6.39 10.34
CA ARG A 57 -4.69 -6.78 11.62
C ARG A 57 -6.21 -6.62 11.48
N GLU A 58 -6.61 -5.54 10.81
CA GLU A 58 -7.96 -5.13 10.49
C GLU A 58 -8.32 -5.29 9.03
N ASP A 59 -7.36 -4.98 8.13
CA ASP A 59 -7.54 -5.05 6.70
C ASP A 59 -7.72 -6.52 6.36
N SER A 60 -8.98 -6.93 6.26
CA SER A 60 -9.36 -8.29 6.00
C SER A 60 -9.09 -8.73 4.57
N TYR A 61 -10.15 -8.89 3.78
CA TYR A 61 -10.04 -9.39 2.43
C TYR A 61 -11.31 -9.12 1.67
N ARG A 62 -11.35 -9.54 0.41
CA ARG A 62 -12.53 -9.40 -0.40
C ARG A 62 -13.05 -10.76 -0.77
N THR A 63 -14.28 -10.74 -1.20
CA THR A 63 -15.00 -11.91 -1.69
C THR A 63 -15.76 -11.38 -2.92
N ASP A 64 -16.50 -12.23 -3.64
CA ASP A 64 -17.26 -11.75 -4.80
C ASP A 64 -18.54 -11.02 -4.35
N THR A 65 -18.97 -11.24 -3.09
CA THR A 65 -20.17 -10.63 -2.53
C THR A 65 -19.89 -9.41 -1.63
N ALA A 66 -18.69 -9.28 -1.07
CA ALA A 66 -18.28 -8.19 -0.21
C ALA A 66 -16.80 -7.93 -0.41
N VAL A 67 -16.39 -6.67 -0.49
CA VAL A 67 -15.04 -6.19 -0.68
C VAL A 67 -14.73 -5.21 0.46
N PHE A 68 -13.78 -5.57 1.33
CA PHE A 68 -13.35 -4.74 2.48
C PHE A 68 -12.11 -3.93 2.07
N ASN A 69 -12.04 -3.49 0.82
CA ASN A 69 -10.95 -2.74 0.25
C ASN A 69 -10.95 -1.24 0.54
N ASP A 70 -9.79 -0.74 0.96
CA ASP A 70 -9.50 0.68 1.23
C ASP A 70 -9.43 1.39 -0.12
N LEU A 71 -9.67 2.71 -0.13
CA LEU A 71 -9.62 3.56 -1.32
C LEU A 71 -8.58 4.64 -1.07
N ILE A 72 -7.42 4.53 -1.72
CA ILE A 72 -6.37 5.53 -1.57
C ILE A 72 -6.75 6.65 -2.55
N LEU A 73 -6.86 7.89 -2.09
CA LEU A 73 -7.21 9.05 -2.91
C LEU A 73 -5.97 9.92 -3.12
N ASP A 74 -5.94 10.64 -4.25
CA ASP A 74 -4.87 11.53 -4.71
C ASP A 74 -3.51 10.87 -4.52
N PHE A 75 -3.27 9.81 -5.29
CA PHE A 75 -2.05 9.02 -5.24
C PHE A 75 -0.93 9.53 -6.15
N GLU A 76 0.28 9.67 -5.60
CA GLU A 76 1.46 10.09 -6.33
C GLU A 76 2.60 9.11 -6.06
N ALA A 77 2.70 8.05 -6.88
CA ALA A 77 3.77 7.04 -6.74
C ALA A 77 5.17 7.64 -6.87
N SER A 78 5.29 8.92 -7.26
CA SER A 78 6.59 9.58 -7.35
C SER A 78 7.26 9.52 -5.97
N GLU A 79 6.53 9.78 -4.89
CA GLU A 79 7.06 9.77 -3.53
C GLU A 79 6.20 8.99 -2.51
N ASP A 80 4.91 8.73 -2.79
CA ASP A 80 4.03 7.99 -1.90
C ASP A 80 4.55 6.56 -1.76
N ARG A 81 4.39 5.95 -0.59
CA ARG A 81 4.86 4.58 -0.32
C ARG A 81 3.79 3.66 0.24
N ILE A 82 3.98 2.35 0.09
CA ILE A 82 3.03 1.34 0.55
C ILE A 82 3.75 0.16 1.23
N ASP A 83 3.41 -0.10 2.48
CA ASP A 83 3.95 -1.20 3.29
C ASP A 83 2.93 -2.33 3.29
N LEU A 84 3.17 -3.36 2.48
CA LEU A 84 2.29 -4.53 2.33
C LEU A 84 3.06 -5.86 2.41
N SER A 85 4.28 -5.91 2.95
CA SER A 85 5.07 -7.14 3.00
C SER A 85 4.35 -8.37 3.59
N ALA A 86 3.42 -8.20 4.53
CA ALA A 86 2.73 -9.32 5.13
C ALA A 86 1.69 -9.95 4.19
N LEU A 87 1.03 -9.14 3.35
CA LEU A 87 0.00 -9.52 2.41
C LEU A 87 0.45 -9.01 1.04
N GLY A 88 1.07 -9.84 0.20
CA GLY A 88 1.57 -9.44 -1.09
C GLY A 88 2.93 -10.07 -1.33
N PHE A 89 3.00 -10.96 -2.30
CA PHE A 89 4.20 -11.68 -2.72
C PHE A 89 4.75 -10.98 -3.98
N SER A 90 5.97 -11.32 -4.41
CA SER A 90 6.58 -10.73 -5.60
C SER A 90 6.23 -11.51 -6.89
N GLY A 91 5.69 -12.73 -6.78
CA GLY A 91 5.29 -13.52 -7.92
C GLY A 91 3.96 -12.96 -8.40
N LEU A 92 3.77 -12.88 -9.71
CA LEU A 92 2.60 -12.36 -10.40
C LEU A 92 2.03 -13.39 -11.37
N GLY A 93 0.91 -13.00 -11.99
CA GLY A 93 0.23 -13.84 -12.95
C GLY A 93 -1.15 -13.26 -13.22
N ASP A 94 -2.17 -13.74 -12.51
CA ASP A 94 -3.55 -13.26 -12.72
C ASP A 94 -4.36 -13.03 -11.44
N GLY A 95 -3.81 -13.35 -10.28
CA GLY A 95 -4.51 -13.19 -9.00
C GLY A 95 -5.64 -14.20 -8.90
N TYR A 96 -5.38 -15.45 -9.33
CA TYR A 96 -6.38 -16.52 -9.31
C TYR A 96 -5.85 -17.86 -8.84
N GLY A 97 -4.84 -18.28 -9.58
CA GLY A 97 -4.11 -19.53 -9.41
C GLY A 97 -2.88 -19.42 -8.51
N GLY A 98 -2.89 -18.54 -7.52
CA GLY A 98 -1.78 -18.31 -6.60
C GLY A 98 -0.85 -17.30 -7.27
N THR A 99 -1.41 -16.16 -7.70
CA THR A 99 -0.71 -15.08 -8.39
C THR A 99 -1.22 -13.70 -7.97
N LEU A 100 -0.84 -12.63 -8.68
CA LEU A 100 -1.22 -11.25 -8.40
C LEU A 100 -1.31 -10.49 -9.73
N LEU A 101 -2.41 -9.77 -9.95
CA LEU A 101 -2.68 -8.94 -11.12
C LEU A 101 -3.49 -7.71 -10.70
N LEU A 102 -3.39 -6.63 -11.48
CA LEU A 102 -4.09 -5.38 -11.27
C LEU A 102 -4.90 -5.05 -12.53
N LYS A 103 -6.02 -4.34 -12.34
CA LYS A 103 -6.97 -3.91 -13.36
C LYS A 103 -7.42 -2.48 -13.05
N THR A 104 -8.13 -1.86 -13.98
CA THR A 104 -8.66 -0.52 -13.83
C THR A 104 -10.17 -0.58 -14.09
N ASN A 105 -10.93 0.29 -13.42
CA ASN A 105 -12.38 0.41 -13.53
C ASN A 105 -12.80 0.84 -14.94
N ALA A 106 -14.12 0.98 -15.17
CA ALA A 106 -14.67 1.36 -16.46
C ALA A 106 -14.10 2.66 -17.04
N GLU A 107 -13.80 3.65 -16.21
CA GLU A 107 -13.27 4.94 -16.64
C GLU A 107 -11.72 4.99 -16.55
N GLY A 108 -11.09 4.01 -15.92
CA GLY A 108 -9.64 3.97 -15.77
C GLY A 108 -9.13 5.02 -14.78
N THR A 109 -9.96 5.37 -13.80
CA THR A 109 -9.72 6.34 -12.75
C THR A 109 -9.44 5.66 -11.39
N ARG A 110 -9.82 4.39 -11.24
CA ARG A 110 -9.64 3.56 -10.06
C ARG A 110 -8.99 2.25 -10.49
N THR A 111 -7.91 1.90 -9.81
CA THR A 111 -7.11 0.72 -10.03
C THR A 111 -7.36 -0.28 -8.90
N TYR A 112 -7.88 -1.45 -9.24
CA TYR A 112 -8.17 -2.55 -8.31
C TYR A 112 -7.05 -3.58 -8.56
N LEU A 113 -6.68 -4.36 -7.56
CA LEU A 113 -5.63 -5.37 -7.70
C LEU A 113 -5.93 -6.56 -6.82
N LYS A 114 -6.11 -7.76 -7.40
CA LYS A 114 -6.44 -8.92 -6.59
C LYS A 114 -5.16 -9.69 -6.39
N SER A 115 -4.85 -9.84 -5.11
CA SER A 115 -3.71 -10.55 -4.61
C SER A 115 -4.28 -11.85 -4.12
N PHE A 116 -3.68 -12.94 -4.58
CA PHE A 116 -3.88 -14.33 -4.34
C PHE A 116 -5.31 -14.89 -4.10
N GLU A 117 -6.39 -14.17 -4.44
CA GLU A 117 -7.83 -14.48 -4.35
C GLU A 117 -8.07 -15.97 -4.63
N ALA A 118 -8.20 -16.67 -3.50
CA ALA A 118 -8.42 -18.08 -3.20
C ALA A 118 -7.53 -18.39 -2.01
N ASP A 119 -7.82 -17.66 -0.95
CA ASP A 119 -7.18 -17.76 0.34
C ASP A 119 -7.50 -19.10 0.94
N ALA A 120 -6.69 -19.51 1.90
CA ALA A 120 -6.96 -20.75 2.61
C ALA A 120 -8.46 -20.79 3.03
N GLU A 121 -9.09 -19.63 3.28
CA GLU A 121 -10.49 -19.43 3.66
C GLU A 121 -11.35 -18.85 2.50
N GLY A 122 -10.79 -18.80 1.29
CA GLY A 122 -11.40 -18.34 0.04
C GLY A 122 -11.53 -16.83 -0.21
N ARG A 123 -10.82 -15.98 0.54
CA ARG A 123 -10.83 -14.51 0.44
C ARG A 123 -9.48 -13.92 0.86
N ARG A 124 -8.77 -13.25 -0.06
CA ARG A 124 -7.47 -12.59 0.10
C ARG A 124 -7.69 -11.07 0.03
N PHE A 125 -6.68 -10.29 0.38
CA PHE A 125 -6.81 -8.84 0.42
C PHE A 125 -6.75 -8.18 -0.95
N GLU A 126 -7.58 -7.14 -1.05
CA GLU A 126 -7.79 -6.26 -2.20
C GLU A 126 -7.85 -4.83 -1.67
N VAL A 127 -7.38 -3.89 -2.48
CA VAL A 127 -7.30 -2.45 -2.25
C VAL A 127 -7.63 -1.74 -3.56
N ALA A 128 -8.13 -0.51 -3.50
CA ALA A 128 -8.46 0.31 -4.65
C ALA A 128 -7.63 1.57 -4.55
N LEU A 129 -6.95 1.91 -5.63
CA LEU A 129 -6.11 3.08 -5.73
C LEU A 129 -6.79 4.04 -6.69
N ASP A 130 -6.97 5.30 -6.31
CA ASP A 130 -7.57 6.33 -7.14
C ASP A 130 -6.34 6.88 -7.86
N GLY A 131 -6.21 6.59 -9.15
CA GLY A 131 -5.06 7.02 -9.92
C GLY A 131 -5.11 8.51 -10.22
N ASP A 132 -4.01 9.22 -9.99
CA ASP A 132 -3.90 10.64 -10.26
C ASP A 132 -2.62 10.96 -11.03
N HIS A 133 -1.45 10.80 -10.41
CA HIS A 133 -0.15 11.07 -11.05
C HIS A 133 0.30 9.79 -11.77
N THR A 134 1.01 8.91 -11.07
CA THR A 134 1.54 7.65 -11.57
C THR A 134 1.07 6.52 -10.66
N GLY A 135 0.82 5.35 -11.24
CA GLY A 135 0.40 4.14 -10.56
C GLY A 135 1.50 3.07 -10.69
N ASP A 136 2.70 3.49 -11.07
CA ASP A 136 3.86 2.64 -11.27
C ASP A 136 4.43 2.21 -9.93
N LEU A 137 4.18 0.95 -9.57
CA LEU A 137 4.62 0.34 -8.33
C LEU A 137 5.84 -0.52 -8.65
N SER A 138 6.86 -0.42 -7.81
CA SER A 138 8.14 -1.08 -7.81
C SER A 138 8.66 -0.86 -6.39
N ALA A 139 9.86 -1.34 -6.12
CA ALA A 139 10.58 -1.27 -4.84
C ALA A 139 10.79 0.15 -4.29
N ALA A 140 10.49 1.18 -5.07
CA ALA A 140 10.60 2.57 -4.66
C ALA A 140 9.32 2.89 -3.90
N ASN A 141 8.17 2.73 -4.57
CA ASN A 141 6.85 2.99 -4.01
C ASN A 141 6.54 1.95 -2.94
N VAL A 142 6.51 0.71 -3.36
CA VAL A 142 6.22 -0.43 -2.51
C VAL A 142 7.43 -0.65 -1.61
N VAL A 143 7.16 -1.15 -0.40
CA VAL A 143 8.18 -1.46 0.58
C VAL A 143 9.11 -2.53 -0.03
N PHE A 144 10.37 -2.55 0.39
CA PHE A 144 11.34 -3.54 -0.08
C PHE A 144 10.86 -4.96 0.25
N ALA A 145 10.04 -5.07 1.30
CA ALA A 145 9.42 -6.27 1.83
C ALA A 145 10.53 -7.24 2.21
N ALA A 146 11.13 -6.98 3.38
CA ALA A 146 12.20 -7.74 3.97
C ALA A 146 11.75 -9.18 4.20
N THR A 147 12.02 -10.06 3.26
CA THR A 147 11.70 -11.48 3.28
C THR A 147 12.98 -12.27 3.05
N GLY A 148 13.91 -11.78 2.23
CA GLY A 148 15.17 -12.45 1.97
C GLY A 148 15.67 -12.22 0.55
N THR A 149 16.93 -11.81 0.41
CA THR A 149 17.66 -11.54 -0.83
C THR A 149 19.11 -11.21 -0.41
N THR A 150 20.02 -11.00 -1.37
CA THR A 150 21.41 -10.68 -1.04
C THR A 150 21.55 -9.23 -0.53
N THR A 151 22.75 -8.86 -0.10
CA THR A 151 23.09 -7.55 0.40
C THR A 151 22.96 -6.53 -0.74
N GLU A 152 22.79 -5.25 -0.40
CA GLU A 152 22.66 -4.19 -1.40
C GLU A 152 23.99 -4.02 -2.15
N LEU A 153 23.94 -3.42 -3.35
CA LEU A 153 25.12 -3.17 -4.17
C LEU A 153 25.66 -1.82 -3.73
N GLU A 154 26.10 -1.79 -2.48
CA GLU A 154 26.68 -0.63 -1.84
C GLU A 154 28.12 -0.43 -2.34
N VAL A 155 28.82 0.51 -1.72
CA VAL A 155 30.19 0.85 -2.06
C VAL A 155 31.13 -0.38 -1.97
N LEU A 156 32.30 -0.22 -2.58
CA LEU A 156 33.36 -1.23 -2.59
C LEU A 156 34.00 -1.15 -1.21
N GLY A 157 33.60 -2.04 -0.31
CA GLY A 157 34.08 -2.14 1.06
C GLY A 157 34.16 -3.61 1.44
N ASP A 158 34.57 -3.90 2.67
CA ASP A 158 34.69 -5.26 3.20
C ASP A 158 33.31 -5.73 3.67
N SER A 159 32.30 -5.62 2.81
CA SER A 159 30.90 -6.00 3.04
C SER A 159 30.18 -6.05 1.69
N GLY A 160 29.07 -6.79 1.62
CA GLY A 160 28.27 -6.94 0.42
C GLY A 160 28.36 -8.36 -0.12
N THR A 161 27.93 -8.54 -1.37
CA THR A 161 27.94 -9.82 -2.08
C THR A 161 28.73 -9.72 -3.40
N GLN A 162 29.49 -8.64 -3.57
CA GLN A 162 30.32 -8.32 -4.73
C GLN A 162 31.66 -7.78 -4.20
N ALA A 163 32.65 -7.65 -5.08
CA ALA A 163 33.98 -7.14 -4.76
C ALA A 163 34.56 -6.50 -6.02
N GLY A 164 35.74 -5.87 -5.91
CA GLY A 164 36.41 -5.23 -7.03
C GLY A 164 37.81 -4.79 -6.61
N ALA A 165 38.58 -4.25 -7.54
CA ALA A 165 39.93 -3.75 -7.36
C ALA A 165 40.19 -2.69 -8.44
N ILE A 166 41.33 -2.00 -8.33
CA ILE A 166 41.79 -0.95 -9.24
C ILE A 166 43.32 -0.88 -9.10
N VAL A 167 43.97 0.04 -9.80
CA VAL A 167 45.39 0.30 -9.81
C VAL A 167 45.48 1.83 -9.79
#